data_5IFL
#
_entry.id   5IFL
#
_cell.length_a   70.360
_cell.length_b   99.920
_cell.length_c   139.860
_cell.angle_alpha   82.87
_cell.angle_beta   89.20
_cell.angle_gamma   78.13
#
_symmetry.space_group_name_H-M   'P 1'
#
loop_
_entity.id
_entity.type
_entity.pdbx_description
1 polymer 'Enoyl-[acyl-carrier-protein] reductase [NADH]'
2 non-polymer TRICLOSAN
3 non-polymer NICOTINAMIDE-ADENINE-DINUCLEOTIDE
4 water water
#
_entity_poly.entity_id   1
_entity_poly.type   'polypeptide(L)'
_entity_poly.pdbx_seq_one_letter_code
;MGFLDGKRILLTGLLSNRSIAYGIAKACKREGAELAFTYVGDRFKDRITEFAAEFGSELVFPCDVADDAQIDALFASLKT
HWDSLDGLVHSIGFAPREAIAGDFLDGLTRENFRIAHDISAYSFPALAKAALPMLSDDASLLTLSYLGAERAIPNYNTMG
LAKAALEASVRYLAVSLGAKGVRVNAISAGPIKTLAASGIKSFGKILDFVESNSPLKRNVTIEQVGNAGAFLLSDLASGV
TAEVMHVDSGFNAVVGGMAGLEEKLAAALEHHHHHH
;
_entity_poly.pdbx_strand_id   B,A,C,D,E,F,G,H,I,J,K,L,M,N,O,P
#
loop_
_chem_comp.id
_chem_comp.type
_chem_comp.name
_chem_comp.formula
NAD non-polymer NICOTINAMIDE-ADENINE-DINUCLEOTIDE 'C21 H27 N7 O14 P2'
TCL non-polymer TRICLOSAN 'C12 H7 Cl3 O2'
#
# COMPACT_ATOMS: atom_id res chain seq x y z
N GLY A 2 -14.52 51.53 -13.05
CA GLY A 2 -14.05 50.81 -11.89
C GLY A 2 -12.54 50.80 -11.80
N PHE A 3 -12.00 50.24 -10.72
CA PHE A 3 -10.55 50.25 -10.53
C PHE A 3 -9.85 49.14 -11.33
N LEU A 4 -10.58 48.50 -12.24
CA LEU A 4 -9.96 47.53 -13.14
C LEU A 4 -10.19 47.86 -14.61
N ASP A 5 -10.64 49.08 -14.89
CA ASP A 5 -10.85 49.54 -16.27
C ASP A 5 -9.66 49.24 -17.18
N GLY A 6 -9.90 48.48 -18.24
CA GLY A 6 -8.89 48.22 -19.24
C GLY A 6 -7.96 47.06 -18.91
N LYS A 7 -8.22 46.39 -17.80
CA LYS A 7 -7.41 45.22 -17.41
C LYS A 7 -7.94 43.95 -18.06
N ARG A 8 -7.03 43.17 -18.64
CA ARG A 8 -7.36 41.89 -19.24
C ARG A 8 -7.01 40.75 -18.30
N ILE A 9 -8.03 40.00 -17.88
CA ILE A 9 -7.84 38.98 -16.83
C ILE A 9 -8.33 37.59 -17.26
N LEU A 10 -7.47 36.60 -17.09
CA LEU A 10 -7.82 35.21 -17.37
C LEU A 10 -8.21 34.48 -16.09
N LEU A 11 -9.40 33.87 -16.09
CA LEU A 11 -9.86 33.12 -14.92
C LEU A 11 -10.00 31.63 -15.17
N THR A 12 -9.40 30.84 -14.28
CA THR A 12 -9.59 29.40 -14.28
C THR A 12 -10.60 29.03 -13.19
N GLY A 13 -11.11 27.81 -13.22
CA GLY A 13 -11.89 27.28 -12.12
C GLY A 13 -13.36 27.68 -12.09
N LEU A 14 -13.83 28.42 -13.08
CA LEU A 14 -15.24 28.77 -13.12
C LEU A 14 -16.03 27.56 -13.62
N LEU A 15 -16.73 26.90 -12.70
CA LEU A 15 -17.45 25.66 -13.00
C LEU A 15 -18.96 25.82 -12.87
N SER A 16 -19.39 26.51 -11.83
CA SER A 16 -20.80 26.80 -11.63
C SER A 16 -20.96 28.21 -11.10
N ASN A 17 -22.19 28.68 -11.01
CA ASN A 17 -22.44 30.04 -10.53
C ASN A 17 -22.21 30.17 -9.03
N ARG A 18 -21.76 29.10 -8.37
CA ARG A 18 -21.43 29.20 -6.96
C ARG A 18 -19.92 29.10 -6.78
N SER A 19 -19.20 28.89 -7.87
CA SER A 19 -17.74 28.80 -7.82
C SER A 19 -17.14 30.10 -7.32
N ILE A 20 -16.02 29.99 -6.61
CA ILE A 20 -15.28 31.16 -6.18
C ILE A 20 -14.83 31.99 -7.39
N ALA A 21 -14.39 31.30 -8.43
CA ALA A 21 -13.96 31.96 -9.65
C ALA A 21 -15.09 32.80 -10.25
N TYR A 22 -16.33 32.32 -10.08
CA TYR A 22 -17.49 33.05 -10.57
C TYR A 22 -17.65 34.36 -9.81
N GLY A 23 -17.47 34.30 -8.49
CA GLY A 23 -17.54 35.48 -7.65
C GLY A 23 -16.49 36.50 -8.04
N ILE A 24 -15.27 36.03 -8.26
CA ILE A 24 -14.18 36.89 -8.69
C ILE A 24 -14.45 37.49 -10.06
N ALA A 25 -15.00 36.65 -10.95
CA ALA A 25 -15.34 37.09 -12.30
C ALA A 25 -16.34 38.23 -12.29
N LYS A 26 -17.41 38.07 -11.50
CA LYS A 26 -18.45 39.09 -11.40
C LYS A 26 -17.87 40.42 -10.90
N ALA A 27 -17.04 40.34 -9.87
CA ALA A 27 -16.45 41.54 -9.28
C ALA A 27 -15.50 42.25 -10.25
N CYS A 28 -14.72 41.48 -11.00
CA CYS A 28 -13.76 42.04 -11.93
C CYS A 28 -14.47 42.74 -13.08
N LYS A 29 -15.50 42.09 -13.62
CA LYS A 29 -16.29 42.67 -14.68
C LYS A 29 -16.92 43.98 -14.21
N ARG A 30 -17.50 43.96 -13.01
CA ARG A 30 -18.11 45.13 -12.41
C ARG A 30 -17.12 46.31 -12.33
N GLU A 31 -15.86 46.00 -12.06
CA GLU A 31 -14.85 47.04 -11.94
C GLU A 31 -14.20 47.36 -13.28
N GLY A 32 -14.71 46.73 -14.35
CA GLY A 32 -14.38 47.15 -15.70
C GLY A 32 -13.31 46.37 -16.44
N ALA A 33 -13.05 45.13 -16.03
CA ALA A 33 -12.05 44.32 -16.69
C ALA A 33 -12.60 43.56 -17.89
N GLU A 34 -11.71 43.17 -18.81
CA GLU A 34 -12.05 42.25 -19.88
C GLU A 34 -11.65 40.85 -19.45
N LEU A 35 -12.57 39.90 -19.54
CA LEU A 35 -12.32 38.56 -19.01
C LEU A 35 -12.12 37.50 -20.08
N ALA A 36 -11.35 36.48 -19.72
CA ALA A 36 -11.20 35.27 -20.52
C ALA A 36 -11.28 34.08 -19.57
N PHE A 37 -11.78 32.94 -20.07
CA PHE A 37 -12.05 31.81 -19.19
C PHE A 37 -11.45 30.51 -19.70
N THR A 38 -11.21 29.58 -18.78
CA THR A 38 -10.79 28.24 -19.15
C THR A 38 -11.81 27.21 -18.64
N TYR A 39 -11.84 26.06 -19.29
CA TYR A 39 -12.73 24.98 -18.87
C TYR A 39 -11.98 23.65 -19.01
N VAL A 40 -12.46 22.63 -18.32
CA VAL A 40 -11.83 21.31 -18.38
C VAL A 40 -12.76 20.31 -19.05
N GLY A 41 -12.25 19.63 -20.08
CA GLY A 41 -13.01 18.59 -20.74
C GLY A 41 -13.87 19.14 -21.87
N ASP A 42 -13.84 18.44 -23.00
CA ASP A 42 -14.60 18.80 -24.20
C ASP A 42 -16.06 19.14 -23.91
N ARG A 43 -16.61 18.50 -22.89
CA ARG A 43 -18.04 18.61 -22.60
C ARG A 43 -18.45 19.97 -22.04
N PHE A 44 -17.72 20.46 -21.04
CA PHE A 44 -18.09 21.71 -20.36
C PHE A 44 -17.97 22.97 -21.22
N LYS A 45 -17.56 22.82 -22.47
CA LYS A 45 -17.37 23.97 -23.35
C LYS A 45 -18.64 24.81 -23.48
N ASP A 46 -19.79 24.14 -23.57
CA ASP A 46 -21.07 24.84 -23.69
C ASP A 46 -21.37 25.67 -22.45
N ARG A 47 -21.30 25.03 -21.28
CA ARG A 47 -21.63 25.69 -20.02
C ARG A 47 -20.74 26.90 -19.74
N ILE A 48 -19.45 26.80 -20.06
CA ILE A 48 -18.49 27.88 -19.79
C ILE A 48 -18.64 29.01 -20.79
N THR A 49 -19.08 28.68 -22.01
CA THR A 49 -19.29 29.68 -23.03
C THR A 49 -20.46 30.59 -22.67
N GLU A 50 -21.50 29.99 -22.08
CA GLU A 50 -22.65 30.75 -21.58
C GLU A 50 -22.19 31.73 -20.51
N PHE A 51 -21.40 31.23 -19.56
CA PHE A 51 -20.84 32.06 -18.51
C PHE A 51 -20.01 33.20 -19.07
N ALA A 52 -19.14 32.88 -20.03
CA ALA A 52 -18.31 33.87 -20.68
C ALA A 52 -19.16 34.96 -21.33
N ALA A 53 -20.16 34.54 -22.10
CA ALA A 53 -21.09 35.47 -22.72
C ALA A 53 -21.78 36.34 -21.67
N GLU A 54 -22.08 35.71 -20.54
CA GLU A 54 -22.71 36.39 -19.42
C GLU A 54 -21.85 37.54 -18.88
N PHE A 55 -20.54 37.43 -19.07
CA PHE A 55 -19.62 38.48 -18.64
C PHE A 55 -19.08 39.29 -19.81
N GLY A 56 -19.68 39.12 -20.98
CA GLY A 56 -19.31 39.91 -22.15
C GLY A 56 -18.04 39.42 -22.81
N SER A 57 -17.79 38.11 -22.72
CA SER A 57 -16.58 37.54 -23.29
C SER A 57 -16.87 36.42 -24.28
N GLU A 58 -16.03 36.30 -25.30
CA GLU A 58 -16.10 35.21 -26.25
C GLU A 58 -14.87 34.32 -26.14
N LEU A 59 -14.04 34.64 -25.15
CA LEU A 59 -12.76 33.97 -25.01
C LEU A 59 -12.81 32.84 -23.99
N VAL A 60 -12.98 31.62 -24.49
CA VAL A 60 -12.89 30.43 -23.65
C VAL A 60 -11.89 29.45 -24.27
N PHE A 61 -11.06 28.86 -23.41
CA PHE A 61 -10.02 27.94 -23.86
C PHE A 61 -9.97 26.72 -22.97
N PRO A 62 -9.81 25.53 -23.58
CA PRO A 62 -9.67 24.30 -22.79
C PRO A 62 -8.31 24.27 -22.10
N CYS A 63 -8.28 23.87 -20.83
CA CYS A 63 -7.01 23.72 -20.13
C CYS A 63 -7.10 22.80 -18.92
N ASP A 64 -6.72 21.55 -19.12
CA ASP A 64 -6.53 20.60 -18.03
C ASP A 64 -5.09 20.76 -17.57
N VAL A 65 -4.89 21.34 -16.39
CA VAL A 65 -3.56 21.68 -15.92
C VAL A 65 -2.68 20.44 -15.72
N ALA A 66 -3.25 19.26 -15.87
CA ALA A 66 -2.49 18.02 -15.79
C ALA A 66 -1.65 17.83 -17.05
N ASP A 67 -2.05 18.51 -18.12
CA ASP A 67 -1.41 18.33 -19.42
C ASP A 67 -0.57 19.56 -19.80
N ASP A 68 0.75 19.37 -19.90
CA ASP A 68 1.65 20.44 -20.33
C ASP A 68 1.23 21.03 -21.66
N ALA A 69 0.75 20.17 -22.56
CA ALA A 69 0.30 20.59 -23.88
C ALA A 69 -0.80 21.65 -23.82
N GLN A 70 -1.85 21.35 -23.07
CA GLN A 70 -3.00 22.25 -22.96
C GLN A 70 -2.60 23.59 -22.33
N ILE A 71 -1.63 23.54 -21.42
CA ILE A 71 -1.17 24.76 -20.75
C ILE A 71 -0.43 25.67 -21.73
N ASP A 72 0.48 25.10 -22.51
CA ASP A 72 1.21 25.87 -23.51
C ASP A 72 0.26 26.36 -24.61
N ALA A 73 -0.70 25.51 -24.97
CA ALA A 73 -1.67 25.85 -26.02
C ALA A 73 -2.61 26.96 -25.57
N LEU A 74 -2.90 26.99 -24.27
CA LEU A 74 -3.79 28.00 -23.69
C LEU A 74 -3.32 29.42 -23.99
N PHE A 75 -2.05 29.70 -23.73
CA PHE A 75 -1.51 31.05 -23.88
C PHE A 75 -1.11 31.34 -25.32
N ALA A 76 -0.86 30.29 -26.09
CA ALA A 76 -0.64 30.44 -27.52
C ALA A 76 -1.93 30.93 -28.17
N SER A 77 -3.04 30.34 -27.75
CA SER A 77 -4.36 30.72 -28.25
C SER A 77 -4.79 32.09 -27.75
N LEU A 78 -4.57 32.35 -26.46
CA LEU A 78 -4.92 33.65 -25.87
C LEU A 78 -4.15 34.78 -26.55
N LYS A 79 -2.92 34.47 -26.97
CA LYS A 79 -2.07 35.46 -27.61
C LYS A 79 -2.62 35.94 -28.94
N THR A 80 -3.50 35.14 -29.55
CA THR A 80 -4.11 35.52 -30.83
C THR A 80 -5.25 36.52 -30.62
N HIS A 81 -5.68 36.67 -29.38
CA HIS A 81 -6.72 37.64 -29.03
C HIS A 81 -6.13 38.80 -28.24
N TRP A 82 -5.25 38.46 -27.31
CA TRP A 82 -4.57 39.44 -26.46
C TRP A 82 -3.05 39.36 -26.66
N ASP A 83 -2.40 40.52 -26.76
CA ASP A 83 -0.94 40.54 -26.80
C ASP A 83 -0.37 40.89 -25.43
N SER A 84 -1.27 41.09 -24.47
CA SER A 84 -0.88 41.49 -23.12
C SER A 84 -1.86 40.94 -22.08
N LEU A 85 -1.33 40.22 -21.10
CA LEU A 85 -2.16 39.68 -20.03
C LEU A 85 -1.89 40.44 -18.72
N ASP A 86 -2.96 40.97 -18.12
CA ASP A 86 -2.83 41.82 -16.95
C ASP A 86 -3.11 41.08 -15.64
N GLY A 87 -3.88 40.00 -15.73
CA GLY A 87 -4.29 39.27 -14.56
C GLY A 87 -4.50 37.79 -14.81
N LEU A 88 -4.14 36.97 -13.83
CA LEU A 88 -4.34 35.53 -13.92
C LEU A 88 -4.94 35.01 -12.63
N VAL A 89 -6.10 34.39 -12.71
CA VAL A 89 -6.76 33.86 -11.53
C VAL A 89 -6.71 32.33 -11.49
N HIS A 90 -5.94 31.82 -10.53
CA HIS A 90 -5.79 30.39 -10.34
C HIS A 90 -6.79 29.92 -9.29
N SER A 91 -7.91 29.37 -9.73
CA SER A 91 -8.93 28.90 -8.82
C SER A 91 -9.18 27.43 -9.08
N ILE A 92 -8.13 26.64 -8.88
CA ILE A 92 -8.11 25.23 -9.25
C ILE A 92 -7.63 24.36 -8.10
N GLY A 93 -8.27 23.22 -7.92
CA GLY A 93 -7.86 22.29 -6.89
C GLY A 93 -8.42 20.90 -7.12
N PHE A 94 -7.66 19.88 -6.77
CA PHE A 94 -8.15 18.52 -6.87
C PHE A 94 -7.29 17.51 -6.12
N ALA A 95 -7.96 16.55 -5.51
CA ALA A 95 -7.33 15.39 -4.90
C ALA A 95 -8.31 14.23 -4.97
N PRO A 96 -7.80 13.00 -5.13
CA PRO A 96 -8.66 11.81 -5.06
C PRO A 96 -9.48 11.84 -3.78
N ARG A 97 -10.76 11.45 -3.86
CA ARG A 97 -11.69 11.71 -2.77
C ARG A 97 -11.36 11.03 -1.45
N GLU A 98 -10.70 9.87 -1.51
CA GLU A 98 -10.35 9.17 -0.28
C GLU A 98 -9.19 9.86 0.43
N ALA A 99 -8.50 10.75 -0.29
CA ALA A 99 -7.38 11.50 0.28
C ALA A 99 -7.86 12.70 1.10
N ILE A 100 -9.15 13.00 1.02
CA ILE A 100 -9.74 14.09 1.80
C ILE A 100 -10.94 13.58 2.57
N ALA A 101 -10.87 12.32 3.00
CA ALA A 101 -11.94 11.71 3.76
C ALA A 101 -11.37 10.91 4.93
N GLY A 102 -11.99 11.07 6.10
CA GLY A 102 -11.54 10.36 7.29
C GLY A 102 -10.11 10.64 7.68
N ASP A 103 -9.34 9.58 7.93
CA ASP A 103 -8.01 9.71 8.49
C ASP A 103 -6.99 10.07 7.41
N PHE A 104 -6.05 10.94 7.77
CA PHE A 104 -4.99 11.38 6.87
C PHE A 104 -4.21 10.22 6.26
N LEU A 105 -3.77 9.29 7.11
CA LEU A 105 -2.96 8.17 6.64
C LEU A 105 -3.74 7.15 5.80
N ASP A 106 -5.01 6.93 6.16
CA ASP A 106 -5.84 5.99 5.42
C ASP A 106 -5.92 6.37 3.94
N GLY A 107 -6.02 7.67 3.69
CA GLY A 107 -6.16 8.16 2.32
C GLY A 107 -4.84 8.48 1.65
N LEU A 108 -3.73 8.24 2.34
CA LEU A 108 -2.42 8.58 1.80
C LEU A 108 -1.85 7.47 0.92
N THR A 109 -1.60 7.80 -0.35
CA THR A 109 -0.88 6.95 -1.27
C THR A 109 0.02 7.83 -2.12
N ARG A 110 1.12 7.28 -2.63
CA ARG A 110 2.04 8.08 -3.44
C ARG A 110 1.32 8.73 -4.61
N GLU A 111 0.35 8.00 -5.19
CA GLU A 111 -0.39 8.51 -6.34
C GLU A 111 -1.35 9.63 -5.94
N ASN A 112 -2.10 9.42 -4.86
CA ASN A 112 -2.98 10.47 -4.36
C ASN A 112 -2.20 11.74 -4.03
N PHE A 113 -1.03 11.55 -3.42
CA PHE A 113 -0.15 12.66 -3.09
C PHE A 113 0.26 13.41 -4.35
N ARG A 114 0.75 12.66 -5.34
CA ARG A 114 1.25 13.25 -6.58
C ARG A 114 0.17 14.05 -7.29
N ILE A 115 -1.02 13.44 -7.41
CA ILE A 115 -2.13 14.08 -8.10
C ILE A 115 -2.54 15.38 -7.44
N ALA A 116 -2.74 15.33 -6.13
CA ALA A 116 -3.14 16.52 -5.35
C ALA A 116 -2.17 17.68 -5.52
N HIS A 117 -0.88 17.38 -5.43
CA HIS A 117 0.15 18.42 -5.55
C HIS A 117 0.33 18.84 -7.01
N ASP A 118 0.16 17.91 -7.92
CA ASP A 118 0.23 18.20 -9.35
C ASP A 118 -0.80 19.23 -9.76
N ILE A 119 -2.06 18.98 -9.38
CA ILE A 119 -3.17 19.81 -9.81
C ILE A 119 -3.39 21.05 -8.95
N SER A 120 -3.16 20.94 -7.65
CA SER A 120 -3.49 22.02 -6.73
C SER A 120 -2.34 22.98 -6.46
N ALA A 121 -1.11 22.49 -6.59
CA ALA A 121 0.07 23.30 -6.28
C ALA A 121 0.89 23.66 -7.51
N TYR A 122 1.43 22.65 -8.18
CA TYR A 122 2.30 22.88 -9.32
C TYR A 122 1.66 23.73 -10.41
N SER A 123 0.37 23.52 -10.63
CA SER A 123 -0.33 24.17 -11.74
C SER A 123 -0.24 25.69 -11.68
N PHE A 124 -0.16 26.25 -10.48
CA PHE A 124 -0.12 27.70 -10.35
C PHE A 124 1.17 28.28 -10.95
N PRO A 125 2.34 27.90 -10.41
CA PRO A 125 3.57 28.41 -11.00
C PRO A 125 3.77 27.92 -12.44
N ALA A 126 3.15 26.79 -12.79
CA ALA A 126 3.20 26.28 -14.15
C ALA A 126 2.52 27.25 -15.11
N LEU A 127 1.30 27.63 -14.79
CA LEU A 127 0.56 28.62 -15.58
C LEU A 127 1.30 29.95 -15.65
N ALA A 128 1.88 30.34 -14.52
CA ALA A 128 2.66 31.57 -14.43
C ALA A 128 3.81 31.56 -15.43
N LYS A 129 4.60 30.49 -15.42
CA LYS A 129 5.73 30.36 -16.33
C LYS A 129 5.27 30.43 -17.77
N ALA A 130 4.14 29.79 -18.05
CA ALA A 130 3.61 29.73 -19.42
C ALA A 130 3.07 31.08 -19.87
N ALA A 131 2.60 31.89 -18.93
CA ALA A 131 2.01 33.18 -19.25
C ALA A 131 3.05 34.30 -19.29
N LEU A 132 4.20 34.04 -18.68
CA LEU A 132 5.26 35.03 -18.51
C LEU A 132 5.55 35.88 -19.75
N PRO A 133 5.72 35.23 -20.91
CA PRO A 133 6.04 35.97 -22.14
C PRO A 133 5.05 37.09 -22.49
N MET A 134 3.77 36.91 -22.18
CA MET A 134 2.78 37.91 -22.55
C MET A 134 2.21 38.68 -21.35
N LEU A 135 2.88 38.58 -20.20
CA LEU A 135 2.44 39.29 -19.00
C LEU A 135 2.86 40.76 -19.05
N SER A 136 1.95 41.66 -18.70
CA SER A 136 2.28 43.09 -18.59
C SER A 136 3.21 43.33 -17.41
N ASP A 137 3.79 44.53 -17.34
CA ASP A 137 4.76 44.86 -16.31
C ASP A 137 4.11 45.12 -14.95
N ASP A 138 2.82 45.40 -14.95
CA ASP A 138 2.09 45.59 -13.69
C ASP A 138 1.06 44.50 -13.48
N ALA A 139 1.32 43.34 -14.09
CA ALA A 139 0.42 42.21 -13.98
C ALA A 139 0.30 41.69 -12.54
N SER A 140 -0.82 41.04 -12.25
CA SER A 140 -1.08 40.50 -10.93
C SER A 140 -1.62 39.07 -11.02
N LEU A 141 -0.99 38.14 -10.30
CA LEU A 141 -1.45 36.76 -10.28
C LEU A 141 -2.09 36.43 -8.93
N LEU A 142 -3.21 35.72 -8.99
CA LEU A 142 -3.98 35.42 -7.79
C LEU A 142 -4.34 33.94 -7.73
N THR A 143 -4.18 33.35 -6.55
CA THR A 143 -4.57 31.97 -6.33
C THR A 143 -5.42 31.86 -5.05
N LEU A 144 -6.05 30.70 -4.86
CA LEU A 144 -6.92 30.48 -3.71
C LEU A 144 -6.35 29.42 -2.79
N SER A 145 -6.24 29.74 -1.51
CA SER A 145 -5.76 28.78 -0.52
C SER A 145 -6.76 28.64 0.63
N TYR A 146 -6.39 27.86 1.62
CA TYR A 146 -7.28 27.58 2.74
C TYR A 146 -6.50 27.38 4.03
N LEU A 147 -7.15 27.66 5.16
CA LEU A 147 -6.54 27.57 6.48
C LEU A 147 -5.91 26.20 6.74
N GLY A 148 -6.39 25.19 6.02
CA GLY A 148 -5.88 23.84 6.16
C GLY A 148 -4.41 23.66 5.85
N ALA A 149 -3.83 24.65 5.16
CA ALA A 149 -2.40 24.63 4.85
C ALA A 149 -1.57 24.94 6.09
N GLU A 150 -2.10 25.78 6.96
CA GLU A 150 -1.36 26.30 8.10
C GLU A 150 -1.70 25.57 9.39
N ARG A 151 -2.92 25.05 9.47
CA ARG A 151 -3.32 24.23 10.62
C ARG A 151 -4.06 22.99 10.18
N ALA A 152 -3.98 21.94 11.00
CA ALA A 152 -4.58 20.65 10.66
C ALA A 152 -6.09 20.73 10.82
N ILE A 153 -6.79 20.58 9.70
CA ILE A 153 -8.25 20.61 9.70
C ILE A 153 -8.79 19.25 9.30
N PRO A 154 -9.74 18.73 10.09
CA PRO A 154 -10.32 17.40 9.88
C PRO A 154 -10.74 17.16 8.45
N ASN A 155 -10.30 16.04 7.88
CA ASN A 155 -10.68 15.59 6.54
C ASN A 155 -9.93 16.29 5.41
N TYR A 156 -9.38 17.47 5.66
CA TYR A 156 -8.69 18.20 4.60
C TYR A 156 -7.44 17.46 4.18
N ASN A 157 -6.78 16.83 5.16
CA ASN A 157 -5.69 15.88 4.92
C ASN A 157 -4.69 16.29 3.83
N THR A 158 -4.57 15.46 2.80
CA THR A 158 -3.57 15.64 1.75
C THR A 158 -3.69 17.01 1.08
N MET A 159 -4.91 17.53 1.01
CA MET A 159 -5.14 18.83 0.40
C MET A 159 -4.40 19.92 1.18
N GLY A 160 -4.29 19.73 2.49
CA GLY A 160 -3.56 20.66 3.34
C GLY A 160 -2.10 20.78 2.95
N LEU A 161 -1.46 19.64 2.68
CA LEU A 161 -0.07 19.63 2.24
C LEU A 161 0.10 20.38 0.93
N ALA A 162 -0.78 20.12 -0.02
CA ALA A 162 -0.73 20.74 -1.33
C ALA A 162 -0.90 22.26 -1.23
N LYS A 163 -1.85 22.70 -0.42
CA LYS A 163 -2.09 24.12 -0.22
C LYS A 163 -0.89 24.82 0.42
N ALA A 164 -0.19 24.12 1.32
CA ALA A 164 1.01 24.66 1.94
C ALA A 164 2.07 24.92 0.88
N ALA A 165 2.22 23.96 -0.04
CA ALA A 165 3.15 24.11 -1.16
C ALA A 165 2.71 25.26 -2.05
N LEU A 166 1.41 25.34 -2.28
CA LEU A 166 0.84 26.41 -3.08
C LEU A 166 1.17 27.79 -2.51
N GLU A 167 1.03 27.93 -1.19
CA GLU A 167 1.32 29.21 -0.55
C GLU A 167 2.80 29.52 -0.61
N ALA A 168 3.63 28.48 -0.55
CA ALA A 168 5.07 28.65 -0.68
C ALA A 168 5.45 29.12 -2.09
N SER A 169 4.73 28.62 -3.09
CA SER A 169 5.01 29.00 -4.47
C SER A 169 4.64 30.46 -4.70
N VAL A 170 3.62 30.92 -4.00
CA VAL A 170 3.22 32.33 -4.04
C VAL A 170 4.41 33.22 -3.71
N ARG A 171 5.15 32.83 -2.68
CA ARG A 171 6.31 33.60 -2.24
C ARG A 171 7.45 33.53 -3.25
N TYR A 172 7.81 32.31 -3.66
CA TYR A 172 8.89 32.15 -4.64
C TYR A 172 8.53 32.75 -6.00
N LEU A 173 7.26 32.65 -6.40
CA LEU A 173 6.80 33.32 -7.60
C LEU A 173 6.96 34.83 -7.48
N ALA A 174 6.58 35.37 -6.33
CA ALA A 174 6.66 36.80 -6.07
C ALA A 174 8.07 37.34 -6.27
N VAL A 175 9.06 36.54 -5.87
CA VAL A 175 10.46 36.93 -6.01
C VAL A 175 10.89 36.86 -7.47
N SER A 176 10.49 35.79 -8.15
CA SER A 176 10.90 35.57 -9.53
C SER A 176 10.29 36.60 -10.49
N LEU A 177 9.01 36.89 -10.34
CA LEU A 177 8.32 37.79 -11.24
C LEU A 177 8.33 39.23 -10.74
N GLY A 178 8.82 39.41 -9.52
CA GLY A 178 8.79 40.73 -8.88
C GLY A 178 9.68 41.71 -9.60
N ALA A 179 10.83 41.24 -10.06
CA ALA A 179 11.77 42.07 -10.81
C ALA A 179 11.10 42.76 -11.98
N LYS A 180 10.34 41.99 -12.76
CA LYS A 180 9.58 42.52 -13.88
C LYS A 180 8.50 43.50 -13.46
N GLY A 181 8.01 43.35 -12.23
CA GLY A 181 6.98 44.22 -11.69
C GLY A 181 5.67 43.50 -11.47
N VAL A 182 5.67 42.18 -11.68
CA VAL A 182 4.47 41.37 -11.49
C VAL A 182 4.28 41.02 -10.03
N ARG A 183 3.02 41.08 -9.57
CA ARG A 183 2.69 40.75 -8.20
C ARG A 183 1.99 39.41 -8.10
N VAL A 184 2.29 38.65 -7.05
CA VAL A 184 1.69 37.34 -6.88
C VAL A 184 1.11 37.22 -5.48
N ASN A 185 -0.18 36.90 -5.40
CA ASN A 185 -0.84 36.78 -4.10
C ASN A 185 -1.83 35.63 -4.04
N ALA A 186 -2.22 35.27 -2.83
CA ALA A 186 -3.24 34.26 -2.63
C ALA A 186 -4.29 34.79 -1.66
N ILE A 187 -5.53 34.34 -1.84
CA ILE A 187 -6.55 34.58 -0.85
C ILE A 187 -6.85 33.29 -0.10
N SER A 188 -6.71 33.33 1.22
CA SER A 188 -7.10 32.21 2.06
C SER A 188 -8.58 32.37 2.39
N ALA A 189 -9.43 31.73 1.61
CA ALA A 189 -10.86 31.91 1.73
C ALA A 189 -11.45 31.03 2.82
N GLY A 190 -12.45 31.55 3.52
CA GLY A 190 -13.20 30.74 4.46
C GLY A 190 -14.06 29.75 3.70
N PRO A 191 -14.70 28.82 4.42
CA PRO A 191 -15.50 27.79 3.76
C PRO A 191 -16.70 28.36 3.00
N ILE A 192 -16.88 27.89 1.77
CA ILE A 192 -17.99 28.31 0.92
C ILE A 192 -18.60 27.10 0.23
N LYS A 193 -19.92 26.99 0.30
CA LYS A 193 -20.62 25.85 -0.27
C LYS A 193 -20.49 25.83 -1.79
N THR A 194 -19.47 25.16 -2.29
CA THR A 194 -19.27 25.01 -3.73
C THR A 194 -19.31 23.56 -4.13
N LEU A 195 -19.16 23.29 -5.42
CA LEU A 195 -19.16 21.93 -5.94
C LEU A 195 -18.07 21.09 -5.29
N ALA A 196 -16.84 21.58 -5.35
CA ALA A 196 -15.69 20.89 -4.77
C ALA A 196 -15.87 20.63 -3.27
N ALA A 197 -16.48 21.60 -2.59
CA ALA A 197 -16.69 21.52 -1.15
C ALA A 197 -17.49 20.28 -0.76
N SER A 198 -18.29 19.77 -1.68
CA SER A 198 -19.15 18.61 -1.43
C SER A 198 -18.32 17.37 -1.16
N GLY A 199 -17.08 17.35 -1.66
CA GLY A 199 -16.22 16.20 -1.51
C GLY A 199 -15.51 16.14 -0.16
N ILE A 200 -15.58 17.24 0.59
CA ILE A 200 -15.02 17.28 1.93
C ILE A 200 -16.02 16.76 2.94
N LYS A 201 -15.65 15.68 3.64
CA LYS A 201 -16.54 15.03 4.58
C LYS A 201 -17.00 15.98 5.69
N SER A 202 -18.29 15.96 5.98
CA SER A 202 -18.87 16.82 7.01
C SER A 202 -18.50 18.28 6.80
N PHE A 203 -18.69 18.78 5.58
CA PHE A 203 -18.41 20.18 5.28
C PHE A 203 -19.39 21.09 6.00
N GLY A 204 -20.60 20.58 6.23
CA GLY A 204 -21.62 21.33 6.93
C GLY A 204 -21.23 21.66 8.35
N LYS A 205 -20.54 20.72 9.01
CA LYS A 205 -20.07 20.95 10.37
C LYS A 205 -19.09 22.13 10.39
N ILE A 206 -18.28 22.21 9.35
CA ILE A 206 -17.31 23.28 9.21
C ILE A 206 -17.98 24.64 9.02
N LEU A 207 -19.02 24.67 8.19
CA LEU A 207 -19.78 25.90 7.96
C LEU A 207 -20.43 26.40 9.24
N ASP A 208 -21.08 25.48 9.96
CA ASP A 208 -21.76 25.83 11.21
C ASP A 208 -20.76 26.36 12.24
N PHE A 209 -19.59 25.71 12.31
CA PHE A 209 -18.58 26.06 13.30
C PHE A 209 -18.01 27.45 13.04
N VAL A 210 -17.73 27.74 11.78
CA VAL A 210 -17.18 29.04 11.40
C VAL A 210 -18.17 30.16 11.63
N GLU A 211 -19.43 29.90 11.26
CA GLU A 211 -20.51 30.86 11.48
C GLU A 211 -20.66 31.18 12.95
N SER A 212 -20.44 30.18 13.78
CA SER A 212 -20.61 30.33 15.22
C SER A 212 -19.42 30.98 15.91
N ASN A 213 -18.22 30.73 15.40
CA ASN A 213 -17.01 31.13 16.11
C ASN A 213 -16.18 32.24 15.46
N SER A 214 -16.41 32.51 14.18
CA SER A 214 -15.69 33.61 13.53
C SER A 214 -16.06 34.92 14.23
N PRO A 215 -15.11 35.87 14.28
CA PRO A 215 -15.38 37.16 14.92
C PRO A 215 -16.63 37.85 14.37
N LEU A 216 -16.84 37.76 13.06
CA LEU A 216 -18.00 38.38 12.43
C LEU A 216 -19.26 37.50 12.52
N LYS A 217 -19.13 36.33 13.12
CA LYS A 217 -20.26 35.43 13.35
C LYS A 217 -21.07 35.16 12.09
N ARG A 218 -20.37 34.98 10.98
CA ARG A 218 -21.02 34.76 9.69
C ARG A 218 -20.02 34.16 8.70
N ASN A 219 -20.52 33.34 7.78
CA ASN A 219 -19.68 32.79 6.73
C ASN A 219 -19.44 33.82 5.63
N VAL A 220 -18.44 33.60 4.80
CA VAL A 220 -18.14 34.52 3.72
C VAL A 220 -18.83 34.10 2.43
N THR A 221 -18.90 35.02 1.47
CA THR A 221 -19.54 34.76 0.19
C THR A 221 -18.52 34.90 -0.94
N ILE A 222 -18.86 34.37 -2.11
CA ILE A 222 -17.99 34.50 -3.27
C ILE A 222 -17.92 35.95 -3.73
N GLU A 223 -18.86 36.77 -3.27
CA GLU A 223 -18.83 38.20 -3.55
C GLU A 223 -17.74 38.87 -2.72
N GLN A 224 -17.65 38.47 -1.45
CA GLN A 224 -16.63 39.01 -0.56
C GLN A 224 -15.23 38.55 -0.96
N VAL A 225 -15.11 37.28 -1.35
CA VAL A 225 -13.85 36.78 -1.86
C VAL A 225 -13.59 37.41 -3.22
N GLY A 226 -14.67 37.56 -3.99
CA GLY A 226 -14.59 38.21 -5.30
C GLY A 226 -14.06 39.63 -5.25
N ASN A 227 -14.60 40.44 -4.34
CA ASN A 227 -14.13 41.81 -4.18
C ASN A 227 -12.66 41.88 -3.75
N ALA A 228 -12.29 41.08 -2.76
CA ALA A 228 -10.91 41.01 -2.30
C ALA A 228 -9.97 40.64 -3.45
N GLY A 229 -10.38 39.67 -4.26
CA GLY A 229 -9.61 39.26 -5.43
C GLY A 229 -9.45 40.38 -6.43
N ALA A 230 -10.54 41.10 -6.69
CA ALA A 230 -10.53 42.23 -7.60
C ALA A 230 -9.53 43.29 -7.13
N PHE A 231 -9.53 43.57 -5.83
CA PHE A 231 -8.58 44.50 -5.23
C PHE A 231 -7.13 44.08 -5.49
N LEU A 232 -6.80 42.84 -5.15
CA LEU A 232 -5.44 42.33 -5.30
C LEU A 232 -4.98 42.32 -6.75
N LEU A 233 -5.93 42.19 -7.68
CA LEU A 233 -5.61 42.17 -9.10
C LEU A 233 -5.45 43.59 -9.65
N SER A 234 -5.83 44.58 -8.87
CA SER A 234 -5.85 45.96 -9.33
C SER A 234 -4.62 46.73 -8.88
N ASP A 235 -4.45 47.92 -9.46
CA ASP A 235 -3.33 48.78 -9.12
C ASP A 235 -3.46 49.35 -7.71
N LEU A 236 -4.67 49.24 -7.15
CA LEU A 236 -4.91 49.66 -5.78
C LEU A 236 -4.02 48.88 -4.81
N ALA A 237 -3.60 47.69 -5.24
CA ALA A 237 -2.78 46.82 -4.39
C ALA A 237 -1.37 46.66 -4.95
N SER A 238 -0.88 47.70 -5.63
CA SER A 238 0.43 47.65 -6.25
C SER A 238 1.55 47.53 -5.21
N GLY A 239 1.22 47.79 -3.95
CA GLY A 239 2.19 47.66 -2.88
C GLY A 239 2.13 46.29 -2.22
N VAL A 240 1.23 45.43 -2.69
CA VAL A 240 1.01 44.13 -2.07
C VAL A 240 1.45 42.98 -2.98
N THR A 241 2.35 42.15 -2.47
CA THR A 241 2.79 40.95 -3.19
C THR A 241 3.31 39.92 -2.20
N ALA A 242 3.30 38.66 -2.62
CA ALA A 242 3.71 37.55 -1.77
C ALA A 242 2.85 37.47 -0.51
N GLU A 243 1.61 37.91 -0.62
CA GLU A 243 0.72 37.96 0.52
C GLU A 243 -0.34 36.86 0.48
N VAL A 244 -0.58 36.23 1.62
CA VAL A 244 -1.71 35.34 1.78
C VAL A 244 -2.78 36.02 2.62
N MET A 245 -3.79 36.55 1.95
CA MET A 245 -4.83 37.34 2.61
C MET A 245 -6.03 36.51 3.01
N HIS A 246 -6.33 36.51 4.30
CA HIS A 246 -7.49 35.77 4.81
C HIS A 246 -8.79 36.52 4.53
N VAL A 247 -9.68 35.87 3.80
CA VAL A 247 -11.04 36.35 3.65
C VAL A 247 -11.95 35.27 4.23
N ASP A 248 -12.16 35.33 5.55
CA ASP A 248 -12.77 34.23 6.27
C ASP A 248 -13.53 34.72 7.49
N SER A 249 -13.96 35.97 7.44
CA SER A 249 -14.64 36.59 8.57
C SER A 249 -13.76 36.60 9.81
N GLY A 250 -12.45 36.45 9.61
CA GLY A 250 -11.50 36.53 10.71
C GLY A 250 -11.32 35.24 11.48
N PHE A 251 -11.93 34.17 10.99
CA PHE A 251 -11.92 32.89 11.69
C PHE A 251 -10.52 32.41 12.06
N ASN A 252 -9.56 32.60 11.17
CA ASN A 252 -8.20 32.14 11.40
C ASN A 252 -7.56 32.72 12.66
N ALA A 253 -8.01 33.90 13.06
CA ALA A 253 -7.37 34.64 14.14
C ALA A 253 -7.88 34.26 15.52
N VAL A 254 -8.85 33.35 15.57
CA VAL A 254 -9.41 32.94 16.86
C VAL A 254 -9.20 31.45 17.15
N VAL A 255 -9.48 31.08 18.39
CA VAL A 255 -9.61 29.67 18.75
C VAL A 255 -11.08 29.39 19.05
N GLY A 256 -11.72 28.59 18.19
CA GLY A 256 -13.13 28.29 18.34
C GLY A 256 -13.39 27.21 19.36
N GLY B 2 21.26 7.76 29.80
CA GLY B 2 20.74 8.96 29.16
C GLY B 2 19.23 8.95 29.09
N PHE B 3 18.65 10.04 28.60
CA PHE B 3 17.20 10.16 28.54
C PHE B 3 16.58 9.40 27.35
N LEU B 4 17.38 8.58 26.69
CA LEU B 4 16.87 7.71 25.62
C LEU B 4 17.15 6.23 25.88
N ASP B 5 17.55 5.91 27.11
CA ASP B 5 17.79 4.53 27.52
C ASP B 5 16.65 3.60 27.13
N GLY B 6 16.96 2.59 26.34
CA GLY B 6 16.00 1.57 25.98
C GLY B 6 15.12 1.92 24.78
N LYS B 7 15.38 3.08 24.19
CA LYS B 7 14.65 3.49 23.00
C LYS B 7 15.29 2.96 21.72
N ARG B 8 14.47 2.38 20.85
CA ARG B 8 14.95 1.88 19.57
C ARG B 8 14.61 2.86 18.45
N ILE B 9 15.64 3.39 17.79
CA ILE B 9 15.43 4.45 16.82
C ILE B 9 16.00 4.14 15.44
N LEU B 10 15.17 4.29 14.41
CA LEU B 10 15.60 4.12 13.02
C LEU B 10 15.93 5.46 12.40
N LEU B 11 17.14 5.58 11.86
CA LEU B 11 17.57 6.82 11.23
C LEU B 11 17.79 6.66 9.73
N THR B 12 17.18 7.56 8.97
CA THR B 12 17.44 7.64 7.54
C THR B 12 18.38 8.81 7.26
N GLY B 13 18.95 8.86 6.05
CA GLY B 13 19.69 10.02 5.61
C GLY B 13 21.12 10.13 6.06
N LEU B 14 21.62 9.13 6.78
CA LEU B 14 23.02 9.14 7.19
C LEU B 14 23.91 8.77 6.01
N LEU B 15 24.58 9.77 5.45
CA LEU B 15 25.38 9.58 4.24
C LEU B 15 26.86 9.77 4.50
N SER B 16 27.20 10.78 5.28
CA SER B 16 28.59 11.03 5.66
C SER B 16 28.65 11.49 7.11
N ASN B 17 29.86 11.61 7.65
CA ASN B 17 30.02 12.03 9.03
C ASN B 17 29.71 13.51 9.24
N ARG B 18 29.29 14.21 8.19
CA ARG B 18 28.89 15.60 8.34
C ARG B 18 27.38 15.71 8.18
N SER B 19 26.73 14.59 7.87
CA SER B 19 25.29 14.57 7.70
C SER B 19 24.58 14.97 8.97
N ILE B 20 23.42 15.61 8.83
CA ILE B 20 22.60 15.94 9.98
C ILE B 20 22.16 14.68 10.72
N ALA B 21 21.80 13.65 9.96
CA ALA B 21 21.39 12.38 10.55
C ALA B 21 22.50 11.79 11.41
N TYR B 22 23.74 12.04 11.00
CA TYR B 22 24.89 11.56 11.76
C TYR B 22 24.97 12.25 13.12
N GLY B 23 24.74 13.55 13.14
CA GLY B 23 24.73 14.31 14.38
C GLY B 23 23.67 13.80 15.33
N ILE B 24 22.48 13.54 14.79
CA ILE B 24 21.37 13.02 15.58
C ILE B 24 21.70 11.63 16.13
N ALA B 25 22.30 10.80 15.29
CA ALA B 25 22.68 9.45 15.68
C ALA B 25 23.65 9.47 16.86
N LYS B 26 24.67 10.30 16.76
CA LYS B 26 25.67 10.42 17.82
C LYS B 26 25.01 10.83 19.14
N ALA B 27 24.12 11.81 19.08
CA ALA B 27 23.44 12.30 20.27
C ALA B 27 22.51 11.24 20.87
N CYS B 28 21.82 10.50 20.01
CA CYS B 28 20.90 9.47 20.46
C CYS B 28 21.64 8.32 21.11
N LYS B 29 22.75 7.89 20.50
CA LYS B 29 23.57 6.83 21.07
C LYS B 29 24.07 7.26 22.45
N ARG B 30 24.58 8.49 22.53
CA ARG B 30 25.06 9.04 23.78
C ARG B 30 24.00 9.00 24.88
N GLU B 31 22.75 9.23 24.49
CA GLU B 31 21.66 9.24 25.46
C GLU B 31 21.06 7.84 25.65
N GLY B 32 21.67 6.84 25.02
CA GLY B 32 21.38 5.45 25.34
C GLY B 32 20.41 4.69 24.46
N ALA B 33 20.22 5.14 23.23
CA ALA B 33 19.29 4.46 22.32
C ALA B 33 19.95 3.33 21.55
N GLU B 34 19.13 2.40 21.06
CA GLU B 34 19.58 1.40 20.10
C GLU B 34 19.22 1.91 18.71
N LEU B 35 20.20 1.93 17.81
CA LEU B 35 20.00 2.55 16.51
C LEU B 35 19.87 1.54 15.37
N ALA B 36 19.13 1.96 14.34
CA ALA B 36 19.05 1.21 13.08
C ALA B 36 19.16 2.22 11.95
N PHE B 37 19.72 1.79 10.82
CA PHE B 37 20.01 2.74 9.75
C PHE B 37 19.52 2.27 8.39
N THR B 38 19.27 3.24 7.51
CA THR B 38 18.94 2.96 6.12
C THR B 38 19.96 3.59 5.18
N TYR B 39 20.09 3.01 3.99
CA TYR B 39 20.99 3.54 2.98
C TYR B 39 20.32 3.45 1.61
N VAL B 40 20.82 4.23 0.66
CA VAL B 40 20.27 4.22 -0.70
C VAL B 40 21.28 3.66 -1.67
N GLY B 41 20.86 2.65 -2.44
CA GLY B 41 21.72 2.08 -3.46
C GLY B 41 22.59 0.96 -2.96
N ASP B 42 22.65 -0.13 -3.72
CA ASP B 42 23.45 -1.30 -3.40
C ASP B 42 24.87 -0.95 -2.96
N ARG B 43 25.41 0.13 -3.51
CA ARG B 43 26.80 0.49 -3.31
C ARG B 43 27.14 0.98 -1.91
N PHE B 44 26.35 1.92 -1.40
CA PHE B 44 26.63 2.54 -0.10
C PHE B 44 26.51 1.60 1.09
N LYS B 45 26.15 0.33 0.86
CA LYS B 45 25.95 -0.61 1.94
C LYS B 45 27.17 -0.73 2.85
N ASP B 46 28.35 -0.73 2.26
CA ASP B 46 29.59 -0.83 3.03
C ASP B 46 29.77 0.37 3.97
N ARG B 47 29.69 1.56 3.40
CA ARG B 47 29.92 2.79 4.16
C ARG B 47 28.96 2.96 5.33
N ILE B 48 27.70 2.58 5.13
CA ILE B 48 26.69 2.73 6.17
C ILE B 48 26.82 1.66 7.25
N THR B 49 27.33 0.50 6.87
CA THR B 49 27.54 -0.58 7.83
C THR B 49 28.67 -0.22 8.78
N GLU B 50 29.69 0.45 8.26
CA GLU B 50 30.77 0.95 9.09
C GLU B 50 30.22 1.95 10.10
N PHE B 51 29.39 2.88 9.61
CA PHE B 51 28.74 3.86 10.47
C PHE B 51 27.89 3.19 11.53
N ALA B 52 27.10 2.20 11.12
CA ALA B 52 26.25 1.46 12.04
C ALA B 52 27.08 0.77 13.13
N ALA B 53 28.11 0.06 12.70
CA ALA B 53 29.03 -0.60 13.64
C ALA B 53 29.63 0.42 14.58
N GLU B 54 29.89 1.60 14.04
CA GLU B 54 30.45 2.72 14.80
C GLU B 54 29.53 3.15 15.95
N PHE B 55 28.24 2.90 15.80
CA PHE B 55 27.27 3.23 16.83
C PHE B 55 26.77 1.98 17.54
N GLY B 56 27.45 0.86 17.32
CA GLY B 56 27.13 -0.38 18.00
C GLY B 56 25.92 -1.09 17.43
N SER B 57 25.70 -0.92 16.13
CA SER B 57 24.54 -1.52 15.48
C SER B 57 24.93 -2.40 14.30
N GLU B 58 24.16 -3.46 14.08
CA GLU B 58 24.35 -4.33 12.93
C GLU B 58 23.15 -4.22 12.00
N LEU B 59 22.25 -3.32 12.33
CA LEU B 59 20.98 -3.19 11.61
C LEU B 59 21.03 -2.11 10.53
N VAL B 60 21.26 -2.52 9.29
CA VAL B 60 21.19 -1.62 8.15
C VAL B 60 20.26 -2.20 7.09
N PHE B 61 19.42 -1.35 6.52
CA PHE B 61 18.44 -1.79 5.54
C PHE B 61 18.39 -0.83 4.35
N PRO B 62 18.30 -1.37 3.13
CA PRO B 62 18.15 -0.51 1.95
C PRO B 62 16.76 0.10 1.87
N CYS B 63 16.69 1.39 1.56
CA CYS B 63 15.40 2.03 1.36
C CYS B 63 15.48 3.30 0.53
N ASP B 64 15.21 3.16 -0.76
CA ASP B 64 15.02 4.30 -1.64
C ASP B 64 13.55 4.68 -1.55
N VAL B 65 13.27 5.81 -0.93
CA VAL B 65 11.89 6.20 -0.64
C VAL B 65 11.06 6.44 -1.89
N ALA B 66 11.71 6.38 -3.06
CA ALA B 66 10.99 6.51 -4.33
C ALA B 66 10.23 5.23 -4.63
N ASP B 67 10.65 4.12 -4.00
CA ASP B 67 10.09 2.81 -4.28
C ASP B 67 9.22 2.32 -3.13
N ASP B 68 7.92 2.17 -3.37
CA ASP B 68 6.99 1.64 -2.38
C ASP B 68 7.46 0.29 -1.85
N ALA B 69 8.02 -0.52 -2.74
CA ALA B 69 8.50 -1.84 -2.40
C ALA B 69 9.53 -1.80 -1.27
N GLN B 70 10.58 -1.00 -1.45
CA GLN B 70 11.67 -0.92 -0.48
C GLN B 70 11.17 -0.39 0.88
N ILE B 71 10.15 0.47 0.84
CA ILE B 71 9.59 1.04 2.06
C ILE B 71 8.86 -0.01 2.89
N ASP B 72 8.02 -0.80 2.22
CA ASP B 72 7.30 -1.88 2.89
C ASP B 72 8.28 -2.94 3.38
N ALA B 73 9.28 -3.21 2.55
CA ALA B 73 10.30 -4.20 2.87
C ALA B 73 11.17 -3.76 4.05
N LEU B 74 11.38 -2.46 4.16
CA LEU B 74 12.18 -1.89 5.24
C LEU B 74 11.67 -2.30 6.62
N PHE B 75 10.37 -2.14 6.84
CA PHE B 75 9.78 -2.39 8.14
C PHE B 75 9.42 -3.86 8.35
N ALA B 76 9.25 -4.59 7.26
CA ALA B 76 9.11 -6.04 7.35
C ALA B 76 10.42 -6.63 7.87
N SER B 77 11.53 -6.11 7.34
CA SER B 77 12.86 -6.55 7.73
C SER B 77 13.21 -6.13 9.15
N LEU B 78 12.92 -4.88 9.50
CA LEU B 78 13.20 -4.37 10.85
C LEU B 78 12.41 -5.16 11.89
N LYS B 79 11.21 -5.61 11.52
CA LYS B 79 10.33 -6.33 12.42
C LYS B 79 10.91 -7.68 12.85
N THR B 80 11.84 -8.22 12.07
CA THR B 80 12.47 -9.49 12.42
C THR B 80 13.54 -9.29 13.49
N HIS B 81 13.93 -8.03 13.71
CA HIS B 81 14.91 -7.70 14.74
C HIS B 81 14.24 -6.95 15.88
N TRP B 82 13.36 -6.02 15.52
CA TRP B 82 12.59 -5.25 16.49
C TRP B 82 11.11 -5.48 16.28
N ASP B 83 10.38 -5.72 17.36
CA ASP B 83 8.93 -5.85 17.29
C ASP B 83 8.25 -4.55 17.74
N SER B 84 9.07 -3.57 18.09
CA SER B 84 8.59 -2.29 18.59
C SER B 84 9.56 -1.18 18.18
N LEU B 85 9.04 -0.18 17.49
CA LEU B 85 9.86 0.96 17.06
C LEU B 85 9.51 2.21 17.87
N ASP B 86 10.54 2.82 18.46
CA ASP B 86 10.32 3.94 19.36
C ASP B 86 10.58 5.30 18.70
N GLY B 87 11.43 5.31 17.68
CA GLY B 87 11.80 6.55 17.04
C GLY B 87 12.10 6.40 15.56
N LEU B 88 11.72 7.41 14.79
CA LEU B 88 11.98 7.43 13.36
C LEU B 88 12.52 8.78 12.95
N VAL B 89 13.72 8.80 12.38
CA VAL B 89 14.32 10.05 11.95
C VAL B 89 14.34 10.17 10.44
N HIS B 90 13.52 11.10 9.94
CA HIS B 90 13.43 11.37 8.51
C HIS B 90 14.36 12.51 8.17
N SER B 91 15.53 12.16 7.63
CA SER B 91 16.54 13.14 7.27
C SER B 91 16.86 12.97 5.80
N ILE B 92 15.83 13.16 4.98
CA ILE B 92 15.90 12.86 3.55
C ILE B 92 15.39 14.03 2.73
N GLY B 93 16.09 14.33 1.64
CA GLY B 93 15.69 15.40 0.74
C GLY B 93 16.35 15.28 -0.61
N PHE B 94 15.62 15.67 -1.65
CA PHE B 94 16.19 15.70 -2.99
C PHE B 94 15.36 16.48 -3.97
N ALA B 95 16.05 17.18 -4.87
CA ALA B 95 15.44 17.84 -6.02
C ALA B 95 16.47 17.87 -7.14
N PRO B 96 15.99 17.77 -8.39
CA PRO B 96 16.91 17.95 -9.53
C PRO B 96 17.66 19.26 -9.38
N ARG B 97 18.94 19.26 -9.71
CA ARG B 97 19.81 20.38 -9.33
C ARG B 97 19.44 21.72 -9.98
N GLU B 98 18.84 21.71 -11.16
CA GLU B 98 18.45 22.96 -11.80
C GLU B 98 17.22 23.57 -11.13
N ALA B 99 16.52 22.77 -10.34
CA ALA B 99 15.33 23.22 -9.63
C ALA B 99 15.71 23.97 -8.36
N ILE B 100 16.99 23.93 -7.99
CA ILE B 100 17.48 24.67 -6.83
C ILE B 100 18.68 25.51 -7.24
N ALA B 101 18.66 26.00 -8.47
CA ALA B 101 19.72 26.85 -8.98
C ALA B 101 19.12 28.03 -9.74
N GLY B 102 19.65 29.22 -9.48
CA GLY B 102 19.17 30.42 -10.13
C GLY B 102 17.70 30.72 -9.91
N ASP B 103 16.99 31.02 -10.99
CA ASP B 103 15.61 31.50 -10.89
C ASP B 103 14.62 30.37 -10.67
N PHE B 104 13.63 30.63 -9.84
CA PHE B 104 12.59 29.65 -9.50
C PHE B 104 11.89 29.08 -10.73
N LEU B 105 11.45 29.95 -11.63
CA LEU B 105 10.73 29.53 -12.82
C LEU B 105 11.60 28.81 -13.85
N ASP B 106 12.86 29.23 -13.96
CA ASP B 106 13.78 28.59 -14.89
C ASP B 106 13.92 27.10 -14.61
N GLY B 107 13.96 26.75 -13.32
CA GLY B 107 14.14 25.37 -12.90
C GLY B 107 12.85 24.62 -12.68
N LEU B 108 11.73 25.27 -12.95
CA LEU B 108 10.43 24.64 -12.71
C LEU B 108 9.97 23.80 -13.90
N THR B 109 9.78 22.52 -13.65
CA THR B 109 9.14 21.62 -14.61
C THR B 109 8.26 20.67 -13.80
N ARG B 110 7.22 20.14 -14.42
CA ARG B 110 6.31 19.24 -13.72
C ARG B 110 7.07 18.06 -13.10
N GLU B 111 8.09 17.59 -13.81
CA GLU B 111 8.87 16.46 -13.33
C GLU B 111 9.75 16.84 -12.14
N ASN B 112 10.45 17.96 -12.25
CA ASN B 112 11.26 18.46 -11.13
C ASN B 112 10.41 18.67 -9.89
N PHE B 113 9.22 19.22 -10.09
CA PHE B 113 8.27 19.43 -9.01
C PHE B 113 7.89 18.11 -8.36
N ARG B 114 7.50 17.14 -9.19
CA ARG B 114 7.04 15.84 -8.72
C ARG B 114 8.11 15.14 -7.89
N ILE B 115 9.33 15.10 -8.43
CA ILE B 115 10.45 14.44 -7.76
C ILE B 115 10.76 15.09 -6.41
N ALA B 116 10.88 16.41 -6.39
CA ALA B 116 11.19 17.14 -5.17
C ALA B 116 10.19 16.84 -4.05
N HIS B 117 8.91 16.87 -4.41
CA HIS B 117 7.86 16.61 -3.42
C HIS B 117 7.74 15.12 -3.10
N ASP B 118 8.00 14.27 -4.09
CA ASP B 118 7.97 12.83 -3.91
C ASP B 118 8.97 12.40 -2.84
N ILE B 119 10.22 12.84 -3.00
CA ILE B 119 11.31 12.41 -2.13
C ILE B 119 11.42 13.21 -0.83
N SER B 120 11.13 14.51 -0.90
CA SER B 120 11.37 15.38 0.24
C SER B 120 10.15 15.53 1.16
N ALA B 121 8.97 15.37 0.60
CA ALA B 121 7.75 15.60 1.36
C ALA B 121 6.95 14.31 1.62
N TYR B 122 6.51 13.67 0.54
CA TYR B 122 5.68 12.47 0.65
C TYR B 122 6.32 11.37 1.48
N SER B 123 7.63 11.22 1.34
CA SER B 123 8.36 10.12 1.96
C SER B 123 8.19 10.06 3.48
N PHE B 124 8.02 11.21 4.12
CA PHE B 124 7.90 11.24 5.57
C PHE B 124 6.63 10.53 6.03
N PRO B 125 5.46 11.03 5.62
CA PRO B 125 4.21 10.35 6.01
C PRO B 125 4.11 8.95 5.44
N ALA B 126 4.81 8.70 4.32
CA ALA B 126 4.85 7.38 3.72
C ALA B 126 5.53 6.39 4.66
N LEU B 127 6.71 6.75 5.13
CA LEU B 127 7.44 5.95 6.10
C LEU B 127 6.65 5.77 7.39
N ALA B 128 5.99 6.84 7.82
CA ALA B 128 5.14 6.80 9.01
C ALA B 128 4.05 5.76 8.87
N LYS B 129 3.33 5.82 7.76
CA LYS B 129 2.25 4.88 7.49
C LYS B 129 2.75 3.44 7.49
N ALA B 130 3.94 3.24 6.92
CA ALA B 130 4.52 1.91 6.81
C ALA B 130 4.99 1.38 8.17
N ALA B 131 5.38 2.29 9.05
CA ALA B 131 5.91 1.91 10.35
C ALA B 131 4.83 1.77 11.43
N LEU B 132 3.66 2.33 11.16
CA LEU B 132 2.57 2.40 12.14
C LEU B 132 2.30 1.10 12.91
N PRO B 133 2.20 -0.03 12.19
CA PRO B 133 1.90 -1.32 12.85
C PRO B 133 2.88 -1.70 13.97
N MET B 134 4.14 -1.31 13.84
CA MET B 134 5.14 -1.68 14.85
C MET B 134 5.61 -0.50 15.70
N LEU B 135 4.87 0.61 15.65
CA LEU B 135 5.21 1.78 16.46
C LEU B 135 4.71 1.62 17.89
N SER B 136 5.56 1.95 18.85
CA SER B 136 5.15 1.95 20.25
C SER B 136 4.16 3.08 20.49
N ASP B 137 3.49 3.05 21.64
CA ASP B 137 2.46 4.03 21.95
C ASP B 137 3.02 5.40 22.32
N ASP B 138 4.29 5.44 22.69
CA ASP B 138 4.95 6.70 23.01
C ASP B 138 6.04 6.99 21.99
N ALA B 139 5.88 6.44 20.80
CA ALA B 139 6.83 6.63 19.71
C ALA B 139 6.93 8.11 19.31
N SER B 140 8.06 8.47 18.73
CA SER B 140 8.30 9.84 18.30
C SER B 140 8.87 9.88 16.89
N LEU B 141 8.24 10.65 16.02
CA LEU B 141 8.71 10.80 14.65
C LEU B 141 9.30 12.18 14.43
N LEU B 142 10.45 12.23 13.77
CA LEU B 142 11.17 13.48 13.59
C LEU B 142 11.60 13.68 12.14
N THR B 143 11.41 14.89 11.62
CA THR B 143 11.84 15.23 10.27
C THR B 143 12.62 16.54 10.28
N LEU B 144 13.31 16.82 9.17
CA LEU B 144 14.13 18.02 9.05
C LEU B 144 13.58 18.96 7.99
N SER B 145 13.40 20.22 8.37
CA SER B 145 12.91 21.24 7.43
C SER B 145 13.86 22.43 7.41
N TYR B 146 13.48 23.47 6.68
CA TYR B 146 14.32 24.64 6.52
C TYR B 146 13.49 25.90 6.38
N LEU B 147 14.05 27.03 6.79
CA LEU B 147 13.36 28.31 6.76
C LEU B 147 12.79 28.66 5.39
N GLY B 148 13.36 28.07 4.34
CA GLY B 148 12.93 28.32 2.99
C GLY B 148 11.49 27.92 2.71
N ALA B 149 10.92 27.12 3.60
CA ALA B 149 9.53 26.71 3.50
C ALA B 149 8.59 27.86 3.85
N GLU B 150 9.03 28.71 4.77
CA GLU B 150 8.19 29.77 5.31
C GLU B 150 8.50 31.13 4.67
N ARG B 151 9.72 31.31 4.22
CA ARG B 151 10.10 32.52 3.51
C ARG B 151 10.95 32.20 2.28
N ALA B 152 10.89 33.08 1.29
CA ALA B 152 11.60 32.87 0.03
C ALA B 152 13.10 33.07 0.19
N ILE B 153 13.86 32.00 -0.01
CA ILE B 153 15.31 32.05 0.08
C ILE B 153 15.94 31.77 -1.27
N PRO B 154 16.89 32.63 -1.69
CA PRO B 154 17.55 32.54 -3.00
C PRO B 154 18.06 31.13 -3.31
N ASN B 155 17.69 30.62 -4.48
CA ASN B 155 18.16 29.32 -4.97
C ASN B 155 17.42 28.13 -4.38
N TYR B 156 16.79 28.31 -3.22
CA TYR B 156 16.11 27.19 -2.58
C TYR B 156 14.91 26.74 -3.41
N ASN B 157 14.24 27.71 -4.02
CA ASN B 157 13.22 27.47 -5.04
C ASN B 157 12.26 26.32 -4.77
N THR B 158 12.25 25.34 -5.68
CA THR B 158 11.31 24.23 -5.64
C THR B 158 11.40 23.46 -4.33
N MET B 159 12.58 23.43 -3.74
CA MET B 159 12.77 22.74 -2.47
C MET B 159 11.94 23.39 -1.36
N GLY B 160 11.77 24.71 -1.46
CA GLY B 160 10.95 25.46 -0.51
C GLY B 160 9.50 25.01 -0.47
N LEU B 161 8.93 24.78 -1.65
CA LEU B 161 7.55 24.32 -1.76
C LEU B 161 7.37 22.97 -1.07
N ALA B 162 8.29 22.05 -1.36
CA ALA B 162 8.24 20.70 -0.79
C ALA B 162 8.33 20.74 0.73
N LYS B 163 9.25 21.57 1.24
CA LYS B 163 9.42 21.71 2.68
C LYS B 163 8.17 22.27 3.36
N ALA B 164 7.47 23.16 2.67
CA ALA B 164 6.22 23.68 3.20
C ALA B 164 5.21 22.54 3.35
N ALA B 165 5.17 21.68 2.34
CA ALA B 165 4.30 20.51 2.37
C ALA B 165 4.75 19.55 3.47
N LEU B 166 6.06 19.37 3.60
CA LEU B 166 6.61 18.52 4.64
C LEU B 166 6.15 18.96 6.03
N GLU B 167 6.23 20.26 6.29
CA GLU B 167 5.83 20.82 7.58
C GLU B 167 4.33 20.68 7.81
N ALA B 168 3.55 20.78 6.75
CA ALA B 168 2.11 20.60 6.86
C ALA B 168 1.80 19.14 7.21
N SER B 169 2.60 18.23 6.67
CA SER B 169 2.43 16.81 6.92
C SER B 169 2.75 16.48 8.38
N VAL B 170 3.70 17.22 8.94
CA VAL B 170 4.02 17.08 10.36
C VAL B 170 2.76 17.25 11.20
N ARG B 171 1.97 18.26 10.85
CA ARG B 171 0.75 18.57 11.58
C ARG B 171 -0.35 17.52 11.36
N TYR B 172 -0.62 17.18 10.10
CA TYR B 172 -1.65 16.17 9.83
C TYR B 172 -1.24 14.79 10.36
N LEU B 173 0.05 14.47 10.31
CA LEU B 173 0.55 13.25 10.94
C LEU B 173 0.32 13.26 12.44
N ALA B 174 0.62 14.38 13.08
CA ALA B 174 0.50 14.52 14.53
C ALA B 174 -0.92 14.23 14.98
N VAL B 175 -1.90 14.66 14.17
CA VAL B 175 -3.30 14.44 14.49
C VAL B 175 -3.69 12.98 14.29
N SER B 176 -3.22 12.39 13.19
CA SER B 176 -3.56 11.02 12.85
C SER B 176 -2.97 10.02 13.85
N LEU B 177 -1.70 10.23 14.23
CA LEU B 177 -1.01 9.31 15.11
C LEU B 177 -1.11 9.72 16.58
N GLY B 178 -1.68 10.89 16.83
CA GLY B 178 -1.73 11.44 18.18
C GLY B 178 -2.60 10.63 19.12
N ALA B 179 -3.71 10.13 18.60
CA ALA B 179 -4.63 9.30 19.37
C ALA B 179 -3.90 8.12 20.02
N LYS B 180 -3.09 7.43 19.23
CA LYS B 180 -2.31 6.30 19.70
C LYS B 180 -1.29 6.72 20.76
N GLY B 181 -0.88 7.98 20.70
CA GLY B 181 0.08 8.51 21.65
C GLY B 181 1.41 8.86 21.00
N VAL B 182 1.46 8.75 19.68
CA VAL B 182 2.68 9.05 18.93
C VAL B 182 2.82 10.54 18.67
N ARG B 183 4.04 11.04 18.81
CA ARG B 183 4.33 12.46 18.59
C ARG B 183 5.11 12.64 17.29
N VAL B 184 4.80 13.71 16.58
CA VAL B 184 5.45 14.01 15.30
C VAL B 184 5.95 15.45 15.29
N ASN B 185 7.24 15.62 15.02
CA ASN B 185 7.84 16.94 15.01
C ASN B 185 8.85 17.14 13.90
N ALA B 186 9.21 18.39 13.66
CA ALA B 186 10.27 18.72 12.73
C ALA B 186 11.23 19.69 13.37
N ILE B 187 12.49 19.62 12.97
CA ILE B 187 13.45 20.65 13.32
C ILE B 187 13.77 21.47 12.08
N SER B 188 13.54 22.77 12.15
CA SER B 188 13.93 23.67 11.08
C SER B 188 15.36 24.10 11.34
N ALA B 189 16.30 23.41 10.72
CA ALA B 189 17.72 23.62 10.97
C ALA B 189 18.29 24.77 10.17
N GLY B 190 19.23 25.50 10.77
CA GLY B 190 19.98 26.51 10.05
C GLY B 190 20.91 25.85 9.05
N PRO B 191 21.58 26.66 8.22
CA PRO B 191 22.47 26.11 7.20
C PRO B 191 23.66 25.35 7.80
N ILE B 192 23.93 24.16 7.26
CA ILE B 192 25.06 23.35 7.71
C ILE B 192 25.77 22.78 6.50
N LYS B 193 27.09 22.92 6.46
CA LYS B 193 27.87 22.45 5.32
C LYS B 193 27.85 20.92 5.22
N THR B 194 26.88 20.41 4.46
CA THR B 194 26.76 18.97 4.24
C THR B 194 26.90 18.65 2.76
N LEU B 195 26.83 17.37 2.43
CA LEU B 195 26.92 16.92 1.04
C LEU B 195 25.83 17.55 0.18
N ALA B 196 24.58 17.42 0.60
CA ALA B 196 23.45 18.00 -0.13
C ALA B 196 23.57 19.52 -0.27
N ALA B 197 24.09 20.16 0.76
CA ALA B 197 24.23 21.62 0.78
C ALA B 197 25.07 22.14 -0.39
N SER B 198 25.95 21.29 -0.91
CA SER B 198 26.83 21.67 -2.01
C SER B 198 26.06 21.98 -3.29
N GLY B 199 24.86 21.40 -3.41
CA GLY B 199 24.06 21.58 -4.61
C GLY B 199 23.28 22.88 -4.63
N ILE B 200 23.24 23.56 -3.49
CA ILE B 200 22.58 24.86 -3.40
C ILE B 200 23.55 25.97 -3.80
N LYS B 201 23.22 26.69 -4.85
CA LYS B 201 24.10 27.74 -5.37
C LYS B 201 24.41 28.79 -4.32
N SER B 202 25.69 29.17 -4.23
CA SER B 202 26.15 30.18 -3.28
C SER B 202 25.71 29.87 -1.86
N PHE B 203 25.94 28.63 -1.42
CA PHE B 203 25.62 28.22 -0.06
C PHE B 203 26.51 28.92 0.94
N GLY B 204 27.73 29.24 0.50
CA GLY B 204 28.70 29.94 1.34
C GLY B 204 28.22 31.33 1.73
N LYS B 205 27.53 32.00 0.81
CA LYS B 205 26.97 33.31 1.09
C LYS B 205 25.95 33.20 2.20
N ILE B 206 25.18 32.11 2.18
CA ILE B 206 24.16 31.85 3.18
C ILE B 206 24.79 31.61 4.56
N LEU B 207 25.86 30.82 4.59
CA LEU B 207 26.56 30.56 5.84
C LEU B 207 27.14 31.83 6.44
N ASP B 208 27.80 32.64 5.61
CA ASP B 208 28.39 33.90 6.06
C ASP B 208 27.32 34.84 6.62
N PHE B 209 26.19 34.91 5.93
CA PHE B 209 25.12 35.83 6.29
C PHE B 209 24.51 35.46 7.64
N VAL B 210 24.26 34.18 7.84
CA VAL B 210 23.67 33.69 9.09
C VAL B 210 24.62 33.87 10.26
N GLU B 211 25.89 33.57 10.04
CA GLU B 211 26.91 33.78 11.06
C GLU B 211 26.98 35.24 11.49
N SER B 212 26.75 36.13 10.52
CA SER B 212 26.84 37.56 10.76
C SER B 212 25.58 38.15 11.39
N ASN B 213 24.41 37.61 11.04
CA ASN B 213 23.15 38.25 11.40
C ASN B 213 22.31 37.51 12.43
N SER B 214 22.58 36.22 12.64
CA SER B 214 21.87 35.46 13.66
C SER B 214 22.13 36.09 15.03
N PRO B 215 21.15 36.01 15.93
CA PRO B 215 21.30 36.57 17.28
C PRO B 215 22.53 36.07 18.00
N LEU B 216 22.83 34.78 17.86
CA LEU B 216 24.01 34.18 18.49
C LEU B 216 25.28 34.40 17.69
N LYS B 217 25.18 35.05 16.53
CA LYS B 217 26.35 35.39 15.72
C LYS B 217 27.22 34.17 15.43
N ARG B 218 26.59 33.04 15.15
CA ARG B 218 27.31 31.80 14.89
C ARG B 218 26.41 30.80 14.18
N ASN B 219 27.00 29.95 13.35
CA ASN B 219 26.24 28.90 12.69
C ASN B 219 26.02 27.74 13.65
N VAL B 220 25.06 26.88 13.31
CA VAL B 220 24.77 25.73 14.15
C VAL B 220 25.54 24.50 13.67
N THR B 221 25.59 23.49 14.53
CA THR B 221 26.32 22.27 14.23
C THR B 221 25.36 21.10 14.21
N ILE B 222 25.79 19.98 13.61
CA ILE B 222 24.97 18.78 13.64
C ILE B 222 24.86 18.24 15.07
N GLU B 223 25.73 18.70 15.95
CA GLU B 223 25.65 18.34 17.37
C GLU B 223 24.50 19.07 18.06
N GLN B 224 24.34 20.35 17.76
CA GLN B 224 23.26 21.14 18.32
C GLN B 224 21.91 20.69 17.77
N VAL B 225 21.87 20.39 16.48
CA VAL B 225 20.67 19.84 15.87
C VAL B 225 20.43 18.43 16.40
N GLY B 226 21.52 17.68 16.56
CA GLY B 226 21.46 16.34 17.11
C GLY B 226 20.84 16.28 18.48
N ASN B 227 21.30 17.15 19.38
CA ASN B 227 20.75 17.24 20.73
C ASN B 227 19.28 17.61 20.73
N ALA B 228 18.93 18.63 19.94
CA ALA B 228 17.54 19.04 19.81
C ALA B 228 16.69 17.86 19.35
N GLY B 229 17.20 17.12 18.38
CA GLY B 229 16.54 15.93 17.87
C GLY B 229 16.35 14.84 18.92
N ALA B 230 17.42 14.59 19.67
CA ALA B 230 17.38 13.59 20.74
C ALA B 230 16.31 13.94 21.77
N PHE B 231 16.24 15.23 22.12
CA PHE B 231 15.22 15.72 23.04
C PHE B 231 13.81 15.42 22.53
N LEU B 232 13.52 15.79 21.29
CA LEU B 232 12.19 15.61 20.72
C LEU B 232 11.82 14.13 20.62
N LEU B 233 12.82 13.26 20.48
CA LEU B 233 12.58 11.83 20.36
C LEU B 233 12.37 11.17 21.73
N SER B 234 12.67 11.89 22.80
CA SER B 234 12.62 11.34 24.14
C SER B 234 11.34 11.70 24.88
N ASP B 235 11.11 11.03 26.00
CA ASP B 235 9.92 11.29 26.82
C ASP B 235 9.97 12.67 27.46
N LEU B 236 11.15 13.31 27.45
CA LEU B 236 11.28 14.67 27.96
C LEU B 236 10.39 15.64 27.18
N ALA B 237 10.05 15.26 25.96
CA ALA B 237 9.23 16.11 25.09
C ALA B 237 7.87 15.49 24.84
N SER B 238 7.37 14.74 25.82
CA SER B 238 6.09 14.04 25.66
C SER B 238 4.92 15.01 25.55
N GLY B 239 5.16 16.28 25.90
CA GLY B 239 4.16 17.31 25.75
C GLY B 239 4.25 18.05 24.42
N VAL B 240 5.22 17.67 23.61
CA VAL B 240 5.50 18.37 22.35
C VAL B 240 5.16 17.53 21.12
N THR B 241 4.28 18.05 20.28
CA THR B 241 3.94 17.41 19.02
C THR B 241 3.41 18.43 18.01
N ALA B 242 3.50 18.10 16.72
CA ALA B 242 3.09 19.00 15.64
C ALA B 242 3.87 20.31 15.68
N GLU B 243 5.11 20.24 16.19
CA GLU B 243 5.94 21.42 16.36
C GLU B 243 7.04 21.49 15.32
N VAL B 244 7.28 22.68 14.79
CA VAL B 244 8.46 22.95 13.98
C VAL B 244 9.44 23.78 14.79
N MET B 245 10.46 23.12 15.35
CA MET B 245 11.40 23.77 16.23
C MET B 245 12.62 24.30 15.47
N HIS B 246 12.85 25.60 15.55
CA HIS B 246 14.01 26.21 14.91
C HIS B 246 15.29 25.95 15.70
N VAL B 247 16.24 25.30 15.05
CA VAL B 247 17.59 25.20 15.59
C VAL B 247 18.54 25.88 14.62
N ASP B 248 18.67 27.18 14.77
CA ASP B 248 19.34 28.01 13.77
C ASP B 248 20.00 29.24 14.38
N SER B 249 20.35 29.14 15.66
CA SER B 249 20.93 30.26 16.38
C SER B 249 20.01 31.47 16.40
N GLY B 250 18.72 31.23 16.16
CA GLY B 250 17.73 32.29 16.24
C GLY B 250 17.57 33.12 14.98
N PHE B 251 18.24 32.72 13.91
CA PHE B 251 18.23 33.49 12.66
C PHE B 251 16.84 33.81 12.13
N ASN B 252 15.93 32.86 12.21
CA ASN B 252 14.57 33.03 11.67
C ASN B 252 13.83 34.20 12.29
N ALA B 253 14.21 34.56 13.52
CA ALA B 253 13.48 35.56 14.29
C ALA B 253 13.93 36.99 14.03
N VAL B 254 14.93 37.17 13.18
CA VAL B 254 15.44 38.50 12.89
C VAL B 254 15.29 38.88 11.42
N VAL B 255 15.51 40.16 11.13
CA VAL B 255 15.68 40.62 9.76
C VAL B 255 17.14 41.00 9.57
N GLY B 256 17.85 40.24 8.75
CA GLY B 256 19.27 40.46 8.54
C GLY B 256 19.55 41.59 7.57
N GLY C 2 -16.92 56.51 -5.78
CA GLY C 2 -15.91 55.56 -5.34
C GLY C 2 -16.50 54.52 -4.41
N PHE C 3 -15.69 53.54 -4.03
CA PHE C 3 -16.20 52.46 -3.19
C PHE C 3 -16.28 52.85 -1.71
N LEU C 4 -16.15 54.16 -1.44
CA LEU C 4 -16.36 54.67 -0.09
C LEU C 4 -17.42 55.76 -0.02
N ASP C 5 -18.21 55.91 -1.09
CA ASP C 5 -19.30 56.88 -1.15
C ASP C 5 -20.20 56.83 0.08
N GLY C 6 -20.31 57.95 0.79
CA GLY C 6 -21.22 58.06 1.90
C GLY C 6 -20.67 57.54 3.22
N LYS C 7 -19.41 57.12 3.21
CA LYS C 7 -18.76 56.64 4.43
C LYS C 7 -18.14 57.81 5.19
N ARG C 8 -18.41 57.86 6.49
CA ARG C 8 -17.83 58.87 7.37
C ARG C 8 -16.66 58.31 8.14
N ILE C 9 -15.47 58.87 7.91
CA ILE C 9 -14.25 58.29 8.46
C ILE C 9 -13.45 59.30 9.27
N LEU C 10 -13.10 58.93 10.49
CA LEU C 10 -12.25 59.74 11.35
C LEU C 10 -10.80 59.27 11.26
N LEU C 11 -9.90 60.20 10.95
CA LEU C 11 -8.48 59.84 10.85
C LEU C 11 -7.64 60.52 11.90
N THR C 12 -6.85 59.72 12.60
CA THR C 12 -5.84 60.22 13.51
C THR C 12 -4.52 60.17 12.79
N GLY C 13 -3.51 60.82 13.34
CA GLY C 13 -2.16 60.66 12.84
C GLY C 13 -1.74 61.50 11.64
N LEU C 14 -2.62 62.36 11.14
CA LEU C 14 -2.23 63.26 10.05
C LEU C 14 -1.40 64.42 10.59
N LEU C 15 -0.08 64.38 10.36
CA LEU C 15 0.83 65.38 10.90
C LEU C 15 1.47 66.23 9.81
N SER C 16 1.88 65.58 8.73
CA SER C 16 2.45 66.27 7.58
C SER C 16 1.95 65.63 6.30
N ASN C 17 2.25 66.24 5.16
CA ASN C 17 1.80 65.69 3.89
C ASN C 17 2.56 64.43 3.50
N ARG C 18 3.47 63.98 4.36
CA ARG C 18 4.18 62.74 4.08
C ARG C 18 3.71 61.65 5.05
N SER C 19 2.84 62.01 5.98
CA SER C 19 2.30 61.06 6.94
C SER C 19 1.53 59.95 6.24
N ILE C 20 1.56 58.76 6.82
CA ILE C 20 0.78 57.64 6.31
C ILE C 20 -0.71 57.98 6.35
N ALA C 21 -1.12 58.63 7.43
CA ALA C 21 -2.51 59.05 7.60
C ALA C 21 -2.93 59.96 6.45
N TYR C 22 -1.99 60.78 5.97
CA TYR C 22 -2.26 61.67 4.86
C TYR C 22 -2.53 60.87 3.59
N GLY C 23 -1.74 59.82 3.38
CA GLY C 23 -1.93 58.95 2.24
C GLY C 23 -3.28 58.28 2.27
N ILE C 24 -3.67 57.79 3.44
CA ILE C 24 -4.97 57.15 3.63
C ILE C 24 -6.12 58.12 3.38
N ALA C 25 -5.96 59.34 3.89
CA ALA C 25 -6.97 60.38 3.73
C ALA C 25 -7.23 60.71 2.26
N LYS C 26 -6.15 60.91 1.50
CA LYS C 26 -6.26 61.23 0.09
C LYS C 26 -7.01 60.14 -0.67
N ALA C 27 -6.67 58.89 -0.38
CA ALA C 27 -7.30 57.75 -1.02
C ALA C 27 -8.76 57.63 -0.65
N CYS C 28 -9.07 57.91 0.61
CA CYS C 28 -10.45 57.82 1.10
C CYS C 28 -11.34 58.89 0.48
N LYS C 29 -10.83 60.12 0.41
CA LYS C 29 -11.56 61.22 -0.19
C LYS C 29 -11.84 60.92 -1.67
N ARG C 30 -10.81 60.46 -2.37
CA ARG C 30 -10.92 60.09 -3.77
C ARG C 30 -12.03 59.07 -4.00
N GLU C 31 -12.18 58.14 -3.05
CA GLU C 31 -13.20 57.10 -3.17
C GLU C 31 -14.53 57.54 -2.56
N GLY C 32 -14.59 58.80 -2.10
CA GLY C 32 -15.86 59.42 -1.77
C GLY C 32 -16.28 59.49 -0.32
N ALA C 33 -15.33 59.41 0.60
CA ALA C 33 -15.67 59.46 2.02
C ALA C 33 -15.76 60.89 2.55
N GLU C 34 -16.48 61.06 3.65
CA GLU C 34 -16.46 62.30 4.41
C GLU C 34 -15.45 62.13 5.54
N LEU C 35 -14.52 63.07 5.65
CA LEU C 35 -13.43 62.89 6.60
C LEU C 35 -13.53 63.81 7.82
N ALA C 36 -12.98 63.33 8.93
CA ALA C 36 -12.80 64.12 10.14
C ALA C 36 -11.40 63.84 10.66
N PHE C 37 -10.79 64.82 11.31
CA PHE C 37 -9.40 64.69 11.69
C PHE C 37 -9.15 65.04 13.14
N THR C 38 -8.08 64.47 13.69
CA THR C 38 -7.64 64.80 15.04
C THR C 38 -6.22 65.36 15.00
N TYR C 39 -5.89 66.16 16.01
CA TYR C 39 -4.55 66.71 16.13
C TYR C 39 -4.11 66.68 17.60
N VAL C 40 -2.81 66.78 17.82
CA VAL C 40 -2.28 66.78 19.19
C VAL C 40 -1.66 68.13 19.51
N GLY C 41 -2.09 68.73 20.62
CA GLY C 41 -1.52 69.98 21.08
C GLY C 41 -2.22 71.19 20.50
N ASP C 42 -2.51 72.16 21.36
CA ASP C 42 -3.17 73.40 20.98
C ASP C 42 -2.59 74.05 19.71
N ARG C 43 -1.29 73.86 19.52
CA ARG C 43 -0.56 74.55 18.45
C ARG C 43 -0.90 74.04 17.05
N PHE C 44 -0.87 72.73 16.87
CA PHE C 44 -1.06 72.14 15.54
C PHE C 44 -2.47 72.32 14.96
N LYS C 45 -3.35 72.99 15.71
CA LYS C 45 -4.72 73.19 15.26
C LYS C 45 -4.79 73.85 13.88
N ASP C 46 -3.94 74.85 13.67
CA ASP C 46 -3.91 75.58 12.41
C ASP C 46 -3.53 74.65 11.25
N ARG C 47 -2.40 73.95 11.40
CA ARG C 47 -1.88 73.09 10.35
C ARG C 47 -2.86 71.99 9.96
N ILE C 48 -3.56 71.42 10.94
CA ILE C 48 -4.48 70.33 10.69
C ILE C 48 -5.80 70.82 10.08
N THR C 49 -6.17 72.05 10.39
CA THR C 49 -7.39 72.64 9.84
C THR C 49 -7.22 72.90 8.34
N GLU C 50 -6.02 73.33 7.95
CA GLU C 50 -5.68 73.51 6.56
C GLU C 50 -5.81 72.20 5.80
N PHE C 51 -5.22 71.15 6.36
CA PHE C 51 -5.29 69.81 5.78
C PHE C 51 -6.74 69.34 5.66
N ALA C 52 -7.52 69.54 6.71
CA ALA C 52 -8.93 69.16 6.70
C ALA C 52 -9.69 69.87 5.58
N ALA C 53 -9.49 71.18 5.49
CA ALA C 53 -10.08 71.98 4.42
C ALA C 53 -9.65 71.46 3.06
N GLU C 54 -8.39 71.01 2.99
CA GLU C 54 -7.83 70.45 1.77
C GLU C 54 -8.58 69.20 1.31
N PHE C 55 -9.23 68.52 2.25
CA PHE C 55 -10.01 67.34 1.93
C PHE C 55 -11.51 67.61 2.03
N GLY C 56 -11.86 68.90 2.13
CA GLY C 56 -13.26 69.29 2.13
C GLY C 56 -13.96 69.08 3.46
N SER C 57 -13.20 69.16 4.56
CA SER C 57 -13.76 68.94 5.88
C SER C 57 -13.51 70.13 6.81
N GLU C 58 -14.45 70.36 7.73
CA GLU C 58 -14.30 71.39 8.74
C GLU C 58 -14.20 70.76 10.13
N LEU C 59 -14.14 69.43 10.15
CA LEU C 59 -14.18 68.68 11.39
C LEU C 59 -12.79 68.28 11.89
N VAL C 60 -12.26 69.06 12.82
CA VAL C 60 -11.01 68.74 13.49
C VAL C 60 -11.20 68.78 15.00
N PHE C 61 -10.65 67.80 15.69
CA PHE C 61 -10.80 67.69 17.14
C PHE C 61 -9.47 67.35 17.79
N PRO C 62 -9.19 67.99 18.94
CA PRO C 62 -7.97 67.67 19.68
C PRO C 62 -8.08 66.31 20.36
N CYS C 63 -7.02 65.51 20.29
CA CYS C 63 -7.03 64.23 20.99
C CYS C 63 -5.62 63.69 21.23
N ASP C 64 -5.10 63.96 22.42
CA ASP C 64 -3.88 63.33 22.89
C ASP C 64 -4.30 62.03 23.55
N VAL C 65 -4.01 60.91 22.90
CA VAL C 65 -4.51 59.61 23.35
C VAL C 65 -3.98 59.20 24.71
N ALA C 66 -3.05 59.99 25.26
CA ALA C 66 -2.55 59.75 26.61
C ALA C 66 -3.59 60.16 27.65
N ASP C 67 -4.52 61.00 27.24
CA ASP C 67 -5.52 61.57 28.13
C ASP C 67 -6.90 60.97 27.88
N ASP C 68 -7.41 60.24 28.87
CA ASP C 68 -8.75 59.66 28.79
C ASP C 68 -9.80 60.72 28.50
N ALA C 69 -9.61 61.89 29.09
CA ALA C 69 -10.52 63.02 28.94
C ALA C 69 -10.70 63.41 27.47
N GLN C 70 -9.58 63.65 26.79
CA GLN C 70 -9.62 64.07 25.40
C GLN C 70 -10.24 63.00 24.51
N ILE C 71 -10.05 61.74 24.88
CA ILE C 71 -10.59 60.62 24.12
C ILE C 71 -12.10 60.56 24.20
N ASP C 72 -12.65 60.67 25.41
CA ASP C 72 -14.09 60.69 25.59
C ASP C 72 -14.70 61.94 24.96
N ALA C 73 -13.98 63.06 25.07
CA ALA C 73 -14.45 64.32 24.53
C ALA C 73 -14.46 64.30 23.01
N LEU C 74 -13.52 63.56 22.42
CA LEU C 74 -13.40 63.45 20.97
C LEU C 74 -14.70 62.96 20.33
N PHE C 75 -15.25 61.89 20.85
CA PHE C 75 -16.45 61.27 20.26
C PHE C 75 -17.73 61.94 20.71
N ALA C 76 -17.69 62.63 21.85
CA ALA C 76 -18.80 63.45 22.27
C ALA C 76 -18.96 64.61 21.28
N SER C 77 -17.83 65.20 20.90
CA SER C 77 -17.82 66.31 19.95
C SER C 77 -18.17 65.85 18.53
N LEU C 78 -17.60 64.73 18.11
CA LEU C 78 -17.90 64.18 16.79
C LEU C 78 -19.38 63.86 16.66
N LYS C 79 -19.98 63.44 17.76
CA LYS C 79 -21.39 63.06 17.77
C LYS C 79 -22.33 64.23 17.48
N THR C 80 -21.85 65.46 17.69
CA THR C 80 -22.67 66.63 17.42
C THR C 80 -22.71 66.96 15.93
N HIS C 81 -21.81 66.34 15.18
CA HIS C 81 -21.76 66.53 13.73
C HIS C 81 -22.22 65.26 13.02
N TRP C 82 -21.75 64.12 13.52
CA TRP C 82 -22.12 62.81 12.98
C TRP C 82 -22.82 61.99 14.06
N ASP C 83 -23.89 61.31 13.70
CA ASP C 83 -24.55 60.41 14.64
C ASP C 83 -24.14 58.97 14.37
N SER C 84 -23.29 58.79 13.36
CA SER C 84 -22.87 57.48 12.93
C SER C 84 -21.45 57.52 12.39
N LEU C 85 -20.57 56.69 12.95
CA LEU C 85 -19.19 56.62 12.49
C LEU C 85 -18.93 55.33 11.72
N ASP C 86 -18.41 55.46 10.49
CA ASP C 86 -18.25 54.31 9.60
C ASP C 86 -16.82 53.78 9.58
N GLY C 87 -15.86 54.65 9.90
CA GLY C 87 -14.46 54.27 9.81
C GLY C 87 -13.59 55.00 10.82
N LEU C 88 -12.60 54.29 11.34
CA LEU C 88 -11.67 54.88 12.29
C LEU C 88 -10.25 54.47 11.90
N VAL C 89 -9.40 55.46 11.65
CA VAL C 89 -8.03 55.18 11.26
C VAL C 89 -7.07 55.55 12.38
N HIS C 90 -6.46 54.53 12.98
CA HIS C 90 -5.50 54.70 14.05
C HIS C 90 -4.11 54.71 13.44
N SER C 91 -3.56 55.91 13.28
CA SER C 91 -2.24 56.06 12.68
C SER C 91 -1.37 56.81 13.68
N ILE C 92 -1.20 56.19 14.84
CA ILE C 92 -0.56 56.83 15.99
C ILE C 92 0.52 55.94 16.59
N GLY C 93 1.64 56.53 16.95
CA GLY C 93 2.72 55.79 17.58
C GLY C 93 3.70 56.71 18.28
N PHE C 94 4.26 56.25 19.39
CA PHE C 94 5.29 57.01 20.08
C PHE C 94 6.06 56.19 21.10
N ALA C 95 7.35 56.48 21.18
CA ALA C 95 8.22 55.95 22.23
C ALA C 95 9.32 56.96 22.46
N PRO C 96 9.79 57.06 23.73
CA PRO C 96 10.97 57.90 24.01
C PRO C 96 12.12 57.51 23.10
N ARG C 97 12.86 58.49 22.60
CA ARG C 97 13.80 58.26 21.50
C ARG C 97 14.94 57.29 21.83
N GLU C 98 15.35 57.22 23.09
CA GLU C 98 16.44 56.31 23.45
C GLU C 98 15.95 54.86 23.46
N ALA C 99 14.63 54.67 23.49
CA ALA C 99 14.04 53.34 23.50
C ALA C 99 13.98 52.73 22.10
N ILE C 100 14.31 53.54 21.10
CA ILE C 100 14.35 53.07 19.72
C ILE C 100 15.69 53.43 19.09
N ALA C 101 16.73 53.43 19.91
CA ALA C 101 18.08 53.74 19.47
C ALA C 101 19.09 52.76 20.06
N GLY C 102 20.01 52.29 19.21
CA GLY C 102 21.04 51.37 19.65
C GLY C 102 20.49 50.08 20.22
N ASP C 103 21.00 49.70 21.39
CA ASP C 103 20.69 48.41 21.99
C ASP C 103 19.33 48.40 22.68
N PHE C 104 18.61 47.28 22.53
CA PHE C 104 17.29 47.11 23.11
C PHE C 104 17.29 47.33 24.62
N LEU C 105 18.22 46.69 25.33
CA LEU C 105 18.27 46.79 26.78
C LEU C 105 18.71 48.16 27.26
N ASP C 106 19.61 48.79 26.53
CA ASP C 106 20.07 50.11 26.91
C ASP C 106 18.90 51.07 27.01
N GLY C 107 17.96 51.00 26.08
CA GLY C 107 16.87 51.95 26.05
C GLY C 107 15.67 51.52 26.85
N LEU C 108 15.79 50.37 27.51
CA LEU C 108 14.67 49.83 28.27
C LEU C 108 14.58 50.39 29.68
N THR C 109 13.47 51.06 29.95
CA THR C 109 13.14 51.49 31.31
C THR C 109 11.65 51.27 31.48
N ARG C 110 11.21 51.07 32.72
CA ARG C 110 9.79 50.83 32.99
C ARG C 110 8.93 51.96 32.42
N GLU C 111 9.46 53.19 32.49
CA GLU C 111 8.73 54.35 32.00
C GLU C 111 8.66 54.37 30.48
N ASN C 112 9.80 54.14 29.83
CA ASN C 112 9.83 54.05 28.37
C ASN C 112 8.90 52.94 27.87
N PHE C 113 8.90 51.82 28.57
CA PHE C 113 8.02 50.71 28.23
C PHE C 113 6.57 51.13 28.32
N ARG C 114 6.20 51.73 29.45
CA ARG C 114 4.82 52.13 29.71
C ARG C 114 4.33 53.10 28.65
N ILE C 115 5.13 54.12 28.37
CA ILE C 115 4.78 55.15 27.40
C ILE C 115 4.54 54.58 26.01
N ALA C 116 5.50 53.79 25.53
CA ALA C 116 5.43 53.19 24.20
C ALA C 116 4.15 52.38 24.02
N HIS C 117 3.83 51.55 25.01
CA HIS C 117 2.65 50.72 24.95
C HIS C 117 1.36 51.52 25.18
N ASP C 118 1.45 52.53 26.04
CA ASP C 118 0.32 53.41 26.30
C ASP C 118 -0.16 54.09 25.02
N ILE C 119 0.77 54.71 24.32
CA ILE C 119 0.45 55.52 23.15
C ILE C 119 0.30 54.71 21.87
N SER C 120 1.11 53.67 21.71
CA SER C 120 1.17 52.93 20.45
C SER C 120 0.23 51.72 20.40
N ALA C 121 -0.08 51.17 21.57
CA ALA C 121 -0.89 49.96 21.62
C ALA C 121 -2.26 50.19 22.25
N TYR C 122 -2.28 50.60 23.52
CA TYR C 122 -3.52 50.78 24.25
C TYR C 122 -4.50 51.73 23.56
N SER C 123 -3.96 52.78 22.95
CA SER C 123 -4.77 53.84 22.35
C SER C 123 -5.76 53.32 21.30
N PHE C 124 -5.38 52.26 20.59
CA PHE C 124 -6.25 51.74 19.55
C PHE C 124 -7.56 51.18 20.11
N PRO C 125 -7.47 50.15 20.97
CA PRO C 125 -8.71 49.62 21.55
C PRO C 125 -9.41 50.65 22.44
N ALA C 126 -8.64 51.60 22.98
CA ALA C 126 -9.22 52.67 23.78
C ALA C 126 -10.15 53.53 22.94
N LEU C 127 -9.65 54.00 21.80
CA LEU C 127 -10.46 54.78 20.86
C LEU C 127 -11.66 53.98 20.38
N ALA C 128 -11.45 52.69 20.14
CA ALA C 128 -12.52 51.80 19.72
C ALA C 128 -13.64 51.77 20.75
N LYS C 129 -13.28 51.55 22.01
CA LYS C 129 -14.26 51.49 23.09
C LYS C 129 -15.05 52.79 23.20
N ALA C 130 -14.36 53.91 23.03
CA ALA C 130 -14.97 55.22 23.15
C ALA C 130 -15.91 55.50 21.98
N ALA C 131 -15.60 54.91 20.83
CA ALA C 131 -16.37 55.15 19.61
C ALA C 131 -17.54 54.18 19.46
N LEU C 132 -17.48 53.08 20.19
CA LEU C 132 -18.46 51.98 20.07
C LEU C 132 -19.91 52.44 19.99
N PRO C 133 -20.34 53.32 20.90
CA PRO C 133 -21.73 53.77 20.93
C PRO C 133 -22.21 54.38 19.62
N MET C 134 -21.33 55.04 18.88
CA MET C 134 -21.73 55.71 17.64
C MET C 134 -21.20 55.02 16.38
N LEU C 135 -20.72 53.78 16.53
CA LEU C 135 -20.22 53.03 15.39
C LEU C 135 -21.36 52.41 14.59
N SER C 136 -21.28 52.53 13.26
CA SER C 136 -22.23 51.86 12.39
C SER C 136 -22.00 50.36 12.45
N ASP C 137 -22.95 49.59 11.94
CA ASP C 137 -22.91 48.13 12.02
C ASP C 137 -21.96 47.51 11.00
N ASP C 138 -21.60 48.28 9.98
CA ASP C 138 -20.63 47.82 9.00
C ASP C 138 -19.37 48.65 9.11
N ALA C 139 -19.14 49.20 10.30
CA ALA C 139 -17.97 50.02 10.55
C ALA C 139 -16.68 49.24 10.39
N SER C 140 -15.60 49.95 10.09
CA SER C 140 -14.30 49.32 9.91
C SER C 140 -13.22 50.10 10.65
N LEU C 141 -12.45 49.40 11.49
CA LEU C 141 -11.36 50.05 12.21
C LEU C 141 -10.01 49.59 11.68
N LEU C 142 -9.11 50.55 11.50
CA LEU C 142 -7.82 50.29 10.88
C LEU C 142 -6.69 50.89 11.69
N THR C 143 -5.62 50.11 11.87
CA THR C 143 -4.43 50.60 12.54
C THR C 143 -3.18 50.29 11.72
N LEU C 144 -2.06 50.90 12.09
CA LEU C 144 -0.81 50.72 11.36
C LEU C 144 0.22 50.00 12.23
N SER C 145 0.79 48.93 11.70
CA SER C 145 1.82 48.18 12.41
C SER C 145 3.06 48.04 11.54
N TYR C 146 4.04 47.30 12.04
CA TYR C 146 5.31 47.16 11.33
C TYR C 146 5.91 45.79 11.56
N LEU C 147 6.73 45.34 10.60
CA LEU C 147 7.35 44.02 10.65
C LEU C 147 8.10 43.77 11.95
N GLY C 148 8.52 44.85 12.61
CA GLY C 148 9.24 44.77 13.86
C GLY C 148 8.50 44.09 15.00
N ALA C 149 7.19 43.97 14.84
CA ALA C 149 6.36 43.28 15.83
C ALA C 149 6.59 41.77 15.77
N GLU C 150 6.87 41.27 14.57
CA GLU C 150 6.95 39.83 14.35
C GLU C 150 8.39 39.33 14.29
N ARG C 151 9.31 40.20 13.87
CA ARG C 151 10.73 39.86 13.87
C ARG C 151 11.57 41.01 14.42
N ALA C 152 12.72 40.67 15.00
CA ALA C 152 13.59 41.66 15.62
C ALA C 152 14.31 42.51 14.58
N ILE C 153 14.01 43.80 14.57
CA ILE C 153 14.63 44.72 13.64
C ILE C 153 15.48 45.73 14.39
N PRO C 154 16.72 45.93 13.94
CA PRO C 154 17.69 46.82 14.59
C PRO C 154 17.10 48.19 14.90
N ASN C 155 17.26 48.62 16.15
CA ASN C 155 16.83 49.95 16.60
C ASN C 155 15.33 50.06 16.89
N TYR C 156 14.52 49.19 16.32
CA TYR C 156 13.07 49.28 16.55
C TYR C 156 12.74 48.99 18.01
N ASN C 157 13.49 48.07 18.59
CA ASN C 157 13.49 47.80 20.04
C ASN C 157 12.11 47.81 20.70
N THR C 158 11.93 48.70 21.67
CA THR C 158 10.72 48.74 22.48
C THR C 158 9.47 48.91 21.63
N MET C 159 9.61 49.59 20.50
CA MET C 159 8.49 49.81 19.59
C MET C 159 7.96 48.48 19.05
N GLY C 160 8.87 47.53 18.87
CA GLY C 160 8.51 46.19 18.42
C GLY C 160 7.55 45.50 19.36
N LEU C 161 7.83 45.60 20.67
CA LEU C 161 6.97 45.01 21.69
C LEU C 161 5.57 45.61 21.65
N ALA C 162 5.51 46.93 21.56
CA ALA C 162 4.24 47.64 21.50
C ALA C 162 3.43 47.24 20.28
N LYS C 163 4.08 47.14 19.13
CA LYS C 163 3.41 46.75 17.90
C LYS C 163 2.86 45.34 17.97
N ALA C 164 3.58 44.46 18.64
CA ALA C 164 3.13 43.09 18.85
C ALA C 164 1.82 43.09 19.65
N ALA C 165 1.78 43.92 20.68
CA ALA C 165 0.58 44.06 21.49
C ALA C 165 -0.55 44.66 20.65
N LEU C 166 -0.19 45.66 19.84
CA LEU C 166 -1.13 46.31 18.94
C LEU C 166 -1.82 45.32 18.01
N GLU C 167 -1.01 44.44 17.41
CA GLU C 167 -1.53 43.45 16.47
C GLU C 167 -2.42 42.44 17.19
N ALA C 168 -2.08 42.15 18.45
CA ALA C 168 -2.90 41.25 19.26
C ALA C 168 -4.25 41.89 19.58
N SER C 169 -4.25 43.20 19.78
CA SER C 169 -5.48 43.93 20.10
C SER C 169 -6.42 43.96 18.90
N VAL C 170 -5.83 43.98 17.70
CA VAL C 170 -6.60 43.89 16.47
C VAL C 170 -7.47 42.64 16.49
N ARG C 171 -6.89 41.52 16.93
CA ARG C 171 -7.61 40.26 16.97
C ARG C 171 -8.69 40.23 18.06
N TYR C 172 -8.33 40.62 19.27
CA TYR C 172 -9.32 40.64 20.35
C TYR C 172 -10.41 41.68 20.09
N LEU C 173 -10.04 42.81 19.50
CA LEU C 173 -11.03 43.80 19.06
C LEU C 173 -11.99 43.20 18.05
N ALA C 174 -11.43 42.46 17.09
CA ALA C 174 -12.21 41.84 16.03
C ALA C 174 -13.29 40.92 16.60
N VAL C 175 -12.94 40.21 17.66
CA VAL C 175 -13.88 39.29 18.31
C VAL C 175 -14.96 40.07 19.07
N SER C 176 -14.54 41.10 19.80
CA SER C 176 -15.45 41.88 20.63
C SER C 176 -16.47 42.66 19.78
N LEU C 177 -16.00 43.29 18.72
CA LEU C 177 -16.86 44.14 17.89
C LEU C 177 -17.47 43.38 16.72
N GLY C 178 -17.03 42.14 16.52
CA GLY C 178 -17.45 41.36 15.37
C GLY C 178 -18.93 41.01 15.39
N ALA C 179 -19.45 40.71 16.58
CA ALA C 179 -20.86 40.40 16.74
C ALA C 179 -21.74 41.50 16.16
N LYS C 180 -21.42 42.74 16.50
CA LYS C 180 -22.14 43.91 16.02
C LYS C 180 -22.01 44.07 14.50
N GLY C 181 -20.93 43.56 13.93
CA GLY C 181 -20.70 43.64 12.50
C GLY C 181 -19.54 44.52 12.13
N VAL C 182 -18.82 45.00 13.14
CA VAL C 182 -17.67 45.86 12.93
C VAL C 182 -16.42 45.04 12.63
N ARG C 183 -15.62 45.52 11.68
CA ARG C 183 -14.39 44.83 11.30
C ARG C 183 -13.16 45.58 11.83
N VAL C 184 -12.16 44.83 12.24
CA VAL C 184 -10.93 45.41 12.76
C VAL C 184 -9.72 44.83 12.05
N ASN C 185 -8.91 45.71 11.46
CA ASN C 185 -7.74 45.27 10.73
C ASN C 185 -6.53 46.18 10.93
N ALA C 186 -5.37 45.67 10.54
CA ALA C 186 -4.15 46.46 10.55
C ALA C 186 -3.42 46.30 9.22
N ILE C 187 -2.69 47.34 8.83
CA ILE C 187 -1.76 47.24 7.72
C ILE C 187 -0.34 47.25 8.26
N SER C 188 0.43 46.22 7.96
CA SER C 188 1.85 46.20 8.28
C SER C 188 2.60 46.86 7.15
N ALA C 189 2.86 48.16 7.30
CA ALA C 189 3.44 48.95 6.22
C ALA C 189 4.97 48.82 6.17
N GLY C 190 5.51 48.84 4.96
CA GLY C 190 6.94 48.89 4.77
C GLY C 190 7.46 50.25 5.19
N PRO C 191 8.79 50.40 5.23
CA PRO C 191 9.39 51.67 5.65
C PRO C 191 9.04 52.82 4.73
N ILE C 192 8.64 53.95 5.31
CA ILE C 192 8.29 55.15 4.56
C ILE C 192 8.89 56.37 5.25
N LYS C 193 9.58 57.21 4.48
CA LYS C 193 10.23 58.38 5.04
C LYS C 193 9.22 59.40 5.54
N THR C 194 8.88 59.28 6.83
CA THR C 194 7.94 60.21 7.47
C THR C 194 8.65 60.93 8.61
N LEU C 195 7.92 61.82 9.28
CA LEU C 195 8.48 62.55 10.42
C LEU C 195 8.98 61.61 11.51
N ALA C 196 8.11 60.70 11.98
CA ALA C 196 8.48 59.73 13.01
C ALA C 196 9.65 58.85 12.61
N ALA C 197 9.71 58.50 11.33
CA ALA C 197 10.75 57.62 10.81
C ALA C 197 12.14 58.20 11.08
N SER C 198 12.20 59.52 11.21
CA SER C 198 13.46 60.22 11.45
C SER C 198 14.07 59.84 12.79
N GLY C 199 13.23 59.40 13.73
CA GLY C 199 13.69 59.06 15.05
C GLY C 199 14.30 57.67 15.17
N ILE C 200 14.12 56.86 14.12
CA ILE C 200 14.69 55.53 14.06
C ILE C 200 16.11 55.60 13.50
N LYS C 201 17.08 55.16 14.30
CA LYS C 201 18.48 55.23 13.92
C LYS C 201 18.76 54.48 12.63
N SER C 202 19.53 55.11 11.74
CA SER C 202 19.88 54.51 10.45
C SER C 202 18.66 54.02 9.69
N PHE C 203 17.66 54.90 9.58
CA PHE C 203 16.44 54.57 8.85
C PHE C 203 16.74 54.45 7.36
N GLY C 204 17.73 55.20 6.90
CA GLY C 204 18.16 55.17 5.52
C GLY C 204 18.69 53.82 5.09
N LYS C 205 19.38 53.15 6.01
CA LYS C 205 19.90 51.82 5.74
C LYS C 205 18.75 50.85 5.48
N ILE C 206 17.68 51.02 6.23
CA ILE C 206 16.48 50.19 6.10
C ILE C 206 15.78 50.39 4.76
N LEU C 207 15.65 51.65 4.34
CA LEU C 207 15.04 51.96 3.05
C LEU C 207 15.82 51.33 1.90
N ASP C 208 17.15 51.49 1.94
CA ASP C 208 18.02 50.94 0.90
C ASP C 208 17.90 49.43 0.84
N PHE C 209 17.86 48.80 2.01
CA PHE C 209 17.82 47.35 2.09
C PHE C 209 16.52 46.79 1.55
N VAL C 210 15.41 47.43 1.89
CA VAL C 210 14.10 46.99 1.43
C VAL C 210 13.96 47.17 -0.07
N GLU C 211 14.43 48.30 -0.57
CA GLU C 211 14.42 48.57 -2.00
C GLU C 211 15.23 47.53 -2.78
N SER C 212 16.31 47.07 -2.16
CA SER C 212 17.21 46.11 -2.80
C SER C 212 16.71 44.67 -2.73
N ASN C 213 16.03 44.33 -1.65
CA ASN C 213 15.70 42.92 -1.38
C ASN C 213 14.22 42.56 -1.49
N SER C 214 13.34 43.54 -1.46
CA SER C 214 11.92 43.25 -1.63
C SER C 214 11.70 42.63 -3.00
N PRO C 215 10.72 41.71 -3.10
CA PRO C 215 10.43 41.06 -4.38
C PRO C 215 10.17 42.08 -5.50
N LEU C 216 9.49 43.16 -5.16
CA LEU C 216 9.20 44.20 -6.14
C LEU C 216 10.37 45.18 -6.33
N LYS C 217 11.44 44.98 -5.56
CA LYS C 217 12.64 45.81 -5.69
C LYS C 217 12.33 47.30 -5.62
N ARG C 218 11.43 47.68 -4.72
CA ARG C 218 11.03 49.08 -4.59
C ARG C 218 10.36 49.32 -3.25
N ASN C 219 10.52 50.52 -2.72
CA ASN C 219 9.83 50.88 -1.48
C ASN C 219 8.38 51.23 -1.77
N VAL C 220 7.55 51.24 -0.72
CA VAL C 220 6.15 51.56 -0.88
C VAL C 220 5.87 53.04 -0.63
N THR C 221 4.70 53.49 -1.06
CA THR C 221 4.32 54.89 -0.91
C THR C 221 3.08 55.01 -0.02
N ILE C 222 2.83 56.21 0.49
CA ILE C 222 1.64 56.45 1.29
C ILE C 222 0.39 56.34 0.43
N GLU C 223 0.58 56.38 -0.90
CA GLU C 223 -0.52 56.18 -1.83
C GLU C 223 -0.89 54.70 -1.90
N GLN C 224 0.12 53.83 -1.92
CA GLN C 224 -0.11 52.39 -1.95
C GLN C 224 -0.69 51.91 -0.63
N VAL C 225 -0.17 52.43 0.47
CA VAL C 225 -0.71 52.12 1.79
C VAL C 225 -2.09 52.76 1.93
N GLY C 226 -2.22 53.96 1.39
CA GLY C 226 -3.50 54.66 1.38
C GLY C 226 -4.59 53.87 0.71
N ASN C 227 -4.30 53.36 -0.48
CA ASN C 227 -5.26 52.55 -1.23
C ASN C 227 -5.64 51.27 -0.48
N ALA C 228 -4.64 50.58 0.05
CA ALA C 228 -4.89 49.38 0.83
C ALA C 228 -5.81 49.68 2.01
N GLY C 229 -5.55 50.81 2.68
CA GLY C 229 -6.38 51.25 3.79
C GLY C 229 -7.81 51.53 3.39
N ALA C 230 -7.99 52.24 2.28
CA ALA C 230 -9.33 52.55 1.78
C ALA C 230 -10.10 51.28 1.50
N PHE C 231 -9.43 50.30 0.91
CA PHE C 231 -10.02 48.99 0.65
C PHE C 231 -10.52 48.35 1.95
N LEU C 232 -9.65 48.27 2.95
CA LEU C 232 -10.01 47.64 4.21
C LEU C 232 -11.13 48.39 4.93
N LEU C 233 -11.24 49.68 4.67
CA LEU C 233 -12.29 50.50 5.29
C LEU C 233 -13.61 50.38 4.54
N SER C 234 -13.57 49.79 3.34
CA SER C 234 -14.75 49.73 2.48
C SER C 234 -15.48 48.40 2.58
N ASP C 235 -16.69 48.35 2.02
CA ASP C 235 -17.49 47.14 2.01
C ASP C 235 -16.88 46.08 1.10
N LEU C 236 -15.94 46.50 0.25
CA LEU C 236 -15.21 45.58 -0.60
C LEU C 236 -14.47 44.56 0.25
N ALA C 237 -14.20 44.92 1.50
CA ALA C 237 -13.46 44.06 2.41
C ALA C 237 -14.33 43.54 3.55
N SER C 238 -15.63 43.38 3.28
CA SER C 238 -16.58 42.96 4.31
C SER C 238 -16.30 41.54 4.81
N GLY C 239 -15.50 40.80 4.06
CA GLY C 239 -15.12 39.45 4.46
C GLY C 239 -13.81 39.43 5.23
N VAL C 240 -13.22 40.60 5.42
CA VAL C 240 -11.90 40.70 6.04
C VAL C 240 -11.93 41.35 7.42
N THR C 241 -11.44 40.63 8.43
CA THR C 241 -11.31 41.17 9.78
C THR C 241 -10.24 40.42 10.56
N ALA C 242 -9.70 41.06 11.59
CA ALA C 242 -8.64 40.46 12.41
C ALA C 242 -7.42 40.14 11.56
N GLU C 243 -7.22 40.89 10.48
CA GLU C 243 -6.15 40.66 9.53
C GLU C 243 -5.03 41.69 9.67
N VAL C 244 -3.79 41.24 9.64
CA VAL C 244 -2.65 42.15 9.52
C VAL C 244 -2.08 42.05 8.11
N MET C 245 -2.44 43.02 7.27
CA MET C 245 -2.09 42.99 5.85
C MET C 245 -0.76 43.70 5.57
N HIS C 246 0.18 42.97 5.00
CA HIS C 246 1.47 43.54 4.63
C HIS C 246 1.37 44.36 3.35
N VAL C 247 1.71 45.64 3.46
CA VAL C 247 1.88 46.47 2.29
C VAL C 247 3.32 46.97 2.28
N ASP C 248 4.21 46.14 1.73
CA ASP C 248 5.65 46.35 1.87
C ASP C 248 6.42 45.82 0.68
N SER C 249 5.76 45.76 -0.47
CA SER C 249 6.37 45.22 -1.68
C SER C 249 6.82 43.77 -1.47
N GLY C 250 6.25 43.12 -0.47
CA GLY C 250 6.52 41.71 -0.23
C GLY C 250 7.74 41.43 0.61
N PHE C 251 8.36 42.47 1.16
CA PHE C 251 9.61 42.33 1.90
C PHE C 251 9.55 41.29 3.03
N ASN C 252 8.44 41.24 3.76
CA ASN C 252 8.30 40.32 4.89
C ASN C 252 8.48 38.86 4.50
N ALA C 253 8.17 38.54 3.24
CA ALA C 253 8.12 37.15 2.79
C ALA C 253 9.46 36.60 2.31
N VAL C 254 10.49 37.43 2.32
CA VAL C 254 11.81 36.99 1.86
C VAL C 254 12.86 37.02 2.96
N VAL C 255 14.01 36.42 2.68
CA VAL C 255 15.19 36.62 3.52
C VAL C 255 16.20 37.46 2.74
N GLY C 256 16.44 38.68 3.22
CA GLY C 256 17.34 39.59 2.54
C GLY C 256 18.80 39.31 2.84
N GLY D 2 22.85 14.71 35.46
CA GLY D 2 21.91 15.20 34.48
C GLY D 2 22.51 16.25 33.57
N PHE D 3 21.74 16.69 32.57
CA PHE D 3 22.26 17.65 31.61
C PHE D 3 22.24 19.09 32.12
N LEU D 4 22.01 19.26 33.42
CA LEU D 4 22.10 20.59 34.03
C LEU D 4 23.11 20.63 35.18
N ASP D 5 23.94 19.59 35.29
CA ASP D 5 24.99 19.53 36.32
C ASP D 5 25.82 20.81 36.37
N GLY D 6 25.83 21.45 37.55
CA GLY D 6 26.66 22.61 37.78
C GLY D 6 26.05 23.93 37.33
N LYS D 7 24.82 23.88 36.84
CA LYS D 7 24.12 25.09 36.42
C LYS D 7 23.39 25.75 37.59
N ARG D 8 23.57 27.05 37.72
CA ARG D 8 22.90 27.84 38.76
C ARG D 8 21.69 28.57 38.17
N ILE D 9 20.50 28.23 38.66
CA ILE D 9 19.27 28.74 38.06
C ILE D 9 18.37 29.44 39.07
N LEU D 10 17.95 30.65 38.72
CA LEU D 10 17.00 31.41 39.53
C LEU D 10 15.59 31.26 38.98
N LEU D 11 14.66 30.85 39.82
CA LEU D 11 13.27 30.68 39.41
C LEU D 11 12.30 31.64 40.09
N THR D 12 11.50 32.33 39.29
CA THR D 12 10.41 33.15 39.80
C THR D 12 9.09 32.40 39.65
N GLY D 13 8.06 32.89 40.32
CA GLY D 13 6.70 32.41 40.09
C GLY D 13 6.30 31.12 40.80
N LEU D 14 7.18 30.57 41.61
CA LEU D 14 6.81 29.37 42.36
C LEU D 14 5.91 29.75 43.54
N LEU D 15 4.62 29.45 43.41
CA LEU D 15 3.64 29.87 44.40
C LEU D 15 3.04 28.67 45.14
N SER D 16 2.73 27.61 44.40
CA SER D 16 2.22 26.38 44.98
C SER D 16 2.81 25.18 44.27
N ASN D 17 2.56 23.97 44.78
CA ASN D 17 3.08 22.74 44.17
C ASN D 17 2.38 22.42 42.86
N ARG D 18 1.49 23.33 42.48
CA ARG D 18 0.72 23.26 41.23
C ARG D 18 1.20 24.28 40.21
N SER D 19 2.10 25.16 40.63
CA SER D 19 2.71 26.15 39.78
C SER D 19 3.56 25.56 38.67
N ILE D 20 3.59 26.23 37.52
CA ILE D 20 4.47 25.84 36.42
C ILE D 20 5.93 25.91 36.84
N ALA D 21 6.28 26.96 37.57
CA ALA D 21 7.64 27.12 38.06
C ALA D 21 8.06 25.94 38.92
N TYR D 22 7.10 25.38 39.65
CA TYR D 22 7.37 24.22 40.50
C TYR D 22 7.75 23.02 39.64
N GLY D 23 7.03 22.83 38.54
CA GLY D 23 7.32 21.76 37.60
C GLY D 23 8.71 21.91 37.02
N ILE D 24 9.04 23.13 36.62
CA ILE D 24 10.36 23.44 36.08
C ILE D 24 11.45 23.24 37.12
N ALA D 25 11.17 23.66 38.35
CA ALA D 25 12.14 23.52 39.45
C ALA D 25 12.47 22.05 39.68
N LYS D 26 11.44 21.22 39.74
CA LYS D 26 11.62 19.78 39.96
C LYS D 26 12.49 19.16 38.86
N ALA D 27 12.21 19.52 37.61
CA ALA D 27 12.95 18.97 36.47
C ALA D 27 14.41 19.41 36.46
N CYS D 28 14.66 20.66 36.80
CA CYS D 28 16.01 21.20 36.81
C CYS D 28 16.84 20.56 37.91
N LYS D 29 16.25 20.43 39.10
CA LYS D 29 16.94 19.78 40.21
C LYS D 29 17.31 18.36 39.84
N ARG D 30 16.35 17.63 39.26
CA ARG D 30 16.57 16.26 38.82
C ARG D 30 17.74 16.16 37.85
N GLU D 31 17.90 17.16 37.00
CA GLU D 31 18.99 17.18 36.03
C GLU D 31 20.26 17.84 36.59
N GLY D 32 20.23 18.18 37.87
CA GLY D 32 21.44 18.53 38.59
C GLY D 32 21.78 20.00 38.80
N ALA D 33 20.79 20.88 38.74
CA ALA D 33 21.04 22.30 38.92
C ALA D 33 21.00 22.74 40.39
N GLU D 34 21.65 23.87 40.67
CA GLU D 34 21.50 24.53 41.96
C GLU D 34 20.45 25.62 41.80
N LEU D 35 19.45 25.63 42.67
CA LEU D 35 18.32 26.53 42.48
C LEU D 35 18.27 27.69 43.48
N ALA D 36 17.70 28.79 43.02
CA ALA D 36 17.38 29.94 43.87
C ALA D 36 15.97 30.38 43.51
N PHE D 37 15.25 30.93 44.47
CA PHE D 37 13.84 31.24 44.27
C PHE D 37 13.49 32.66 44.70
N THR D 38 12.43 33.20 44.11
CA THR D 38 11.92 34.49 44.52
C THR D 38 10.48 34.33 45.01
N TYR D 39 10.04 35.25 45.86
CA TYR D 39 8.68 35.25 46.36
C TYR D 39 8.16 36.68 46.38
N VAL D 40 6.84 36.83 46.41
CA VAL D 40 6.24 38.16 46.47
C VAL D 40 5.52 38.38 47.79
N GLY D 41 5.85 39.46 48.47
CA GLY D 41 5.19 39.82 49.72
C GLY D 41 5.87 39.20 50.92
N ASP D 42 6.05 40.01 51.96
CA ASP D 42 6.68 39.59 53.21
C ASP D 42 6.14 38.26 53.73
N ARG D 43 4.86 38.00 53.46
CA ARG D 43 4.15 36.85 54.04
C ARG D 43 4.59 35.50 53.48
N PHE D 44 4.64 35.39 52.16
CA PHE D 44 4.94 34.12 51.50
C PHE D 44 6.35 33.60 51.73
N LYS D 45 7.15 34.35 52.49
CA LYS D 45 8.54 33.97 52.73
C LYS D 45 8.66 32.57 53.32
N ASP D 46 7.75 32.25 54.24
CA ASP D 46 7.75 30.93 54.88
C ASP D 46 7.48 29.82 53.87
N ARG D 47 6.41 29.96 53.11
CA ARG D 47 5.99 28.93 52.16
C ARG D 47 7.06 28.65 51.11
N ILE D 48 7.74 29.70 50.65
CA ILE D 48 8.74 29.56 49.60
C ILE D 48 10.06 28.99 50.14
N THR D 49 10.34 29.26 51.41
CA THR D 49 11.55 28.72 52.03
C THR D 49 11.44 27.21 52.18
N GLU D 50 10.24 26.75 52.50
CA GLU D 50 9.96 25.31 52.56
C GLU D 50 10.21 24.66 51.20
N PHE D 51 9.65 25.27 50.17
CA PHE D 51 9.83 24.82 48.79
C PHE D 51 11.30 24.77 48.39
N ALA D 52 12.01 25.85 48.70
CA ALA D 52 13.44 25.94 48.39
C ALA D 52 14.21 24.81 49.09
N ALA D 53 13.94 24.63 50.39
CA ALA D 53 14.55 23.56 51.15
C ALA D 53 14.23 22.20 50.52
N GLU D 54 13.02 22.10 49.99
CA GLU D 54 12.56 20.88 49.33
C GLU D 54 13.42 20.58 48.10
N PHE D 55 14.03 21.62 47.52
CA PHE D 55 14.89 21.45 46.37
C PHE D 55 16.37 21.63 46.73
N GLY D 56 16.65 21.64 48.03
CA GLY D 56 18.02 21.70 48.51
C GLY D 56 18.65 23.08 48.43
N SER D 57 17.83 24.11 48.54
CA SER D 57 18.32 25.48 48.45
C SER D 57 17.93 26.30 49.67
N GLU D 58 18.81 27.23 50.05
CA GLU D 58 18.54 28.16 51.14
C GLU D 58 18.41 29.58 50.59
N LEU D 59 18.44 29.69 49.26
CA LEU D 59 18.46 30.98 48.59
C LEU D 59 17.08 31.42 48.14
N VAL D 60 16.44 32.26 48.95
CA VAL D 60 15.17 32.88 48.59
C VAL D 60 15.27 34.39 48.74
N PHE D 61 14.72 35.10 47.77
CA PHE D 61 14.80 36.56 47.76
C PHE D 61 13.46 37.16 47.40
N PRO D 62 13.07 38.24 48.09
CA PRO D 62 11.83 38.92 47.74
C PRO D 62 11.97 39.67 46.42
N CYS D 63 10.96 39.58 45.55
CA CYS D 63 10.98 40.32 44.31
C CYS D 63 9.59 40.53 43.73
N ASP D 64 9.01 41.68 44.02
CA ASP D 64 7.79 42.14 43.36
C ASP D 64 8.24 42.91 42.12
N VAL D 65 8.03 42.33 40.95
CA VAL D 65 8.55 42.90 39.71
C VAL D 65 7.97 44.27 39.37
N ALA D 66 7.00 44.72 40.15
CA ALA D 66 6.43 46.05 40.00
C ALA D 66 7.39 47.12 40.52
N ASP D 67 8.30 46.71 41.39
CA ASP D 67 9.21 47.65 42.05
C ASP D 67 10.64 47.51 41.51
N ASP D 68 11.12 48.57 40.87
CA ASP D 68 12.49 48.61 40.38
C ASP D 68 13.49 48.32 41.48
N ALA D 69 13.21 48.82 42.68
CA ALA D 69 14.07 48.63 43.84
C ALA D 69 14.30 47.15 44.13
N GLN D 70 13.21 46.40 44.26
CA GLN D 70 13.30 44.98 44.58
C GLN D 70 14.03 44.19 43.50
N ILE D 71 13.91 44.63 42.26
CA ILE D 71 14.56 43.95 41.14
C ILE D 71 16.07 44.11 41.20
N ASP D 72 16.53 45.34 41.42
CA ASP D 72 17.96 45.61 41.54
C ASP D 72 18.53 44.93 42.79
N ALA D 73 17.75 44.93 43.86
CA ALA D 73 18.17 44.33 45.12
C ALA D 73 18.26 42.82 44.99
N LEU D 74 17.40 42.25 44.16
CA LEU D 74 17.37 40.80 43.94
C LEU D 74 18.73 40.26 43.49
N PHE D 75 19.32 40.89 42.48
CA PHE D 75 20.57 40.40 41.91
C PHE D 75 21.79 40.89 42.66
N ALA D 76 21.65 41.97 43.41
CA ALA D 76 22.70 42.40 44.32
C ALA D 76 22.85 41.36 45.43
N SER D 77 21.71 40.89 45.92
CA SER D 77 21.68 39.88 46.98
C SER D 77 22.15 38.52 46.47
N LEU D 78 21.69 38.13 45.29
CA LEU D 78 22.09 36.87 44.68
C LEU D 78 23.60 36.83 44.44
N LYS D 79 24.16 38.00 44.13
CA LYS D 79 25.59 38.12 43.82
C LYS D 79 26.48 37.78 45.02
N THR D 80 25.92 37.88 46.23
CA THR D 80 26.67 37.57 47.43
C THR D 80 26.76 36.06 47.65
N HIS D 81 25.94 35.31 46.93
CA HIS D 81 25.96 33.84 47.00
C HIS D 81 26.51 33.25 45.72
N TRP D 82 26.09 33.82 44.59
CA TRP D 82 26.57 33.39 43.27
C TRP D 82 27.25 34.56 42.58
N ASP D 83 28.40 34.31 41.96
CA ASP D 83 29.06 35.34 41.17
C ASP D 83 28.75 35.12 39.68
N SER D 84 27.98 34.09 39.41
CA SER D 84 27.65 33.70 38.04
C SER D 84 26.27 33.07 37.97
N LEU D 85 25.39 33.64 37.15
CA LEU D 85 24.05 33.09 36.97
C LEU D 85 23.92 32.42 35.61
N ASP D 86 23.49 31.16 35.62
CA ASP D 86 23.47 30.36 34.40
C ASP D 86 22.07 30.32 33.78
N GLY D 87 21.05 30.53 34.60
CA GLY D 87 19.68 30.41 34.15
C GLY D 87 18.71 31.32 34.89
N LEU D 88 17.71 31.81 34.14
CA LEU D 88 16.67 32.65 34.71
C LEU D 88 15.31 32.19 34.20
N VAL D 89 14.42 31.83 35.13
CA VAL D 89 13.09 31.38 34.75
C VAL D 89 12.03 32.41 35.12
N HIS D 90 11.44 33.02 34.08
CA HIS D 90 10.39 34.00 34.27
C HIS D 90 9.03 33.33 34.16
N SER D 91 8.42 33.06 35.30
CA SER D 91 7.11 32.42 35.35
C SER D 91 6.15 33.32 36.10
N ILE D 92 5.96 34.52 35.57
CA ILE D 92 5.21 35.56 36.26
C ILE D 92 4.16 36.16 35.34
N GLY D 93 2.97 36.40 35.86
CA GLY D 93 1.91 37.02 35.09
C GLY D 93 0.83 37.57 35.99
N PHE D 94 0.24 38.69 35.58
CA PHE D 94 -0.87 39.26 36.31
C PHE D 94 -1.65 40.33 35.53
N ALA D 95 -2.95 40.33 35.74
CA ALA D 95 -3.83 41.38 35.24
C ALA D 95 -5.00 41.49 36.21
N PRO D 96 -5.52 42.71 36.39
CA PRO D 96 -6.75 42.88 37.18
C PRO D 96 -7.83 41.95 36.66
N ARG D 97 -8.60 41.33 37.55
CA ARG D 97 -9.44 40.21 37.19
C ARG D 97 -10.54 40.52 36.18
N GLU D 98 -11.03 41.77 36.15
CA GLU D 98 -12.07 42.13 35.19
C GLU D 98 -11.48 42.26 33.79
N ALA D 99 -10.16 42.33 33.70
CA ALA D 99 -9.48 42.45 32.41
C ALA D 99 -9.33 41.09 31.71
N ILE D 100 -9.65 40.03 32.43
CA ILE D 100 -9.63 38.68 31.86
C ILE D 100 -10.94 37.97 32.12
N ALA D 101 -12.03 38.74 32.12
CA ALA D 101 -13.36 38.21 32.34
C ALA D 101 -14.34 38.82 31.34
N GLY D 102 -15.20 37.98 30.77
CA GLY D 102 -16.18 38.42 29.80
C GLY D 102 -15.58 39.10 28.58
N ASP D 103 -16.13 40.25 28.22
CA ASP D 103 -15.77 40.92 26.98
C ASP D 103 -14.44 41.69 27.11
N PHE D 104 -13.65 41.65 26.04
CA PHE D 104 -12.36 42.33 26.00
C PHE D 104 -12.48 43.82 26.32
N LEU D 105 -13.42 44.50 25.69
CA LEU D 105 -13.58 45.93 25.88
C LEU D 105 -14.14 46.31 27.26
N ASP D 106 -15.04 45.47 27.79
CA ASP D 106 -15.62 45.74 29.10
C ASP D 106 -14.54 45.85 30.18
N GLY D 107 -13.53 45.00 30.08
CA GLY D 107 -12.47 44.96 31.07
C GLY D 107 -11.29 45.86 30.73
N LEU D 108 -11.40 46.57 29.62
CA LEU D 108 -10.29 47.42 29.16
C LEU D 108 -10.32 48.81 29.80
N THR D 109 -9.26 49.12 30.53
CA THR D 109 -9.01 50.46 31.05
C THR D 109 -7.52 50.72 30.93
N ARG D 110 -7.14 51.99 30.83
CA ARG D 110 -5.73 52.33 30.70
C ARG D 110 -4.91 51.72 31.83
N GLU D 111 -5.49 51.70 33.04
CA GLU D 111 -4.80 51.17 34.20
C GLU D 111 -4.65 49.65 34.14
N ASN D 112 -5.75 48.96 33.82
CA ASN D 112 -5.70 47.51 33.65
C ASN D 112 -4.69 47.12 32.59
N PHE D 113 -4.67 47.88 31.51
CA PHE D 113 -3.71 47.67 30.43
C PHE D 113 -2.28 47.80 30.94
N ARG D 114 -2.01 48.92 31.62
CA ARG D 114 -0.66 49.22 32.11
C ARG D 114 -0.15 48.12 33.05
N ILE D 115 -0.99 47.74 34.01
CA ILE D 115 -0.63 46.73 35.00
C ILE D 115 -0.28 45.40 34.36
N ALA D 116 -1.17 44.92 33.49
CA ALA D 116 -1.01 43.64 32.81
C ALA D 116 0.32 43.57 32.06
N HIS D 117 0.63 44.62 31.30
CA HIS D 117 1.87 44.68 30.54
C HIS D 117 3.08 44.93 31.43
N ASP D 118 2.88 45.70 32.50
CA ASP D 118 3.95 45.97 33.45
C ASP D 118 4.47 44.69 34.09
N ILE D 119 3.55 43.88 34.61
CA ILE D 119 3.90 42.68 35.36
C ILE D 119 4.17 41.47 34.47
N SER D 120 3.43 41.36 33.37
CA SER D 120 3.50 40.16 32.54
C SER D 120 4.50 40.25 31.39
N ALA D 121 4.76 41.46 30.92
CA ALA D 121 5.63 41.64 29.76
C ALA D 121 6.96 42.32 30.11
N TYR D 122 6.88 43.56 30.59
CA TYR D 122 8.08 44.33 30.89
C TYR D 122 9.03 43.63 31.85
N SER D 123 8.47 42.95 32.85
CA SER D 123 9.27 42.35 33.91
C SER D 123 10.34 41.40 33.40
N PHE D 124 10.05 40.72 32.28
CA PHE D 124 11.00 39.76 31.74
C PHE D 124 12.29 40.43 31.27
N PRO D 125 12.20 41.34 30.29
CA PRO D 125 13.43 42.03 29.87
C PRO D 125 14.02 42.89 30.98
N ALA D 126 13.17 43.31 31.91
CA ALA D 126 13.63 44.08 33.06
C ALA D 126 14.57 43.24 33.93
N LEU D 127 14.11 42.04 34.28
CA LEU D 127 14.92 41.11 35.05
C LEU D 127 16.21 40.74 34.31
N ALA D 128 16.08 40.57 32.99
CA ALA D 128 17.23 40.27 32.15
C ALA D 128 18.31 41.35 32.25
N LYS D 129 17.89 42.60 32.07
CA LYS D 129 18.81 43.73 32.14
C LYS D 129 19.51 43.81 33.49
N ALA D 130 18.76 43.54 34.56
CA ALA D 130 19.29 43.62 35.91
C ALA D 130 20.27 42.49 36.20
N ALA D 131 20.08 41.35 35.53
CA ALA D 131 20.89 40.17 35.75
C ALA D 131 22.12 40.13 34.85
N LEU D 132 22.11 40.94 33.80
CA LEU D 132 23.14 40.94 32.76
C LEU D 132 24.59 40.90 33.29
N PRO D 133 24.91 41.78 34.25
CA PRO D 133 26.28 41.86 34.79
C PRO D 133 26.83 40.54 35.35
N MET D 134 25.96 39.70 35.91
CA MET D 134 26.39 38.45 36.51
C MET D 134 25.97 37.21 35.72
N LEU D 135 25.54 37.43 34.47
CA LEU D 135 25.16 36.31 33.61
C LEU D 135 26.39 35.64 32.99
N SER D 136 26.43 34.32 33.01
CA SER D 136 27.49 33.58 32.35
C SER D 136 27.34 33.74 30.83
N ASP D 137 28.36 33.34 30.09
CA ASP D 137 28.37 33.53 28.64
C ASP D 137 27.47 32.53 27.91
N ASP D 138 27.14 31.43 28.57
CA ASP D 138 26.26 30.43 27.98
C ASP D 138 24.93 30.37 28.74
N ALA D 139 24.59 31.47 29.39
CA ALA D 139 23.35 31.56 30.17
C ALA D 139 22.13 31.39 29.28
N SER D 140 21.02 30.96 29.88
CA SER D 140 19.78 30.74 29.16
C SER D 140 18.61 31.35 29.93
N LEU D 141 17.83 32.20 29.25
CA LEU D 141 16.66 32.80 29.87
C LEU D 141 15.36 32.23 29.31
N LEU D 142 14.42 31.96 30.22
CA LEU D 142 13.17 31.30 29.84
C LEU D 142 11.96 32.01 30.42
N THR D 143 10.93 32.19 29.59
CA THR D 143 9.67 32.75 30.06
C THR D 143 8.50 31.89 29.60
N LEU D 144 7.33 32.11 30.18
CA LEU D 144 6.13 31.33 29.86
C LEU D 144 5.09 32.19 29.18
N SER D 145 4.61 31.74 28.03
CA SER D 145 3.59 32.46 27.28
C SER D 145 2.41 31.54 26.99
N TYR D 146 1.44 32.04 26.22
CA TYR D 146 0.23 31.27 25.96
C TYR D 146 -0.31 31.56 24.57
N LEU D 147 -1.02 30.58 24.01
CA LEU D 147 -1.57 30.68 22.66
C LEU D 147 -2.40 31.93 22.45
N GLY D 148 -2.92 32.48 23.55
CA GLY D 148 -3.74 33.68 23.50
C GLY D 148 -3.01 34.89 22.95
N ALA D 149 -1.68 34.81 22.90
CA ALA D 149 -0.87 35.88 22.34
C ALA D 149 -0.99 35.92 20.82
N GLU D 150 -1.18 34.74 20.23
CA GLU D 150 -1.17 34.61 18.77
C GLU D 150 -2.58 34.53 18.20
N ARG D 151 -3.53 34.02 18.98
CA ARG D 151 -4.93 33.99 18.56
C ARG D 151 -5.86 34.43 19.68
N ALA D 152 -7.02 34.97 19.32
CA ALA D 152 -7.97 35.49 20.30
C ALA D 152 -8.66 34.35 21.03
N ILE D 153 -8.43 34.25 22.34
CA ILE D 153 -9.03 33.21 23.15
C ILE D 153 -9.99 33.84 24.15
N PRO D 154 -11.22 33.29 24.24
CA PRO D 154 -12.27 33.82 25.11
C PRO D 154 -11.78 34.08 26.53
N ASN D 155 -12.02 35.29 27.02
CA ASN D 155 -11.71 35.69 28.39
C ASN D 155 -10.24 36.05 28.62
N TYR D 156 -9.35 35.59 27.76
CA TYR D 156 -7.93 35.87 27.97
C TYR D 156 -7.68 37.36 27.79
N ASN D 157 -8.40 37.95 26.83
CA ASN D 157 -8.46 39.40 26.66
C ASN D 157 -7.13 40.15 26.81
N THR D 158 -7.09 41.07 27.77
CA THR D 158 -5.95 41.97 27.93
C THR D 158 -4.64 41.19 28.12
N MET D 159 -4.75 40.02 28.72
CA MET D 159 -3.58 39.17 28.96
C MET D 159 -2.93 38.75 27.64
N GLY D 160 -3.78 38.57 26.62
CA GLY D 160 -3.31 38.20 25.29
C GLY D 160 -2.36 39.23 24.68
N LEU D 161 -2.72 40.50 24.84
CA LEU D 161 -1.88 41.59 24.34
C LEU D 161 -0.52 41.56 25.02
N ALA D 162 -0.53 41.40 26.34
CA ALA D 162 0.69 41.38 27.13
C ALA D 162 1.60 40.23 26.73
N LYS D 163 1.02 39.05 26.54
CA LYS D 163 1.77 37.88 26.13
C LYS D 163 2.40 38.08 24.76
N ALA D 164 1.68 38.77 23.89
CA ALA D 164 2.19 39.10 22.55
C ALA D 164 3.44 39.98 22.67
N ALA D 165 3.39 40.95 23.57
CA ALA D 165 4.53 41.82 23.83
C ALA D 165 5.68 41.00 24.41
N LEU D 166 5.34 40.11 25.33
CA LEU D 166 6.32 39.24 25.97
C LEU D 166 7.11 38.42 24.94
N GLU D 167 6.40 37.84 23.99
CA GLU D 167 7.01 37.02 22.95
C GLU D 167 7.89 37.88 22.04
N ALA D 168 7.49 39.11 21.81
CA ALA D 168 8.30 40.03 21.03
C ALA D 168 9.58 40.37 21.77
N SER D 169 9.49 40.47 23.09
CA SER D 169 10.66 40.78 23.92
C SER D 169 11.64 39.63 23.91
N VAL D 170 11.11 38.40 23.82
CA VAL D 170 11.95 37.21 23.68
C VAL D 170 12.89 37.37 22.50
N ARG D 171 12.35 37.86 21.38
CA ARG D 171 13.15 38.03 20.18
C ARG D 171 14.18 39.16 20.30
N TYR D 172 13.74 40.33 20.74
CA TYR D 172 14.66 41.46 20.90
C TYR D 172 15.71 41.18 21.97
N LEU D 173 15.31 40.48 23.03
CA LEU D 173 16.26 40.03 24.05
C LEU D 173 17.30 39.09 23.45
N ALA D 174 16.85 38.16 22.62
CA ALA D 174 17.73 37.18 22.00
C ALA D 174 18.83 37.85 21.19
N VAL D 175 18.47 38.95 20.52
CA VAL D 175 19.42 39.70 19.71
C VAL D 175 20.41 40.48 20.57
N SER D 176 19.88 41.13 21.61
CA SER D 176 20.71 41.97 22.48
C SER D 176 21.72 41.15 23.27
N LEU D 177 21.28 40.02 23.81
CA LEU D 177 22.12 39.20 24.66
C LEU D 177 22.83 38.11 23.86
N GLY D 178 22.48 37.99 22.59
CA GLY D 178 23.00 36.93 21.74
C GLY D 178 24.49 37.03 21.49
N ALA D 179 24.97 38.25 21.30
CA ALA D 179 26.39 38.51 21.10
C ALA D 179 27.22 37.90 22.22
N LYS D 180 26.81 38.15 23.46
CA LYS D 180 27.49 37.61 24.63
C LYS D 180 27.43 36.08 24.65
N GLY D 181 26.40 35.52 24.04
CA GLY D 181 26.23 34.09 23.98
C GLY D 181 25.04 33.61 24.79
N VAL D 182 24.26 34.55 25.30
CA VAL D 182 23.09 34.22 26.11
C VAL D 182 21.89 33.89 25.22
N ARG D 183 21.14 32.86 25.60
CA ARG D 183 19.98 32.46 24.83
C ARG D 183 18.70 32.84 25.55
N VAL D 184 17.69 33.26 24.78
CA VAL D 184 16.41 33.66 25.34
C VAL D 184 15.27 32.94 24.62
N ASN D 185 14.45 32.23 25.39
CA ASN D 185 13.35 31.48 24.80
C ASN D 185 12.09 31.54 25.64
N ALA D 186 10.97 31.14 25.04
CA ALA D 186 9.71 31.04 25.75
C ALA D 186 9.07 29.68 25.50
N ILE D 187 8.33 29.18 26.48
CA ILE D 187 7.49 28.02 26.26
C ILE D 187 6.04 28.48 26.24
N SER D 188 5.36 28.20 25.14
CA SER D 188 3.92 28.45 25.06
C SER D 188 3.20 27.21 25.58
N ALA D 189 2.85 27.25 26.86
CA ALA D 189 2.27 26.09 27.54
C ALA D 189 0.77 25.99 27.30
N GLY D 190 0.28 24.76 27.18
CA GLY D 190 -1.14 24.51 27.14
C GLY D 190 -1.73 24.78 28.50
N PRO D 191 -3.07 24.74 28.61
CA PRO D 191 -3.74 25.03 29.88
C PRO D 191 -3.38 24.03 31.00
N ILE D 192 -3.08 24.56 32.18
CA ILE D 192 -2.77 23.75 33.35
C ILE D 192 -3.48 24.33 34.57
N LYS D 193 -4.18 23.48 35.32
CA LYS D 193 -4.93 23.93 36.47
C LYS D 193 -4.00 24.43 37.57
N THR D 194 -3.73 25.74 37.55
CA THR D 194 -2.89 26.37 38.57
C THR D 194 -3.69 27.43 39.34
N LEU D 195 -3.04 28.08 40.30
CA LEU D 195 -3.69 29.12 41.08
C LEU D 195 -4.20 30.23 40.18
N ALA D 196 -3.30 30.77 39.35
CA ALA D 196 -3.65 31.84 38.43
C ALA D 196 -4.77 31.46 37.46
N ALA D 197 -4.76 30.20 37.02
CA ALA D 197 -5.74 29.71 36.07
C ALA D 197 -7.17 29.87 36.56
N SER D 198 -7.34 29.90 37.89
CA SER D 198 -8.67 30.01 38.49
C SER D 198 -9.35 31.34 38.16
N GLY D 199 -8.54 32.35 37.85
CA GLY D 199 -9.07 33.68 37.58
C GLY D 199 -9.58 33.85 36.17
N ILE D 200 -9.27 32.88 35.31
CA ILE D 200 -9.77 32.91 33.94
C ILE D 200 -11.15 32.27 33.90
N LYS D 201 -12.15 33.03 33.48
CA LYS D 201 -13.52 32.56 33.45
C LYS D 201 -13.67 31.31 32.60
N SER D 202 -14.40 30.33 33.12
CA SER D 202 -14.64 29.07 32.41
C SER D 202 -13.34 28.43 31.95
N PHE D 203 -12.37 28.32 32.86
CA PHE D 203 -11.11 27.67 32.56
C PHE D 203 -11.32 26.19 32.32
N GLY D 204 -12.34 25.64 32.98
CA GLY D 204 -12.68 24.24 32.83
C GLY D 204 -13.11 23.88 31.42
N LYS D 205 -13.82 24.80 30.77
CA LYS D 205 -14.24 24.60 29.39
C LYS D 205 -13.02 24.47 28.49
N ILE D 206 -12.00 25.27 28.77
CA ILE D 206 -10.77 25.25 27.99
C ILE D 206 -10.00 23.94 28.16
N LEU D 207 -9.92 23.45 29.39
CA LEU D 207 -9.24 22.19 29.67
C LEU D 207 -9.92 21.03 28.93
N ASP D 208 -11.25 20.97 29.02
CA ASP D 208 -12.01 19.92 28.37
C ASP D 208 -11.82 19.97 26.85
N PHE D 209 -11.81 21.18 26.31
CA PHE D 209 -11.71 21.36 24.87
C PHE D 209 -10.34 20.91 24.35
N VAL D 210 -9.29 21.28 25.08
CA VAL D 210 -7.93 20.91 24.69
C VAL D 210 -7.71 19.41 24.78
N GLU D 211 -8.21 18.81 25.86
CA GLU D 211 -8.13 17.36 26.03
C GLU D 211 -8.83 16.62 24.90
N SER D 212 -9.93 17.21 24.42
CA SER D 212 -10.72 16.58 23.37
C SER D 212 -10.16 16.79 21.97
N ASN D 213 -9.52 17.95 21.74
CA ASN D 213 -9.13 18.34 20.39
C ASN D 213 -7.64 18.36 20.08
N SER D 214 -6.79 18.37 21.11
CA SER D 214 -5.36 18.30 20.89
C SER D 214 -5.00 16.98 20.21
N PRO D 215 -3.97 16.98 19.36
CA PRO D 215 -3.54 15.75 18.66
C PRO D 215 -3.29 14.59 19.62
N LEU D 216 -2.68 14.87 20.77
CA LEU D 216 -2.41 13.82 21.75
C LEU D 216 -3.61 13.50 22.64
N LYS D 217 -4.72 14.21 22.43
CA LYS D 217 -5.95 13.95 23.16
C LYS D 217 -5.74 13.92 24.67
N ARG D 218 -4.92 14.85 25.16
CA ARG D 218 -4.61 14.92 26.58
C ARG D 218 -4.03 16.28 26.92
N ASN D 219 -4.29 16.74 28.14
CA ASN D 219 -3.70 17.99 28.61
C ASN D 219 -2.25 17.76 29.02
N VAL D 220 -1.51 18.84 29.16
CA VAL D 220 -0.10 18.73 29.56
C VAL D 220 0.05 18.89 31.06
N THR D 221 1.23 18.52 31.55
CA THR D 221 1.53 18.59 32.98
C THR D 221 2.69 19.54 33.24
N ILE D 222 2.84 19.98 34.48
CA ILE D 222 3.96 20.83 34.84
C ILE D 222 5.27 20.05 34.73
N GLU D 223 5.15 18.73 34.68
CA GLU D 223 6.31 17.88 34.48
C GLU D 223 6.76 17.94 33.03
N GLN D 224 5.80 17.91 32.11
CA GLN D 224 6.10 18.00 30.69
C GLN D 224 6.63 19.38 30.30
N VAL D 225 6.03 20.43 30.86
CA VAL D 225 6.53 21.78 30.67
C VAL D 225 7.87 21.93 31.36
N GLY D 226 7.98 21.32 32.54
CA GLY D 226 9.21 21.32 33.31
C GLY D 226 10.39 20.75 32.54
N ASN D 227 10.19 19.58 31.93
CA ASN D 227 11.22 18.94 31.13
C ASN D 227 11.64 19.79 29.94
N ALA D 228 10.65 20.29 29.20
CA ALA D 228 10.92 21.16 28.06
C ALA D 228 11.74 22.36 28.50
N GLY D 229 11.36 22.94 29.64
CA GLY D 229 12.07 24.07 30.20
C GLY D 229 13.51 23.74 30.57
N ALA D 230 13.69 22.59 31.21
CA ALA D 230 15.03 22.12 31.59
C ALA D 230 15.91 21.98 30.36
N PHE D 231 15.34 21.43 29.30
CA PHE D 231 16.04 21.30 28.03
C PHE D 231 16.52 22.65 27.49
N LEU D 232 15.60 23.61 27.42
CA LEU D 232 15.91 24.93 26.88
C LEU D 232 16.95 25.67 27.74
N LEU D 233 17.00 25.35 29.03
CA LEU D 233 17.95 25.97 29.93
C LEU D 233 19.33 25.31 29.85
N SER D 234 19.39 24.15 29.20
CA SER D 234 20.62 23.37 29.16
C SER D 234 21.41 23.58 27.88
N ASP D 235 22.65 23.10 27.88
CA ASP D 235 23.53 23.21 26.73
C ASP D 235 23.06 22.33 25.58
N LEU D 236 22.16 21.40 25.89
CA LEU D 236 21.54 20.55 24.87
C LEU D 236 20.82 21.40 23.83
N ALA D 237 20.42 22.60 24.24
CA ALA D 237 19.67 23.52 23.39
C ALA D 237 20.49 24.75 23.03
N SER D 238 21.80 24.58 22.93
CA SER D 238 22.71 25.68 22.64
C SER D 238 22.50 26.25 21.24
N GLY D 239 21.77 25.52 20.39
CA GLY D 239 21.45 25.99 19.06
C GLY D 239 20.11 26.70 18.99
N VAL D 240 19.43 26.78 20.14
CA VAL D 240 18.09 27.34 20.18
C VAL D 240 18.00 28.66 20.94
N THR D 241 17.52 29.70 20.27
CA THR D 241 17.29 31.00 20.88
C THR D 241 16.21 31.75 20.10
N ALA D 242 15.56 32.71 20.75
CA ALA D 242 14.48 33.48 20.13
C ALA D 242 13.33 32.59 19.67
N GLU D 243 13.15 31.46 20.36
CA GLU D 243 12.13 30.49 20.00
C GLU D 243 10.93 30.51 20.95
N VAL D 244 9.73 30.43 20.40
CA VAL D 244 8.54 30.18 21.21
C VAL D 244 8.10 28.74 20.98
N MET D 245 8.44 27.88 21.93
CA MET D 245 8.18 26.45 21.83
C MET D 245 6.85 26.07 22.44
N HIS D 246 5.97 25.49 21.64
CA HIS D 246 4.69 25.03 22.12
C HIS D 246 4.78 23.72 22.89
N VAL D 247 4.36 23.76 24.15
CA VAL D 247 4.19 22.54 24.95
C VAL D 247 2.72 22.45 25.34
N ASP D 248 1.91 21.88 24.46
CA ASP D 248 0.46 21.95 24.57
C ASP D 248 -0.22 20.75 23.93
N SER D 249 0.49 19.64 23.85
CA SER D 249 -0.01 18.43 23.21
C SER D 249 -0.38 18.66 21.75
N GLY D 250 0.19 19.71 21.16
CA GLY D 250 0.00 20.00 19.75
C GLY D 250 -1.26 20.78 19.43
N PHE D 251 -1.96 21.24 20.46
CA PHE D 251 -3.23 21.94 20.30
C PHE D 251 -3.17 23.12 19.33
N ASN D 252 -2.08 23.89 19.40
CA ASN D 252 -1.94 25.07 18.57
C ASN D 252 -1.98 24.78 17.06
N ALA D 253 -1.62 23.56 16.69
CA ALA D 253 -1.46 23.21 15.27
C ALA D 253 -2.75 22.72 14.63
N VAL D 254 -3.82 22.64 15.40
CA VAL D 254 -5.09 22.16 14.87
C VAL D 254 -6.20 23.21 14.94
N VAL D 255 -7.30 22.93 14.24
CA VAL D 255 -8.54 23.67 14.43
C VAL D 255 -9.55 22.76 15.12
N GLY D 256 -9.90 23.10 16.36
CA GLY D 256 -10.80 22.29 17.15
C GLY D 256 -12.26 22.54 16.80
N GLY E 2 -26.68 -40.40 -34.77
CA GLY E 2 -27.15 -39.31 -33.94
C GLY E 2 -26.08 -38.26 -33.75
N PHE E 3 -26.42 -37.15 -33.09
CA PHE E 3 -25.48 -36.06 -32.91
C PHE E 3 -24.49 -36.30 -31.76
N LEU E 4 -24.46 -37.54 -31.26
CA LEU E 4 -23.46 -37.92 -30.26
C LEU E 4 -22.61 -39.11 -30.72
N ASP E 5 -22.70 -39.44 -32.00
CA ASP E 5 -21.91 -40.52 -32.61
C ASP E 5 -20.43 -40.42 -32.24
N GLY E 6 -19.91 -41.48 -31.60
CA GLY E 6 -18.49 -41.56 -31.30
C GLY E 6 -18.11 -40.87 -30.01
N LYS E 7 -19.10 -40.33 -29.30
CA LYS E 7 -18.84 -39.69 -28.02
C LYS E 7 -18.89 -40.71 -26.88
N ARG E 8 -17.88 -40.66 -26.02
CA ARG E 8 -17.78 -41.52 -24.84
C ARG E 8 -18.21 -40.77 -23.59
N ILE E 9 -19.29 -41.23 -22.96
CA ILE E 9 -19.89 -40.48 -21.85
C ILE E 9 -20.04 -41.31 -20.58
N LEU E 10 -19.55 -40.78 -19.47
CA LEU E 10 -19.69 -41.41 -18.16
C LEU E 10 -20.88 -40.81 -17.40
N LEU E 11 -21.81 -41.66 -16.97
CA LEU E 11 -22.98 -41.20 -16.23
C LEU E 11 -23.03 -41.67 -14.79
N THR E 12 -23.23 -40.72 -13.88
CA THR E 12 -23.46 -41.04 -12.48
C THR E 12 -24.96 -40.95 -12.18
N GLY E 13 -25.36 -41.48 -11.03
CA GLY E 13 -26.70 -41.27 -10.54
C GLY E 13 -27.80 -42.15 -11.09
N LEU E 14 -27.44 -43.09 -11.96
CA LEU E 14 -28.44 -44.01 -12.48
C LEU E 14 -28.76 -45.07 -11.43
N LEU E 15 -29.92 -44.95 -10.80
CA LEU E 15 -30.31 -45.81 -9.69
C LEU E 15 -31.50 -46.69 -10.06
N SER E 16 -32.48 -46.10 -10.72
CA SER E 16 -33.65 -46.84 -11.19
C SER E 16 -34.05 -46.35 -12.58
N ASN E 17 -34.99 -47.03 -13.21
CA ASN E 17 -35.46 -46.63 -14.54
C ASN E 17 -36.30 -45.37 -14.46
N ARG E 18 -36.39 -44.80 -13.26
CA ARG E 18 -37.10 -43.55 -13.04
C ARG E 18 -36.13 -42.42 -12.77
N SER E 19 -34.84 -42.76 -12.68
CA SER E 19 -33.79 -41.78 -12.45
C SER E 19 -33.65 -40.80 -13.61
N ILE E 20 -33.27 -39.56 -13.30
CA ILE E 20 -32.98 -38.57 -14.33
C ILE E 20 -31.80 -39.05 -15.19
N ALA E 21 -30.81 -39.64 -14.53
CA ALA E 21 -29.64 -40.18 -15.22
C ALA E 21 -30.03 -41.25 -16.24
N TYR E 22 -31.07 -42.01 -15.93
CA TYR E 22 -31.56 -43.04 -16.85
C TYR E 22 -32.11 -42.39 -18.11
N GLY E 23 -32.85 -41.30 -17.94
CA GLY E 23 -33.39 -40.56 -19.06
C GLY E 23 -32.30 -40.01 -19.96
N ILE E 24 -31.27 -39.44 -19.35
CA ILE E 24 -30.13 -38.91 -20.09
C ILE E 24 -29.39 -40.02 -20.84
N ALA E 25 -29.21 -41.15 -20.17
CA ALA E 25 -28.52 -42.30 -20.75
C ALA E 25 -29.24 -42.78 -22.02
N LYS E 26 -30.55 -42.93 -21.91
CA LYS E 26 -31.38 -43.39 -23.01
C LYS E 26 -31.24 -42.45 -24.22
N ALA E 27 -31.28 -41.15 -23.96
CA ALA E 27 -31.18 -40.14 -25.01
C ALA E 27 -29.79 -40.13 -25.66
N CYS E 28 -28.75 -40.31 -24.85
CA CYS E 28 -27.38 -40.32 -25.34
C CYS E 28 -27.10 -41.54 -26.21
N LYS E 29 -27.55 -42.71 -25.74
CA LYS E 29 -27.39 -43.94 -26.51
C LYS E 29 -28.09 -43.80 -27.86
N ARG E 30 -29.32 -43.30 -27.82
CA ARG E 30 -30.11 -43.09 -29.04
C ARG E 30 -29.37 -42.22 -30.04
N GLU E 31 -28.65 -41.21 -29.55
CA GLU E 31 -27.92 -40.30 -30.41
C GLU E 31 -26.50 -40.80 -30.71
N GLY E 32 -26.19 -42.01 -30.25
CA GLY E 32 -25.00 -42.70 -30.71
C GLY E 32 -23.77 -42.66 -29.83
N ALA E 33 -23.96 -42.43 -28.53
CA ALA E 33 -22.82 -42.37 -27.60
C ALA E 33 -22.43 -43.74 -27.07
N GLU E 34 -21.18 -43.86 -26.60
CA GLU E 34 -20.74 -45.01 -25.83
C GLU E 34 -20.82 -44.64 -24.35
N LEU E 35 -21.49 -45.46 -23.57
CA LEU E 35 -21.75 -45.10 -22.18
C LEU E 35 -20.94 -45.90 -21.17
N ALA E 36 -20.68 -45.27 -20.04
CA ALA E 36 -20.09 -45.93 -18.88
C ALA E 36 -20.85 -45.47 -17.63
N PHE E 37 -20.93 -46.32 -16.62
CA PHE E 37 -21.78 -46.00 -15.48
C PHE E 37 -21.07 -46.18 -14.14
N THR E 38 -21.55 -45.45 -13.14
CA THR E 38 -21.08 -45.61 -11.78
C THR E 38 -22.22 -46.03 -10.87
N TYR E 39 -21.88 -46.69 -9.78
CA TYR E 39 -22.87 -47.11 -8.79
C TYR E 39 -22.30 -46.89 -7.39
N VAL E 40 -23.18 -46.85 -6.39
CA VAL E 40 -22.74 -46.67 -5.02
C VAL E 40 -23.04 -47.92 -4.19
N GLY E 41 -22.02 -48.44 -3.52
CA GLY E 41 -22.21 -49.58 -2.63
C GLY E 41 -22.05 -50.91 -3.35
N ASP E 42 -21.31 -51.82 -2.72
CA ASP E 42 -21.04 -53.15 -3.27
C ASP E 42 -22.28 -53.85 -3.81
N ARG E 43 -23.42 -53.57 -3.20
CA ARG E 43 -24.66 -54.27 -3.50
C ARG E 43 -25.27 -53.94 -4.86
N PHE E 44 -25.40 -52.65 -5.16
CA PHE E 44 -26.07 -52.22 -6.38
C PHE E 44 -25.34 -52.60 -7.67
N LYS E 45 -24.19 -53.26 -7.55
CA LYS E 45 -23.39 -53.61 -8.72
C LYS E 45 -24.18 -54.42 -9.74
N ASP E 46 -24.99 -55.35 -9.25
CA ASP E 46 -25.81 -56.19 -10.13
C ASP E 46 -26.81 -55.35 -10.92
N ARG E 47 -27.58 -54.54 -10.21
CA ARG E 47 -28.63 -53.73 -10.83
C ARG E 47 -28.09 -52.78 -11.88
N ILE E 48 -26.93 -52.18 -11.62
CA ILE E 48 -26.35 -51.20 -12.53
C ILE E 48 -25.70 -51.88 -13.73
N THR E 49 -25.23 -53.11 -13.54
CA THR E 49 -24.61 -53.86 -14.63
C THR E 49 -25.69 -54.24 -15.64
N GLU E 50 -26.87 -54.58 -15.13
CA GLU E 50 -28.02 -54.86 -15.99
C GLU E 50 -28.36 -53.63 -16.83
N PHE E 51 -28.43 -52.48 -16.18
CA PHE E 51 -28.70 -51.22 -16.85
C PHE E 51 -27.65 -50.91 -17.90
N ALA E 52 -26.39 -51.09 -17.55
CA ALA E 52 -25.29 -50.86 -18.47
C ALA E 52 -25.42 -51.76 -19.69
N ALA E 53 -25.66 -53.04 -19.46
CA ALA E 53 -25.88 -54.00 -20.54
C ALA E 53 -27.07 -53.56 -21.39
N GLU E 54 -28.07 -53.01 -20.72
CA GLU E 54 -29.27 -52.50 -21.39
C GLU E 54 -28.94 -51.37 -22.36
N PHE E 55 -27.81 -50.69 -22.14
CA PHE E 55 -27.36 -49.63 -23.02
C PHE E 55 -26.13 -50.04 -23.84
N GLY E 56 -25.83 -51.34 -23.83
CA GLY E 56 -24.76 -51.88 -24.64
C GLY E 56 -23.39 -51.62 -24.06
N SER E 57 -23.31 -51.52 -22.74
CA SER E 57 -22.05 -51.23 -22.07
C SER E 57 -21.70 -52.29 -21.03
N GLU E 58 -20.40 -52.53 -20.87
CA GLU E 58 -19.90 -53.44 -19.86
C GLU E 58 -19.10 -52.66 -18.82
N LEU E 59 -19.13 -51.33 -18.96
CA LEU E 59 -18.31 -50.47 -18.13
C LEU E 59 -19.09 -49.89 -16.95
N VAL E 60 -18.94 -50.52 -15.78
CA VAL E 60 -19.51 -50.01 -14.54
C VAL E 60 -18.43 -49.91 -13.48
N PHE E 61 -18.43 -48.81 -12.74
CA PHE E 61 -17.40 -48.59 -11.73
C PHE E 61 -18.03 -48.06 -10.44
N PRO E 62 -17.56 -48.57 -9.29
CA PRO E 62 -18.05 -48.06 -8.00
C PRO E 62 -17.53 -46.66 -7.74
N CYS E 63 -18.40 -45.77 -7.26
CA CYS E 63 -17.96 -44.43 -6.90
C CYS E 63 -18.89 -43.74 -5.91
N ASP E 64 -18.53 -43.82 -4.63
CA ASP E 64 -19.16 -43.03 -3.59
C ASP E 64 -18.39 -41.72 -3.50
N VAL E 65 -19.00 -40.63 -3.97
CA VAL E 65 -18.28 -39.35 -4.08
C VAL E 65 -17.84 -38.79 -2.74
N ALA E 66 -18.23 -39.45 -1.66
CA ALA E 66 -17.79 -39.06 -0.32
C ALA E 66 -16.34 -39.47 -0.09
N ASP E 67 -15.86 -40.42 -0.88
CA ASP E 67 -14.52 -40.99 -0.72
C ASP E 67 -13.59 -40.53 -1.84
N ASP E 68 -12.57 -39.77 -1.49
CA ASP E 68 -11.56 -39.32 -2.45
C ASP E 68 -10.93 -40.50 -3.19
N ALA E 69 -10.74 -41.59 -2.45
CA ALA E 69 -10.14 -42.79 -3.01
C ALA E 69 -10.92 -43.32 -4.20
N GLN E 70 -12.22 -43.53 -4.01
CA GLN E 70 -13.08 -44.08 -5.05
C GLN E 70 -13.14 -43.17 -6.27
N ILE E 71 -13.04 -41.86 -6.04
CA ILE E 71 -13.08 -40.90 -7.13
C ILE E 71 -11.84 -41.00 -8.01
N ASP E 72 -10.67 -41.04 -7.37
CA ASP E 72 -9.42 -41.19 -8.09
C ASP E 72 -9.35 -42.54 -8.78
N ALA E 73 -9.85 -43.56 -8.09
CA ALA E 73 -9.86 -44.92 -8.63
C ALA E 73 -10.80 -45.03 -9.83
N LEU E 74 -11.87 -44.27 -9.81
CA LEU E 74 -12.86 -44.27 -10.88
C LEU E 74 -12.26 -44.00 -12.24
N PHE E 75 -11.48 -42.92 -12.34
CA PHE E 75 -10.93 -42.50 -13.63
C PHE E 75 -9.64 -43.24 -13.99
N ALA E 76 -8.97 -43.79 -12.99
CA ALA E 76 -7.83 -44.67 -13.26
C ALA E 76 -8.34 -45.92 -13.96
N SER E 77 -9.45 -46.45 -13.46
CA SER E 77 -10.06 -47.64 -14.05
C SER E 77 -10.64 -47.37 -15.42
N LEU E 78 -11.34 -46.24 -15.55
CA LEU E 78 -11.93 -45.85 -16.83
C LEU E 78 -10.84 -45.67 -17.88
N LYS E 79 -9.67 -45.21 -17.44
CA LYS E 79 -8.55 -44.95 -18.35
C LYS E 79 -8.02 -46.22 -18.99
N THR E 80 -8.29 -47.37 -18.38
CA THR E 80 -7.83 -48.65 -18.94
C THR E 80 -8.75 -49.11 -20.07
N HIS E 81 -9.92 -48.48 -20.17
CA HIS E 81 -10.88 -48.79 -21.24
C HIS E 81 -10.96 -47.65 -22.25
N TRP E 82 -10.97 -46.43 -21.72
CA TRP E 82 -11.00 -45.22 -22.54
C TRP E 82 -9.75 -44.38 -22.24
N ASP E 83 -9.11 -43.86 -23.28
CA ASP E 83 -7.99 -42.94 -23.08
C ASP E 83 -8.47 -41.51 -23.25
N SER E 84 -9.76 -41.36 -23.56
CA SER E 84 -10.35 -40.05 -23.83
C SER E 84 -11.81 -40.02 -23.39
N LEU E 85 -12.14 -39.07 -22.52
CA LEU E 85 -13.52 -38.92 -22.04
C LEU E 85 -14.16 -37.69 -22.65
N ASP E 86 -15.31 -37.86 -23.27
CA ASP E 86 -15.98 -36.79 -24.01
C ASP E 86 -17.09 -36.13 -23.21
N GLY E 87 -17.65 -36.88 -22.25
CA GLY E 87 -18.78 -36.39 -21.49
C GLY E 87 -18.85 -36.93 -20.07
N LEU E 88 -19.31 -36.08 -19.17
CA LEU E 88 -19.49 -36.47 -17.77
C LEU E 88 -20.84 -35.95 -17.27
N VAL E 89 -21.69 -36.87 -16.81
CA VAL E 89 -23.00 -36.48 -16.32
C VAL E 89 -23.08 -36.65 -14.80
N HIS E 90 -23.16 -35.52 -14.11
CA HIS E 90 -23.27 -35.48 -12.67
C HIS E 90 -24.73 -35.42 -12.26
N SER E 91 -25.29 -36.56 -11.89
CA SER E 91 -26.68 -36.65 -11.49
C SER E 91 -26.74 -37.22 -10.08
N ILE E 92 -26.14 -36.49 -9.14
CA ILE E 92 -25.94 -36.96 -7.79
C ILE E 92 -26.42 -35.92 -6.77
N GLY E 93 -27.08 -36.40 -5.72
CA GLY E 93 -27.53 -35.51 -4.66
C GLY E 93 -27.86 -36.28 -3.40
N PHE E 94 -27.59 -35.65 -2.26
CA PHE E 94 -27.95 -36.24 -0.98
C PHE E 94 -27.90 -35.24 0.17
N ALA E 95 -28.87 -35.40 1.07
CA ALA E 95 -28.87 -34.69 2.34
C ALA E 95 -29.60 -35.56 3.35
N PRO E 96 -29.18 -35.51 4.63
CA PRO E 96 -29.94 -36.20 5.68
C PRO E 96 -31.40 -35.75 5.62
N ARG E 97 -32.32 -36.69 5.81
CA ARG E 97 -33.72 -36.45 5.49
C ARG E 97 -34.40 -35.35 6.31
N GLU E 98 -33.95 -35.13 7.54
CA GLU E 98 -34.55 -34.09 8.37
C GLU E 98 -34.14 -32.70 7.89
N ALA E 99 -33.09 -32.63 7.07
CA ALA E 99 -32.61 -31.36 6.55
C ALA E 99 -33.43 -30.89 5.35
N ILE E 100 -34.32 -31.76 4.88
CA ILE E 100 -35.21 -31.41 3.77
C ILE E 100 -36.66 -31.71 4.14
N ALA E 101 -36.98 -31.54 5.42
CA ALA E 101 -38.32 -31.77 5.92
C ALA E 101 -38.75 -30.66 6.86
N GLY E 102 -39.97 -30.17 6.67
CA GLY E 102 -40.50 -29.11 7.51
C GLY E 102 -39.68 -27.84 7.46
N ASP E 103 -39.35 -27.31 8.63
CA ASP E 103 -38.71 -26.00 8.73
C ASP E 103 -37.22 -26.06 8.45
N PHE E 104 -36.71 -25.04 7.77
CA PHE E 104 -35.30 -24.94 7.42
C PHE E 104 -34.37 -25.04 8.63
N LEU E 105 -34.68 -24.27 9.67
CA LEU E 105 -33.83 -24.25 10.86
C LEU E 105 -33.90 -25.53 11.69
N ASP E 106 -35.08 -26.14 11.77
CA ASP E 106 -35.25 -27.38 12.54
C ASP E 106 -34.29 -28.45 12.05
N GLY E 107 -34.10 -28.51 10.74
CA GLY E 107 -33.24 -29.51 10.13
C GLY E 107 -31.80 -29.09 9.94
N LEU E 108 -31.47 -27.89 10.38
CA LEU E 108 -30.11 -27.37 10.20
C LEU E 108 -29.16 -27.79 11.32
N THR E 109 -28.11 -28.51 10.93
CA THR E 109 -27.00 -28.83 11.83
C THR E 109 -25.73 -28.76 11.01
N ARG E 110 -24.60 -28.49 11.67
CA ARG E 110 -23.33 -28.37 10.97
C ARG E 110 -23.04 -29.62 10.14
N GLU E 111 -23.41 -30.78 10.68
CA GLU E 111 -23.17 -32.04 10.00
C GLU E 111 -24.08 -32.22 8.78
N ASN E 112 -25.37 -31.96 8.96
CA ASN E 112 -26.32 -32.01 7.85
C ASN E 112 -25.90 -31.08 6.72
N PHE E 113 -25.45 -29.89 7.10
CA PHE E 113 -24.96 -28.91 6.13
C PHE E 113 -23.77 -29.47 5.36
N ARG E 114 -22.78 -29.98 6.10
CA ARG E 114 -21.56 -30.49 5.50
C ARG E 114 -21.84 -31.62 4.50
N ILE E 115 -22.65 -32.59 4.93
CA ILE E 115 -22.96 -33.73 4.09
C ILE E 115 -23.66 -33.30 2.81
N ALA E 116 -24.68 -32.47 2.95
CA ALA E 116 -25.44 -31.99 1.80
C ALA E 116 -24.56 -31.31 0.76
N HIS E 117 -23.67 -30.42 1.22
CA HIS E 117 -22.77 -29.70 0.33
C HIS E 117 -21.64 -30.59 -0.17
N ASP E 118 -21.19 -31.51 0.68
CA ASP E 118 -20.15 -32.46 0.31
C ASP E 118 -20.59 -33.30 -0.89
N ILE E 119 -21.78 -33.88 -0.78
CA ILE E 119 -22.27 -34.82 -1.78
C ILE E 119 -22.95 -34.16 -2.98
N SER E 120 -23.65 -33.06 -2.75
CA SER E 120 -24.46 -32.45 -3.80
C SER E 120 -23.74 -31.34 -4.56
N ALA E 121 -22.77 -30.70 -3.93
CA ALA E 121 -22.08 -29.57 -4.55
C ALA E 121 -20.63 -29.89 -4.88
N TYR E 122 -19.84 -30.18 -3.86
CA TYR E 122 -18.41 -30.43 -4.03
C TYR E 122 -18.09 -31.53 -5.05
N SER E 123 -18.90 -32.59 -5.03
CA SER E 123 -18.63 -33.77 -5.84
C SER E 123 -18.52 -33.45 -7.33
N PHE E 124 -19.24 -32.44 -7.79
CA PHE E 124 -19.22 -32.11 -9.21
C PHE E 124 -17.84 -31.61 -9.65
N PRO E 125 -17.38 -30.49 -9.08
CA PRO E 125 -16.04 -30.02 -9.45
C PRO E 125 -14.95 -31.00 -9.06
N ALA E 126 -15.23 -31.83 -8.04
CA ALA E 126 -14.30 -32.86 -7.62
C ALA E 126 -14.08 -33.88 -8.73
N LEU E 127 -15.18 -34.42 -9.24
CA LEU E 127 -15.13 -35.36 -10.36
C LEU E 127 -14.47 -34.73 -11.58
N ALA E 128 -14.78 -33.45 -11.81
CA ALA E 128 -14.20 -32.70 -12.92
C ALA E 128 -12.67 -32.69 -12.83
N LYS E 129 -12.16 -32.30 -11.66
CA LYS E 129 -10.73 -32.24 -11.43
C LYS E 129 -10.07 -33.60 -11.65
N ALA E 130 -10.73 -34.66 -11.19
CA ALA E 130 -10.18 -36.01 -11.28
C ALA E 130 -10.17 -36.52 -12.73
N ALA E 131 -11.10 -36.03 -13.53
CA ALA E 131 -11.25 -36.48 -14.91
C ALA E 131 -10.42 -35.65 -15.89
N LEU E 132 -9.99 -34.47 -15.44
CA LEU E 132 -9.31 -33.50 -16.30
C LEU E 132 -8.23 -34.09 -17.21
N PRO E 133 -7.31 -34.90 -16.64
CA PRO E 133 -6.21 -35.49 -17.42
C PRO E 133 -6.66 -36.27 -18.65
N MET E 134 -7.81 -36.92 -18.60
CA MET E 134 -8.27 -37.73 -19.73
C MET E 134 -9.46 -37.11 -20.46
N LEU E 135 -9.72 -35.83 -20.21
CA LEU E 135 -10.81 -35.14 -20.88
C LEU E 135 -10.40 -34.69 -22.28
N SER E 136 -11.25 -34.92 -23.25
CA SER E 136 -11.01 -34.43 -24.60
C SER E 136 -11.12 -32.90 -24.63
N ASP E 137 -10.67 -32.29 -25.72
CA ASP E 137 -10.65 -30.83 -25.80
C ASP E 137 -12.02 -30.23 -26.05
N ASP E 138 -12.95 -31.05 -26.54
CA ASP E 138 -14.32 -30.57 -26.77
C ASP E 138 -15.29 -31.29 -25.83
N ALA E 139 -14.76 -31.74 -24.69
CA ALA E 139 -15.55 -32.43 -23.68
C ALA E 139 -16.65 -31.54 -23.10
N SER E 140 -17.69 -32.16 -22.59
CA SER E 140 -18.83 -31.45 -22.02
C SER E 140 -19.22 -32.05 -20.68
N LEU E 141 -19.29 -31.21 -19.65
CA LEU E 141 -19.71 -31.67 -18.32
C LEU E 141 -21.10 -31.14 -17.98
N LEU E 142 -21.93 -32.01 -17.43
CA LEU E 142 -23.32 -31.68 -17.15
C LEU E 142 -23.74 -32.06 -15.73
N THR E 143 -24.45 -31.16 -15.06
CA THR E 143 -24.99 -31.45 -13.74
C THR E 143 -26.47 -31.10 -13.68
N LEU E 144 -27.13 -31.57 -12.63
CA LEU E 144 -28.56 -31.34 -12.46
C LEU E 144 -28.82 -30.46 -11.25
N SER E 145 -29.58 -29.38 -11.46
CA SER E 145 -29.93 -28.49 -10.36
C SER E 145 -31.43 -28.31 -10.28
N TYR E 146 -31.87 -27.43 -9.38
CA TYR E 146 -33.29 -27.24 -9.15
C TYR E 146 -33.59 -25.80 -8.78
N LEU E 147 -34.80 -25.36 -9.09
CA LEU E 147 -35.25 -23.99 -8.83
C LEU E 147 -35.04 -23.57 -7.38
N GLY E 148 -34.98 -24.57 -6.49
CA GLY E 148 -34.79 -24.31 -5.07
C GLY E 148 -33.49 -23.60 -4.76
N ALA E 149 -32.57 -23.62 -5.71
CA ALA E 149 -31.30 -22.91 -5.55
C ALA E 149 -31.49 -21.40 -5.66
N GLU E 150 -32.45 -20.99 -6.48
CA GLU E 150 -32.63 -19.57 -6.79
C GLU E 150 -33.79 -18.95 -6.02
N ARG E 151 -34.79 -19.76 -5.66
CA ARG E 151 -35.90 -19.29 -4.84
C ARG E 151 -36.23 -20.29 -3.74
N ALA E 152 -36.77 -19.79 -2.63
CA ALA E 152 -37.07 -20.63 -1.48
C ALA E 152 -38.29 -21.51 -1.74
N ILE E 153 -38.06 -22.82 -1.76
CA ILE E 153 -39.13 -23.77 -1.98
C ILE E 153 -39.32 -24.64 -0.75
N PRO E 154 -40.59 -24.79 -0.31
CA PRO E 154 -40.96 -25.52 0.90
C PRO E 154 -40.31 -26.88 0.99
N ASN E 155 -39.66 -27.17 2.13
CA ASN E 155 -39.07 -28.46 2.40
C ASN E 155 -37.73 -28.71 1.72
N TYR E 156 -37.43 -27.95 0.66
CA TYR E 156 -36.17 -28.15 -0.04
C TYR E 156 -35.00 -27.74 0.85
N ASN E 157 -35.21 -26.69 1.64
CA ASN E 157 -34.32 -26.29 2.72
C ASN E 157 -32.82 -26.36 2.41
N THR E 158 -32.10 -27.17 3.19
CA THR E 158 -30.65 -27.25 3.09
C THR E 158 -30.18 -27.62 1.69
N MET E 159 -30.99 -28.40 0.99
CA MET E 159 -30.67 -28.81 -0.38
C MET E 159 -30.57 -27.60 -1.30
N GLY E 160 -31.37 -26.58 -1.01
CA GLY E 160 -31.35 -25.35 -1.78
C GLY E 160 -29.99 -24.65 -1.73
N LEU E 161 -29.40 -24.59 -0.55
CA LEU E 161 -28.08 -23.97 -0.38
C LEU E 161 -27.02 -24.70 -1.21
N ALA E 162 -27.03 -26.02 -1.12
CA ALA E 162 -26.05 -26.84 -1.83
C ALA E 162 -26.15 -26.64 -3.34
N LYS E 163 -27.38 -26.62 -3.85
CA LYS E 163 -27.62 -26.44 -5.27
C LYS E 163 -27.13 -25.07 -5.75
N ALA E 164 -27.28 -24.06 -4.90
CA ALA E 164 -26.80 -22.72 -5.21
C ALA E 164 -25.29 -22.76 -5.39
N ALA E 165 -24.62 -23.48 -4.50
CA ALA E 165 -23.18 -23.66 -4.60
C ALA E 165 -22.84 -24.45 -5.86
N LEU E 166 -23.62 -25.48 -6.12
CA LEU E 166 -23.45 -26.31 -7.31
C LEU E 166 -23.50 -25.46 -8.57
N GLU E 167 -24.49 -24.58 -8.64
CA GLU E 167 -24.65 -23.70 -9.79
C GLU E 167 -23.50 -22.70 -9.90
N ALA E 168 -22.98 -22.27 -8.76
CA ALA E 168 -21.82 -21.38 -8.75
C ALA E 168 -20.57 -22.10 -9.26
N SER E 169 -20.47 -23.39 -8.94
CA SER E 169 -19.34 -24.19 -9.36
C SER E 169 -19.37 -24.41 -10.87
N VAL E 170 -20.56 -24.48 -11.43
CA VAL E 170 -20.75 -24.58 -12.88
C VAL E 170 -20.03 -23.43 -13.60
N ARG E 171 -20.18 -22.22 -13.06
CA ARG E 171 -19.58 -21.04 -13.65
C ARG E 171 -18.06 -21.04 -13.51
N TYR E 172 -17.56 -21.25 -12.29
CA TYR E 172 -16.12 -21.29 -12.05
C TYR E 172 -15.44 -22.45 -12.77
N LEU E 173 -16.12 -23.59 -12.87
CA LEU E 173 -15.62 -24.70 -13.67
C LEU E 173 -15.51 -24.30 -15.14
N ALA E 174 -16.53 -23.62 -15.63
CA ALA E 174 -16.57 -23.18 -17.02
C ALA E 174 -15.36 -22.32 -17.36
N VAL E 175 -14.95 -21.50 -16.40
CA VAL E 175 -13.80 -20.62 -16.58
C VAL E 175 -12.49 -21.40 -16.56
N SER E 176 -12.37 -22.32 -15.61
CA SER E 176 -11.15 -23.10 -15.44
C SER E 176 -10.90 -24.05 -16.61
N LEU E 177 -11.94 -24.74 -17.06
CA LEU E 177 -11.81 -25.74 -18.11
C LEU E 177 -12.07 -25.16 -19.50
N GLY E 178 -12.49 -23.90 -19.54
CA GLY E 178 -12.86 -23.27 -20.80
C GLY E 178 -11.70 -23.07 -21.76
N ALA E 179 -10.54 -22.72 -21.21
CA ALA E 179 -9.33 -22.52 -22.01
C ALA E 179 -9.02 -23.75 -22.86
N LYS E 180 -9.08 -24.91 -22.22
CA LYS E 180 -8.85 -26.19 -22.90
C LYS E 180 -9.91 -26.44 -23.96
N GLY E 181 -11.10 -25.87 -23.75
CA GLY E 181 -12.19 -26.02 -24.69
C GLY E 181 -13.35 -26.83 -24.13
N VAL E 182 -13.27 -27.17 -22.85
CA VAL E 182 -14.32 -27.94 -22.21
C VAL E 182 -15.48 -27.07 -21.78
N ARG E 183 -16.69 -27.56 -21.99
CA ARG E 183 -17.89 -26.82 -21.62
C ARG E 183 -18.53 -27.44 -20.40
N VAL E 184 -19.05 -26.60 -19.50
CA VAL E 184 -19.69 -27.07 -18.28
C VAL E 184 -21.05 -26.41 -18.13
N ASN E 185 -22.08 -27.23 -17.98
CA ASN E 185 -23.43 -26.70 -17.87
C ASN E 185 -24.27 -27.45 -16.86
N ALA E 186 -25.40 -26.86 -16.49
CA ALA E 186 -26.34 -27.52 -15.62
C ALA E 186 -27.75 -27.43 -16.21
N ILE E 187 -28.55 -28.45 -15.93
CA ILE E 187 -29.97 -28.38 -16.24
C ILE E 187 -30.76 -28.21 -14.96
N SER E 188 -31.53 -27.13 -14.90
CA SER E 188 -32.44 -26.93 -13.78
C SER E 188 -33.73 -27.65 -14.13
N ALA E 189 -33.86 -28.89 -13.67
CA ALA E 189 -35.00 -29.72 -14.04
C ALA E 189 -36.22 -29.44 -13.17
N GLY E 190 -37.39 -29.52 -13.78
CA GLY E 190 -38.63 -29.44 -13.02
C GLY E 190 -38.81 -30.71 -12.20
N PRO E 191 -39.82 -30.73 -11.33
CA PRO E 191 -40.04 -31.89 -10.46
C PRO E 191 -40.37 -33.16 -11.23
N ILE E 192 -39.71 -34.25 -10.86
CA ILE E 192 -39.92 -35.56 -11.47
C ILE E 192 -39.98 -36.64 -10.39
N LYS E 193 -41.01 -37.46 -10.45
CA LYS E 193 -41.20 -38.51 -9.44
C LYS E 193 -40.10 -39.56 -9.52
N THR E 194 -39.05 -39.35 -8.75
CA THR E 194 -37.92 -40.29 -8.68
C THR E 194 -37.76 -40.85 -7.27
N LEU E 195 -36.78 -41.74 -7.10
CA LEU E 195 -36.49 -42.31 -5.78
C LEU E 195 -36.17 -41.23 -4.77
N ALA E 196 -35.20 -40.38 -5.09
CA ALA E 196 -34.81 -39.29 -4.19
C ALA E 196 -35.96 -38.34 -3.90
N ALA E 197 -36.80 -38.11 -4.90
CA ALA E 197 -37.92 -37.19 -4.78
C ALA E 197 -38.86 -37.58 -3.64
N SER E 198 -38.88 -38.86 -3.30
CA SER E 198 -39.76 -39.37 -2.25
C SER E 198 -39.42 -38.81 -0.88
N GLY E 199 -38.17 -38.39 -0.70
CA GLY E 199 -37.71 -37.91 0.59
C GLY E 199 -38.09 -36.46 0.85
N ILE E 200 -38.55 -35.78 -0.19
CA ILE E 200 -39.01 -34.41 -0.04
C ILE E 200 -40.47 -34.40 0.38
N LYS E 201 -40.75 -33.84 1.54
CA LYS E 201 -42.10 -33.84 2.10
C LYS E 201 -43.10 -33.16 1.16
N SER E 202 -44.26 -33.78 1.00
CA SER E 202 -45.32 -33.25 0.14
C SER E 202 -44.79 -32.94 -1.26
N PHE E 203 -44.10 -33.90 -1.85
CA PHE E 203 -43.59 -33.75 -3.20
C PHE E 203 -44.75 -33.75 -4.19
N GLY E 204 -45.82 -34.46 -3.85
CA GLY E 204 -47.00 -34.52 -4.68
C GLY E 204 -47.65 -33.16 -4.86
N LYS E 205 -47.63 -32.35 -3.80
CA LYS E 205 -48.19 -31.00 -3.87
C LYS E 205 -47.44 -30.18 -4.90
N ILE E 206 -46.12 -30.38 -4.95
CA ILE E 206 -45.27 -29.67 -5.89
C ILE E 206 -45.56 -30.07 -7.33
N LEU E 207 -45.74 -31.37 -7.56
CA LEU E 207 -46.08 -31.88 -8.89
C LEU E 207 -47.40 -31.31 -9.40
N ASP E 208 -48.41 -31.35 -8.54
CA ASP E 208 -49.73 -30.84 -8.89
C ASP E 208 -49.66 -29.35 -9.22
N PHE E 209 -48.90 -28.61 -8.42
CA PHE E 209 -48.82 -27.16 -8.58
C PHE E 209 -48.14 -26.78 -9.89
N VAL E 210 -47.05 -27.46 -10.22
CA VAL E 210 -46.32 -27.20 -11.45
C VAL E 210 -47.15 -27.57 -12.68
N GLU E 211 -47.83 -28.71 -12.61
CA GLU E 211 -48.71 -29.14 -13.69
C GLU E 211 -49.82 -28.11 -13.95
N SER E 212 -50.30 -27.48 -12.89
CA SER E 212 -51.38 -26.51 -12.98
C SER E 212 -50.93 -25.11 -13.42
N ASN E 213 -49.72 -24.72 -13.02
CA ASN E 213 -49.30 -23.34 -13.20
C ASN E 213 -48.20 -23.09 -14.23
N SER E 214 -47.47 -24.14 -14.60
CA SER E 214 -46.45 -24.01 -15.64
C SER E 214 -47.12 -23.59 -16.95
N PRO E 215 -46.39 -22.81 -17.78
CA PRO E 215 -46.92 -22.34 -19.06
C PRO E 215 -47.44 -23.48 -19.95
N LEU E 216 -46.73 -24.59 -19.97
CA LEU E 216 -47.13 -25.74 -20.77
C LEU E 216 -48.17 -26.60 -20.06
N LYS E 217 -48.52 -26.22 -18.83
CA LYS E 217 -49.56 -26.92 -18.07
C LYS E 217 -49.32 -28.42 -17.99
N ARG E 218 -48.06 -28.81 -17.79
CA ARG E 218 -47.67 -30.21 -17.73
C ARG E 218 -46.31 -30.37 -17.06
N ASN E 219 -46.11 -31.48 -16.38
CA ASN E 219 -44.81 -31.78 -15.80
C ASN E 219 -43.85 -32.31 -16.86
N VAL E 220 -42.56 -32.29 -16.56
CA VAL E 220 -41.57 -32.77 -17.51
C VAL E 220 -41.23 -34.23 -17.26
N THR E 221 -40.58 -34.85 -18.24
CA THR E 221 -40.20 -36.25 -18.15
C THR E 221 -38.69 -36.40 -18.19
N ILE E 222 -38.18 -37.55 -17.78
CA ILE E 222 -36.75 -37.81 -17.87
C ILE E 222 -36.32 -37.90 -19.33
N GLU E 223 -37.29 -38.06 -20.22
CA GLU E 223 -37.01 -38.06 -21.66
C GLU E 223 -36.74 -36.63 -22.13
N GLN E 224 -37.54 -35.67 -21.66
CA GLN E 224 -37.35 -34.28 -22.02
C GLN E 224 -36.07 -33.71 -21.42
N VAL E 225 -35.77 -34.08 -20.18
CA VAL E 225 -34.52 -33.69 -19.54
C VAL E 225 -33.36 -34.40 -20.23
N GLY E 226 -33.59 -35.66 -20.60
CA GLY E 226 -32.61 -36.46 -21.32
C GLY E 226 -32.18 -35.82 -22.62
N ASN E 227 -33.16 -35.39 -23.43
CA ASN E 227 -32.86 -34.73 -24.70
C ASN E 227 -32.08 -33.44 -24.53
N ALA E 228 -32.54 -32.60 -23.61
CA ALA E 228 -31.84 -31.35 -23.31
C ALA E 228 -30.40 -31.65 -22.91
N GLY E 229 -30.22 -32.66 -22.07
CA GLY E 229 -28.91 -33.09 -21.63
C GLY E 229 -28.03 -33.60 -22.77
N ALA E 230 -28.60 -34.42 -23.65
CA ALA E 230 -27.88 -34.94 -24.80
C ALA E 230 -27.39 -33.79 -25.68
N PHE E 231 -28.26 -32.81 -25.87
CA PHE E 231 -27.93 -31.61 -26.62
C PHE E 231 -26.72 -30.89 -26.05
N LEU E 232 -26.77 -30.60 -24.75
CA LEU E 232 -25.69 -29.89 -24.08
C LEU E 232 -24.37 -30.66 -24.10
N LEU E 233 -24.47 -31.99 -24.17
CA LEU E 233 -23.27 -32.83 -24.21
C LEU E 233 -22.70 -32.92 -25.63
N SER E 234 -23.47 -32.45 -26.60
CA SER E 234 -23.09 -32.59 -28.00
C SER E 234 -22.44 -31.33 -28.55
N ASP E 235 -21.85 -31.47 -29.74
CA ASP E 235 -21.19 -30.35 -30.41
C ASP E 235 -22.22 -29.34 -30.91
N LEU E 236 -23.48 -29.74 -30.94
CA LEU E 236 -24.57 -28.83 -31.29
C LEU E 236 -24.61 -27.66 -30.32
N ALA E 237 -24.07 -27.87 -29.12
CA ALA E 237 -24.08 -26.87 -28.07
C ALA E 237 -22.67 -26.34 -27.77
N SER E 238 -21.82 -26.35 -28.79
CA SER E 238 -20.43 -25.93 -28.64
C SER E 238 -20.31 -24.45 -28.29
N GLY E 239 -21.39 -23.71 -28.48
CA GLY E 239 -21.41 -22.30 -28.13
C GLY E 239 -21.96 -22.02 -26.74
N VAL E 240 -22.37 -23.09 -26.06
CA VAL E 240 -23.01 -22.96 -24.76
C VAL E 240 -22.16 -23.51 -23.61
N THR E 241 -21.86 -22.65 -22.64
CA THR E 241 -21.15 -23.07 -21.44
C THR E 241 -21.47 -22.13 -20.29
N ALA E 242 -21.29 -22.61 -19.05
CA ALA E 242 -21.62 -21.82 -17.86
C ALA E 242 -23.10 -21.46 -17.80
N GLU E 243 -23.92 -22.31 -18.40
CA GLU E 243 -25.36 -22.07 -18.50
C GLU E 243 -26.15 -22.97 -17.54
N VAL E 244 -27.14 -22.38 -16.88
CA VAL E 244 -28.13 -23.17 -16.16
C VAL E 244 -29.44 -23.15 -16.96
N MET E 245 -29.70 -24.24 -17.68
CA MET E 245 -30.85 -24.32 -18.57
C MET E 245 -32.06 -24.92 -17.87
N HIS E 246 -33.15 -24.16 -17.81
CA HIS E 246 -34.38 -24.64 -17.20
C HIS E 246 -35.11 -25.61 -18.13
N VAL E 247 -35.31 -26.84 -17.64
CA VAL E 247 -36.19 -27.78 -18.31
C VAL E 247 -37.31 -28.11 -17.34
N ASP E 248 -38.34 -27.29 -17.34
CA ASP E 248 -39.37 -27.34 -16.30
C ASP E 248 -40.72 -26.87 -16.82
N SER E 249 -40.93 -27.02 -18.13
CA SER E 249 -42.16 -26.57 -18.77
C SER E 249 -42.36 -25.07 -18.58
N GLY E 250 -41.28 -24.36 -18.27
CA GLY E 250 -41.31 -22.92 -18.15
C GLY E 250 -41.76 -22.40 -16.80
N PHE E 251 -41.93 -23.31 -15.83
CA PHE E 251 -42.45 -22.96 -14.52
C PHE E 251 -41.69 -21.82 -13.84
N ASN E 252 -40.38 -21.82 -13.95
CA ASN E 252 -39.54 -20.80 -13.31
C ASN E 252 -39.90 -19.37 -13.73
N ALA E 253 -40.45 -19.22 -14.94
CA ALA E 253 -40.67 -17.91 -15.52
C ALA E 253 -42.01 -17.28 -15.13
N VAL E 254 -42.80 -17.99 -14.34
CA VAL E 254 -44.11 -17.48 -13.93
C VAL E 254 -44.22 -17.33 -12.41
N VAL E 255 -45.29 -16.66 -11.99
CA VAL E 255 -45.71 -16.67 -10.59
C VAL E 255 -46.99 -17.45 -10.46
N GLY E 256 -46.93 -18.61 -9.80
CA GLY E 256 -48.08 -19.47 -9.66
C GLY E 256 -49.02 -19.02 -8.56
N GLY F 2 -31.87 8.83 15.98
CA GLY F 2 -31.72 8.17 14.69
C GLY F 2 -32.77 7.11 14.48
N PHE F 3 -32.78 6.51 13.29
CA PHE F 3 -33.80 5.51 12.97
C PHE F 3 -33.47 4.13 13.54
N LEU F 4 -32.49 4.07 14.43
CA LEU F 4 -32.19 2.82 15.15
C LEU F 4 -32.26 3.00 16.67
N ASP F 5 -32.84 4.12 17.11
CA ASP F 5 -33.02 4.38 18.54
C ASP F 5 -33.64 3.19 19.27
N GLY F 6 -32.91 2.68 20.26
CA GLY F 6 -33.43 1.61 21.11
C GLY F 6 -33.22 0.20 20.59
N LYS F 7 -32.56 0.06 19.44
CA LYS F 7 -32.26 -1.26 18.91
C LYS F 7 -30.95 -1.79 19.46
N ARG F 8 -30.93 -3.03 19.95
CA ARG F 8 -29.68 -3.65 20.41
C ARG F 8 -29.19 -4.62 19.33
N ILE F 9 -28.00 -4.35 18.80
CA ILE F 9 -27.48 -5.07 17.64
C ILE F 9 -26.15 -5.74 17.93
N LEU F 10 -26.06 -7.02 17.60
CA LEU F 10 -24.83 -7.78 17.75
C LEU F 10 -24.06 -7.82 16.43
N LEU F 11 -22.79 -7.41 16.46
CA LEU F 11 -21.98 -7.41 15.26
C LEU F 11 -20.81 -8.37 15.35
N THR F 12 -20.68 -9.22 14.35
CA THR F 12 -19.51 -10.07 14.19
C THR F 12 -18.60 -9.44 13.16
N GLY F 13 -17.37 -9.93 13.07
CA GLY F 13 -16.49 -9.57 11.98
C GLY F 13 -15.72 -8.28 12.11
N LEU F 14 -15.86 -7.58 13.23
CA LEU F 14 -15.08 -6.36 13.45
C LEU F 14 -13.65 -6.72 13.83
N LEU F 15 -12.72 -6.53 12.89
CA LEU F 15 -11.34 -6.94 13.09
C LEU F 15 -10.39 -5.74 13.11
N SER F 16 -10.62 -4.79 12.22
CA SER F 16 -9.85 -3.55 12.17
C SER F 16 -10.77 -2.38 11.85
N ASN F 17 -10.24 -1.17 11.94
CA ASN F 17 -11.02 0.03 11.65
C ASN F 17 -11.31 0.16 10.15
N ARG F 18 -10.87 -0.81 9.37
CA ARG F 18 -11.14 -0.86 7.94
C ARG F 18 -12.13 -1.96 7.60
N SER F 19 -12.51 -2.75 8.61
CA SER F 19 -13.47 -3.83 8.43
C SER F 19 -14.83 -3.28 8.01
N ILE F 20 -15.55 -4.05 7.20
CA ILE F 20 -16.91 -3.69 6.83
C ILE F 20 -17.80 -3.63 8.07
N ALA F 21 -17.58 -4.56 8.99
CA ALA F 21 -18.32 -4.59 10.24
C ALA F 21 -18.13 -3.29 11.02
N TYR F 22 -16.93 -2.72 10.92
CA TYR F 22 -16.64 -1.46 11.58
C TYR F 22 -17.47 -0.33 10.99
N GLY F 23 -17.59 -0.33 9.66
CA GLY F 23 -18.39 0.67 8.96
C GLY F 23 -19.85 0.57 9.38
N ILE F 24 -20.35 -0.65 9.45
CA ILE F 24 -21.73 -0.89 9.87
C ILE F 24 -21.94 -0.45 11.32
N ALA F 25 -20.97 -0.77 12.17
CA ALA F 25 -21.03 -0.41 13.59
C ALA F 25 -21.12 1.10 13.79
N LYS F 26 -20.26 1.84 13.10
CA LYS F 26 -20.24 3.29 13.19
C LYS F 26 -21.60 3.88 12.80
N ALA F 27 -22.16 3.37 11.70
CA ALA F 27 -23.44 3.85 11.19
C ALA F 27 -24.59 3.53 12.15
N CYS F 28 -24.55 2.34 12.73
CA CYS F 28 -25.61 1.92 13.65
C CYS F 28 -25.58 2.74 14.93
N LYS F 29 -24.38 2.96 15.47
CA LYS F 29 -24.23 3.77 16.67
C LYS F 29 -24.75 5.18 16.40
N ARG F 30 -24.35 5.74 15.26
CA ARG F 30 -24.79 7.06 14.86
C ARG F 30 -26.31 7.17 14.83
N GLU F 31 -26.97 6.10 14.41
CA GLU F 31 -28.42 6.10 14.31
C GLU F 31 -29.10 5.64 15.61
N GLY F 32 -28.29 5.41 16.64
CA GLY F 32 -28.83 5.24 17.99
C GLY F 32 -29.00 3.84 18.53
N ALA F 33 -28.26 2.87 17.99
CA ALA F 33 -28.37 1.49 18.46
C ALA F 33 -27.43 1.22 19.63
N GLU F 34 -27.74 0.19 20.41
CA GLU F 34 -26.83 -0.35 21.40
C GLU F 34 -26.11 -1.53 20.79
N LEU F 35 -24.78 -1.53 20.88
CA LEU F 35 -24.00 -2.55 20.17
C LEU F 35 -23.35 -3.58 21.10
N ALA F 36 -23.17 -4.78 20.56
CA ALA F 36 -22.41 -5.83 21.20
C ALA F 36 -21.52 -6.47 20.13
N PHE F 37 -20.37 -6.97 20.52
CA PHE F 37 -19.38 -7.44 19.55
C PHE F 37 -18.84 -8.83 19.85
N THR F 38 -18.38 -9.50 18.81
CA THR F 38 -17.71 -10.78 18.96
C THR F 38 -16.28 -10.71 18.43
N TYR F 39 -15.43 -11.58 18.94
CA TYR F 39 -14.05 -11.66 18.48
C TYR F 39 -13.63 -13.11 18.38
N VAL F 40 -12.58 -13.38 17.61
CA VAL F 40 -12.07 -14.73 17.45
C VAL F 40 -10.69 -14.87 18.06
N GLY F 41 -10.53 -15.84 18.95
CA GLY F 41 -9.23 -16.10 19.54
C GLY F 41 -9.00 -15.30 20.81
N ASP F 42 -8.49 -15.98 21.82
CA ASP F 42 -8.19 -15.39 23.12
C ASP F 42 -7.44 -14.05 23.02
N ARG F 43 -6.61 -13.93 21.98
CA ARG F 43 -5.71 -12.79 21.84
C ARG F 43 -6.41 -11.47 21.49
N PHE F 44 -7.27 -11.51 20.47
CA PHE F 44 -7.91 -10.29 19.97
C PHE F 44 -8.89 -9.63 20.95
N LYS F 45 -9.06 -10.22 22.13
CA LYS F 45 -10.01 -9.69 23.09
C LYS F 45 -9.71 -8.22 23.44
N ASP F 46 -8.44 -7.89 23.58
CA ASP F 46 -8.03 -6.53 23.91
C ASP F 46 -8.45 -5.55 22.81
N ARG F 47 -8.06 -5.87 21.57
CA ARG F 47 -8.33 -5.00 20.44
C ARG F 47 -9.82 -4.74 20.23
N ILE F 48 -10.63 -5.78 20.43
CA ILE F 48 -12.07 -5.67 20.20
C ILE F 48 -12.76 -4.94 21.35
N THR F 49 -12.20 -5.04 22.54
CA THR F 49 -12.76 -4.35 23.70
C THR F 49 -12.57 -2.84 23.56
N GLU F 50 -11.42 -2.45 23.02
CA GLU F 50 -11.17 -1.04 22.72
C GLU F 50 -12.21 -0.52 21.74
N PHE F 51 -12.41 -1.28 20.67
CA PHE F 51 -13.41 -0.95 19.66
C PHE F 51 -14.80 -0.85 20.26
N ALA F 52 -15.15 -1.82 21.09
CA ALA F 52 -16.45 -1.84 21.75
C ALA F 52 -16.62 -0.57 22.60
N ALA F 53 -15.61 -0.27 23.39
CA ALA F 53 -15.61 0.95 24.20
C ALA F 53 -15.75 2.18 23.32
N GLU F 54 -15.13 2.13 22.16
CA GLU F 54 -15.17 3.22 21.19
C GLU F 54 -16.60 3.48 20.71
N PHE F 55 -17.45 2.45 20.78
CA PHE F 55 -18.84 2.59 20.39
C PHE F 55 -19.77 2.59 21.61
N GLY F 56 -19.17 2.74 22.79
CA GLY F 56 -19.94 2.85 24.02
C GLY F 56 -20.48 1.54 24.53
N SER F 57 -19.76 0.45 24.25
CA SER F 57 -20.21 -0.87 24.66
C SER F 57 -19.16 -1.60 25.50
N GLU F 58 -19.63 -2.41 26.44
CA GLU F 58 -18.77 -3.24 27.26
C GLU F 58 -19.02 -4.71 26.95
N LEU F 59 -19.86 -4.93 25.94
CA LEU F 59 -20.30 -6.29 25.61
C LEU F 59 -19.49 -6.88 24.47
N VAL F 60 -18.48 -7.69 24.83
CA VAL F 60 -17.72 -8.44 23.85
C VAL F 60 -17.70 -9.91 24.23
N PHE F 61 -17.89 -10.78 23.25
CA PHE F 61 -17.94 -12.21 23.50
C PHE F 61 -17.13 -12.98 22.46
N PRO F 62 -16.40 -14.00 22.92
CA PRO F 62 -15.64 -14.85 21.97
C PRO F 62 -16.58 -15.73 21.15
N CYS F 63 -16.35 -15.83 19.85
CA CYS F 63 -17.14 -16.72 19.02
C CYS F 63 -16.44 -17.10 17.73
N ASP F 64 -15.79 -18.26 17.74
CA ASP F 64 -15.27 -18.88 16.53
C ASP F 64 -16.40 -19.74 15.98
N VAL F 65 -16.98 -19.31 14.87
CA VAL F 65 -18.17 -19.96 14.33
C VAL F 65 -17.91 -21.41 13.90
N ALA F 66 -16.66 -21.84 13.96
CA ALA F 66 -16.31 -23.22 13.65
C ALA F 66 -16.74 -24.14 14.80
N ASP F 67 -16.91 -23.56 15.98
CA ASP F 67 -17.20 -24.31 17.19
C ASP F 67 -18.65 -24.11 17.63
N ASP F 68 -19.43 -25.19 17.59
CA ASP F 68 -20.82 -25.15 18.04
C ASP F 68 -20.94 -24.65 19.47
N ALA F 69 -19.98 -25.04 20.31
CA ALA F 69 -19.96 -24.65 21.71
C ALA F 69 -19.95 -23.13 21.88
N GLN F 70 -19.01 -22.47 21.21
CA GLN F 70 -18.86 -21.02 21.33
C GLN F 70 -20.09 -20.29 20.83
N ILE F 71 -20.76 -20.87 19.84
CA ILE F 71 -21.96 -20.27 19.27
C ILE F 71 -23.12 -20.30 20.26
N ASP F 72 -23.33 -21.45 20.89
CA ASP F 72 -24.37 -21.59 21.91
C ASP F 72 -24.03 -20.72 23.12
N ALA F 73 -22.75 -20.66 23.46
CA ALA F 73 -22.29 -19.88 24.59
C ALA F 73 -22.44 -18.37 24.36
N LEU F 74 -22.28 -17.96 23.11
CA LEU F 74 -22.41 -16.54 22.74
C LEU F 74 -23.74 -15.93 23.17
N PHE F 75 -24.83 -16.61 22.82
CA PHE F 75 -26.17 -16.07 23.08
C PHE F 75 -26.67 -16.36 24.50
N ALA F 76 -26.10 -17.38 25.14
CA ALA F 76 -26.35 -17.61 26.55
C ALA F 76 -25.78 -16.45 27.35
N SER F 77 -24.58 -16.04 26.97
CA SER F 77 -23.90 -14.93 27.63
C SER F 77 -24.58 -13.60 27.34
N LEU F 78 -24.93 -13.39 26.07
CA LEU F 78 -25.62 -12.17 25.66
C LEU F 78 -26.95 -12.02 26.37
N LYS F 79 -27.59 -13.16 26.64
CA LYS F 79 -28.89 -13.17 27.31
C LYS F 79 -28.84 -12.64 28.73
N THR F 80 -27.66 -12.68 29.36
CA THR F 80 -27.51 -12.18 30.72
C THR F 80 -27.44 -10.65 30.75
N HIS F 81 -27.22 -10.05 29.59
CA HIS F 81 -27.16 -8.61 29.45
C HIS F 81 -28.38 -8.12 28.68
N TRP F 82 -28.73 -8.85 27.62
CA TRP F 82 -29.90 -8.52 26.82
C TRP F 82 -30.89 -9.67 26.88
N ASP F 83 -32.18 -9.38 27.07
CA ASP F 83 -33.19 -10.42 27.02
C ASP F 83 -33.88 -10.42 25.66
N SER F 84 -33.47 -9.49 24.80
CA SER F 84 -34.08 -9.31 23.49
C SER F 84 -33.05 -8.80 22.49
N LEU F 85 -32.88 -9.52 21.39
CA LEU F 85 -31.95 -9.12 20.34
C LEU F 85 -32.69 -8.59 19.13
N ASP F 86 -32.34 -7.38 18.69
CA ASP F 86 -33.06 -6.70 17.61
C ASP F 86 -32.35 -6.83 16.26
N GLY F 87 -31.04 -7.03 16.29
CA GLY F 87 -30.26 -7.07 15.07
C GLY F 87 -29.04 -7.98 15.16
N LEU F 88 -28.73 -8.63 14.05
CA LEU F 88 -27.55 -9.50 13.97
C LEU F 88 -26.80 -9.23 12.68
N VAL F 89 -25.53 -8.86 12.81
CA VAL F 89 -24.71 -8.59 11.63
C VAL F 89 -23.66 -9.68 11.42
N HIS F 90 -23.86 -10.45 10.35
CA HIS F 90 -22.93 -11.52 10.00
C HIS F 90 -21.93 -11.01 8.98
N SER F 91 -20.75 -10.67 9.45
CA SER F 91 -19.70 -10.13 8.59
C SER F 91 -18.48 -11.03 8.71
N ILE F 92 -18.67 -12.29 8.32
CA ILE F 92 -17.67 -13.32 8.55
C ILE F 92 -17.40 -14.08 7.27
N GLY F 93 -16.13 -14.39 7.01
CA GLY F 93 -15.76 -15.16 5.85
C GLY F 93 -14.36 -15.74 5.98
N PHE F 94 -14.17 -16.93 5.43
CA PHE F 94 -12.83 -17.53 5.40
C PHE F 94 -12.74 -18.71 4.46
N ALA F 95 -11.59 -18.81 3.80
CA ALA F 95 -11.23 -19.98 3.02
C ALA F 95 -9.72 -20.12 3.03
N PRO F 96 -9.20 -21.36 2.99
CA PRO F 96 -7.76 -21.54 2.86
C PRO F 96 -7.24 -20.76 1.65
N ARG F 97 -6.08 -20.14 1.79
CA ARG F 97 -5.65 -19.12 0.83
C ARG F 97 -5.43 -19.64 -0.59
N GLU F 98 -5.06 -20.91 -0.73
CA GLU F 98 -4.84 -21.46 -2.07
C GLU F 98 -6.15 -21.71 -2.80
N ALA F 99 -7.26 -21.70 -2.05
CA ALA F 99 -8.57 -21.91 -2.63
C ALA F 99 -9.12 -20.63 -3.26
N ILE F 100 -8.43 -19.52 -3.02
CA ILE F 100 -8.80 -18.24 -3.61
C ILE F 100 -7.60 -17.62 -4.31
N ALA F 101 -6.74 -18.48 -4.86
CA ALA F 101 -5.56 -18.03 -5.58
C ALA F 101 -5.42 -18.81 -6.87
N GLY F 102 -5.13 -18.08 -7.96
CA GLY F 102 -4.96 -18.68 -9.26
C GLY F 102 -6.20 -19.41 -9.75
N ASP F 103 -6.00 -20.63 -10.24
CA ASP F 103 -7.07 -21.38 -10.90
C ASP F 103 -7.98 -22.06 -9.88
N PHE F 104 -9.26 -22.10 -10.19
CA PHE F 104 -10.27 -22.70 -9.31
C PHE F 104 -9.98 -24.15 -8.89
N LEU F 105 -9.65 -25.01 -9.85
CA LEU F 105 -9.42 -26.44 -9.58
C LEU F 105 -8.15 -26.75 -8.79
N ASP F 106 -7.09 -25.98 -9.02
CA ASP F 106 -5.82 -26.13 -8.33
C ASP F 106 -6.01 -26.00 -6.84
N GLY F 107 -6.87 -25.05 -6.45
CA GLY F 107 -7.12 -24.77 -5.05
C GLY F 107 -8.27 -25.56 -4.47
N LEU F 108 -8.88 -26.42 -5.29
CA LEU F 108 -10.03 -27.20 -4.84
C LEU F 108 -9.60 -28.51 -4.15
N THR F 109 -9.97 -28.63 -2.88
CA THR F 109 -9.83 -29.88 -2.16
C THR F 109 -11.07 -30.02 -1.28
N ARG F 110 -11.44 -31.25 -0.95
CA ARG F 110 -12.63 -31.47 -0.13
C ARG F 110 -12.55 -30.68 1.16
N GLU F 111 -11.35 -30.60 1.73
CA GLU F 111 -11.16 -29.89 2.98
C GLU F 111 -11.30 -28.38 2.81
N ASN F 112 -10.66 -27.85 1.78
CA ASN F 112 -10.80 -26.42 1.46
C ASN F 112 -12.25 -26.05 1.21
N PHE F 113 -12.96 -26.92 0.49
CA PHE F 113 -14.38 -26.72 0.22
C PHE F 113 -15.17 -26.67 1.52
N ARG F 114 -14.96 -27.68 2.37
CA ARG F 114 -15.69 -27.79 3.63
C ARG F 114 -15.49 -26.57 4.52
N ILE F 115 -14.24 -26.18 4.71
CA ILE F 115 -13.90 -25.05 5.56
C ILE F 115 -14.56 -23.75 5.07
N ALA F 116 -14.40 -23.47 3.79
CA ALA F 116 -14.97 -22.27 3.19
C ALA F 116 -16.47 -22.15 3.39
N HIS F 117 -17.20 -23.23 3.14
CA HIS F 117 -18.65 -23.22 3.30
C HIS F 117 -19.04 -23.26 4.77
N ASP F 118 -18.24 -23.96 5.57
CA ASP F 118 -18.46 -24.05 7.00
C ASP F 118 -18.45 -22.67 7.65
N ILE F 119 -17.40 -21.91 7.36
CA ILE F 119 -17.20 -20.62 8.02
C ILE F 119 -17.95 -19.48 7.35
N SER F 120 -18.03 -19.52 6.01
CA SER F 120 -18.59 -18.41 5.25
C SER F 120 -20.08 -18.55 4.98
N ALA F 121 -20.58 -19.78 4.96
CA ALA F 121 -21.97 -20.01 4.61
C ALA F 121 -22.78 -20.53 5.79
N TYR F 122 -22.41 -21.69 6.30
CA TYR F 122 -23.16 -22.33 7.37
C TYR F 122 -23.32 -21.45 8.61
N SER F 123 -22.27 -20.70 8.94
CA SER F 123 -22.25 -19.92 10.18
C SER F 123 -23.40 -18.93 10.29
N PHE F 124 -23.86 -18.39 9.17
CA PHE F 124 -24.94 -17.41 9.21
C PHE F 124 -26.25 -18.00 9.73
N PRO F 125 -26.80 -19.00 9.03
CA PRO F 125 -28.03 -19.61 9.53
C PRO F 125 -27.82 -20.29 10.88
N ALA F 126 -26.58 -20.70 11.16
CA ALA F 126 -26.24 -21.30 12.44
C ALA F 126 -26.42 -20.29 13.57
N LEU F 127 -25.84 -19.11 13.41
CA LEU F 127 -26.00 -18.02 14.37
C LEU F 127 -27.46 -17.63 14.53
N ALA F 128 -28.18 -17.62 13.41
CA ALA F 128 -29.61 -17.30 13.41
C ALA F 128 -30.39 -18.28 14.30
N LYS F 129 -30.17 -19.57 14.07
CA LYS F 129 -30.85 -20.60 14.85
C LYS F 129 -30.56 -20.47 16.33
N ALA F 130 -29.31 -20.15 16.66
CA ALA F 130 -28.88 -20.04 18.05
C ALA F 130 -29.49 -18.80 18.71
N ALA F 131 -29.74 -17.77 17.91
CA ALA F 131 -30.24 -16.50 18.43
C ALA F 131 -31.76 -16.44 18.50
N LEU F 132 -32.42 -17.33 17.77
CA LEU F 132 -33.89 -17.33 17.62
C LEU F 132 -34.66 -17.12 18.92
N PRO F 133 -34.31 -17.87 19.99
CA PRO F 133 -35.03 -17.77 21.25
C PRO F 133 -35.10 -16.36 21.83
N MET F 134 -34.07 -15.54 21.61
CA MET F 134 -34.04 -14.20 22.16
C MET F 134 -34.21 -13.11 21.09
N LEU F 135 -34.65 -13.50 19.90
CA LEU F 135 -34.89 -12.54 18.84
C LEU F 135 -36.23 -11.83 19.03
N SER F 136 -36.23 -10.51 18.88
CA SER F 136 -37.47 -9.76 18.91
C SER F 136 -38.31 -10.07 17.68
N ASP F 137 -39.57 -9.66 17.69
CA ASP F 137 -40.48 -9.99 16.60
C ASP F 137 -40.24 -9.15 15.35
N ASP F 138 -39.56 -8.02 15.51
CA ASP F 138 -39.23 -7.17 14.37
C ASP F 138 -37.72 -7.15 14.15
N ALA F 139 -37.06 -8.21 14.60
CA ALA F 139 -35.61 -8.34 14.45
C ALA F 139 -35.20 -8.39 12.98
N SER F 140 -33.95 -8.01 12.73
CA SER F 140 -33.42 -8.01 11.37
C SER F 140 -32.01 -8.62 11.35
N LEU F 141 -31.80 -9.60 10.48
CA LEU F 141 -30.49 -10.22 10.33
C LEU F 141 -29.83 -9.82 9.01
N LEU F 142 -28.54 -9.51 9.08
CA LEU F 142 -27.82 -9.01 7.91
C LEU F 142 -26.50 -9.76 7.70
N THR F 143 -26.22 -10.12 6.45
CA THR F 143 -24.95 -10.75 6.11
C THR F 143 -24.32 -10.05 4.91
N LEU F 144 -23.04 -10.35 4.67
CA LEU F 144 -22.30 -9.72 3.58
C LEU F 144 -21.91 -10.74 2.52
N SER F 145 -22.25 -10.44 1.26
CA SER F 145 -21.91 -11.30 0.16
C SER F 145 -21.16 -10.52 -0.93
N TYR F 146 -20.88 -11.18 -2.04
CA TYR F 146 -20.10 -10.56 -3.10
C TYR F 146 -20.54 -11.03 -4.48
N LEU F 147 -20.33 -10.18 -5.49
CA LEU F 147 -20.73 -10.47 -6.86
C LEU F 147 -20.21 -11.83 -7.34
N GLY F 148 -19.15 -12.30 -6.70
CA GLY F 148 -18.54 -13.58 -7.04
C GLY F 148 -19.45 -14.78 -6.87
N ALA F 149 -20.54 -14.60 -6.12
CA ALA F 149 -21.53 -15.67 -5.95
C ALA F 149 -22.35 -15.87 -7.22
N GLU F 150 -22.58 -14.78 -7.94
CA GLU F 150 -23.48 -14.80 -9.09
C GLU F 150 -22.75 -14.89 -10.43
N ARG F 151 -21.53 -14.37 -10.47
CA ARG F 151 -20.71 -14.48 -11.68
C ARG F 151 -19.29 -14.87 -11.34
N ALA F 152 -18.63 -15.53 -12.28
CA ALA F 152 -17.27 -16.02 -12.05
C ALA F 152 -16.27 -14.87 -12.05
N ILE F 153 -15.64 -14.65 -10.91
CA ILE F 153 -14.64 -13.60 -10.76
C ILE F 153 -13.28 -14.23 -10.47
N PRO F 154 -12.25 -13.79 -11.22
CA PRO F 154 -10.89 -14.32 -11.12
C PRO F 154 -10.39 -14.38 -9.68
N ASN F 155 -9.88 -15.54 -9.28
CA ASN F 155 -9.28 -15.76 -7.97
C ASN F 155 -10.29 -15.98 -6.84
N TYR F 156 -11.53 -15.53 -7.02
CA TYR F 156 -12.52 -15.68 -5.97
C TYR F 156 -12.84 -17.15 -5.75
N ASN F 157 -12.87 -17.91 -6.84
CA ASN F 157 -12.95 -19.37 -6.81
C ASN F 157 -13.91 -19.97 -5.78
N THR F 158 -13.38 -20.78 -4.87
CA THR F 158 -14.17 -21.52 -3.90
C THR F 158 -15.05 -20.61 -3.05
N MET F 159 -14.58 -19.38 -2.81
CA MET F 159 -15.34 -18.42 -2.03
C MET F 159 -16.66 -18.09 -2.71
N GLY F 160 -16.65 -18.10 -4.05
CA GLY F 160 -17.84 -17.86 -4.84
C GLY F 160 -18.94 -18.87 -4.57
N LEU F 161 -18.57 -20.14 -4.49
CA LEU F 161 -19.52 -21.21 -4.20
C LEU F 161 -20.18 -20.99 -2.84
N ALA F 162 -19.37 -20.70 -1.84
CA ALA F 162 -19.86 -20.49 -0.48
C ALA F 162 -20.81 -19.30 -0.40
N LYS F 163 -20.43 -18.21 -1.06
CA LYS F 163 -21.27 -17.01 -1.08
C LYS F 163 -22.61 -17.28 -1.75
N ALA F 164 -22.59 -18.12 -2.79
CA ALA F 164 -23.83 -18.50 -3.46
C ALA F 164 -24.74 -19.24 -2.48
N ALA F 165 -24.15 -20.14 -1.70
CA ALA F 165 -24.88 -20.86 -0.67
C ALA F 165 -25.37 -19.89 0.39
N LEU F 166 -24.52 -18.94 0.75
CA LEU F 166 -24.85 -17.91 1.72
C LEU F 166 -26.09 -17.12 1.32
N GLU F 167 -26.14 -16.71 0.05
CA GLU F 167 -27.27 -15.94 -0.45
C GLU F 167 -28.54 -16.79 -0.48
N ALA F 168 -28.38 -18.09 -0.74
CA ALA F 168 -29.51 -19.01 -0.73
C ALA F 168 -30.06 -19.17 0.69
N SER F 169 -29.17 -19.15 1.68
CA SER F 169 -29.58 -19.29 3.07
C SER F 169 -30.37 -18.06 3.53
N VAL F 170 -30.01 -16.91 2.97
CA VAL F 170 -30.74 -15.68 3.21
C VAL F 170 -32.22 -15.85 2.89
N ARG F 171 -32.50 -16.49 1.76
CA ARG F 171 -33.87 -16.70 1.31
C ARG F 171 -34.61 -17.71 2.19
N TYR F 172 -34.01 -18.87 2.42
CA TYR F 172 -34.64 -19.87 3.26
C TYR F 172 -34.77 -19.42 4.71
N LEU F 173 -33.80 -18.65 5.20
CA LEU F 173 -33.90 -18.03 6.52
C LEU F 173 -35.09 -17.08 6.56
N ALA F 174 -35.24 -16.27 5.51
CA ALA F 174 -36.32 -15.30 5.43
C ALA F 174 -37.69 -15.97 5.55
N VAL F 175 -37.81 -17.15 4.97
CA VAL F 175 -39.06 -17.91 5.03
C VAL F 175 -39.30 -18.49 6.42
N SER F 176 -38.24 -19.05 7.00
CA SER F 176 -38.33 -19.70 8.31
C SER F 176 -38.64 -18.72 9.43
N LEU F 177 -37.96 -17.57 9.42
CA LEU F 177 -38.10 -16.58 10.49
C LEU F 177 -39.16 -15.53 10.17
N GLY F 178 -39.69 -15.58 8.96
CA GLY F 178 -40.62 -14.57 8.49
C GLY F 178 -41.94 -14.56 9.22
N ALA F 179 -42.45 -15.74 9.56
CA ALA F 179 -43.70 -15.87 10.31
C ALA F 179 -43.65 -15.06 11.60
N LYS F 180 -42.56 -15.21 12.35
CA LYS F 180 -42.36 -14.47 13.59
C LYS F 180 -42.27 -12.97 13.36
N GLY F 181 -41.83 -12.59 12.16
CA GLY F 181 -41.71 -11.18 11.80
C GLY F 181 -40.27 -10.73 11.61
N VAL F 182 -39.33 -11.67 11.68
CA VAL F 182 -37.92 -11.34 11.51
C VAL F 182 -37.55 -11.25 10.04
N ARG F 183 -36.73 -10.28 9.71
CA ARG F 183 -36.31 -10.07 8.32
C ARG F 183 -34.86 -10.48 8.15
N VAL F 184 -34.55 -11.09 7.01
CA VAL F 184 -33.20 -11.54 6.72
C VAL F 184 -32.75 -11.00 5.37
N ASN F 185 -31.61 -10.30 5.35
CA ASN F 185 -31.09 -9.73 4.12
C ASN F 185 -29.58 -9.85 4.00
N ALA F 186 -29.08 -9.61 2.79
CA ALA F 186 -27.66 -9.56 2.55
C ALA F 186 -27.32 -8.30 1.75
N ILE F 187 -26.12 -7.77 1.97
CA ILE F 187 -25.61 -6.72 1.11
C ILE F 187 -24.50 -7.29 0.25
N SER F 188 -24.66 -7.18 -1.06
CA SER F 188 -23.59 -7.55 -1.97
C SER F 188 -22.69 -6.34 -2.17
N ALA F 189 -21.62 -6.28 -1.37
CA ALA F 189 -20.75 -5.11 -1.35
C ALA F 189 -19.71 -5.18 -2.46
N GLY F 190 -19.39 -4.02 -3.03
CA GLY F 190 -18.29 -3.90 -3.97
C GLY F 190 -16.97 -4.06 -3.26
N PRO F 191 -15.86 -4.13 -4.02
CA PRO F 191 -14.54 -4.34 -3.42
C PRO F 191 -14.13 -3.20 -2.48
N ILE F 192 -13.62 -3.58 -1.31
CA ILE F 192 -13.15 -2.63 -0.31
C ILE F 192 -11.84 -3.14 0.28
N LYS F 193 -10.83 -2.28 0.35
CA LYS F 193 -9.52 -2.67 0.85
C LYS F 193 -9.56 -2.99 2.34
N THR F 194 -9.78 -4.26 2.67
CA THR F 194 -9.81 -4.72 4.05
C THR F 194 -8.72 -5.75 4.32
N LEU F 195 -8.64 -6.23 5.57
CA LEU F 195 -7.65 -7.23 5.94
C LEU F 195 -7.80 -8.47 5.07
N ALA F 196 -9.01 -9.01 5.04
CA ALA F 196 -9.32 -10.20 4.26
C ALA F 196 -9.05 -10.01 2.77
N ALA F 197 -9.32 -8.81 2.27
CA ALA F 197 -9.15 -8.49 0.86
C ALA F 197 -7.72 -8.73 0.37
N SER F 198 -6.76 -8.65 1.29
CA SER F 198 -5.36 -8.82 0.95
C SER F 198 -5.05 -10.24 0.46
N GLY F 199 -5.88 -11.19 0.86
CA GLY F 199 -5.66 -12.60 0.51
C GLY F 199 -6.13 -12.96 -0.88
N ILE F 200 -6.91 -12.07 -1.50
CA ILE F 200 -7.37 -12.27 -2.87
C ILE F 200 -6.33 -11.76 -3.86
N LYS F 201 -5.83 -12.64 -4.71
CA LYS F 201 -4.77 -12.30 -5.65
C LYS F 201 -5.16 -11.14 -6.56
N SER F 202 -4.24 -10.21 -6.74
CA SER F 202 -4.46 -9.05 -7.60
C SER F 202 -5.75 -8.33 -7.25
N PHE F 203 -5.93 -8.04 -5.97
CA PHE F 203 -7.10 -7.32 -5.50
C PHE F 203 -7.06 -5.90 -6.02
N GLY F 204 -5.86 -5.38 -6.20
CA GLY F 204 -5.66 -4.03 -6.71
C GLY F 204 -6.21 -3.87 -8.11
N LYS F 205 -6.07 -4.91 -8.93
CA LYS F 205 -6.62 -4.90 -10.28
C LYS F 205 -8.14 -4.75 -10.23
N ILE F 206 -8.76 -5.43 -9.27
CA ILE F 206 -10.21 -5.39 -9.11
C ILE F 206 -10.70 -4.01 -8.69
N LEU F 207 -9.99 -3.38 -7.75
CA LEU F 207 -10.33 -2.03 -7.32
C LEU F 207 -10.28 -1.03 -8.47
N ASP F 208 -9.20 -1.08 -9.24
CA ASP F 208 -9.02 -0.18 -10.37
C ASP F 208 -10.13 -0.39 -11.41
N PHE F 209 -10.46 -1.65 -11.67
CA PHE F 209 -11.43 -1.99 -12.71
C PHE F 209 -12.83 -1.48 -12.33
N VAL F 210 -13.20 -1.67 -11.07
CA VAL F 210 -14.51 -1.22 -10.59
C VAL F 210 -14.60 0.30 -10.60
N GLU F 211 -13.53 0.95 -10.16
CA GLU F 211 -13.46 2.42 -10.16
C GLU F 211 -13.61 2.97 -11.57
N SER F 212 -13.06 2.25 -12.54
CA SER F 212 -13.08 2.67 -13.92
C SER F 212 -14.40 2.37 -14.63
N ASN F 213 -15.04 1.27 -14.27
CA ASN F 213 -16.19 0.78 -15.04
C ASN F 213 -17.54 0.88 -14.35
N SER F 214 -17.57 1.04 -13.03
CA SER F 214 -18.83 1.24 -12.33
C SER F 214 -19.51 2.51 -12.82
N PRO F 215 -20.85 2.52 -12.84
CA PRO F 215 -21.62 3.69 -13.30
C PRO F 215 -21.24 4.98 -12.57
N LEU F 216 -20.99 4.89 -11.27
CA LEU F 216 -20.62 6.07 -10.48
C LEU F 216 -19.12 6.37 -10.59
N LYS F 217 -18.39 5.54 -11.33
CA LYS F 217 -16.96 5.74 -11.55
C LYS F 217 -16.19 5.94 -10.25
N ARG F 218 -16.53 5.14 -9.25
CA ARG F 218 -15.90 5.24 -7.94
C ARG F 218 -16.13 3.99 -7.12
N ASN F 219 -15.17 3.64 -6.26
CA ASN F 219 -15.34 2.52 -5.35
C ASN F 219 -16.22 2.90 -4.17
N VAL F 220 -16.72 1.91 -3.46
CA VAL F 220 -17.56 2.15 -2.30
C VAL F 220 -16.75 2.15 -1.02
N THR F 221 -17.35 2.68 0.04
CA THR F 221 -16.68 2.79 1.34
C THR F 221 -17.44 1.97 2.38
N ILE F 222 -16.79 1.68 3.50
CA ILE F 222 -17.45 0.98 4.58
C ILE F 222 -18.52 1.87 5.20
N GLU F 223 -18.45 3.17 4.91
CA GLU F 223 -19.48 4.11 5.35
C GLU F 223 -20.75 3.95 4.52
N GLN F 224 -20.59 3.77 3.21
CA GLN F 224 -21.74 3.56 2.32
C GLN F 224 -22.38 2.20 2.57
N VAL F 225 -21.54 1.19 2.79
CA VAL F 225 -22.03 -0.13 3.14
C VAL F 225 -22.64 -0.09 4.54
N GLY F 226 -22.00 0.67 5.43
CA GLY F 226 -22.51 0.87 6.78
C GLY F 226 -23.90 1.45 6.81
N ASN F 227 -24.13 2.52 6.06
CA ASN F 227 -25.43 3.15 5.98
C ASN F 227 -26.51 2.22 5.42
N ALA F 228 -26.20 1.55 4.31
CA ALA F 228 -27.12 0.59 3.72
C ALA F 228 -27.48 -0.49 4.73
N GLY F 229 -26.47 -0.98 5.45
CA GLY F 229 -26.67 -1.98 6.48
C GLY F 229 -27.56 -1.47 7.60
N ALA F 230 -27.32 -0.24 8.04
CA ALA F 230 -28.13 0.37 9.09
C ALA F 230 -29.58 0.47 8.67
N PHE F 231 -29.81 0.86 7.42
CA PHE F 231 -31.15 0.93 6.85
C PHE F 231 -31.86 -0.41 6.94
N LEU F 232 -31.19 -1.46 6.46
CA LEU F 232 -31.78 -2.79 6.43
C LEU F 232 -32.07 -3.33 7.82
N LEU F 233 -31.29 -2.88 8.81
CA LEU F 233 -31.47 -3.32 10.19
C LEU F 233 -32.57 -2.54 10.89
N SER F 234 -33.02 -1.46 10.27
CA SER F 234 -33.98 -0.55 10.88
C SER F 234 -35.41 -0.83 10.40
N ASP F 235 -36.38 -0.23 11.09
CA ASP F 235 -37.78 -0.37 10.74
C ASP F 235 -38.13 0.31 9.41
N LEU F 236 -37.22 1.17 8.94
CA LEU F 236 -37.38 1.82 7.64
C LEU F 236 -37.48 0.79 6.52
N ALA F 237 -36.93 -0.39 6.75
CA ALA F 237 -36.90 -1.45 5.75
C ALA F 237 -37.79 -2.62 6.16
N SER F 238 -38.86 -2.33 6.89
CA SER F 238 -39.75 -3.37 7.40
C SER F 238 -40.46 -4.09 6.25
N GLY F 239 -40.42 -3.51 5.06
CA GLY F 239 -40.99 -4.13 3.89
C GLY F 239 -39.99 -4.95 3.10
N VAL F 240 -38.75 -4.98 3.56
CA VAL F 240 -37.66 -5.65 2.84
C VAL F 240 -37.14 -6.89 3.54
N THR F 241 -37.18 -8.03 2.86
CA THR F 241 -36.61 -9.27 3.36
C THR F 241 -36.25 -10.22 2.22
N ALA F 242 -35.33 -11.14 2.49
CA ALA F 242 -34.86 -12.08 1.47
C ALA F 242 -34.23 -11.35 0.29
N GLU F 243 -33.67 -10.17 0.58
CA GLU F 243 -33.09 -9.34 -0.47
C GLU F 243 -31.57 -9.37 -0.44
N VAL F 244 -30.96 -9.47 -1.60
CA VAL F 244 -29.52 -9.26 -1.73
C VAL F 244 -29.29 -7.91 -2.39
N MET F 245 -28.97 -6.91 -1.58
CA MET F 245 -28.85 -5.53 -2.06
C MET F 245 -27.42 -5.21 -2.47
N HIS F 246 -27.23 -4.81 -3.71
CA HIS F 246 -25.91 -4.43 -4.20
C HIS F 246 -25.52 -3.03 -3.73
N VAL F 247 -24.42 -2.96 -3.00
CA VAL F 247 -23.81 -1.68 -2.67
C VAL F 247 -22.40 -1.69 -3.28
N ASP F 248 -22.33 -1.29 -4.55
CA ASP F 248 -21.13 -1.48 -5.35
C ASP F 248 -21.01 -0.42 -6.43
N SER F 249 -21.62 0.74 -6.18
CA SER F 249 -21.64 1.84 -7.15
C SER F 249 -22.27 1.41 -8.48
N GLY F 250 -23.06 0.35 -8.43
CA GLY F 250 -23.80 -0.12 -9.59
C GLY F 250 -23.01 -1.04 -10.51
N PHE F 251 -21.81 -1.44 -10.08
CA PHE F 251 -20.92 -2.25 -10.91
C PHE F 251 -21.58 -3.53 -11.45
N ASN F 252 -22.38 -4.19 -10.63
CA ASN F 252 -23.01 -5.46 -11.02
C ASN F 252 -23.90 -5.33 -12.27
N ALA F 253 -24.43 -4.13 -12.51
CA ALA F 253 -25.42 -3.93 -13.56
C ALA F 253 -24.80 -3.63 -14.94
N VAL F 254 -23.48 -3.56 -15.01
CA VAL F 254 -22.81 -3.25 -16.27
C VAL F 254 -21.91 -4.38 -16.77
N VAL F 255 -21.46 -4.25 -18.01
CA VAL F 255 -20.39 -5.07 -18.54
C VAL F 255 -19.15 -4.20 -18.71
N GLY F 256 -18.11 -4.46 -17.91
CA GLY F 256 -16.92 -3.64 -17.95
C GLY F 256 -15.98 -3.99 -19.08
N GLY G 2 -34.06 15.03 9.62
CA GLY G 2 -34.06 13.75 8.95
C GLY G 2 -32.90 13.61 7.98
N PHE G 3 -32.76 12.44 7.39
CA PHE G 3 -31.65 12.18 6.48
C PHE G 3 -31.90 12.75 5.08
N LEU G 4 -32.94 13.57 4.95
CA LEU G 4 -33.20 14.25 3.68
C LEU G 4 -33.26 15.76 3.86
N ASP G 5 -32.80 16.25 5.00
CA ASP G 5 -32.74 17.68 5.29
C ASP G 5 -32.10 18.48 4.16
N GLY G 6 -32.84 19.44 3.61
CA GLY G 6 -32.30 20.34 2.62
C GLY G 6 -32.36 19.80 1.19
N LYS G 7 -32.93 18.62 1.04
CA LYS G 7 -33.09 18.03 -0.29
C LYS G 7 -34.40 18.49 -0.93
N ARG G 8 -34.30 18.90 -2.19
CA ARG G 8 -35.46 19.32 -2.99
C ARG G 8 -35.88 18.19 -3.92
N ILE G 9 -37.10 17.69 -3.72
CA ILE G 9 -37.53 16.50 -4.44
C ILE G 9 -38.84 16.72 -5.20
N LEU G 10 -38.84 16.36 -6.48
CA LEU G 10 -40.03 16.42 -7.32
C LEU G 10 -40.70 15.05 -7.41
N LEU G 11 -41.98 14.99 -7.08
CA LEU G 11 -42.72 13.73 -7.15
C LEU G 11 -43.82 13.74 -8.18
N THR G 12 -43.83 12.72 -9.04
CA THR G 12 -44.93 12.51 -9.96
C THR G 12 -45.85 11.41 -9.43
N GLY G 13 -47.03 11.30 -10.01
CA GLY G 13 -47.89 10.16 -9.72
C GLY G 13 -48.74 10.25 -8.46
N LEU G 14 -48.67 11.36 -7.75
CA LEU G 14 -49.51 11.52 -6.57
C LEU G 14 -50.94 11.84 -7.01
N LEU G 15 -51.81 10.85 -6.90
CA LEU G 15 -53.18 10.96 -7.39
C LEU G 15 -54.21 10.90 -6.27
N SER G 16 -53.98 9.99 -5.32
CA SER G 16 -54.85 9.88 -4.15
C SER G 16 -54.00 9.60 -2.93
N ASN G 17 -54.61 9.64 -1.75
CA ASN G 17 -53.90 9.39 -0.50
C ASN G 17 -53.54 7.92 -0.34
N ARG G 18 -53.88 7.15 -1.38
CA ARG G 18 -53.57 5.72 -1.45
C ARG G 18 -52.46 5.42 -2.44
N SER G 19 -52.06 6.45 -3.16
CA SER G 19 -50.98 6.36 -4.14
C SER G 19 -49.64 6.02 -3.50
N ILE G 20 -48.80 5.30 -4.22
CA ILE G 20 -47.43 5.02 -3.78
C ILE G 20 -46.66 6.32 -3.64
N ALA G 21 -46.86 7.23 -4.59
CA ALA G 21 -46.21 8.54 -4.58
C ALA G 21 -46.54 9.31 -3.31
N TYR G 22 -47.76 9.12 -2.82
CA TYR G 22 -48.19 9.76 -1.57
C TYR G 22 -47.37 9.23 -0.41
N GLY G 23 -47.18 7.92 -0.38
CA GLY G 23 -46.40 7.27 0.65
C GLY G 23 -44.96 7.75 0.67
N ILE G 24 -44.37 7.86 -0.52
CA ILE G 24 -43.00 8.34 -0.65
C ILE G 24 -42.90 9.80 -0.22
N ALA G 25 -43.89 10.59 -0.60
CA ALA G 25 -43.94 12.00 -0.25
C ALA G 25 -43.96 12.20 1.27
N LYS G 26 -44.84 11.45 1.94
CA LYS G 26 -44.96 11.54 3.40
C LYS G 26 -43.64 11.21 4.08
N ALA G 27 -42.98 10.15 3.62
CA ALA G 27 -41.71 9.71 4.18
C ALA G 27 -40.61 10.74 3.94
N CYS G 28 -40.60 11.34 2.76
CA CYS G 28 -39.58 12.33 2.42
C CYS G 28 -39.74 13.61 3.23
N LYS G 29 -40.97 14.08 3.37
CA LYS G 29 -41.26 15.26 4.17
C LYS G 29 -40.82 15.03 5.61
N ARG G 30 -41.19 13.89 6.15
CA ARG G 30 -40.83 13.50 7.50
C ARG G 30 -39.30 13.57 7.72
N GLU G 31 -38.55 13.18 6.70
CA GLU G 31 -37.10 13.18 6.79
C GLU G 31 -36.49 14.53 6.37
N GLY G 32 -37.34 15.52 6.09
CA GLY G 32 -36.89 16.89 5.96
C GLY G 32 -36.67 17.46 4.56
N ALA G 33 -37.30 16.86 3.56
CA ALA G 33 -37.14 17.34 2.18
C ALA G 33 -38.14 18.45 1.83
N GLU G 34 -37.79 19.24 0.83
CA GLU G 34 -38.74 20.18 0.22
C GLU G 34 -39.35 19.53 -1.01
N LEU G 35 -40.67 19.51 -1.09
CA LEU G 35 -41.34 18.77 -2.16
C LEU G 35 -41.99 19.65 -3.23
N ALA G 36 -42.05 19.11 -4.44
CA ALA G 36 -42.78 19.70 -5.54
C ALA G 36 -43.55 18.59 -6.23
N PHE G 37 -44.71 18.91 -6.81
CA PHE G 37 -45.58 17.87 -7.34
C PHE G 37 -46.05 18.15 -8.75
N THR G 38 -46.39 17.08 -9.46
CA THR G 38 -46.98 17.19 -10.79
C THR G 38 -48.37 16.57 -10.78
N TYR G 39 -49.20 17.03 -11.70
CA TYR G 39 -50.54 16.48 -11.86
C TYR G 39 -50.84 16.36 -13.34
N VAL G 40 -51.82 15.54 -13.69
CA VAL G 40 -52.21 15.36 -15.08
C VAL G 40 -53.61 15.91 -15.30
N GLY G 41 -53.75 16.79 -16.27
CA GLY G 41 -55.06 17.32 -16.63
C GLY G 41 -55.43 18.55 -15.84
N ASP G 42 -55.96 19.55 -16.54
CA ASP G 42 -56.39 20.81 -15.96
C ASP G 42 -57.23 20.64 -14.69
N ARG G 43 -58.00 19.55 -14.63
CA ARG G 43 -58.97 19.35 -13.56
C ARG G 43 -58.35 19.03 -12.20
N PHE G 44 -57.42 18.08 -12.18
CA PHE G 44 -56.83 17.62 -10.91
C PHE G 44 -55.98 18.66 -10.20
N LYS G 45 -55.87 19.86 -10.76
CA LYS G 45 -55.02 20.91 -10.18
C LYS G 45 -55.40 21.19 -8.73
N ASP G 46 -56.70 21.21 -8.44
CA ASP G 46 -57.16 21.46 -7.08
C ASP G 46 -56.70 20.40 -6.10
N ARG G 47 -57.01 19.15 -6.44
CA ARG G 47 -56.74 18.02 -5.56
C ARG G 47 -55.26 17.91 -5.24
N ILE G 48 -54.41 18.18 -6.23
CA ILE G 48 -52.98 18.05 -6.03
C ILE G 48 -52.41 19.24 -5.26
N THR G 49 -53.06 20.40 -5.39
CA THR G 49 -52.62 21.58 -4.65
C THR G 49 -52.90 21.41 -3.17
N GLU G 50 -54.04 20.79 -2.85
CA GLU G 50 -54.37 20.47 -1.47
C GLU G 50 -53.31 19.53 -0.89
N PHE G 51 -52.98 18.48 -1.64
CA PHE G 51 -51.94 17.53 -1.25
C PHE G 51 -50.60 18.22 -1.05
N ALA G 52 -50.24 19.09 -2.00
CA ALA G 52 -49.00 19.84 -1.91
C ALA G 52 -48.96 20.68 -0.64
N ALA G 53 -50.05 21.41 -0.39
CA ALA G 53 -50.18 22.22 0.82
C ALA G 53 -50.05 21.33 2.06
N GLU G 54 -50.58 20.11 1.95
CA GLU G 54 -50.52 19.14 3.04
C GLU G 54 -49.08 18.77 3.39
N PHE G 55 -48.18 18.92 2.43
CA PHE G 55 -46.77 18.62 2.66
C PHE G 55 -45.93 19.90 2.73
N GLY G 56 -46.61 21.04 2.84
CA GLY G 56 -45.93 22.31 3.01
C GLY G 56 -45.34 22.87 1.72
N SER G 57 -45.98 22.55 0.59
CA SER G 57 -45.49 23.01 -0.70
C SER G 57 -46.54 23.78 -1.48
N GLU G 58 -46.09 24.75 -2.26
CA GLU G 58 -46.96 25.51 -3.14
C GLU G 58 -46.60 25.22 -4.60
N LEU G 59 -45.68 24.28 -4.79
CA LEU G 59 -45.14 23.98 -6.10
C LEU G 59 -45.84 22.80 -6.77
N VAL G 60 -46.80 23.09 -7.63
CA VAL G 60 -47.44 22.07 -8.44
C VAL G 60 -47.38 22.47 -9.91
N PHE G 61 -47.07 21.50 -10.77
CA PHE G 61 -46.95 21.77 -12.19
C PHE G 61 -47.64 20.68 -13.00
N PRO G 62 -48.35 21.08 -14.06
CA PRO G 62 -48.99 20.09 -14.94
C PRO G 62 -47.96 19.35 -15.78
N CYS G 63 -48.10 18.04 -15.89
CA CYS G 63 -47.20 17.26 -16.72
C CYS G 63 -47.78 15.93 -17.17
N ASP G 64 -48.35 15.93 -18.38
CA ASP G 64 -48.74 14.69 -19.05
C ASP G 64 -47.53 14.22 -19.83
N VAL G 65 -46.91 13.15 -19.36
CA VAL G 65 -45.64 12.68 -19.94
C VAL G 65 -45.78 12.23 -21.39
N ALA G 66 -47.00 12.21 -21.90
CA ALA G 66 -47.24 11.89 -23.30
C ALA G 66 -46.85 13.08 -24.19
N ASP G 67 -46.79 14.26 -23.58
CA ASP G 67 -46.53 15.49 -24.32
C ASP G 67 -45.13 16.02 -24.04
N ASP G 68 -44.28 16.04 -25.07
CA ASP G 68 -42.93 16.58 -24.95
C ASP G 68 -42.97 18.03 -24.44
N ALA G 69 -43.99 18.77 -24.87
CA ALA G 69 -44.18 20.16 -24.47
C ALA G 69 -44.23 20.32 -22.96
N GLN G 70 -45.14 19.57 -22.34
CA GLN G 70 -45.36 19.67 -20.90
C GLN G 70 -44.12 19.25 -20.12
N ILE G 71 -43.35 18.33 -20.66
CA ILE G 71 -42.15 17.84 -20.00
C ILE G 71 -41.07 18.91 -19.94
N ASP G 72 -40.81 19.55 -21.08
CA ASP G 72 -39.84 20.64 -21.13
C ASP G 72 -40.32 21.84 -20.32
N ALA G 73 -41.61 22.10 -20.36
CA ALA G 73 -42.20 23.21 -19.64
C ALA G 73 -42.15 22.99 -18.13
N LEU G 74 -42.23 21.73 -17.72
CA LEU G 74 -42.19 21.37 -16.30
C LEU G 74 -40.93 21.88 -15.61
N PHE G 75 -39.78 21.61 -16.21
CA PHE G 75 -38.50 21.93 -15.58
C PHE G 75 -38.09 23.37 -15.84
N ALA G 76 -38.63 23.99 -16.88
CA ALA G 76 -38.45 25.41 -17.10
C ALA G 76 -39.14 26.16 -15.97
N SER G 77 -40.35 25.70 -15.63
CA SER G 77 -41.13 26.30 -14.56
C SER G 77 -40.52 26.02 -13.18
N LEU G 78 -40.09 24.77 -12.96
CA LEU G 78 -39.46 24.40 -11.70
C LEU G 78 -38.19 25.21 -11.46
N LYS G 79 -37.49 25.52 -12.55
CA LYS G 79 -36.24 26.26 -12.48
C LYS G 79 -36.42 27.69 -11.95
N THR G 80 -37.64 28.21 -12.04
CA THR G 80 -37.92 29.56 -11.56
C THR G 80 -38.10 29.58 -10.04
N HIS G 81 -38.26 28.40 -9.45
CA HIS G 81 -38.38 28.28 -8.00
C HIS G 81 -37.12 27.62 -7.41
N TRP G 82 -36.64 26.60 -8.11
CA TRP G 82 -35.43 25.88 -7.72
C TRP G 82 -34.40 25.98 -8.83
N ASP G 83 -33.15 26.24 -8.48
CA ASP G 83 -32.08 26.25 -9.47
C ASP G 83 -31.34 24.91 -9.40
N SER G 84 -31.77 24.06 -8.50
CA SER G 84 -31.12 22.78 -8.25
C SER G 84 -32.12 21.71 -7.81
N LEU G 85 -32.16 20.59 -8.54
CA LEU G 85 -33.05 19.49 -8.21
C LEU G 85 -32.26 18.31 -7.64
N ASP G 86 -32.66 17.83 -6.46
CA ASP G 86 -31.92 16.79 -5.75
C ASP G 86 -32.55 15.41 -5.94
N GLY G 87 -33.84 15.38 -6.22
CA GLY G 87 -34.56 14.14 -6.31
C GLY G 87 -35.71 14.16 -7.30
N LEU G 88 -35.91 13.04 -7.98
CA LEU G 88 -36.99 12.88 -8.92
C LEU G 88 -37.68 11.54 -8.69
N VAL G 89 -38.97 11.58 -8.40
CA VAL G 89 -39.70 10.36 -8.15
C VAL G 89 -40.65 10.07 -9.30
N HIS G 90 -40.33 9.02 -10.05
CA HIS G 90 -41.14 8.59 -11.17
C HIS G 90 -42.12 7.52 -10.72
N SER G 91 -43.37 7.91 -10.46
CA SER G 91 -44.39 6.99 -10.00
C SER G 91 -45.56 7.03 -10.98
N ILE G 92 -45.27 6.67 -12.22
CA ILE G 92 -46.22 6.82 -13.31
C ILE G 92 -46.35 5.52 -14.11
N GLY G 93 -47.58 5.19 -14.49
CA GLY G 93 -47.82 4.00 -15.29
C GLY G 93 -49.17 4.05 -15.96
N PHE G 94 -49.26 3.51 -17.18
CA PHE G 94 -50.53 3.40 -17.86
C PHE G 94 -50.50 2.45 -19.05
N ALA G 95 -51.61 1.74 -19.22
CA ALA G 95 -51.83 0.92 -20.41
C ALA G 95 -53.34 0.86 -20.64
N PRO G 96 -53.76 0.79 -21.91
CA PRO G 96 -55.18 0.57 -22.19
C PRO G 96 -55.68 -0.66 -21.44
N ARG G 97 -56.89 -0.58 -20.89
CA ARG G 97 -57.34 -1.58 -19.91
C ARG G 97 -57.45 -3.01 -20.46
N GLU G 98 -57.73 -3.16 -21.75
CA GLU G 98 -57.84 -4.50 -22.32
C GLU G 98 -56.45 -5.13 -22.48
N ALA G 99 -55.41 -4.31 -22.40
CA ALA G 99 -54.04 -4.80 -22.53
C ALA G 99 -53.55 -5.40 -21.22
N ILE G 100 -54.33 -5.22 -20.16
CA ILE G 100 -54.00 -5.80 -18.86
C ILE G 100 -55.19 -6.57 -18.32
N ALA G 101 -55.94 -7.18 -19.23
CA ALA G 101 -57.10 -7.98 -18.87
C ALA G 101 -57.10 -9.29 -19.65
N GLY G 102 -57.37 -10.38 -18.96
CA GLY G 102 -57.40 -11.70 -19.58
C GLY G 102 -56.09 -12.09 -20.24
N ASP G 103 -56.19 -12.56 -21.48
CA ASP G 103 -55.05 -13.15 -22.17
C ASP G 103 -54.13 -12.08 -22.75
N PHE G 104 -52.84 -12.33 -22.69
CA PHE G 104 -51.83 -11.42 -23.21
C PHE G 104 -52.06 -11.03 -24.67
N LEU G 105 -52.29 -12.03 -25.52
CA LEU G 105 -52.46 -11.80 -26.96
C LEU G 105 -53.76 -11.10 -27.32
N ASP G 106 -54.83 -11.41 -26.60
CA ASP G 106 -56.13 -10.78 -26.86
C ASP G 106 -56.03 -9.26 -26.76
N GLY G 107 -55.28 -8.78 -25.76
CA GLY G 107 -55.15 -7.37 -25.51
C GLY G 107 -53.98 -6.70 -26.21
N LEU G 108 -53.26 -7.48 -27.00
CA LEU G 108 -52.09 -6.95 -27.70
C LEU G 108 -52.45 -6.29 -29.02
N THR G 109 -52.16 -4.99 -29.12
CA THR G 109 -52.27 -4.26 -30.37
C THR G 109 -51.07 -3.31 -30.43
N ARG G 110 -50.65 -2.95 -31.64
CA ARG G 110 -49.50 -2.07 -31.79
C ARG G 110 -49.70 -0.77 -31.01
N GLU G 111 -50.94 -0.29 -31.00
CA GLU G 111 -51.26 0.95 -30.31
C GLU G 111 -51.21 0.78 -28.79
N ASN G 112 -51.82 -0.28 -28.29
CA ASN G 112 -51.77 -0.58 -26.86
C ASN G 112 -50.32 -0.73 -26.40
N PHE G 113 -49.52 -1.41 -27.23
CA PHE G 113 -48.10 -1.59 -26.95
C PHE G 113 -47.39 -0.25 -26.87
N ARG G 114 -47.58 0.58 -27.89
CA ARG G 114 -46.91 1.88 -27.97
C ARG G 114 -47.24 2.76 -26.76
N ILE G 115 -48.53 2.84 -26.44
CA ILE G 115 -48.98 3.66 -25.32
C ILE G 115 -48.38 3.20 -24.01
N ALA G 116 -48.48 1.89 -23.73
CA ALA G 116 -47.98 1.33 -22.49
C ALA G 116 -46.49 1.65 -22.27
N HIS G 117 -45.70 1.45 -23.31
CA HIS G 117 -44.27 1.72 -23.24
C HIS G 117 -43.96 3.22 -23.26
N ASP G 118 -44.78 3.97 -23.99
CA ASP G 118 -44.64 5.42 -24.06
C ASP G 118 -44.76 6.03 -22.66
N ILE G 119 -45.82 5.68 -21.95
CA ILE G 119 -46.12 6.28 -20.66
C ILE G 119 -45.40 5.63 -19.47
N SER G 120 -45.22 4.31 -19.53
CA SER G 120 -44.70 3.58 -18.37
C SER G 120 -43.19 3.42 -18.40
N ALA G 121 -42.60 3.44 -19.59
CA ALA G 121 -41.16 3.21 -19.72
C ALA G 121 -40.40 4.45 -20.18
N TYR G 122 -40.73 4.94 -21.38
CA TYR G 122 -40.01 6.07 -21.97
C TYR G 122 -39.99 7.31 -21.07
N SER G 123 -41.11 7.55 -20.39
CA SER G 123 -41.28 8.76 -19.60
C SER G 123 -40.20 8.96 -18.54
N PHE G 124 -39.67 7.86 -18.01
CA PHE G 124 -38.66 7.96 -16.96
C PHE G 124 -37.35 8.59 -17.48
N PRO G 125 -36.70 7.94 -18.46
CA PRO G 125 -35.48 8.56 -19.00
C PRO G 125 -35.77 9.89 -19.69
N ALA G 126 -36.99 10.06 -20.17
CA ALA G 126 -37.39 11.31 -20.80
C ALA G 126 -37.34 12.46 -19.78
N LEU G 127 -37.99 12.25 -18.63
CA LEU G 127 -37.94 13.22 -17.54
C LEU G 127 -36.52 13.44 -17.05
N ALA G 128 -35.74 12.37 -16.97
CA ALA G 128 -34.35 12.45 -16.56
C ALA G 128 -33.59 13.41 -17.47
N LYS G 129 -33.71 13.19 -18.78
CA LYS G 129 -33.02 14.02 -19.76
C LYS G 129 -33.41 15.49 -19.65
N ALA G 130 -34.69 15.74 -19.42
CA ALA G 130 -35.20 17.11 -19.35
C ALA G 130 -34.74 17.81 -18.08
N ALA G 131 -34.52 17.04 -17.02
CA ALA G 131 -34.14 17.60 -15.73
C ALA G 131 -32.63 17.73 -15.57
N LEU G 132 -31.89 17.03 -16.41
CA LEU G 132 -30.43 16.94 -16.32
C LEU G 132 -29.74 18.29 -16.07
N PRO G 133 -30.10 19.32 -16.85
CA PRO G 133 -29.47 20.63 -16.71
C PRO G 133 -29.52 21.20 -15.29
N MET G 134 -30.58 20.92 -14.55
CA MET G 134 -30.72 21.46 -13.21
C MET G 134 -30.55 20.42 -12.10
N LEU G 135 -30.00 19.26 -12.45
CA LEU G 135 -29.76 18.21 -11.46
C LEU G 135 -28.48 18.48 -10.66
N SER G 136 -28.54 18.31 -9.34
CA SER G 136 -27.36 18.39 -8.50
C SER G 136 -26.44 17.21 -8.79
N ASP G 137 -25.20 17.29 -8.31
CA ASP G 137 -24.21 16.24 -8.59
C ASP G 137 -24.43 14.99 -7.75
N ASP G 138 -25.17 15.12 -6.65
CA ASP G 138 -25.48 13.95 -5.82
C ASP G 138 -26.98 13.65 -5.89
N ALA G 139 -27.58 14.06 -7.00
CA ALA G 139 -29.01 13.83 -7.23
C ALA G 139 -29.33 12.35 -7.30
N SER G 140 -30.58 12.00 -7.01
CA SER G 140 -31.03 10.62 -7.03
C SER G 140 -32.38 10.50 -7.75
N LEU G 141 -32.46 9.62 -8.74
CA LEU G 141 -33.70 9.39 -9.46
C LEU G 141 -34.29 8.03 -9.09
N LEU G 142 -35.60 8.01 -8.88
CA LEU G 142 -36.28 6.80 -8.41
C LEU G 142 -37.52 6.50 -9.25
N THR G 143 -37.69 5.23 -9.62
CA THR G 143 -38.89 4.81 -10.33
C THR G 143 -39.50 3.59 -9.67
N LEU G 144 -40.74 3.26 -10.04
CA LEU G 144 -41.45 2.14 -9.47
C LEU G 144 -41.71 1.06 -10.51
N SER G 145 -41.32 -0.16 -10.18
CA SER G 145 -41.53 -1.29 -11.08
C SER G 145 -42.28 -2.40 -10.36
N TYR G 146 -42.43 -3.54 -11.02
CA TYR G 146 -43.19 -4.64 -10.46
C TYR G 146 -42.63 -5.97 -10.92
N LEU G 147 -42.82 -7.00 -10.09
CA LEU G 147 -42.32 -8.34 -10.36
C LEU G 147 -42.74 -8.85 -11.74
N GLY G 148 -43.83 -8.27 -12.26
CA GLY G 148 -44.34 -8.64 -13.56
C GLY G 148 -43.36 -8.42 -14.70
N ALA G 149 -42.32 -7.63 -14.43
CA ALA G 149 -41.27 -7.39 -15.41
C ALA G 149 -40.35 -8.61 -15.55
N GLU G 150 -40.17 -9.33 -14.46
CA GLU G 150 -39.20 -10.43 -14.41
C GLU G 150 -39.85 -11.79 -14.56
N ARG G 151 -41.09 -11.92 -14.15
CA ARG G 151 -41.83 -13.17 -14.32
C ARG G 151 -43.25 -12.91 -14.81
N ALA G 152 -43.81 -13.88 -15.52
CA ALA G 152 -45.14 -13.73 -16.12
C ALA G 152 -46.22 -13.80 -15.04
N ILE G 153 -46.93 -12.69 -14.86
CA ILE G 153 -47.99 -12.61 -13.88
C ILE G 153 -49.33 -12.43 -14.59
N PRO G 154 -50.32 -13.23 -14.20
CA PRO G 154 -51.65 -13.22 -14.83
C PRO G 154 -52.22 -11.82 -14.95
N ASN G 155 -52.66 -11.46 -16.15
CA ASN G 155 -53.32 -10.18 -16.42
C ASN G 155 -52.38 -8.98 -16.56
N TYR G 156 -51.17 -9.07 -16.03
CA TYR G 156 -50.26 -7.93 -16.10
C TYR G 156 -49.85 -7.69 -17.55
N ASN G 157 -49.71 -8.79 -18.30
CA ASN G 157 -49.55 -8.76 -19.76
C ASN G 157 -48.62 -7.68 -20.29
N THR G 158 -49.15 -6.79 -21.13
CA THR G 158 -48.35 -5.78 -21.82
C THR G 158 -47.58 -4.89 -20.84
N MET G 159 -48.14 -4.69 -19.66
CA MET G 159 -47.50 -3.86 -18.64
C MET G 159 -46.17 -4.47 -18.22
N GLY G 160 -46.11 -5.80 -18.24
CA GLY G 160 -44.90 -6.53 -17.90
C GLY G 160 -43.75 -6.20 -18.82
N LEU G 161 -44.04 -6.14 -20.12
CA LEU G 161 -43.04 -5.78 -21.12
C LEU G 161 -42.50 -4.38 -20.86
N ALA G 162 -43.41 -3.43 -20.61
CA ALA G 162 -43.03 -2.05 -20.37
C ALA G 162 -42.14 -1.90 -19.13
N LYS G 163 -42.51 -2.57 -18.04
CA LYS G 163 -41.74 -2.53 -16.81
C LYS G 163 -40.34 -3.11 -17.00
N ALA G 164 -40.24 -4.14 -17.84
CA ALA G 164 -38.96 -4.74 -18.15
C ALA G 164 -38.06 -3.71 -18.82
N ALA G 165 -38.65 -2.94 -19.75
CA ALA G 165 -37.93 -1.86 -20.42
C ALA G 165 -37.55 -0.77 -19.42
N LEU G 166 -38.48 -0.45 -18.52
CA LEU G 166 -38.25 0.56 -17.48
C LEU G 166 -37.02 0.21 -16.64
N GLU G 167 -36.94 -1.06 -16.23
CA GLU G 167 -35.82 -1.53 -15.41
C GLU G 167 -34.51 -1.49 -16.19
N ALA G 168 -34.59 -1.75 -17.50
CA ALA G 168 -33.43 -1.65 -18.36
C ALA G 168 -32.95 -0.21 -18.46
N SER G 169 -33.90 0.73 -18.48
CA SER G 169 -33.60 2.15 -18.56
C SER G 169 -32.95 2.64 -17.28
N VAL G 170 -33.34 2.03 -16.16
CA VAL G 170 -32.73 2.32 -14.87
C VAL G 170 -31.22 2.10 -14.96
N ARG G 171 -30.83 1.01 -15.60
CA ARG G 171 -29.42 0.67 -15.73
C ARG G 171 -28.69 1.61 -16.70
N TYR G 172 -29.24 1.80 -17.89
CA TYR G 172 -28.60 2.69 -18.86
C TYR G 172 -28.57 4.13 -18.40
N LEU G 173 -29.62 4.57 -17.69
CA LEU G 173 -29.61 5.88 -17.07
C LEU G 173 -28.49 6.00 -16.05
N ALA G 174 -28.32 4.96 -15.23
CA ALA G 174 -27.31 4.94 -14.18
C ALA G 174 -25.90 5.15 -14.75
N VAL G 175 -25.65 4.58 -15.92
CA VAL G 175 -24.35 4.72 -16.56
C VAL G 175 -24.18 6.12 -17.13
N SER G 176 -25.24 6.63 -17.75
CA SER G 176 -25.20 7.93 -18.39
C SER G 176 -25.01 9.06 -17.39
N LEU G 177 -25.76 9.01 -16.29
CA LEU G 177 -25.74 10.07 -15.30
C LEU G 177 -24.72 9.82 -14.18
N GLY G 178 -24.13 8.63 -14.17
CA GLY G 178 -23.25 8.23 -13.10
C GLY G 178 -21.98 9.06 -13.02
N ALA G 179 -21.44 9.41 -14.18
CA ALA G 179 -20.24 10.24 -14.26
C ALA G 179 -20.42 11.53 -13.47
N LYS G 180 -21.55 12.18 -13.69
CA LYS G 180 -21.88 13.41 -12.98
C LYS G 180 -22.04 13.16 -11.49
N GLY G 181 -22.42 11.94 -11.13
CA GLY G 181 -22.59 11.56 -9.73
C GLY G 181 -24.04 11.30 -9.36
N VAL G 182 -24.92 11.32 -10.36
CA VAL G 182 -26.34 11.08 -10.12
C VAL G 182 -26.63 9.59 -10.04
N ARG G 183 -27.49 9.22 -9.10
CA ARG G 183 -27.86 7.83 -8.91
C ARG G 183 -29.28 7.57 -9.42
N VAL G 184 -29.47 6.40 -10.01
CA VAL G 184 -30.77 6.02 -10.55
C VAL G 184 -31.15 4.64 -10.04
N ASN G 185 -32.32 4.53 -9.41
CA ASN G 185 -32.78 3.27 -8.88
C ASN G 185 -34.27 3.06 -9.08
N ALA G 186 -34.70 1.81 -8.89
CA ALA G 186 -36.11 1.49 -8.93
C ALA G 186 -36.48 0.65 -7.71
N ILE G 187 -37.72 0.79 -7.26
CA ILE G 187 -38.27 -0.11 -6.26
C ILE G 187 -39.28 -1.05 -6.90
N SER G 188 -39.05 -2.33 -6.76
CA SER G 188 -40.03 -3.31 -7.20
C SER G 188 -41.01 -3.55 -6.07
N ALA G 189 -42.13 -2.83 -6.10
CA ALA G 189 -43.07 -2.86 -5.00
C ALA G 189 -44.02 -4.05 -5.12
N GLY G 190 -44.37 -4.64 -3.98
CA GLY G 190 -45.39 -5.66 -3.94
C GLY G 190 -46.74 -5.03 -4.19
N PRO G 191 -47.79 -5.85 -4.33
CA PRO G 191 -49.13 -5.34 -4.62
C PRO G 191 -49.66 -4.43 -3.50
N ILE G 192 -50.21 -3.29 -3.90
CA ILE G 192 -50.79 -2.34 -2.98
C ILE G 192 -52.11 -1.82 -3.56
N LYS G 193 -53.17 -1.83 -2.75
CA LYS G 193 -54.48 -1.43 -3.23
C LYS G 193 -54.52 0.06 -3.56
N THR G 194 -54.23 0.38 -4.81
CA THR G 194 -54.28 1.77 -5.28
C THR G 194 -55.30 1.95 -6.39
N LEU G 195 -55.46 3.18 -6.86
CA LEU G 195 -56.40 3.48 -7.94
C LEU G 195 -56.07 2.65 -9.17
N ALA G 196 -54.83 2.73 -9.62
CA ALA G 196 -54.36 2.01 -10.79
C ALA G 196 -54.55 0.50 -10.62
N ALA G 197 -54.35 0.02 -9.40
CA ALA G 197 -54.46 -1.41 -9.10
C ALA G 197 -55.84 -1.98 -9.45
N SER G 198 -56.85 -1.12 -9.43
CA SER G 198 -58.22 -1.54 -9.69
C SER G 198 -58.41 -2.03 -11.13
N GLY G 199 -57.55 -1.58 -12.03
CA GLY G 199 -57.66 -1.93 -13.44
C GLY G 199 -57.09 -3.30 -13.77
N ILE G 200 -56.36 -3.86 -12.82
CA ILE G 200 -55.81 -5.20 -12.98
C ILE G 200 -56.83 -6.24 -12.54
N LYS G 201 -57.24 -7.10 -13.46
CA LYS G 201 -58.27 -8.10 -13.18
C LYS G 201 -57.88 -9.02 -12.03
N SER G 202 -58.83 -9.26 -11.13
CA SER G 202 -58.62 -10.13 -9.97
C SER G 202 -57.38 -9.72 -9.19
N PHE G 203 -57.30 -8.43 -8.87
CA PHE G 203 -56.18 -7.92 -8.08
C PHE G 203 -56.27 -8.46 -6.66
N GLY G 204 -57.49 -8.69 -6.20
CA GLY G 204 -57.71 -9.23 -4.88
C GLY G 204 -57.09 -10.60 -4.68
N LYS G 205 -57.13 -11.42 -5.74
CA LYS G 205 -56.51 -12.74 -5.69
C LYS G 205 -55.01 -12.61 -5.46
N ILE G 206 -54.40 -11.61 -6.09
CA ILE G 206 -52.98 -11.37 -5.96
C ILE G 206 -52.60 -10.93 -4.55
N LEU G 207 -53.40 -10.02 -3.97
CA LEU G 207 -53.16 -9.56 -2.61
C LEU G 207 -53.24 -10.70 -1.61
N ASP G 208 -54.28 -11.53 -1.72
CA ASP G 208 -54.47 -12.66 -0.83
C ASP G 208 -53.30 -13.64 -0.94
N PHE G 209 -52.85 -13.88 -2.17
CA PHE G 209 -51.79 -14.86 -2.42
C PHE G 209 -50.47 -14.41 -1.83
N VAL G 210 -50.15 -13.13 -2.01
CA VAL G 210 -48.90 -12.57 -1.49
C VAL G 210 -48.90 -12.56 0.04
N GLU G 211 -50.04 -12.17 0.62
CA GLU G 211 -50.19 -12.18 2.07
C GLU G 211 -50.00 -13.58 2.65
N SER G 212 -50.46 -14.59 1.89
CA SER G 212 -50.38 -15.97 2.34
C SER G 212 -49.00 -16.59 2.13
N ASN G 213 -48.31 -16.17 1.07
CA ASN G 213 -47.08 -16.85 0.67
C ASN G 213 -45.78 -16.07 0.84
N SER G 214 -45.86 -14.75 1.00
CA SER G 214 -44.66 -13.97 1.25
C SER G 214 -44.02 -14.44 2.55
N PRO G 215 -42.68 -14.37 2.64
CA PRO G 215 -41.97 -14.81 3.85
C PRO G 215 -42.49 -14.10 5.10
N LEU G 216 -42.79 -12.82 4.99
CA LEU G 216 -43.29 -12.06 6.13
C LEU G 216 -44.80 -12.24 6.34
N LYS G 217 -45.43 -13.02 5.47
CA LYS G 217 -46.86 -13.33 5.60
C LYS G 217 -47.72 -12.09 5.76
N ARG G 218 -47.40 -11.05 4.98
CA ARG G 218 -48.14 -9.80 5.05
C ARG G 218 -47.86 -8.95 3.82
N ASN G 219 -48.85 -8.17 3.41
CA ASN G 219 -48.67 -7.25 2.29
C ASN G 219 -47.90 -6.02 2.74
N VAL G 220 -47.38 -5.27 1.77
CA VAL G 220 -46.61 -4.07 2.07
C VAL G 220 -47.51 -2.84 2.04
N THR G 221 -47.01 -1.74 2.61
CA THR G 221 -47.76 -0.50 2.68
C THR G 221 -47.03 0.58 1.90
N ILE G 222 -47.73 1.66 1.56
CA ILE G 222 -47.08 2.77 0.87
C ILE G 222 -46.10 3.46 1.82
N GLU G 223 -46.23 3.17 3.11
CA GLU G 223 -45.29 3.67 4.10
C GLU G 223 -43.97 2.93 4.04
N GLN G 224 -44.04 1.61 3.88
CA GLN G 224 -42.85 0.78 3.78
C GLN G 224 -42.11 1.05 2.47
N VAL G 225 -42.88 1.22 1.39
CA VAL G 225 -42.30 1.58 0.11
C VAL G 225 -41.78 3.01 0.18
N GLY G 226 -42.52 3.88 0.87
CA GLY G 226 -42.12 5.25 1.06
C GLY G 226 -40.78 5.39 1.74
N ASN G 227 -40.59 4.66 2.84
CA ASN G 227 -39.34 4.67 3.57
C ASN G 227 -38.17 4.19 2.72
N ALA G 228 -38.38 3.07 2.03
CA ALA G 228 -37.38 2.52 1.12
C ALA G 228 -37.01 3.55 0.07
N GLY G 229 -38.01 4.23 -0.47
CA GLY G 229 -37.80 5.28 -1.45
C GLY G 229 -37.00 6.44 -0.90
N ALA G 230 -37.37 6.88 0.30
CA ALA G 230 -36.67 7.97 0.97
C ALA G 230 -35.19 7.64 1.15
N PHE G 231 -34.92 6.42 1.57
CA PHE G 231 -33.54 5.95 1.70
C PHE G 231 -32.77 6.06 0.40
N LEU G 232 -33.34 5.52 -0.67
CA LEU G 232 -32.68 5.51 -1.97
C LEU G 232 -32.44 6.92 -2.50
N LEU G 233 -33.29 7.86 -2.09
CA LEU G 233 -33.16 9.25 -2.50
C LEU G 233 -32.14 10.01 -1.67
N SER G 234 -31.71 9.41 -0.57
CA SER G 234 -30.83 10.07 0.38
C SER G 234 -29.37 9.70 0.19
N ASP G 235 -28.49 10.46 0.86
CA ASP G 235 -27.06 10.22 0.80
C ASP G 235 -26.70 8.92 1.52
N LEU G 236 -27.64 8.41 2.32
CA LEU G 236 -27.46 7.13 2.98
C LEU G 236 -27.26 6.03 1.95
N ALA G 237 -27.74 6.27 0.74
CA ALA G 237 -27.66 5.28 -0.33
C ALA G 237 -26.74 5.73 -1.45
N SER G 238 -25.71 6.51 -1.10
CA SER G 238 -24.78 7.05 -2.08
C SER G 238 -23.96 5.95 -2.76
N GLY G 239 -23.95 4.76 -2.17
CA GLY G 239 -23.25 3.64 -2.74
C GLY G 239 -24.14 2.78 -3.63
N VAL G 240 -25.42 3.16 -3.73
CA VAL G 240 -26.41 2.38 -4.46
C VAL G 240 -26.90 3.06 -5.74
N THR G 241 -26.75 2.38 -6.87
CA THR G 241 -27.28 2.86 -8.14
C THR G 241 -27.50 1.69 -9.09
N ALA G 242 -28.37 1.89 -10.08
CA ALA G 242 -28.71 0.84 -11.05
C ALA G 242 -29.30 -0.37 -10.35
N GLU G 243 -29.94 -0.14 -9.21
CA GLU G 243 -30.49 -1.22 -8.40
C GLU G 243 -32.01 -1.28 -8.52
N VAL G 244 -32.54 -2.49 -8.64
CA VAL G 244 -33.98 -2.71 -8.51
C VAL G 244 -34.25 -3.38 -7.17
N MET G 245 -34.70 -2.59 -6.20
CA MET G 245 -34.88 -3.07 -4.84
C MET G 245 -36.30 -3.58 -4.60
N HIS G 246 -36.42 -4.84 -4.22
CA HIS G 246 -37.73 -5.43 -3.93
C HIS G 246 -38.25 -5.00 -2.56
N VAL G 247 -39.40 -4.35 -2.55
CA VAL G 247 -40.11 -4.08 -1.30
C VAL G 247 -41.47 -4.76 -1.38
N ASP G 248 -41.50 -6.04 -1.02
CA ASP G 248 -42.66 -6.89 -1.28
C ASP G 248 -42.79 -7.99 -0.23
N SER G 249 -42.26 -7.72 0.96
CA SER G 249 -42.25 -8.68 2.05
C SER G 249 -41.50 -9.96 1.66
N GLY G 250 -40.65 -9.85 0.64
CA GLY G 250 -39.81 -10.96 0.22
C GLY G 250 -40.48 -11.91 -0.75
N PHE G 251 -41.68 -11.55 -1.23
CA PHE G 251 -42.47 -12.43 -2.09
C PHE G 251 -41.70 -12.94 -3.31
N ASN G 252 -40.91 -12.07 -3.94
CA ASN G 252 -40.16 -12.41 -5.13
C ASN G 252 -39.21 -13.60 -4.92
N ALA G 253 -38.77 -13.78 -3.67
CA ALA G 253 -37.73 -14.75 -3.36
C ALA G 253 -38.26 -16.15 -3.10
N VAL G 254 -39.58 -16.33 -3.14
CA VAL G 254 -40.16 -17.65 -2.89
C VAL G 254 -40.93 -18.19 -4.08
N VAL G 255 -41.29 -19.48 -3.98
CA VAL G 255 -42.26 -20.09 -4.89
C VAL G 255 -43.55 -20.35 -4.11
N GLY G 256 -44.60 -19.62 -4.45
CA GLY G 256 -45.85 -19.72 -3.73
C GLY G 256 -46.69 -20.91 -4.18
N GLY H 2 -32.85 -35.80 -39.86
CA GLY H 2 -32.50 -34.97 -38.73
C GLY H 2 -33.64 -34.85 -37.74
N PHE H 3 -33.38 -34.19 -36.61
CA PHE H 3 -34.40 -34.07 -35.57
C PHE H 3 -35.43 -33.00 -35.88
N LEU H 4 -35.44 -32.51 -37.12
CA LEU H 4 -36.46 -31.57 -37.57
C LEU H 4 -37.22 -32.08 -38.80
N ASP H 5 -37.06 -33.37 -39.11
CA ASP H 5 -37.76 -34.00 -40.22
C ASP H 5 -39.25 -33.71 -40.21
N GLY H 6 -39.74 -33.11 -41.29
CA GLY H 6 -41.17 -32.87 -41.46
C GLY H 6 -41.68 -31.59 -40.82
N LYS H 7 -40.77 -30.82 -40.22
CA LYS H 7 -41.13 -29.55 -39.62
C LYS H 7 -41.09 -28.42 -40.66
N ARG H 8 -42.16 -27.62 -40.67
CA ARG H 8 -42.25 -26.45 -41.54
C ARG H 8 -41.93 -25.18 -40.77
N ILE H 9 -40.87 -24.48 -41.15
CA ILE H 9 -40.39 -23.35 -40.37
C ILE H 9 -40.26 -22.08 -41.20
N LEU H 10 -40.84 -21.01 -40.69
CA LEU H 10 -40.74 -19.69 -41.30
C LEU H 10 -39.65 -18.86 -40.62
N LEU H 11 -38.71 -18.35 -41.42
CA LEU H 11 -37.61 -17.55 -40.88
C LEU H 11 -37.65 -16.10 -41.36
N THR H 12 -37.56 -15.17 -40.41
CA THR H 12 -37.40 -13.77 -40.74
C THR H 12 -35.94 -13.37 -40.58
N GLY H 13 -35.57 -12.21 -41.10
CA GLY H 13 -34.27 -11.63 -40.82
C GLY H 13 -33.10 -12.13 -41.63
N LEU H 14 -33.35 -13.03 -42.58
CA LEU H 14 -32.27 -13.49 -43.44
C LEU H 14 -31.96 -12.41 -44.47
N LEU H 15 -30.83 -11.73 -44.27
CA LEU H 15 -30.47 -10.60 -45.09
C LEU H 15 -29.20 -10.89 -45.90
N SER H 16 -28.24 -11.51 -45.24
CA SER H 16 -27.00 -11.92 -45.91
C SER H 16 -26.55 -13.27 -45.41
N ASN H 17 -25.53 -13.85 -46.04
CA ASN H 17 -24.99 -15.14 -45.63
C ASN H 17 -24.22 -15.05 -44.31
N ARG H 18 -24.23 -13.84 -43.75
CA ARG H 18 -23.59 -13.49 -42.48
C ARG H 18 -24.62 -13.31 -41.39
N SER H 19 -25.89 -13.31 -41.79
CA SER H 19 -27.01 -13.17 -40.88
C SER H 19 -27.13 -14.35 -39.91
N ILE H 20 -27.60 -14.06 -38.71
CA ILE H 20 -27.89 -15.11 -37.72
C ILE H 20 -28.98 -16.02 -38.27
N ALA H 21 -29.98 -15.40 -38.90
CA ALA H 21 -31.08 -16.14 -39.50
C ALA H 21 -30.56 -17.13 -40.54
N TYR H 22 -29.49 -16.75 -41.24
CA TYR H 22 -28.90 -17.62 -42.24
C TYR H 22 -28.32 -18.88 -41.58
N GLY H 23 -27.63 -18.68 -40.45
CA GLY H 23 -27.08 -19.79 -39.70
C GLY H 23 -28.16 -20.74 -39.21
N ILE H 24 -29.24 -20.18 -38.69
CA ILE H 24 -30.36 -20.96 -38.20
C ILE H 24 -31.00 -21.75 -39.33
N ALA H 25 -31.14 -21.09 -40.48
CA ALA H 25 -31.71 -21.71 -41.67
C ALA H 25 -30.89 -22.92 -42.11
N LYS H 26 -29.57 -22.76 -42.18
CA LYS H 26 -28.68 -23.84 -42.59
C LYS H 26 -28.82 -25.05 -41.67
N ALA H 27 -28.85 -24.79 -40.35
CA ALA H 27 -28.96 -25.86 -39.37
C ALA H 27 -30.31 -26.57 -39.45
N CYS H 28 -31.38 -25.80 -39.67
CA CYS H 28 -32.72 -26.35 -39.75
C CYS H 28 -32.90 -27.24 -40.98
N LYS H 29 -32.40 -26.76 -42.12
CA LYS H 29 -32.45 -27.53 -43.35
C LYS H 29 -31.69 -28.83 -43.17
N ARG H 30 -30.50 -28.73 -42.60
CA ARG H 30 -29.65 -29.89 -42.33
C ARG H 30 -30.38 -30.95 -41.51
N GLU H 31 -31.20 -30.49 -40.56
CA GLU H 31 -31.93 -31.40 -39.69
C GLU H 31 -33.29 -31.79 -40.28
N GLY H 32 -33.56 -31.34 -41.51
CA GLY H 32 -34.67 -31.85 -42.28
C GLY H 32 -35.96 -31.06 -42.31
N ALA H 33 -35.89 -29.77 -42.05
CA ALA H 33 -37.09 -28.93 -42.04
C ALA H 33 -37.41 -28.38 -43.43
N GLU H 34 -38.67 -28.01 -43.64
CA GLU H 34 -39.07 -27.25 -44.82
C GLU H 34 -39.11 -25.77 -44.45
N LEU H 35 -38.43 -24.94 -45.23
CA LEU H 35 -38.28 -23.54 -44.86
C LEU H 35 -39.09 -22.58 -45.71
N ALA H 36 -39.47 -21.47 -45.10
CA ALA H 36 -40.08 -20.35 -45.79
C ALA H 36 -39.42 -19.09 -45.26
N PHE H 37 -39.33 -18.05 -46.09
CA PHE H 37 -38.56 -16.87 -45.72
C PHE H 37 -39.32 -15.57 -45.93
N THR H 38 -38.93 -14.55 -45.19
CA THR H 38 -39.47 -13.21 -45.38
C THR H 38 -38.37 -12.24 -45.75
N TYR H 39 -38.75 -11.17 -46.44
CA TYR H 39 -37.81 -10.12 -46.82
C TYR H 39 -38.47 -8.77 -46.64
N VAL H 40 -37.66 -7.73 -46.56
CA VAL H 40 -38.18 -6.38 -46.40
C VAL H 40 -37.88 -5.54 -47.64
N GLY H 41 -38.92 -4.94 -48.20
CA GLY H 41 -38.74 -4.06 -49.34
C GLY H 41 -38.79 -4.78 -50.67
N ASP H 42 -39.52 -4.19 -51.62
CA ASP H 42 -39.67 -4.73 -52.96
C ASP H 42 -38.35 -5.18 -53.59
N ARG H 43 -37.27 -4.50 -53.23
CA ARG H 43 -35.98 -4.70 -53.88
C ARG H 43 -35.31 -6.03 -53.52
N PHE H 44 -35.24 -6.34 -52.23
CA PHE H 44 -34.52 -7.52 -51.76
C PHE H 44 -35.15 -8.85 -52.17
N LYS H 45 -36.26 -8.81 -52.91
CA LYS H 45 -36.95 -10.02 -53.31
C LYS H 45 -36.04 -10.99 -54.06
N ASP H 46 -35.20 -10.44 -54.94
CA ASP H 46 -34.28 -11.25 -55.71
C ASP H 46 -33.27 -11.98 -54.82
N ARG H 47 -32.59 -11.22 -53.97
CA ARG H 47 -31.55 -11.78 -53.10
C ARG H 47 -32.08 -12.87 -52.18
N ILE H 48 -33.30 -12.67 -51.66
CA ILE H 48 -33.88 -13.62 -50.72
C ILE H 48 -34.41 -14.87 -51.44
N THR H 49 -34.82 -14.69 -52.68
CA THR H 49 -35.30 -15.81 -53.48
C THR H 49 -34.16 -16.76 -53.82
N GLU H 50 -32.99 -16.19 -54.08
CA GLU H 50 -31.78 -16.98 -54.29
C GLU H 50 -31.46 -17.81 -53.06
N PHE H 51 -31.48 -17.14 -51.91
CA PHE H 51 -31.25 -17.79 -50.62
C PHE H 51 -32.24 -18.92 -50.36
N ALA H 52 -33.52 -18.64 -50.61
CA ALA H 52 -34.58 -19.63 -50.43
C ALA H 52 -34.32 -20.86 -51.30
N ALA H 53 -34.03 -20.62 -52.57
CA ALA H 53 -33.70 -21.69 -53.50
C ALA H 53 -32.49 -22.49 -53.00
N GLU H 54 -31.55 -21.78 -52.38
CA GLU H 54 -30.35 -22.39 -51.82
C GLU H 54 -30.69 -23.40 -50.73
N PHE H 55 -31.84 -23.21 -50.10
CA PHE H 55 -32.31 -24.12 -49.06
C PHE H 55 -33.46 -24.99 -49.56
N GLY H 56 -33.69 -24.96 -50.87
CA GLY H 56 -34.69 -25.81 -51.48
C GLY H 56 -36.12 -25.33 -51.30
N SER H 57 -36.29 -24.02 -51.18
CA SER H 57 -37.62 -23.44 -50.97
C SER H 57 -37.98 -22.42 -52.03
N GLU H 58 -39.27 -22.34 -52.36
CA GLU H 58 -39.78 -21.34 -53.29
C GLU H 58 -40.67 -20.36 -52.56
N LEU H 59 -40.71 -20.49 -51.24
CA LEU H 59 -41.62 -19.70 -50.42
C LEU H 59 -40.95 -18.47 -49.80
N VAL H 60 -41.13 -17.32 -50.45
CA VAL H 60 -40.68 -16.05 -49.89
C VAL H 60 -41.84 -15.07 -49.87
N PHE H 61 -41.97 -14.32 -48.78
CA PHE H 61 -43.06 -13.38 -48.62
C PHE H 61 -42.55 -12.06 -48.06
N PRO H 62 -43.05 -10.94 -48.58
CA PRO H 62 -42.66 -9.64 -48.05
C PRO H 62 -43.29 -9.40 -46.69
N CYS H 63 -42.52 -8.87 -45.74
CA CYS H 63 -43.07 -8.54 -44.44
C CYS H 63 -42.23 -7.50 -43.69
N ASP H 64 -42.64 -6.25 -43.81
CA ASP H 64 -42.11 -5.17 -42.98
C ASP H 64 -42.94 -5.11 -41.71
N VAL H 65 -42.36 -5.55 -40.59
CA VAL H 65 -43.11 -5.69 -39.35
C VAL H 65 -43.67 -4.37 -38.81
N ALA H 66 -43.31 -3.26 -39.45
CA ALA H 66 -43.85 -1.95 -39.07
C ALA H 66 -45.29 -1.82 -39.56
N ASP H 67 -45.65 -2.63 -40.55
CA ASP H 67 -46.96 -2.55 -41.20
C ASP H 67 -47.84 -3.73 -40.80
N ASP H 68 -48.93 -3.43 -40.10
CA ASP H 68 -49.89 -4.46 -39.71
C ASP H 68 -50.40 -5.24 -40.92
N ALA H 69 -50.59 -4.53 -42.03
CA ALA H 69 -51.08 -5.12 -43.27
C ALA H 69 -50.19 -6.27 -43.75
N GLN H 70 -48.90 -6.01 -43.88
CA GLN H 70 -47.96 -7.00 -44.39
C GLN H 70 -47.88 -8.22 -43.47
N ILE H 71 -48.08 -8.00 -42.17
CA ILE H 71 -48.03 -9.08 -41.21
C ILE H 71 -49.21 -10.03 -41.37
N ASP H 72 -50.41 -9.48 -41.49
CA ASP H 72 -51.62 -10.27 -41.70
C ASP H 72 -51.57 -10.96 -43.07
N ALA H 73 -51.06 -10.24 -44.07
CA ALA H 73 -50.96 -10.78 -45.41
C ALA H 73 -49.93 -11.91 -45.48
N LEU H 74 -48.90 -11.81 -44.64
CA LEU H 74 -47.85 -12.81 -44.58
C LEU H 74 -48.39 -14.22 -44.32
N PHE H 75 -49.24 -14.35 -43.30
CA PHE H 75 -49.73 -15.65 -42.90
C PHE H 75 -50.95 -16.09 -43.71
N ALA H 76 -51.65 -15.14 -44.32
CA ALA H 76 -52.70 -15.46 -45.27
C ALA H 76 -52.09 -16.13 -46.50
N SER H 77 -50.96 -15.58 -46.96
CA SER H 77 -50.25 -16.11 -48.11
C SER H 77 -49.59 -17.46 -47.82
N LEU H 78 -48.95 -17.56 -46.65
CA LEU H 78 -48.31 -18.80 -46.24
C LEU H 78 -49.33 -19.93 -46.13
N LYS H 79 -50.54 -19.57 -45.72
CA LYS H 79 -51.62 -20.53 -45.54
C LYS H 79 -52.05 -21.20 -46.84
N THR H 80 -51.76 -20.55 -47.97
CA THR H 80 -52.12 -21.12 -49.27
C THR H 80 -51.11 -22.20 -49.67
N HIS H 81 -49.99 -22.24 -48.97
CA HIS H 81 -48.96 -23.25 -49.22
C HIS H 81 -48.89 -24.24 -48.07
N TRP H 82 -48.97 -23.71 -46.85
CA TRP H 82 -48.96 -24.53 -45.65
C TRP H 82 -50.25 -24.31 -44.87
N ASP H 83 -50.85 -25.40 -44.39
CA ASP H 83 -52.03 -25.26 -43.53
C ASP H 83 -51.62 -25.43 -42.07
N SER H 84 -50.33 -25.64 -41.86
CA SER H 84 -49.79 -25.89 -40.52
C SER H 84 -48.37 -25.34 -40.40
N LEU H 85 -48.16 -24.46 -39.42
CA LEU H 85 -46.82 -23.90 -39.18
C LEU H 85 -46.22 -24.48 -37.91
N ASP H 86 -45.01 -25.01 -38.02
CA ASP H 86 -44.37 -25.71 -36.91
C ASP H 86 -43.34 -24.85 -36.20
N GLY H 87 -42.79 -23.87 -36.91
CA GLY H 87 -41.72 -23.06 -36.35
C GLY H 87 -41.69 -21.65 -36.89
N LEU H 88 -41.35 -20.70 -36.02
CA LEU H 88 -41.23 -19.29 -36.40
C LEU H 88 -39.96 -18.70 -35.81
N VAL H 89 -39.11 -18.18 -36.68
CA VAL H 89 -37.85 -17.59 -36.23
C VAL H 89 -37.87 -16.07 -36.36
N HIS H 90 -37.88 -15.40 -35.21
CA HIS H 90 -37.87 -13.95 -35.17
C HIS H 90 -36.44 -13.46 -35.02
N SER H 91 -35.85 -13.05 -36.15
CA SER H 91 -34.47 -12.57 -36.15
C SER H 91 -34.46 -11.16 -36.72
N ILE H 92 -35.14 -10.27 -36.02
CA ILE H 92 -35.40 -8.92 -36.51
C ILE H 92 -35.04 -7.90 -35.43
N GLY H 93 -34.42 -6.81 -35.86
CA GLY H 93 -34.07 -5.75 -34.93
C GLY H 93 -33.77 -4.46 -35.65
N PHE H 94 -34.14 -3.33 -35.04
CA PHE H 94 -33.81 -2.04 -35.59
C PHE H 94 -33.98 -0.90 -34.59
N ALA H 95 -33.08 0.06 -34.67
CA ALA H 95 -33.18 1.32 -33.96
C ALA H 95 -32.46 2.37 -34.79
N PRO H 96 -32.96 3.62 -34.75
CA PRO H 96 -32.24 4.71 -35.41
C PRO H 96 -30.79 4.76 -34.92
N ARG H 97 -29.86 5.01 -35.83
CA ARG H 97 -28.44 4.79 -35.54
C ARG H 97 -27.88 5.65 -34.41
N GLU H 98 -28.43 6.85 -34.23
CA GLU H 98 -27.94 7.70 -33.15
C GLU H 98 -28.42 7.18 -31.79
N ALA H 99 -29.42 6.30 -31.81
CA ALA H 99 -29.97 5.72 -30.59
C ALA H 99 -29.10 4.57 -30.08
N ILE H 100 -28.13 4.16 -30.87
CA ILE H 100 -27.19 3.12 -30.47
C ILE H 100 -25.76 3.59 -30.68
N ALA H 101 -25.55 4.90 -30.50
CA ALA H 101 -24.23 5.50 -30.64
C ALA H 101 -23.95 6.46 -29.50
N GLY H 102 -22.74 6.39 -28.96
CA GLY H 102 -22.33 7.26 -27.87
C GLY H 102 -23.22 7.13 -26.64
N ASP H 103 -23.66 8.28 -26.11
CA ASP H 103 -24.37 8.32 -24.84
C ASP H 103 -25.84 7.94 -24.99
N PHE H 104 -26.33 7.20 -24.00
CA PHE H 104 -27.73 6.76 -23.98
C PHE H 104 -28.71 7.91 -24.13
N LEU H 105 -28.53 8.97 -23.34
CA LEU H 105 -29.44 10.10 -23.34
C LEU H 105 -29.36 10.93 -24.62
N ASP H 106 -28.16 11.07 -25.16
CA ASP H 106 -27.98 11.85 -26.40
C ASP H 106 -28.85 11.31 -27.52
N GLY H 107 -28.95 9.99 -27.60
CA GLY H 107 -29.69 9.36 -28.68
C GLY H 107 -31.15 9.08 -28.32
N LEU H 108 -31.56 9.50 -27.13
CA LEU H 108 -32.93 9.23 -26.69
C LEU H 108 -33.91 10.30 -27.17
N THR H 109 -34.89 9.88 -27.96
CA THR H 109 -36.03 10.70 -28.34
C THR H 109 -37.25 9.80 -28.33
N ARG H 110 -38.42 10.39 -28.12
CA ARG H 110 -39.66 9.59 -28.08
C ARG H 110 -39.82 8.76 -29.35
N GLU H 111 -39.42 9.34 -30.48
CA GLU H 111 -39.55 8.65 -31.76
C GLU H 111 -38.56 7.50 -31.88
N ASN H 112 -37.30 7.75 -31.55
CA ASN H 112 -36.28 6.69 -31.55
C ASN H 112 -36.69 5.53 -30.64
N PHE H 113 -37.24 5.89 -29.48
CA PHE H 113 -37.73 4.89 -28.53
C PHE H 113 -38.85 4.06 -29.15
N ARG H 114 -39.85 4.74 -29.71
CA ARG H 114 -41.01 4.07 -30.29
C ARG H 114 -40.59 3.11 -31.40
N ILE H 115 -39.75 3.58 -32.30
CA ILE H 115 -39.31 2.77 -33.44
C ILE H 115 -38.57 1.52 -32.99
N ALA H 116 -37.59 1.69 -32.10
CA ALA H 116 -36.79 0.57 -31.61
C ALA H 116 -37.65 -0.52 -30.97
N HIS H 117 -38.59 -0.12 -30.13
CA HIS H 117 -39.47 -1.07 -29.46
C HIS H 117 -40.53 -1.61 -30.42
N ASP H 118 -40.96 -0.78 -31.35
CA ASP H 118 -41.92 -1.20 -32.36
C ASP H 118 -41.39 -2.37 -33.17
N ILE H 119 -40.18 -2.21 -33.70
CA ILE H 119 -39.60 -3.19 -34.62
C ILE H 119 -38.90 -4.35 -33.91
N SER H 120 -38.24 -4.07 -32.78
CA SER H 120 -37.41 -5.08 -32.13
C SER H 120 -38.16 -5.88 -31.06
N ALA H 121 -39.20 -5.29 -30.48
CA ALA H 121 -39.91 -5.94 -29.38
C ALA H 121 -41.32 -6.36 -29.78
N TYR H 122 -42.15 -5.38 -30.13
CA TYR H 122 -43.55 -5.64 -30.46
C TYR H 122 -43.73 -6.66 -31.58
N SER H 123 -42.86 -6.60 -32.58
CA SER H 123 -43.00 -7.42 -33.78
C SER H 123 -43.07 -8.91 -33.49
N PHE H 124 -42.38 -9.34 -32.43
CA PHE H 124 -42.35 -10.75 -32.10
C PHE H 124 -43.73 -11.29 -31.69
N PRO H 125 -44.30 -10.74 -30.60
CA PRO H 125 -45.64 -11.21 -30.21
C PRO H 125 -46.68 -10.87 -31.27
N ALA H 126 -46.41 -9.84 -32.07
CA ALA H 126 -47.30 -9.47 -33.16
C ALA H 126 -47.39 -10.58 -34.19
N LEU H 127 -46.23 -11.03 -34.66
CA LEU H 127 -46.15 -12.15 -35.59
C LEU H 127 -46.76 -13.40 -34.98
N ALA H 128 -46.50 -13.60 -33.69
CA ALA H 128 -47.05 -14.75 -32.97
C ALA H 128 -48.58 -14.76 -33.05
N LYS H 129 -49.19 -13.63 -32.71
CA LYS H 129 -50.64 -13.51 -32.72
C LYS H 129 -51.20 -13.76 -34.11
N ALA H 130 -50.50 -13.27 -35.13
CA ALA H 130 -50.96 -13.42 -36.51
C ALA H 130 -50.85 -14.86 -37.00
N ALA H 131 -49.89 -15.60 -36.45
CA ALA H 131 -49.64 -16.97 -36.89
C ALA H 131 -50.45 -18.00 -36.11
N LEU H 132 -50.97 -17.59 -34.96
CA LEU H 132 -51.67 -18.48 -34.03
C LEU H 132 -52.68 -19.43 -34.69
N PRO H 133 -53.55 -18.89 -35.56
CA PRO H 133 -54.58 -19.71 -36.22
C PRO H 133 -54.03 -20.92 -36.98
N MET H 134 -52.83 -20.79 -37.55
CA MET H 134 -52.26 -21.89 -38.32
C MET H 134 -51.06 -22.55 -37.62
N LEU H 135 -50.90 -22.28 -36.33
CA LEU H 135 -49.83 -22.89 -35.55
C LEU H 135 -50.19 -24.31 -35.13
N SER H 136 -49.25 -25.24 -35.31
CA SER H 136 -49.45 -26.61 -34.83
C SER H 136 -49.44 -26.62 -33.31
N ASP H 137 -49.86 -27.73 -32.72
CA ASP H 137 -49.97 -27.83 -31.27
C ASP H 137 -48.62 -28.00 -30.58
N ASP H 138 -47.62 -28.44 -31.35
CA ASP H 138 -46.27 -28.61 -30.81
C ASP H 138 -45.33 -27.60 -31.46
N ALA H 139 -45.89 -26.48 -31.91
CA ALA H 139 -45.11 -25.44 -32.55
C ALA H 139 -44.08 -24.84 -31.60
N SER H 140 -43.03 -24.26 -32.17
CA SER H 140 -41.97 -23.63 -31.39
C SER H 140 -41.63 -22.27 -31.98
N LEU H 141 -41.66 -21.24 -31.16
CA LEU H 141 -41.31 -19.90 -31.60
C LEU H 141 -39.97 -19.46 -31.00
N LEU H 142 -39.13 -18.85 -31.81
CA LEU H 142 -37.79 -18.48 -31.41
C LEU H 142 -37.45 -17.04 -31.77
N THR H 143 -36.84 -16.32 -30.83
CA THR H 143 -36.38 -14.97 -31.09
C THR H 143 -34.94 -14.80 -30.63
N LEU H 144 -34.32 -13.70 -31.06
CA LEU H 144 -32.93 -13.42 -30.74
C LEU H 144 -32.80 -12.20 -29.85
N SER H 145 -32.08 -12.35 -28.74
CA SER H 145 -31.84 -11.23 -27.83
C SER H 145 -30.34 -11.07 -27.57
N TYR H 146 -30.00 -10.15 -26.67
CA TYR H 146 -28.60 -9.85 -26.40
C TYR H 146 -28.40 -9.48 -24.94
N LEU H 147 -27.20 -9.72 -24.43
CA LEU H 147 -26.86 -9.46 -23.04
C LEU H 147 -27.17 -8.03 -22.60
N GLY H 148 -27.23 -7.12 -23.57
CA GLY H 148 -27.53 -5.72 -23.30
C GLY H 148 -28.89 -5.48 -22.67
N ALA H 149 -29.76 -6.48 -22.75
CA ALA H 149 -31.09 -6.39 -22.14
C ALA H 149 -30.99 -6.50 -20.62
N GLU H 150 -30.02 -7.26 -20.16
CA GLU H 150 -29.90 -7.59 -18.75
C GLU H 150 -28.84 -6.72 -18.06
N ARG H 151 -27.83 -6.30 -18.81
CA ARG H 151 -26.80 -5.42 -18.27
C ARG H 151 -26.47 -4.27 -19.23
N ALA H 152 -26.02 -3.16 -18.68
CA ALA H 152 -25.71 -1.98 -19.48
C ALA H 152 -24.44 -2.19 -20.29
N ILE H 153 -24.59 -2.20 -21.61
CA ILE H 153 -23.46 -2.36 -22.50
C ILE H 153 -23.29 -1.09 -23.33
N PRO H 154 -22.05 -0.57 -23.39
CA PRO H 154 -21.73 0.68 -24.09
C PRO H 154 -22.29 0.71 -25.52
N ASN H 155 -22.99 1.80 -25.85
CA ASN H 155 -23.52 2.03 -27.19
C ASN H 155 -24.80 1.27 -27.51
N TYR H 156 -25.09 0.20 -26.78
CA TYR H 156 -26.30 -0.57 -27.07
C TYR H 156 -27.54 0.25 -26.74
N ASN H 157 -27.44 1.05 -25.67
CA ASN H 157 -28.44 2.07 -25.31
C ASN H 157 -29.90 1.65 -25.49
N THR H 158 -30.62 2.38 -26.33
CA THR H 158 -32.06 2.17 -26.50
C THR H 158 -32.41 0.74 -26.90
N MET H 159 -31.50 0.09 -27.63
CA MET H 159 -31.72 -1.29 -28.06
C MET H 159 -31.83 -2.22 -26.86
N GLY H 160 -31.09 -1.90 -25.80
CA GLY H 160 -31.13 -2.68 -24.57
C GLY H 160 -32.51 -2.71 -23.95
N LEU H 161 -33.18 -1.55 -23.93
CA LEU H 161 -34.53 -1.45 -23.40
C LEU H 161 -35.49 -2.34 -24.17
N ALA H 162 -35.40 -2.25 -25.50
CA ALA H 162 -36.27 -3.03 -26.38
C ALA H 162 -36.06 -4.53 -26.19
N LYS H 163 -34.81 -4.95 -26.10
CA LYS H 163 -34.49 -6.36 -25.89
C LYS H 163 -35.03 -6.87 -24.57
N ALA H 164 -35.00 -6.03 -23.55
CA ALA H 164 -35.56 -6.39 -22.25
C ALA H 164 -37.05 -6.66 -22.37
N ALA H 165 -37.73 -5.80 -23.10
CA ALA H 165 -39.16 -5.98 -23.36
C ALA H 165 -39.38 -7.23 -24.18
N LEU H 166 -38.52 -7.45 -25.17
CA LEU H 166 -38.58 -8.63 -26.02
C LEU H 166 -38.50 -9.92 -25.19
N GLU H 167 -37.55 -9.95 -24.26
CA GLU H 167 -37.39 -11.11 -23.39
C GLU H 167 -38.59 -11.28 -22.47
N ALA H 168 -39.19 -10.17 -22.06
CA ALA H 168 -40.40 -10.21 -21.25
C ALA H 168 -41.56 -10.78 -22.05
N SER H 169 -41.59 -10.47 -23.34
CA SER H 169 -42.66 -10.97 -24.21
C SER H 169 -42.53 -12.47 -24.42
N VAL H 170 -41.29 -12.96 -24.42
CA VAL H 170 -41.03 -14.40 -24.49
C VAL H 170 -41.78 -15.15 -23.39
N ARG H 171 -41.73 -14.59 -22.19
CA ARG H 171 -42.38 -15.21 -21.04
C ARG H 171 -43.90 -15.14 -21.13
N TYR H 172 -44.44 -13.95 -21.37
CA TYR H 172 -45.89 -13.77 -21.49
C TYR H 172 -46.48 -14.54 -22.69
N LEU H 173 -45.74 -14.60 -23.79
CA LEU H 173 -46.13 -15.43 -24.91
C LEU H 173 -46.18 -16.90 -24.51
N ALA H 174 -45.17 -17.35 -23.77
CA ALA H 174 -45.07 -18.72 -23.32
C ALA H 174 -46.30 -19.15 -22.53
N VAL H 175 -46.81 -18.24 -21.71
CA VAL H 175 -48.00 -18.53 -20.91
C VAL H 175 -49.25 -18.56 -21.78
N SER H 176 -49.35 -17.60 -22.70
CA SER H 176 -50.52 -17.47 -23.55
C SER H 176 -50.67 -18.65 -24.52
N LEU H 177 -49.56 -19.04 -25.13
CA LEU H 177 -49.56 -20.10 -26.14
C LEU H 177 -49.26 -21.47 -25.54
N GLY H 178 -48.90 -21.50 -24.27
CA GLY H 178 -48.49 -22.74 -23.63
C GLY H 178 -49.61 -23.74 -23.48
N ALA H 179 -50.81 -23.25 -23.18
CA ALA H 179 -51.99 -24.10 -23.05
C ALA H 179 -52.17 -24.95 -24.31
N LYS H 180 -52.08 -24.32 -25.46
CA LYS H 180 -52.20 -25.00 -26.74
C LYS H 180 -51.07 -26.02 -26.92
N GLY H 181 -49.94 -25.75 -26.28
CA GLY H 181 -48.78 -26.63 -26.36
C GLY H 181 -47.63 -25.99 -27.10
N VAL H 182 -47.77 -24.72 -27.45
CA VAL H 182 -46.73 -24.00 -28.18
C VAL H 182 -45.65 -23.51 -27.22
N ARG H 183 -44.40 -23.64 -27.66
CA ARG H 183 -43.27 -23.20 -26.84
C ARG H 183 -42.66 -21.93 -27.41
N VAL H 184 -42.24 -21.03 -26.52
CA VAL H 184 -41.65 -19.78 -26.93
C VAL H 184 -40.33 -19.56 -26.20
N ASN H 185 -39.27 -19.35 -26.97
CA ASN H 185 -37.94 -19.16 -26.40
C ASN H 185 -37.13 -18.10 -27.14
N ALA H 186 -36.06 -17.66 -26.52
CA ALA H 186 -35.13 -16.75 -27.15
C ALA H 186 -33.71 -17.27 -26.96
N ILE H 187 -32.84 -16.97 -27.92
CA ILE H 187 -31.42 -17.19 -27.73
C ILE H 187 -30.72 -15.87 -27.51
N SER H 188 -30.03 -15.73 -26.39
CA SER H 188 -29.20 -14.57 -26.14
C SER H 188 -27.81 -14.84 -26.73
N ALA H 189 -27.62 -14.40 -27.96
CA ALA H 189 -26.40 -14.70 -28.70
C ALA H 189 -25.29 -13.71 -28.38
N GLY H 190 -24.05 -14.21 -28.36
CA GLY H 190 -22.90 -13.36 -28.23
C GLY H 190 -22.69 -12.53 -29.48
N PRO H 191 -21.72 -11.62 -29.45
CA PRO H 191 -21.49 -10.75 -30.61
C PRO H 191 -21.05 -11.53 -31.84
N ILE H 192 -21.69 -11.21 -32.98
CA ILE H 192 -21.36 -11.84 -34.25
C ILE H 192 -21.31 -10.77 -35.32
N LYS H 193 -20.23 -10.76 -36.09
CA LYS H 193 -20.02 -9.77 -37.13
C LYS H 193 -21.02 -9.89 -38.28
N THR H 194 -22.14 -9.18 -38.15
CA THR H 194 -23.18 -9.16 -39.18
C THR H 194 -23.37 -7.74 -39.71
N LEU H 195 -24.28 -7.56 -40.67
CA LEU H 195 -24.57 -6.23 -41.21
C LEU H 195 -25.04 -5.27 -40.12
N ALA H 196 -26.06 -5.67 -39.36
CA ALA H 196 -26.58 -4.81 -38.29
C ALA H 196 -25.49 -4.44 -37.30
N ALA H 197 -24.60 -5.38 -37.04
CA ALA H 197 -23.51 -5.19 -36.07
C ALA H 197 -22.65 -3.99 -36.44
N SER H 198 -22.61 -3.65 -37.72
CA SER H 198 -21.80 -2.54 -38.20
C SER H 198 -22.27 -1.19 -37.64
N GLY H 199 -23.55 -1.12 -37.25
CA GLY H 199 -24.13 0.10 -36.76
C GLY H 199 -23.86 0.39 -35.29
N ILE H 200 -23.36 -0.61 -34.58
CA ILE H 200 -22.98 -0.44 -33.18
C ILE H 200 -21.56 0.09 -33.09
N LYS H 201 -21.41 1.27 -32.50
CA LYS H 201 -20.10 1.91 -32.42
C LYS H 201 -19.09 1.04 -31.70
N SER H 202 -17.89 0.93 -32.26
CA SER H 202 -16.81 0.13 -31.69
C SER H 202 -17.24 -1.31 -31.42
N PHE H 203 -17.84 -1.94 -32.41
CA PHE H 203 -18.26 -3.34 -32.30
C PHE H 203 -17.05 -4.25 -32.22
N GLY H 204 -15.95 -3.83 -32.86
CA GLY H 204 -14.71 -4.58 -32.84
C GLY H 204 -14.13 -4.73 -31.45
N LYS H 205 -14.26 -3.68 -30.63
CA LYS H 205 -13.79 -3.73 -29.25
C LYS H 205 -14.54 -4.80 -28.49
N ILE H 206 -15.83 -4.92 -28.77
CA ILE H 206 -16.68 -5.91 -28.12
C ILE H 206 -16.28 -7.33 -28.50
N LEU H 207 -16.01 -7.55 -29.79
CA LEU H 207 -15.55 -8.87 -30.26
C LEU H 207 -14.24 -9.28 -29.61
N ASP H 208 -13.29 -8.35 -29.58
CA ASP H 208 -11.98 -8.62 -28.98
C ASP H 208 -12.14 -8.95 -27.50
N PHE H 209 -13.00 -8.21 -26.82
CA PHE H 209 -13.18 -8.36 -25.38
C PHE H 209 -13.81 -9.70 -25.03
N VAL H 210 -14.81 -10.11 -25.80
CA VAL H 210 -15.48 -11.39 -25.56
C VAL H 210 -14.55 -12.56 -25.86
N GLU H 211 -13.80 -12.45 -26.96
CA GLU H 211 -12.83 -13.48 -27.32
C GLU H 211 -11.77 -13.63 -26.22
N SER H 212 -11.42 -12.52 -25.58
CA SER H 212 -10.39 -12.53 -24.55
C SER H 212 -10.90 -13.00 -23.19
N ASN H 213 -12.17 -12.71 -22.88
CA ASN H 213 -12.68 -12.93 -21.53
C ASN H 213 -13.71 -14.03 -21.37
N SER H 214 -14.34 -14.47 -22.46
CA SER H 214 -15.29 -15.57 -22.38
C SER H 214 -14.57 -16.82 -21.88
N PRO H 215 -15.29 -17.67 -21.12
CA PRO H 215 -14.70 -18.90 -20.60
C PRO H 215 -14.07 -19.76 -21.69
N LEU H 216 -14.71 -19.82 -22.85
CA LEU H 216 -14.19 -20.59 -23.98
C LEU H 216 -13.16 -19.82 -24.79
N LYS H 217 -12.90 -18.58 -24.40
CA LYS H 217 -11.86 -17.76 -25.06
C LYS H 217 -12.05 -17.71 -26.57
N ARG H 218 -13.30 -17.58 -27.01
CA ARG H 218 -13.60 -17.56 -28.43
C ARG H 218 -14.99 -16.99 -28.67
N ASN H 219 -15.17 -16.32 -29.81
CA ASN H 219 -16.48 -15.83 -30.20
C ASN H 219 -17.34 -16.94 -30.76
N VAL H 220 -18.63 -16.70 -30.84
CA VAL H 220 -19.55 -17.70 -31.37
C VAL H 220 -19.80 -17.46 -32.85
N THR H 221 -20.36 -18.47 -33.51
CA THR H 221 -20.63 -18.41 -34.94
C THR H 221 -22.13 -18.56 -35.17
N ILE H 222 -22.59 -18.19 -36.35
CA ILE H 222 -23.99 -18.37 -36.70
C ILE H 222 -24.33 -19.86 -36.81
N GLU H 223 -23.30 -20.70 -36.91
CA GLU H 223 -23.50 -22.14 -36.92
C GLU H 223 -23.82 -22.65 -35.52
N GLN H 224 -23.12 -22.11 -34.53
CA GLN H 224 -23.38 -22.47 -33.14
C GLN H 224 -24.73 -21.94 -32.66
N VAL H 225 -25.06 -20.71 -33.05
CA VAL H 225 -26.36 -20.14 -32.76
C VAL H 225 -27.44 -20.88 -33.55
N GLY H 226 -27.11 -21.22 -34.78
CA GLY H 226 -28.01 -21.99 -35.64
C GLY H 226 -28.41 -23.32 -35.03
N ASN H 227 -27.40 -24.06 -34.56
CA ASN H 227 -27.64 -25.36 -33.93
C ASN H 227 -28.51 -25.24 -32.69
N ALA H 228 -28.16 -24.30 -31.82
CA ALA H 228 -28.94 -24.04 -30.61
C ALA H 228 -30.38 -23.72 -30.99
N GLY H 229 -30.55 -22.91 -32.03
CA GLY H 229 -31.86 -22.57 -32.53
C GLY H 229 -32.62 -23.77 -33.05
N ALA H 230 -31.93 -24.61 -33.82
CA ALA H 230 -32.54 -25.82 -34.36
C ALA H 230 -33.04 -26.73 -33.25
N PHE H 231 -32.23 -26.88 -32.20
CA PHE H 231 -32.60 -27.66 -31.03
C PHE H 231 -33.90 -27.14 -30.41
N LEU H 232 -33.93 -25.84 -30.12
CA LEU H 232 -35.09 -25.23 -29.47
C LEU H 232 -36.36 -25.33 -30.30
N LEU H 233 -36.20 -25.39 -31.62
CA LEU H 233 -37.34 -25.49 -32.52
C LEU H 233 -37.81 -26.94 -32.66
N SER H 234 -37.02 -27.88 -32.15
CA SER H 234 -37.30 -29.29 -32.33
C SER H 234 -38.00 -29.89 -31.11
N ASP H 235 -38.52 -31.10 -31.27
CA ASP H 235 -39.18 -31.80 -30.18
C ASP H 235 -38.20 -32.23 -29.10
N LEU H 236 -36.91 -32.18 -29.42
CA LEU H 236 -35.87 -32.46 -28.44
C LEU H 236 -35.94 -31.51 -27.25
N ALA H 237 -36.53 -30.34 -27.48
CA ALA H 237 -36.64 -29.32 -26.44
C ALA H 237 -38.10 -29.11 -26.01
N SER H 238 -38.89 -30.17 -26.08
CA SER H 238 -40.31 -30.09 -25.75
C SER H 238 -40.55 -29.74 -24.28
N GLY H 239 -39.51 -29.88 -23.47
CA GLY H 239 -39.59 -29.52 -22.07
C GLY H 239 -39.15 -28.10 -21.80
N VAL H 240 -38.76 -27.40 -22.86
CA VAL H 240 -38.20 -26.06 -22.74
C VAL H 240 -39.11 -24.97 -23.31
N THR H 241 -39.47 -24.01 -22.46
CA THR H 241 -40.23 -22.85 -22.90
C THR H 241 -40.00 -21.67 -21.96
N ALA H 242 -40.23 -20.46 -22.45
CA ALA H 242 -40.00 -19.24 -21.67
C ALA H 242 -38.55 -19.12 -21.22
N GLU H 243 -37.64 -19.70 -22.00
CA GLU H 243 -36.23 -19.71 -21.66
C GLU H 243 -35.44 -18.72 -22.52
N VAL H 244 -34.54 -17.99 -21.89
CA VAL H 244 -33.55 -17.19 -22.62
C VAL H 244 -32.20 -17.87 -22.51
N MET H 245 -31.82 -18.59 -23.56
CA MET H 245 -30.61 -19.40 -23.57
C MET H 245 -29.41 -18.62 -24.11
N HIS H 246 -28.38 -18.50 -23.30
CA HIS H 246 -27.17 -17.81 -23.73
C HIS H 246 -26.33 -18.69 -24.65
N VAL H 247 -26.11 -18.19 -25.86
CA VAL H 247 -25.14 -18.80 -26.76
C VAL H 247 -24.06 -17.76 -27.03
N ASP H 248 -23.07 -17.71 -26.14
CA ASP H 248 -22.11 -16.62 -26.11
C ASP H 248 -20.77 -17.09 -25.55
N SER H 249 -20.50 -18.38 -25.67
CA SER H 249 -19.28 -18.96 -25.13
C SER H 249 -19.15 -18.74 -23.62
N GLY H 250 -20.28 -18.48 -22.97
CA GLY H 250 -20.31 -18.33 -21.52
C GLY H 250 -19.97 -16.94 -21.01
N PHE H 251 -19.83 -15.99 -21.94
CA PHE H 251 -19.42 -14.63 -21.58
C PHE H 251 -20.29 -14.01 -20.48
N ASN H 252 -21.59 -14.23 -20.54
CA ASN H 252 -22.52 -13.65 -19.58
C ASN H 252 -22.23 -14.02 -18.13
N ALA H 253 -21.62 -15.18 -17.92
CA ALA H 253 -21.44 -15.73 -16.57
C ALA H 253 -20.18 -15.24 -15.86
N VAL H 254 -19.38 -14.43 -16.55
CA VAL H 254 -18.14 -13.95 -15.96
C VAL H 254 -18.10 -12.43 -15.81
N VAL H 255 -17.11 -11.95 -15.07
CA VAL H 255 -16.79 -10.54 -15.04
C VAL H 255 -15.47 -10.31 -15.78
N GLY H 256 -15.54 -9.63 -16.92
CA GLY H 256 -14.37 -9.41 -17.75
C GLY H 256 -13.49 -8.27 -17.26
N GLY I 2 30.86 -25.83 31.17
CA GLY I 2 30.07 -25.08 32.13
C GLY I 2 29.35 -26.00 33.10
N PHE I 3 28.68 -25.42 34.08
CA PHE I 3 28.01 -26.23 35.10
C PHE I 3 26.66 -26.77 34.62
N LEU I 4 26.40 -26.67 33.32
CA LEU I 4 25.20 -27.28 32.74
C LEU I 4 25.54 -28.27 31.62
N ASP I 5 26.81 -28.63 31.53
CA ASP I 5 27.28 -29.60 30.54
C ASP I 5 26.41 -30.86 30.52
N GLY I 6 25.84 -31.16 29.36
CA GLY I 6 25.08 -32.38 29.18
C GLY I 6 23.62 -32.30 29.61
N LYS I 7 23.20 -31.12 30.05
CA LYS I 7 21.81 -30.92 30.45
C LYS I 7 20.94 -30.53 29.26
N ARG I 8 19.79 -31.20 29.14
CA ARG I 8 18.81 -30.91 28.08
C ARG I 8 17.68 -30.07 28.64
N ILE I 9 17.53 -28.86 28.11
CA ILE I 9 16.60 -27.89 28.69
C ILE I 9 15.61 -27.35 27.67
N LEU I 10 14.33 -27.41 28.02
CA LEU I 10 13.27 -26.84 27.19
C LEU I 10 12.88 -25.46 27.67
N LEU I 11 12.91 -24.49 26.77
CA LEU I 11 12.55 -23.12 27.13
C LEU I 11 11.28 -22.64 26.43
N THR I 12 10.34 -22.13 27.22
CA THR I 12 9.17 -21.47 26.69
C THR I 12 9.35 -19.96 26.75
N GLY I 13 8.50 -19.22 26.05
CA GLY I 13 8.43 -17.78 26.21
C GLY I 13 9.48 -16.95 25.48
N LEU I 14 10.34 -17.59 24.70
CA LEU I 14 11.32 -16.84 23.94
C LEU I 14 10.64 -16.20 22.73
N LEU I 15 10.44 -14.89 22.80
CA LEU I 15 9.69 -14.17 21.78
C LEU I 15 10.56 -13.18 21.01
N SER I 16 11.42 -12.47 21.73
CA SER I 16 12.36 -11.52 21.11
C SER I 16 13.71 -11.59 21.82
N ASN I 17 14.70 -10.88 21.29
CA ASN I 17 16.03 -10.89 21.89
C ASN I 17 16.10 -10.10 23.20
N ARG I 18 14.97 -9.57 23.64
CA ARG I 18 14.90 -8.93 24.96
C ARG I 18 14.10 -9.74 25.94
N SER I 19 13.52 -10.85 25.48
CA SER I 19 12.75 -11.71 26.36
C SER I 19 13.61 -12.25 27.48
N ILE I 20 13.02 -12.45 28.65
CA ILE I 20 13.73 -13.06 29.77
C ILE I 20 14.20 -14.46 29.40
N ALA I 21 13.34 -15.19 28.68
CA ALA I 21 13.66 -16.53 28.22
C ALA I 21 14.91 -16.51 27.36
N TYR I 22 15.09 -15.43 26.59
CA TYR I 22 16.26 -15.27 25.75
C TYR I 22 17.51 -15.15 26.61
N GLY I 23 17.41 -14.36 27.67
CA GLY I 23 18.52 -14.19 28.60
C GLY I 23 18.90 -15.50 29.25
N ILE I 24 17.89 -16.24 29.68
CA ILE I 24 18.09 -17.55 30.30
C ILE I 24 18.71 -18.54 29.30
N ALA I 25 18.21 -18.48 28.06
CA ALA I 25 18.71 -19.35 27.00
C ALA I 25 20.20 -19.13 26.75
N LYS I 26 20.60 -17.87 26.62
CA LYS I 26 21.99 -17.51 26.39
C LYS I 26 22.92 -18.04 27.48
N ALA I 27 22.50 -17.86 28.73
CA ALA I 27 23.32 -18.30 29.87
C ALA I 27 23.45 -19.82 29.94
N CYS I 28 22.36 -20.52 29.63
CA CYS I 28 22.36 -21.98 29.68
C CYS I 28 23.26 -22.56 28.60
N LYS I 29 23.16 -22.01 27.40
CA LYS I 29 24.00 -22.44 26.28
C LYS I 29 25.47 -22.23 26.64
N ARG I 30 25.77 -21.04 27.17
CA ARG I 30 27.12 -20.72 27.61
C ARG I 30 27.66 -21.74 28.60
N GLU I 31 26.79 -22.24 29.47
CA GLU I 31 27.19 -23.20 30.49
C GLU I 31 27.08 -24.65 30.00
N GLY I 32 26.75 -24.83 28.73
CA GLY I 32 26.88 -26.12 28.09
C GLY I 32 25.64 -26.98 27.95
N ALA I 33 24.47 -26.36 27.98
CA ALA I 33 23.23 -27.13 27.86
C ALA I 33 22.82 -27.33 26.39
N GLU I 34 22.00 -28.35 26.15
CA GLU I 34 21.33 -28.53 24.87
C GLU I 34 19.93 -27.96 25.00
N LEU I 35 19.55 -27.08 24.09
CA LEU I 35 18.29 -26.37 24.23
C LEU I 35 17.21 -26.80 23.24
N ALA I 36 15.96 -26.68 23.68
CA ALA I 36 14.79 -26.85 22.83
C ALA I 36 13.83 -25.71 23.13
N PHE I 37 13.05 -25.30 22.14
CA PHE I 37 12.22 -24.10 22.29
C PHE I 37 10.77 -24.32 21.88
N THR I 38 9.88 -23.51 22.44
CA THR I 38 8.49 -23.52 22.04
C THR I 38 8.09 -22.15 21.50
N TYR I 39 7.07 -22.14 20.65
CA TYR I 39 6.54 -20.90 20.10
C TYR I 39 5.03 -20.96 20.08
N VAL I 40 4.38 -19.80 19.98
CA VAL I 40 2.93 -19.75 19.93
C VAL I 40 2.45 -19.24 18.58
N GLY I 41 1.57 -20.00 17.94
CA GLY I 41 1.00 -19.57 16.68
C GLY I 41 1.84 -19.99 15.50
N ASP I 42 1.16 -20.50 14.47
CA ASP I 42 1.81 -20.95 13.24
C ASP I 42 2.83 -19.96 12.68
N ARG I 43 2.59 -18.67 12.91
CA ARG I 43 3.37 -17.60 12.30
C ARG I 43 4.79 -17.46 12.86
N PHE I 44 4.91 -17.43 14.19
CA PHE I 44 6.21 -17.19 14.83
C PHE I 44 7.22 -18.31 14.62
N LYS I 45 6.84 -19.37 13.90
CA LYS I 45 7.72 -20.51 13.69
C LYS I 45 9.07 -20.11 13.09
N ASP I 46 9.03 -19.19 12.14
CA ASP I 46 10.25 -18.72 11.49
C ASP I 46 11.18 -18.02 12.47
N ARG I 47 10.65 -17.04 13.19
CA ARG I 47 11.44 -16.23 14.12
C ARG I 47 12.11 -17.08 15.20
N ILE I 48 11.37 -18.07 15.69
CA ILE I 48 11.87 -18.91 16.78
C ILE I 48 12.89 -19.94 16.29
N THR I 49 12.76 -20.35 15.03
CA THR I 49 13.70 -21.31 14.45
C THR I 49 15.07 -20.65 14.26
N GLU I 50 15.04 -19.37 13.88
CA GLU I 50 16.27 -18.59 13.78
C GLU I 50 16.96 -18.51 15.14
N PHE I 51 16.19 -18.19 16.17
CA PHE I 51 16.69 -18.13 17.54
C PHE I 51 17.27 -19.46 17.97
N ALA I 52 16.55 -20.54 17.70
CA ALA I 52 16.99 -21.89 18.05
C ALA I 52 18.33 -22.20 17.39
N ALA I 53 18.41 -21.95 16.09
CA ALA I 53 19.65 -22.13 15.34
C ALA I 53 20.77 -21.29 15.95
N GLU I 54 20.40 -20.11 16.42
CA GLU I 54 21.34 -19.20 17.05
C GLU I 54 21.96 -19.82 18.31
N PHE I 55 21.24 -20.75 18.92
CA PHE I 55 21.74 -21.43 20.11
C PHE I 55 22.14 -22.87 19.82
N GLY I 56 22.24 -23.21 18.53
CA GLY I 56 22.70 -24.53 18.12
C GLY I 56 21.65 -25.61 18.24
N SER I 57 20.38 -25.23 18.09
CA SER I 57 19.29 -26.19 18.22
C SER I 57 18.40 -26.20 16.98
N GLU I 58 17.85 -27.38 16.68
CA GLU I 58 16.89 -27.53 15.58
C GLU I 58 15.54 -27.92 16.15
N LEU I 59 15.44 -27.92 17.47
CA LEU I 59 14.24 -28.40 18.16
C LEU I 59 13.30 -27.27 18.55
N VAL I 60 12.28 -27.04 17.73
CA VAL I 60 11.23 -26.09 18.05
C VAL I 60 9.87 -26.76 17.93
N PHE I 61 8.99 -26.48 18.88
CA PHE I 61 7.66 -27.10 18.91
C PHE I 61 6.59 -26.07 19.24
N PRO I 62 5.45 -26.14 18.53
CA PRO I 62 4.34 -25.24 18.83
C PRO I 62 3.68 -25.61 20.16
N CYS I 63 3.38 -24.60 20.99
CA CYS I 63 2.68 -24.85 22.23
C CYS I 63 1.96 -23.63 22.79
N ASP I 64 0.67 -23.53 22.49
CA ASP I 64 -0.22 -22.57 23.14
C ASP I 64 -0.77 -23.24 24.39
N VAL I 65 -0.29 -22.81 25.56
CA VAL I 65 -0.61 -23.49 26.80
C VAL I 65 -2.09 -23.44 27.15
N ALA I 66 -2.87 -22.71 26.36
CA ALA I 66 -4.31 -22.67 26.54
C ALA I 66 -4.94 -23.98 26.05
N ASP I 67 -4.21 -24.69 25.21
CA ASP I 67 -4.72 -25.90 24.58
C ASP I 67 -4.05 -27.14 25.17
N ASP I 68 -4.84 -27.97 25.84
CA ASP I 68 -4.35 -29.24 26.39
C ASP I 68 -3.70 -30.09 25.32
N ALA I 69 -4.28 -30.05 24.12
CA ALA I 69 -3.76 -30.83 22.99
C ALA I 69 -2.30 -30.51 22.70
N GLN I 70 -2.00 -29.22 22.51
CA GLN I 70 -0.66 -28.79 22.15
C GLN I 70 0.34 -29.12 23.25
N ILE I 71 -0.14 -29.13 24.50
CA ILE I 71 0.72 -29.43 25.64
C ILE I 71 1.15 -30.90 25.67
N ASP I 72 0.19 -31.79 25.48
CA ASP I 72 0.48 -33.22 25.42
C ASP I 72 1.33 -33.55 24.20
N ALA I 73 1.02 -32.88 23.09
CA ALA I 73 1.73 -33.09 21.84
C ALA I 73 3.16 -32.60 21.93
N LEU I 74 3.38 -31.55 22.71
CA LEU I 74 4.70 -30.97 22.91
C LEU I 74 5.71 -32.00 23.38
N PHE I 75 5.36 -32.73 24.43
CA PHE I 75 6.29 -33.68 25.05
C PHE I 75 6.29 -35.02 24.32
N ALA I 76 5.23 -35.30 23.58
CA ALA I 76 5.21 -36.46 22.70
C ALA I 76 6.25 -36.24 21.60
N SER I 77 6.28 -35.03 21.07
CA SER I 77 7.22 -34.67 20.02
C SER I 77 8.65 -34.58 20.53
N LEU I 78 8.83 -33.96 21.69
CA LEU I 78 10.16 -33.83 22.28
C LEU I 78 10.76 -35.20 22.58
N LYS I 79 9.90 -36.15 22.93
CA LYS I 79 10.32 -37.50 23.28
C LYS I 79 10.97 -38.24 22.10
N THR I 80 10.67 -37.81 20.88
CA THR I 80 11.24 -38.45 19.70
C THR I 80 12.66 -37.98 19.46
N HIS I 81 13.06 -36.91 20.13
CA HIS I 81 14.42 -36.39 20.03
C HIS I 81 15.17 -36.63 21.32
N TRP I 82 14.49 -36.41 22.44
CA TRP I 82 15.06 -36.63 23.77
C TRP I 82 14.24 -37.68 24.52
N ASP I 83 14.90 -38.63 25.18
CA ASP I 83 14.19 -39.58 26.02
C ASP I 83 14.27 -39.16 27.48
N SER I 84 14.94 -38.04 27.72
CA SER I 84 15.17 -37.54 29.07
C SER I 84 15.23 -36.01 29.09
N LEU I 85 14.38 -35.39 29.89
CA LEU I 85 14.36 -33.94 30.02
C LEU I 85 14.93 -33.51 31.37
N ASP I 86 15.93 -32.63 31.34
CA ASP I 86 16.65 -32.23 32.54
C ASP I 86 16.17 -30.89 33.09
N GLY I 87 15.61 -30.06 32.22
CA GLY I 87 15.21 -28.73 32.61
C GLY I 87 14.00 -28.21 31.85
N LEU I 88 13.18 -27.45 32.55
CA LEU I 88 12.00 -26.82 31.95
C LEU I 88 11.90 -25.37 32.41
N VAL I 89 11.89 -24.46 31.45
CA VAL I 89 11.79 -23.05 31.77
C VAL I 89 10.44 -22.48 31.39
N HIS I 90 9.65 -22.15 32.40
CA HIS I 90 8.33 -21.57 32.21
C HIS I 90 8.42 -20.05 32.28
N SER I 91 8.45 -19.41 31.11
CA SER I 91 8.54 -17.97 31.03
C SER I 91 7.35 -17.45 30.24
N ILE I 92 6.17 -17.71 30.78
CA ILE I 92 4.92 -17.45 30.08
C ILE I 92 3.96 -16.67 30.97
N GLY I 93 3.30 -15.70 30.36
CA GLY I 93 2.32 -14.91 31.09
C GLY I 93 1.40 -14.17 30.14
N PHE I 94 0.15 -14.01 30.54
CA PHE I 94 -0.79 -13.23 29.77
C PHE I 94 -2.02 -12.86 30.57
N ALA I 95 -2.49 -11.65 30.33
CA ALA I 95 -3.76 -11.18 30.84
C ALA I 95 -4.29 -10.16 29.86
N PRO I 96 -5.62 -10.11 29.70
CA PRO I 96 -6.26 -9.07 28.89
C PRO I 96 -5.79 -7.70 29.36
N ARG I 97 -5.52 -6.80 28.42
CA ARG I 97 -4.80 -5.58 28.74
C ARG I 97 -5.55 -4.65 29.70
N GLU I 98 -6.88 -4.68 29.68
CA GLU I 98 -7.64 -3.82 30.60
C GLU I 98 -7.57 -4.37 32.02
N ALA I 99 -7.15 -5.62 32.17
CA ALA I 99 -7.03 -6.24 33.48
C ALA I 99 -5.72 -5.87 34.17
N ILE I 100 -4.84 -5.20 33.42
CA ILE I 100 -3.58 -4.73 33.98
C ILE I 100 -3.38 -3.25 33.68
N ALA I 101 -4.50 -2.52 33.64
CA ALA I 101 -4.47 -1.08 33.38
C ALA I 101 -5.40 -0.35 34.33
N GLY I 102 -4.93 0.77 34.88
CA GLY I 102 -5.72 1.56 35.80
C GLY I 102 -6.14 0.80 37.05
N ASP I 103 -7.42 0.89 37.38
CA ASP I 103 -7.92 0.35 38.63
C ASP I 103 -8.15 -1.17 38.56
N PHE I 104 -7.84 -1.85 39.65
CA PHE I 104 -8.00 -3.30 39.75
C PHE I 104 -9.42 -3.75 39.43
N LEU I 105 -10.41 -3.10 40.05
CA LEU I 105 -11.80 -3.48 39.86
C LEU I 105 -12.36 -3.15 38.47
N ASP I 106 -11.94 -2.04 37.89
CA ASP I 106 -12.41 -1.67 36.56
C ASP I 106 -12.11 -2.77 35.54
N GLY I 107 -10.93 -3.37 35.67
CA GLY I 107 -10.48 -4.39 34.74
C GLY I 107 -10.84 -5.81 35.15
N LEU I 108 -11.55 -5.94 36.27
CA LEU I 108 -11.90 -7.26 36.78
C LEU I 108 -13.19 -7.80 36.17
N THR I 109 -13.06 -8.93 35.49
CA THR I 109 -14.20 -9.69 35.00
C THR I 109 -13.87 -11.17 35.17
N ARG I 110 -14.90 -12.01 35.29
CA ARG I 110 -14.69 -13.44 35.47
C ARG I 110 -13.82 -14.00 34.33
N GLU I 111 -14.04 -13.49 33.12
CA GLU I 111 -13.29 -13.96 31.96
C GLU I 111 -11.84 -13.51 31.97
N ASN I 112 -11.60 -12.24 32.26
CA ASN I 112 -10.24 -11.73 32.41
C ASN I 112 -9.50 -12.49 33.49
N PHE I 113 -10.19 -12.76 34.59
CA PHE I 113 -9.64 -13.52 35.70
C PHE I 113 -9.25 -14.92 35.26
N ARG I 114 -10.18 -15.62 34.60
CA ARG I 114 -9.95 -17.00 34.17
C ARG I 114 -8.75 -17.10 33.22
N ILE I 115 -8.71 -16.22 32.23
CA ILE I 115 -7.63 -16.21 31.25
C ILE I 115 -6.26 -15.98 31.88
N ALA I 116 -6.17 -14.95 32.72
CA ALA I 116 -4.91 -14.61 33.38
C ALA I 116 -4.35 -15.78 34.19
N HIS I 117 -5.22 -16.42 34.97
CA HIS I 117 -4.82 -17.55 35.79
C HIS I 117 -4.61 -18.81 34.95
N ASP I 118 -5.39 -18.95 33.89
CA ASP I 118 -5.25 -20.07 32.97
C ASP I 118 -3.85 -20.08 32.36
N ILE I 119 -3.45 -18.95 31.79
CA ILE I 119 -2.21 -18.85 31.04
C ILE I 119 -0.97 -18.61 31.90
N SER I 120 -1.12 -17.82 32.96
CA SER I 120 0.02 -17.40 33.75
C SER I 120 0.31 -18.30 34.93
N ALA I 121 -0.72 -18.99 35.43
CA ALA I 121 -0.58 -19.83 36.62
C ALA I 121 -0.72 -21.32 36.32
N TYR I 122 -1.89 -21.73 35.85
CA TYR I 122 -2.16 -23.15 35.60
C TYR I 122 -1.14 -23.81 34.67
N SER I 123 -0.70 -23.06 33.65
CA SER I 123 0.17 -23.62 32.61
C SER I 123 1.46 -24.23 33.17
N PHE I 124 1.98 -23.68 34.26
CA PHE I 124 3.23 -24.17 34.82
C PHE I 124 3.11 -25.61 35.33
N PRO I 125 2.24 -25.84 36.33
CA PRO I 125 2.06 -27.20 36.81
C PRO I 125 1.47 -28.11 35.74
N ALA I 126 0.77 -27.52 34.78
CA ALA I 126 0.22 -28.26 33.66
C ALA I 126 1.34 -28.85 32.81
N LEU I 127 2.29 -28.00 32.42
CA LEU I 127 3.46 -28.44 31.67
C LEU I 127 4.27 -29.46 32.46
N ALA I 128 4.39 -29.22 33.77
CA ALA I 128 5.11 -30.12 34.66
C ALA I 128 4.52 -31.53 34.62
N LYS I 129 3.21 -31.62 34.79
CA LYS I 129 2.51 -32.90 34.79
C LYS I 129 2.71 -33.64 33.47
N ALA I 130 2.69 -32.89 32.36
CA ALA I 130 2.82 -33.48 31.03
C ALA I 130 4.25 -33.99 30.77
N ALA I 131 5.22 -33.34 31.40
CA ALA I 131 6.63 -33.68 31.19
C ALA I 131 7.12 -34.77 32.14
N LEU I 132 6.36 -34.99 33.21
CA LEU I 132 6.74 -35.90 34.29
C LEU I 132 7.32 -37.24 33.83
N PRO I 133 6.63 -37.90 32.89
CA PRO I 133 7.10 -39.21 32.41
C PRO I 133 8.52 -39.21 31.86
N MET I 134 8.95 -38.12 31.24
CA MET I 134 10.27 -38.07 30.64
C MET I 134 11.26 -37.16 31.40
N LEU I 135 10.91 -36.81 32.62
CA LEU I 135 11.79 -35.99 33.46
C LEU I 135 12.87 -36.84 34.11
N SER I 136 14.11 -36.37 34.07
CA SER I 136 15.19 -37.06 34.77
C SER I 136 14.98 -36.93 36.28
N ASP I 137 15.73 -37.71 37.05
CA ASP I 137 15.55 -37.72 38.50
C ASP I 137 16.15 -36.50 39.18
N ASP I 138 17.06 -35.81 38.48
CA ASP I 138 17.65 -34.60 39.02
C ASP I 138 17.22 -33.39 38.19
N ALA I 139 16.07 -33.51 37.55
CA ALA I 139 15.52 -32.43 36.73
C ALA I 139 15.20 -31.20 37.57
N SER I 140 15.18 -30.04 36.93
CA SER I 140 14.89 -28.78 37.60
C SER I 140 13.89 -27.96 36.80
N LEU I 141 12.82 -27.54 37.45
CA LEU I 141 11.80 -26.71 36.80
C LEU I 141 11.84 -25.28 37.32
N LEU I 142 11.76 -24.32 36.40
CA LEU I 142 11.90 -22.91 36.73
C LEU I 142 10.79 -22.07 36.11
N THR I 143 10.23 -21.16 36.90
CA THR I 143 9.23 -20.24 36.40
C THR I 143 9.57 -18.80 36.79
N LEU I 144 8.89 -17.84 36.18
CA LEU I 144 9.16 -16.43 36.44
C LEU I 144 7.96 -15.76 37.10
N SER I 145 8.22 -15.09 38.22
CA SER I 145 7.18 -14.38 38.95
C SER I 145 7.61 -12.93 39.15
N TYR I 146 6.80 -12.19 39.90
CA TYR I 146 7.06 -10.78 40.10
C TYR I 146 6.59 -10.34 41.49
N LEU I 147 7.21 -9.30 42.02
CA LEU I 147 6.92 -8.80 43.36
C LEU I 147 5.43 -8.50 43.53
N GLY I 148 4.74 -8.26 42.41
CA GLY I 148 3.31 -7.96 42.44
C GLY I 148 2.46 -9.06 43.04
N ALA I 149 3.01 -10.26 43.15
CA ALA I 149 2.31 -11.38 43.78
C ALA I 149 2.24 -11.21 45.29
N GLU I 150 3.27 -10.57 45.84
CA GLU I 150 3.42 -10.47 47.29
C GLU I 150 2.97 -9.11 47.82
N ARG I 151 3.09 -8.08 46.99
CA ARG I 151 2.61 -6.75 47.37
C ARG I 151 1.86 -6.11 46.21
N ALA I 152 0.93 -5.23 46.53
CA ALA I 152 0.10 -4.59 45.51
C ALA I 152 0.89 -3.55 44.74
N ILE I 153 1.06 -3.79 43.45
CA ILE I 153 1.78 -2.85 42.58
C ILE I 153 0.81 -2.25 41.56
N PRO I 154 0.86 -0.91 41.42
CA PRO I 154 -0.03 -0.17 40.52
C PRO I 154 -0.10 -0.78 39.12
N ASN I 155 -1.32 -1.00 38.64
CA ASN I 155 -1.55 -1.50 37.28
C ASN I 155 -1.34 -3.00 37.11
N TYR I 156 -0.57 -3.63 38.01
CA TYR I 156 -0.31 -5.05 37.86
C TYR I 156 -1.58 -5.85 38.08
N ASN I 157 -2.41 -5.38 39.01
CA ASN I 157 -3.78 -5.86 39.20
C ASN I 157 -3.96 -7.38 39.12
N THR I 158 -4.80 -7.82 38.18
CA THR I 158 -5.19 -9.23 38.05
C THR I 158 -3.98 -10.14 37.89
N MET I 159 -2.93 -9.62 37.27
CA MET I 159 -1.71 -10.40 37.08
C MET I 159 -1.08 -10.78 38.42
N GLY I 160 -1.22 -9.90 39.41
CA GLY I 160 -0.72 -10.15 40.74
C GLY I 160 -1.32 -11.39 41.38
N LEU I 161 -2.64 -11.54 41.23
CA LEU I 161 -3.35 -12.70 41.75
C LEU I 161 -2.81 -13.97 41.13
N ALA I 162 -2.65 -13.95 39.81
CA ALA I 162 -2.16 -15.11 39.08
C ALA I 162 -0.75 -15.51 39.53
N LYS I 163 0.13 -14.52 39.67
CA LYS I 163 1.49 -14.77 40.10
C LYS I 163 1.54 -15.37 41.51
N ALA I 164 0.63 -14.92 42.37
CA ALA I 164 0.53 -15.47 43.72
C ALA I 164 0.18 -16.95 43.65
N ALA I 165 -0.77 -17.27 42.78
CA ALA I 165 -1.16 -18.66 42.55
C ALA I 165 0.01 -19.44 41.96
N LEU I 166 0.71 -18.82 41.01
CA LEU I 166 1.88 -19.42 40.40
C LEU I 166 2.95 -19.79 41.43
N GLU I 167 3.24 -18.85 42.33
CA GLU I 167 4.25 -19.09 43.36
C GLU I 167 3.81 -20.18 44.33
N ALA I 168 2.51 -20.27 44.57
CA ALA I 168 1.97 -21.32 45.42
C ALA I 168 2.13 -22.68 44.74
N SER I 169 2.01 -22.69 43.41
CA SER I 169 2.15 -23.92 42.64
C SER I 169 3.58 -24.40 42.67
N VAL I 170 4.52 -23.46 42.73
CA VAL I 170 5.93 -23.79 42.87
C VAL I 170 6.16 -24.69 44.09
N ARG I 171 5.50 -24.34 45.19
CA ARG I 171 5.65 -25.09 46.44
C ARG I 171 4.98 -26.46 46.37
N TYR I 172 3.73 -26.51 45.93
CA TYR I 172 3.02 -27.79 45.83
C TYR I 172 3.66 -28.71 44.81
N LEU I 173 4.15 -28.13 43.71
CA LEU I 173 4.91 -28.90 42.73
C LEU I 173 6.17 -29.49 43.38
N ALA I 174 6.86 -28.66 44.15
CA ALA I 174 8.10 -29.06 44.81
C ALA I 174 7.89 -30.28 45.69
N VAL I 175 6.73 -30.33 46.35
CA VAL I 175 6.39 -31.45 47.21
C VAL I 175 6.05 -32.69 46.39
N SER I 176 5.29 -32.49 45.32
CA SER I 176 4.82 -33.58 44.48
C SER I 176 5.97 -34.26 43.73
N LEU I 177 6.86 -33.45 43.16
CA LEU I 177 7.95 -33.96 42.35
C LEU I 177 9.23 -34.19 43.16
N GLY I 178 9.22 -33.77 44.41
CA GLY I 178 10.40 -33.83 45.25
C GLY I 178 10.88 -35.24 45.56
N ALA I 179 9.93 -36.14 45.77
CA ALA I 179 10.24 -37.54 46.03
C ALA I 179 11.13 -38.11 44.92
N LYS I 180 10.74 -37.87 43.67
CA LYS I 180 11.51 -38.34 42.52
C LYS I 180 12.89 -37.71 42.49
N GLY I 181 13.01 -36.52 43.06
CA GLY I 181 14.28 -35.81 43.12
C GLY I 181 14.27 -34.56 42.26
N VAL I 182 13.10 -34.21 41.72
CA VAL I 182 12.96 -33.03 40.88
C VAL I 182 12.82 -31.77 41.71
N ARG I 183 13.49 -30.71 41.29
CA ARG I 183 13.43 -29.44 41.99
C ARG I 183 12.60 -28.43 41.22
N VAL I 184 11.82 -27.63 41.95
CA VAL I 184 10.96 -26.63 41.34
C VAL I 184 11.19 -25.27 42.00
N ASN I 185 11.51 -24.27 41.19
CA ASN I 185 11.77 -22.93 41.71
C ASN I 185 11.23 -21.83 40.82
N ALA I 186 11.18 -20.62 41.37
CA ALA I 186 10.79 -19.45 40.59
C ALA I 186 11.81 -18.33 40.83
N ILE I 187 12.00 -17.50 39.82
CA ILE I 187 12.74 -16.26 40.01
C ILE I 187 11.78 -15.08 39.99
N SER I 188 11.77 -14.30 41.06
CA SER I 188 11.03 -13.06 41.09
C SER I 188 11.91 -11.96 40.52
N ALA I 189 11.77 -11.70 39.22
CA ALA I 189 12.63 -10.77 38.52
C ALA I 189 12.17 -9.34 38.69
N GLY I 190 13.12 -8.42 38.76
CA GLY I 190 12.81 -7.01 38.75
C GLY I 190 12.32 -6.61 37.37
N PRO I 191 11.83 -5.37 37.23
CA PRO I 191 11.29 -4.91 35.95
C PRO I 191 12.34 -4.89 34.83
N ILE I 192 11.96 -5.42 33.67
CA ILE I 192 12.84 -5.45 32.51
C ILE I 192 12.06 -5.06 31.26
N LYS I 193 12.62 -4.14 30.48
CA LYS I 193 11.93 -3.65 29.29
C LYS I 193 11.78 -4.72 28.22
N THR I 194 10.66 -5.44 28.28
CA THR I 194 10.33 -6.47 27.30
C THR I 194 9.02 -6.10 26.60
N LEU I 195 8.59 -6.91 25.64
CA LEU I 195 7.31 -6.66 24.96
C LEU I 195 6.11 -6.67 25.90
N ALA I 196 5.98 -7.74 26.68
CA ALA I 196 4.87 -7.86 27.61
C ALA I 196 4.84 -6.67 28.55
N ALA I 197 6.04 -6.21 28.93
CA ALA I 197 6.17 -5.08 29.83
C ALA I 197 5.50 -3.83 29.26
N SER I 198 5.41 -3.76 27.94
CA SER I 198 4.83 -2.60 27.27
C SER I 198 3.34 -2.46 27.56
N GLY I 199 2.70 -3.57 27.92
CA GLY I 199 1.27 -3.58 28.18
C GLY I 199 0.92 -3.11 29.58
N ILE I 200 1.93 -2.99 30.43
CA ILE I 200 1.74 -2.47 31.78
C ILE I 200 1.81 -0.95 31.76
N LYS I 201 0.72 -0.31 32.17
CA LYS I 201 0.63 1.15 32.15
C LYS I 201 1.73 1.80 32.98
N SER I 202 2.36 2.83 32.40
CA SER I 202 3.44 3.55 33.07
C SER I 202 4.54 2.62 33.57
N PHE I 203 5.01 1.74 32.69
CA PHE I 203 6.09 0.83 33.04
C PHE I 203 7.38 1.59 33.25
N GLY I 204 7.52 2.71 32.56
CA GLY I 204 8.69 3.56 32.67
C GLY I 204 8.87 4.14 34.07
N LYS I 205 7.75 4.49 34.72
CA LYS I 205 7.79 5.00 36.08
C LYS I 205 8.36 3.95 37.03
N ILE I 206 7.98 2.70 36.80
CA ILE I 206 8.45 1.59 37.62
C ILE I 206 9.96 1.37 37.46
N LEU I 207 10.43 1.43 36.22
CA LEU I 207 11.85 1.30 35.94
C LEU I 207 12.66 2.39 36.62
N ASP I 208 12.20 3.63 36.49
CA ASP I 208 12.88 4.77 37.11
C ASP I 208 12.90 4.62 38.62
N PHE I 209 11.77 4.19 39.19
CA PHE I 209 11.64 4.08 40.63
C PHE I 209 12.56 3.00 41.19
N VAL I 210 12.61 1.87 40.50
CA VAL I 210 13.47 0.76 40.93
C VAL I 210 14.95 1.13 40.83
N GLU I 211 15.31 1.78 39.73
CA GLU I 211 16.67 2.25 39.53
C GLU I 211 17.10 3.23 40.63
N SER I 212 16.15 4.03 41.10
CA SER I 212 16.45 5.05 42.11
C SER I 212 16.48 4.47 43.53
N ASN I 213 15.65 3.46 43.79
CA ASN I 213 15.45 3.00 45.17
C ASN I 213 16.02 1.63 45.50
N SER I 214 16.31 0.81 44.49
CA SER I 214 16.92 -0.48 44.76
C SER I 214 18.26 -0.28 45.45
N PRO I 215 18.64 -1.19 46.35
CA PRO I 215 19.92 -1.08 47.04
C PRO I 215 21.10 -0.92 46.08
N LEU I 216 21.06 -1.62 44.96
CA LEU I 216 22.14 -1.53 43.97
C LEU I 216 21.98 -0.33 43.03
N LYS I 217 20.91 0.43 43.22
CA LYS I 217 20.68 1.65 42.44
C LYS I 217 20.80 1.41 40.94
N ARG I 218 20.26 0.29 40.48
CA ARG I 218 20.33 -0.08 39.07
C ARG I 218 19.29 -1.14 38.75
N ASN I 219 18.77 -1.13 37.54
CA ASN I 219 17.85 -2.16 37.10
C ASN I 219 18.59 -3.43 36.75
N VAL I 220 17.86 -4.54 36.67
CA VAL I 220 18.47 -5.82 36.33
C VAL I 220 18.39 -6.08 34.83
N THR I 221 19.19 -7.04 34.37
CA THR I 221 19.23 -7.39 32.96
C THR I 221 18.79 -8.84 32.77
N ILE I 222 18.45 -9.21 31.54
CA ILE I 222 18.09 -10.60 31.27
C ILE I 222 19.33 -11.50 31.39
N GLU I 223 20.51 -10.89 31.40
CA GLU I 223 21.74 -11.65 31.62
C GLU I 223 21.87 -12.05 33.08
N GLN I 224 21.55 -11.12 33.97
CA GLN I 224 21.59 -11.36 35.39
C GLN I 224 20.52 -12.36 35.81
N VAL I 225 19.33 -12.21 35.24
CA VAL I 225 18.25 -13.16 35.47
C VAL I 225 18.60 -14.48 34.82
N GLY I 226 19.21 -14.41 33.64
CA GLY I 226 19.66 -15.59 32.93
C GLY I 226 20.63 -16.43 33.74
N ASN I 227 21.62 -15.77 34.33
CA ASN I 227 22.60 -16.45 35.17
C ASN I 227 21.98 -17.12 36.39
N ALA I 228 21.13 -16.37 37.10
CA ALA I 228 20.43 -16.92 38.25
C ALA I 228 19.64 -18.16 37.86
N GLY I 229 18.95 -18.07 36.72
CA GLY I 229 18.17 -19.17 36.19
C GLY I 229 19.02 -20.38 35.87
N ALA I 230 20.17 -20.16 35.23
CA ALA I 230 21.09 -21.23 34.89
C ALA I 230 21.54 -21.96 36.15
N PHE I 231 21.85 -21.18 37.19
CA PHE I 231 22.23 -21.72 38.49
C PHE I 231 21.17 -22.65 39.05
N LEU I 232 19.92 -22.17 39.10
CA LEU I 232 18.83 -22.94 39.66
C LEU I 232 18.55 -24.22 38.88
N LEU I 233 18.85 -24.20 37.58
CA LEU I 233 18.64 -25.36 36.72
C LEU I 233 19.77 -26.37 36.83
N SER I 234 20.86 -25.98 37.48
CA SER I 234 22.05 -26.80 37.55
C SER I 234 22.14 -27.57 38.86
N ASP I 235 23.05 -28.53 38.91
CA ASP I 235 23.28 -29.34 40.11
C ASP I 235 23.91 -28.50 41.22
N LEU I 236 24.41 -27.33 40.86
CA LEU I 236 24.95 -26.39 41.83
C LEU I 236 23.88 -25.99 42.85
N ALA I 237 22.62 -26.11 42.44
CA ALA I 237 21.49 -25.74 43.29
C ALA I 237 20.69 -26.96 43.70
N SER I 238 21.36 -28.10 43.84
CA SER I 238 20.69 -29.35 44.17
C SER I 238 20.08 -29.32 45.56
N GLY I 239 20.49 -28.35 46.37
CA GLY I 239 19.94 -28.16 47.70
C GLY I 239 18.77 -27.19 47.73
N VAL I 240 18.44 -26.62 46.57
CA VAL I 240 17.42 -25.59 46.47
C VAL I 240 16.16 -26.03 45.73
N THR I 241 15.02 -25.94 46.40
CA THR I 241 13.73 -26.22 45.79
C THR I 241 12.60 -25.50 46.54
N ALA I 242 11.48 -25.29 45.86
CA ALA I 242 10.33 -24.57 46.42
C ALA I 242 10.72 -23.14 46.80
N GLU I 243 11.70 -22.59 46.11
CA GLU I 243 12.23 -21.26 46.42
C GLU I 243 11.78 -20.22 45.39
N VAL I 244 11.38 -19.04 45.88
CA VAL I 244 11.15 -17.89 45.02
C VAL I 244 12.30 -16.91 45.23
N MET I 245 13.25 -16.91 44.29
CA MET I 245 14.46 -16.12 44.40
C MET I 245 14.33 -14.75 43.73
N HIS I 246 14.53 -13.69 44.50
CA HIS I 246 14.47 -12.34 43.97
C HIS I 246 15.74 -11.98 43.20
N VAL I 247 15.58 -11.65 41.93
CA VAL I 247 16.65 -11.08 41.13
C VAL I 247 16.17 -9.71 40.68
N ASP I 248 16.39 -8.71 41.54
CA ASP I 248 15.77 -7.41 41.38
C ASP I 248 16.62 -6.30 41.99
N SER I 249 17.93 -6.54 42.09
CA SER I 249 18.84 -5.59 42.70
C SER I 249 18.47 -5.29 44.15
N GLY I 250 17.69 -6.18 44.76
CA GLY I 250 17.35 -6.05 46.16
C GLY I 250 16.14 -5.18 46.44
N PHE I 251 15.46 -4.75 45.38
CA PHE I 251 14.33 -3.83 45.51
C PHE I 251 13.25 -4.31 46.49
N ASN I 252 12.96 -5.60 46.48
CA ASN I 252 11.91 -6.16 47.33
C ASN I 252 12.16 -5.93 48.81
N ALA I 253 13.43 -5.79 49.17
CA ALA I 253 13.85 -5.74 50.57
C ALA I 253 13.83 -4.33 51.16
N VAL I 254 13.48 -3.33 50.34
CA VAL I 254 13.45 -1.95 50.83
C VAL I 254 12.07 -1.33 50.77
N VAL I 255 11.93 -0.17 51.41
CA VAL I 255 10.78 0.69 51.21
C VAL I 255 11.23 1.91 50.42
N GLY I 256 10.73 2.04 49.19
CA GLY I 256 11.13 3.14 48.33
C GLY I 256 10.39 4.42 48.64
N GLY J 2 -22.70 -2.87 71.69
CA GLY J 2 -21.46 -3.46 71.25
C GLY J 2 -20.72 -2.57 70.26
N PHE J 3 -19.52 -2.99 69.86
CA PHE J 3 -18.71 -2.17 68.96
C PHE J 3 -19.12 -2.32 67.49
N LEU J 4 -20.27 -2.93 67.24
CA LEU J 4 -20.83 -2.99 65.88
C LEU J 4 -22.23 -2.41 65.80
N ASP J 5 -22.66 -1.71 66.84
CA ASP J 5 -23.97 -1.05 66.87
C ASP J 5 -24.24 -0.24 65.61
N GLY J 6 -25.31 -0.58 64.91
CA GLY J 6 -25.74 0.18 63.75
C GLY J 6 -25.07 -0.22 62.45
N LYS J 7 -24.22 -1.24 62.51
CA LYS J 7 -23.56 -1.73 61.29
C LYS J 7 -24.41 -2.77 60.59
N ARG J 8 -24.56 -2.60 59.28
CA ARG J 8 -25.30 -3.55 58.44
C ARG J 8 -24.33 -4.47 57.70
N ILE J 9 -24.42 -5.76 57.98
CA ILE J 9 -23.44 -6.69 57.47
C ILE J 9 -24.07 -7.86 56.71
N LEU J 10 -23.57 -8.10 55.50
CA LEU J 10 -24.02 -9.24 54.69
C LEU J 10 -23.05 -10.40 54.85
N LEU J 11 -23.59 -11.56 55.23
CA LEU J 11 -22.76 -12.75 55.39
C LEU J 11 -23.08 -13.83 54.38
N THR J 12 -22.04 -14.31 53.70
CA THR J 12 -22.14 -15.48 52.85
C THR J 12 -21.60 -16.67 53.62
N GLY J 13 -21.84 -17.87 53.12
CA GLY J 13 -21.18 -19.04 53.65
C GLY J 13 -21.79 -19.65 54.90
N LEU J 14 -22.91 -19.13 55.38
CA LEU J 14 -23.58 -19.76 56.52
C LEU J 14 -24.36 -20.99 56.03
N LEU J 15 -23.84 -22.18 56.32
CA LEU J 15 -24.45 -23.42 55.84
C LEU J 15 -24.98 -24.28 56.97
N SER J 16 -24.23 -24.36 58.07
CA SER J 16 -24.65 -25.09 59.25
C SER J 16 -24.24 -24.31 60.51
N ASN J 17 -24.70 -24.75 61.66
CA ASN J 17 -24.37 -24.07 62.92
C ASN J 17 -22.91 -24.31 63.30
N ARG J 18 -22.17 -25.01 62.46
CA ARG J 18 -20.75 -25.20 62.69
C ARG J 18 -19.91 -24.43 61.66
N SER J 19 -20.58 -23.76 60.72
CA SER J 19 -19.88 -22.98 59.71
C SER J 19 -19.14 -21.82 60.37
N ILE J 20 -18.01 -21.45 59.78
CA ILE J 20 -17.27 -20.29 60.22
C ILE J 20 -18.14 -19.03 60.13
N ALA J 21 -18.91 -18.94 59.05
CA ALA J 21 -19.82 -17.82 58.84
C ALA J 21 -20.82 -17.73 59.99
N TYR J 22 -21.21 -18.87 60.52
CA TYR J 22 -22.12 -18.91 61.65
C TYR J 22 -21.48 -18.30 62.88
N GLY J 23 -20.22 -18.64 63.12
CA GLY J 23 -19.46 -18.10 64.23
C GLY J 23 -19.33 -16.58 64.15
N ILE J 24 -19.00 -16.09 62.96
CA ILE J 24 -18.88 -14.67 62.73
C ILE J 24 -20.22 -13.95 62.92
N ALA J 25 -21.28 -14.58 62.43
CA ALA J 25 -22.63 -14.02 62.55
C ALA J 25 -23.04 -13.84 64.01
N LYS J 26 -22.82 -14.88 64.82
CA LYS J 26 -23.15 -14.83 66.24
C LYS J 26 -22.44 -13.69 66.94
N ALA J 27 -21.15 -13.54 66.65
CA ALA J 27 -20.34 -12.49 67.27
C ALA J 27 -20.79 -11.10 66.83
N CYS J 28 -21.14 -10.95 65.56
CA CYS J 28 -21.56 -9.65 65.03
C CYS J 28 -22.89 -9.22 65.63
N LYS J 29 -23.83 -10.15 65.70
CA LYS J 29 -25.13 -9.88 66.30
C LYS J 29 -24.95 -9.46 67.76
N ARG J 30 -24.14 -10.22 68.48
CA ARG J 30 -23.83 -9.91 69.88
C ARG J 30 -23.31 -8.49 70.04
N GLU J 31 -22.51 -8.04 69.08
CA GLU J 31 -21.93 -6.70 69.16
C GLU J 31 -22.82 -5.65 68.51
N GLY J 32 -24.00 -6.06 68.08
CA GLY J 32 -25.05 -5.12 67.71
C GLY J 32 -25.26 -4.80 66.25
N ALA J 33 -24.82 -5.68 65.36
CA ALA J 33 -24.99 -5.44 63.93
C ALA J 33 -26.34 -5.95 63.43
N GLU J 34 -26.78 -5.40 62.31
CA GLU J 34 -27.93 -5.93 61.58
C GLU J 34 -27.41 -6.84 60.49
N LEU J 35 -27.93 -8.06 60.42
CA LEU J 35 -27.37 -9.06 59.51
C LEU J 35 -28.28 -9.36 58.31
N ALA J 36 -27.64 -9.75 57.22
CA ALA J 36 -28.32 -10.27 56.04
C ALA J 36 -27.54 -11.49 55.55
N PHE J 37 -28.23 -12.44 54.95
CA PHE J 37 -27.59 -13.70 54.62
C PHE J 37 -27.82 -14.13 53.17
N THR J 38 -26.89 -14.94 52.65
CA THR J 38 -27.04 -15.52 51.33
C THR J 38 -27.03 -17.04 51.44
N TYR J 39 -27.65 -17.69 50.46
CA TYR J 39 -27.68 -19.15 50.40
C TYR J 39 -27.49 -19.62 48.96
N VAL J 40 -27.11 -20.88 48.79
CA VAL J 40 -26.92 -21.44 47.47
C VAL J 40 -27.94 -22.53 47.19
N GLY J 41 -28.65 -22.39 46.07
CA GLY J 41 -29.60 -23.40 45.67
C GLY J 41 -30.99 -23.16 46.25
N ASP J 42 -31.99 -23.29 45.40
CA ASP J 42 -33.40 -23.11 45.78
C ASP J 42 -33.76 -23.84 47.07
N ARG J 43 -33.12 -24.96 47.32
CA ARG J 43 -33.48 -25.86 48.42
C ARG J 43 -33.14 -25.30 49.80
N PHE J 44 -31.90 -24.83 49.97
CA PHE J 44 -31.42 -24.38 51.27
C PHE J 44 -32.12 -23.13 51.81
N LYS J 45 -33.07 -22.59 51.04
CA LYS J 45 -33.74 -21.36 51.43
C LYS J 45 -34.40 -21.47 52.81
N ASP J 46 -35.00 -22.62 53.09
CA ASP J 46 -35.66 -22.85 54.37
C ASP J 46 -34.67 -22.82 55.53
N ARG J 47 -33.60 -23.60 55.41
CA ARG J 47 -32.60 -23.73 56.47
C ARG J 47 -31.95 -22.39 56.81
N ILE J 48 -31.69 -21.58 55.78
CA ILE J 48 -31.02 -20.30 55.97
C ILE J 48 -31.96 -19.23 56.53
N THR J 49 -33.25 -19.35 56.22
CA THR J 49 -34.23 -18.42 56.73
C THR J 49 -34.40 -18.61 58.24
N GLU J 50 -34.35 -19.87 58.68
CA GLU J 50 -34.39 -20.18 60.10
C GLU J 50 -33.20 -19.54 60.81
N PHE J 51 -32.01 -19.72 60.24
CA PHE J 51 -30.79 -19.14 60.78
C PHE J 51 -30.89 -17.62 60.83
N ALA J 52 -31.37 -17.03 59.74
CA ALA J 52 -31.56 -15.59 59.68
C ALA J 52 -32.47 -15.10 60.78
N ALA J 53 -33.62 -15.77 60.93
CA ALA J 53 -34.57 -15.46 61.99
C ALA J 53 -33.90 -15.59 63.36
N GLU J 54 -33.02 -16.59 63.48
CA GLU J 54 -32.29 -16.85 64.70
C GLU J 54 -31.40 -15.66 65.10
N PHE J 55 -31.01 -14.87 64.11
CA PHE J 55 -30.20 -13.68 64.36
C PHE J 55 -31.02 -12.40 64.20
N GLY J 56 -32.34 -12.56 64.12
CA GLY J 56 -33.24 -11.42 64.07
C GLY J 56 -33.32 -10.77 62.70
N SER J 57 -33.11 -11.55 61.66
CA SER J 57 -33.11 -11.02 60.30
C SER J 57 -34.13 -11.73 59.41
N GLU J 58 -34.70 -10.98 58.47
CA GLU J 58 -35.61 -11.53 57.48
C GLU J 58 -34.99 -11.45 56.09
N LEU J 59 -33.73 -11.03 56.05
CA LEU J 59 -33.04 -10.75 54.79
C LEU J 59 -32.18 -11.93 54.33
N VAL J 60 -32.73 -12.75 53.45
CA VAL J 60 -31.96 -13.81 52.81
C VAL J 60 -32.09 -13.73 51.30
N PHE J 61 -30.97 -13.91 50.60
CA PHE J 61 -30.94 -13.78 49.15
C PHE J 61 -30.15 -14.93 48.54
N PRO J 62 -30.64 -15.48 47.43
CA PRO J 62 -29.91 -16.53 46.72
C PRO J 62 -28.68 -15.96 46.03
N CYS J 63 -27.55 -16.64 46.13
CA CYS J 63 -26.35 -16.20 45.42
C CYS J 63 -25.33 -17.32 45.23
N ASP J 64 -25.37 -17.94 44.05
CA ASP J 64 -24.32 -18.87 43.63
C ASP J 64 -23.28 -18.03 42.91
N VAL J 65 -22.11 -17.86 43.54
CA VAL J 65 -21.10 -16.94 43.03
C VAL J 65 -20.53 -17.36 41.67
N ALA J 66 -20.93 -18.53 41.19
CA ALA J 66 -20.54 -18.97 39.85
C ALA J 66 -21.30 -18.21 38.78
N ASP J 67 -22.44 -17.63 39.19
CA ASP J 67 -23.34 -16.95 38.26
C ASP J 67 -23.28 -15.44 38.44
N ASP J 68 -22.81 -14.75 37.41
CA ASP J 68 -22.77 -13.29 37.42
C ASP J 68 -24.14 -12.68 37.69
N ALA J 69 -25.18 -13.31 37.14
CA ALA J 69 -26.55 -12.85 37.30
C ALA J 69 -26.96 -12.76 38.78
N GLN J 70 -26.78 -13.86 39.51
CA GLN J 70 -27.19 -13.92 40.91
C GLN J 70 -26.41 -12.92 41.76
N ILE J 71 -25.18 -12.64 41.36
CA ILE J 71 -24.33 -11.70 42.08
C ILE J 71 -24.85 -10.29 41.93
N ASP J 72 -25.16 -9.90 40.70
CA ASP J 72 -25.72 -8.57 40.44
C ASP J 72 -27.09 -8.44 41.08
N ALA J 73 -27.87 -9.52 41.01
CA ALA J 73 -29.21 -9.54 41.57
C ALA J 73 -29.18 -9.43 43.09
N LEU J 74 -28.13 -10.00 43.69
CA LEU J 74 -27.96 -9.99 45.13
C LEU J 74 -28.00 -8.58 45.72
N PHE J 75 -27.21 -7.68 45.15
CA PHE J 75 -27.08 -6.34 45.68
C PHE J 75 -28.18 -5.41 45.19
N ALA J 76 -28.80 -5.76 44.06
CA ALA J 76 -29.98 -5.03 43.62
C ALA J 76 -31.10 -5.26 44.63
N SER J 77 -31.23 -6.51 45.06
CA SER J 77 -32.26 -6.88 46.03
C SER J 77 -31.97 -6.31 47.42
N LEU J 78 -30.71 -6.40 47.85
CA LEU J 78 -30.31 -5.87 49.14
C LEU J 78 -30.55 -4.36 49.20
N LYS J 79 -30.39 -3.71 48.06
CA LYS J 79 -30.56 -2.26 47.97
C LYS J 79 -31.99 -1.82 48.25
N THR J 80 -32.95 -2.72 48.09
CA THR J 80 -34.35 -2.39 48.34
C THR J 80 -34.67 -2.40 49.84
N HIS J 81 -33.76 -2.97 50.62
CA HIS J 81 -33.92 -3.01 52.07
C HIS J 81 -32.90 -2.09 52.74
N TRP J 82 -31.67 -2.14 52.24
CA TRP J 82 -30.58 -1.30 52.72
C TRP J 82 -30.09 -0.40 51.59
N ASP J 83 -29.86 0.88 51.88
CA ASP J 83 -29.27 1.76 50.88
C ASP J 83 -27.78 1.92 51.15
N SER J 84 -27.31 1.25 52.21
CA SER J 84 -25.93 1.37 52.65
C SER J 84 -25.45 0.06 53.28
N LEU J 85 -24.35 -0.47 52.74
CA LEU J 85 -23.76 -1.70 53.28
C LEU J 85 -22.46 -1.41 54.03
N ASP J 86 -22.37 -1.86 55.27
CA ASP J 86 -21.22 -1.55 56.12
C ASP J 86 -20.22 -2.69 56.18
N GLY J 87 -20.69 -3.90 55.93
CA GLY J 87 -19.83 -5.07 56.05
C GLY J 87 -20.19 -6.19 55.10
N LEU J 88 -19.17 -6.87 54.61
CA LEU J 88 -19.35 -8.02 53.73
C LEU J 88 -18.43 -9.14 54.17
N VAL J 89 -19.01 -10.29 54.48
CA VAL J 89 -18.22 -11.43 54.92
C VAL J 89 -18.21 -12.53 53.87
N HIS J 90 -17.04 -12.74 53.27
CA HIS J 90 -16.85 -13.76 52.24
C HIS J 90 -16.34 -15.05 52.88
N SER J 91 -17.25 -16.00 53.09
CA SER J 91 -16.90 -17.28 53.70
C SER J 91 -17.28 -18.39 52.75
N ILE J 92 -16.65 -18.38 51.59
CA ILE J 92 -17.02 -19.25 50.49
C ILE J 92 -15.78 -19.96 49.95
N GLY J 93 -15.93 -21.24 49.65
CA GLY J 93 -14.84 -22.00 49.08
C GLY J 93 -15.33 -23.28 48.43
N PHE J 94 -14.69 -23.68 47.34
CA PHE J 94 -15.01 -24.94 46.70
C PHE J 94 -13.95 -25.39 45.71
N ALA J 95 -13.74 -26.70 45.66
CA ALA J 95 -12.93 -27.34 44.64
C ALA J 95 -13.46 -28.74 44.43
N PRO J 96 -13.39 -29.26 43.19
CA PRO J 96 -13.73 -30.66 42.97
C PRO J 96 -12.92 -31.52 43.92
N ARG J 97 -13.55 -32.54 44.50
CA ARG J 97 -12.96 -33.23 45.64
C ARG J 97 -11.65 -33.97 45.33
N GLU J 98 -11.47 -34.42 44.10
CA GLU J 98 -10.23 -35.11 43.77
C GLU J 98 -9.06 -34.13 43.68
N ALA J 99 -9.38 -32.84 43.60
CA ALA J 99 -8.35 -31.80 43.52
C ALA J 99 -7.79 -31.46 44.90
N ILE J 100 -8.42 -32.00 45.95
CA ILE J 100 -7.94 -31.81 47.31
C ILE J 100 -7.80 -33.15 48.00
N ALA J 101 -7.43 -34.16 47.23
CA ALA J 101 -7.23 -35.51 47.76
C ALA J 101 -5.96 -36.11 47.18
N GLY J 102 -5.17 -36.75 48.04
CA GLY J 102 -3.94 -37.37 47.62
C GLY J 102 -2.95 -36.42 46.99
N ASP J 103 -2.41 -36.80 45.84
CA ASP J 103 -1.32 -36.06 45.21
C ASP J 103 -1.83 -34.84 44.46
N PHE J 104 -1.06 -33.75 44.54
CA PHE J 104 -1.39 -32.49 43.88
C PHE J 104 -1.62 -32.66 42.37
N LEU J 105 -0.70 -33.34 41.71
CA LEU J 105 -0.77 -33.53 40.26
C LEU J 105 -1.89 -34.48 39.81
N ASP J 106 -2.14 -35.52 40.61
CA ASP J 106 -3.21 -36.47 40.30
C ASP J 106 -4.56 -35.77 40.17
N GLY J 107 -4.80 -34.80 41.04
CA GLY J 107 -6.06 -34.08 41.06
C GLY J 107 -6.07 -32.82 40.21
N LEU J 108 -4.97 -32.56 39.51
CA LEU J 108 -4.87 -31.35 38.70
C LEU J 108 -5.45 -31.53 37.29
N THR J 109 -6.46 -30.73 36.99
CA THR J 109 -7.00 -30.62 35.65
C THR J 109 -7.36 -29.16 35.41
N ARG J 110 -7.34 -28.73 34.15
CA ARG J 110 -7.67 -27.34 33.84
C ARG J 110 -9.04 -26.96 34.39
N GLU J 111 -9.98 -27.90 34.35
CA GLU J 111 -11.33 -27.64 34.82
C GLU J 111 -11.37 -27.53 36.35
N ASN J 112 -10.73 -28.47 37.04
CA ASN J 112 -10.62 -28.39 38.49
C ASN J 112 -9.97 -27.09 38.94
N PHE J 113 -8.93 -26.68 38.22
CA PHE J 113 -8.23 -25.43 38.51
C PHE J 113 -9.15 -24.23 38.38
N ARG J 114 -9.84 -24.15 37.24
CA ARG J 114 -10.74 -23.03 36.96
C ARG J 114 -11.83 -22.90 38.02
N ILE J 115 -12.48 -24.02 38.32
CA ILE J 115 -13.57 -24.03 39.30
C ILE J 115 -13.12 -23.56 40.67
N ALA J 116 -12.02 -24.14 41.16
CA ALA J 116 -11.48 -23.80 42.46
C ALA J 116 -11.19 -22.31 42.58
N HIS J 117 -10.53 -21.76 41.57
CA HIS J 117 -10.18 -20.34 41.57
C HIS J 117 -11.40 -19.47 41.30
N ASP J 118 -12.31 -19.98 40.47
CA ASP J 118 -13.55 -19.28 40.16
C ASP J 118 -14.35 -19.04 41.44
N ILE J 119 -14.55 -20.11 42.20
CA ILE J 119 -15.42 -20.07 43.39
C ILE J 119 -14.70 -19.57 44.65
N SER J 120 -13.43 -19.92 44.80
CA SER J 120 -12.72 -19.63 46.05
C SER J 120 -11.98 -18.29 46.03
N ALA J 121 -11.59 -17.84 44.85
CA ALA J 121 -10.79 -16.62 44.73
C ALA J 121 -11.53 -15.48 44.07
N TYR J 122 -11.92 -15.66 42.81
CA TYR J 122 -12.55 -14.60 42.04
C TYR J 122 -13.79 -14.02 42.70
N SER J 123 -14.58 -14.89 43.34
CA SER J 123 -15.86 -14.49 43.92
C SER J 123 -15.73 -13.33 44.90
N PHE J 124 -14.62 -13.26 45.61
CA PHE J 124 -14.43 -12.23 46.61
C PHE J 124 -14.38 -10.84 45.98
N PRO J 125 -13.38 -10.60 45.11
CA PRO J 125 -13.35 -9.30 44.45
C PRO J 125 -14.57 -9.08 43.55
N ALA J 126 -15.16 -10.17 43.08
CA ALA J 126 -16.36 -10.09 42.27
C ALA J 126 -17.52 -9.49 43.06
N LEU J 127 -17.77 -10.06 44.23
CA LEU J 127 -18.80 -9.56 45.14
C LEU J 127 -18.51 -8.11 45.56
N ALA J 128 -17.24 -7.81 45.79
CA ALA J 128 -16.83 -6.46 46.16
C ALA J 128 -17.23 -5.45 45.10
N LYS J 129 -16.89 -5.73 43.85
CA LYS J 129 -17.19 -4.83 42.73
C LYS J 129 -18.70 -4.59 42.62
N ALA J 130 -19.48 -5.64 42.83
CA ALA J 130 -20.93 -5.56 42.72
C ALA J 130 -21.54 -4.74 43.85
N ALA J 131 -20.89 -4.76 45.00
CA ALA J 131 -21.40 -4.09 46.19
C ALA J 131 -20.93 -2.63 46.29
N LEU J 132 -19.89 -2.31 45.53
CA LEU J 132 -19.23 -0.99 45.61
C LEU J 132 -20.19 0.20 45.63
N PRO J 133 -21.15 0.23 44.70
CA PRO J 133 -22.08 1.36 44.60
C PRO J 133 -22.82 1.67 45.91
N MET J 134 -23.12 0.64 46.70
CA MET J 134 -23.86 0.84 47.94
C MET J 134 -23.02 0.64 49.21
N LEU J 135 -21.70 0.63 49.06
CA LEU J 135 -20.81 0.48 50.21
C LEU J 135 -20.62 1.79 50.94
N SER J 136 -20.70 1.75 52.27
CA SER J 136 -20.42 2.92 53.08
C SER J 136 -18.94 3.28 53.00
N ASP J 137 -18.59 4.46 53.49
CA ASP J 137 -17.23 4.97 53.38
C ASP J 137 -16.29 4.35 54.38
N ASP J 138 -16.85 3.78 55.44
CA ASP J 138 -16.07 3.10 56.45
C ASP J 138 -16.38 1.61 56.43
N ALA J 139 -16.80 1.15 55.25
CA ALA J 139 -17.14 -0.25 55.06
C ALA J 139 -15.93 -1.16 55.27
N SER J 140 -16.19 -2.41 55.62
CA SER J 140 -15.14 -3.38 55.87
C SER J 140 -15.47 -4.70 55.20
N LEU J 141 -14.55 -5.20 54.38
CA LEU J 141 -14.74 -6.49 53.73
C LEU J 141 -13.80 -7.54 54.32
N LEU J 142 -14.34 -8.73 54.57
CA LEU J 142 -13.60 -9.80 55.22
C LEU J 142 -13.74 -11.11 54.46
N THR J 143 -12.62 -11.81 54.32
CA THR J 143 -12.63 -13.13 53.69
C THR J 143 -11.88 -14.13 54.55
N LEU J 144 -12.04 -15.42 54.23
CA LEU J 144 -11.41 -16.48 54.99
C LEU J 144 -10.37 -17.21 54.16
N SER J 145 -9.15 -17.33 54.70
CA SER J 145 -8.10 -18.05 54.02
C SER J 145 -7.49 -19.12 54.93
N TYR J 146 -6.44 -19.77 54.44
CA TYR J 146 -5.83 -20.87 55.18
C TYR J 146 -4.32 -20.93 54.94
N LEU J 147 -3.58 -21.45 55.91
CA LEU J 147 -2.12 -21.54 55.86
C LEU J 147 -1.61 -22.23 54.59
N GLY J 148 -2.46 -23.06 53.99
CA GLY J 148 -2.10 -23.77 52.79
C GLY J 148 -1.75 -22.88 51.61
N ALA J 149 -2.14 -21.61 51.69
CA ALA J 149 -1.81 -20.64 50.66
C ALA J 149 -0.33 -20.26 50.70
N GLU J 150 0.24 -20.26 51.89
CA GLU J 150 1.60 -19.78 52.10
C GLU J 150 2.61 -20.93 52.20
N ARG J 151 2.15 -22.08 52.67
CA ARG J 151 3.00 -23.26 52.71
C ARG J 151 2.24 -24.49 52.21
N ALA J 152 2.98 -25.45 51.67
CA ALA J 152 2.37 -26.64 51.10
C ALA J 152 1.86 -27.58 52.20
N ILE J 153 0.55 -27.77 52.21
CA ILE J 153 -0.09 -28.64 53.20
C ILE J 153 -0.71 -29.84 52.50
N PRO J 154 -0.45 -31.04 53.03
CA PRO J 154 -0.92 -32.30 52.43
C PRO J 154 -2.41 -32.27 52.11
N ASN J 155 -2.75 -32.64 50.88
CA ASN J 155 -4.13 -32.75 50.43
C ASN J 155 -4.80 -31.42 50.08
N TYR J 156 -4.28 -30.31 50.59
CA TYR J 156 -4.91 -29.01 50.32
C TYR J 156 -4.76 -28.65 48.85
N ASN J 157 -3.62 -29.03 48.28
CA ASN J 157 -3.38 -28.99 46.83
C ASN J 157 -3.91 -27.75 46.11
N THR J 158 -4.80 -27.97 45.14
CA THR J 158 -5.31 -26.91 44.28
C THR J 158 -5.95 -25.77 45.08
N MET J 159 -6.51 -26.11 46.24
CA MET J 159 -7.13 -25.12 47.11
C MET J 159 -6.08 -24.11 47.60
N GLY J 160 -4.86 -24.58 47.80
CA GLY J 160 -3.76 -23.73 48.22
C GLY J 160 -3.48 -22.62 47.23
N LEU J 161 -3.47 -22.97 45.94
CA LEU J 161 -3.26 -22.00 44.88
C LEU J 161 -4.35 -20.94 44.90
N ALA J 162 -5.59 -21.38 45.01
CA ALA J 162 -6.73 -20.48 45.02
C ALA J 162 -6.66 -19.52 46.20
N LYS J 163 -6.33 -20.04 47.37
CA LYS J 163 -6.21 -19.21 48.57
C LYS J 163 -5.10 -18.18 48.42
N ALA J 164 -4.02 -18.56 47.73
CA ALA J 164 -2.92 -17.65 47.47
C ALA J 164 -3.39 -16.47 46.62
N ALA J 165 -4.20 -16.77 45.60
CA ALA J 165 -4.79 -15.74 44.76
C ALA J 165 -5.76 -14.88 45.57
N LEU J 166 -6.55 -15.55 46.40
CA LEU J 166 -7.50 -14.87 47.27
C LEU J 166 -6.82 -13.84 48.16
N GLU J 167 -5.70 -14.23 48.76
CA GLU J 167 -4.93 -13.34 49.64
C GLU J 167 -4.32 -12.18 48.85
N ALA J 168 -3.93 -12.44 47.61
CA ALA J 168 -3.40 -11.39 46.75
C ALA J 168 -4.51 -10.39 46.40
N SER J 169 -5.72 -10.89 46.23
CA SER J 169 -6.86 -10.03 45.90
C SER J 169 -7.21 -9.16 47.09
N VAL J 170 -6.99 -9.67 48.30
CA VAL J 170 -7.17 -8.89 49.51
C VAL J 170 -6.38 -7.60 49.44
N ARG J 171 -5.13 -7.71 48.99
CA ARG J 171 -4.23 -6.57 48.89
C ARG J 171 -4.62 -5.60 47.77
N TYR J 172 -4.85 -6.13 46.57
CA TYR J 172 -5.26 -5.28 45.44
C TYR J 172 -6.62 -4.65 45.67
N LEU J 173 -7.53 -5.38 46.32
CA LEU J 173 -8.80 -4.80 46.72
C LEU J 173 -8.59 -3.64 47.68
N ALA J 174 -7.70 -3.84 48.66
CA ALA J 174 -7.42 -2.83 49.67
C ALA J 174 -6.97 -1.52 49.05
N VAL J 175 -6.19 -1.61 47.98
CA VAL J 175 -5.70 -0.43 47.29
C VAL J 175 -6.82 0.25 46.50
N SER J 176 -7.61 -0.56 45.81
CA SER J 176 -8.68 -0.06 44.95
C SER J 176 -9.78 0.62 45.76
N LEU J 177 -10.19 -0.01 46.85
CA LEU J 177 -11.28 0.51 47.67
C LEU J 177 -10.79 1.39 48.81
N GLY J 178 -9.48 1.46 48.99
CA GLY J 178 -8.90 2.18 50.10
C GLY J 178 -9.13 3.68 50.02
N ALA J 179 -9.06 4.22 48.82
CA ALA J 179 -9.31 5.65 48.58
C ALA J 179 -10.66 6.08 49.15
N LYS J 180 -11.70 5.31 48.84
CA LYS J 180 -13.04 5.58 49.33
C LYS J 180 -13.13 5.47 50.86
N GLY J 181 -12.25 4.68 51.45
CA GLY J 181 -12.23 4.51 52.88
C GLY J 181 -12.62 3.11 53.32
N VAL J 182 -12.80 2.22 52.34
CA VAL J 182 -13.17 0.84 52.62
C VAL J 182 -11.95 -0.01 52.98
N ARG J 183 -12.11 -0.87 53.97
CA ARG J 183 -11.03 -1.75 54.39
C ARG J 183 -11.29 -3.19 53.95
N VAL J 184 -10.22 -3.87 53.56
CA VAL J 184 -10.31 -5.24 53.09
C VAL J 184 -9.31 -6.13 53.82
N ASN J 185 -9.81 -7.18 54.46
CA ASN J 185 -8.93 -8.07 55.20
C ASN J 185 -9.32 -9.54 55.08
N ALA J 186 -8.41 -10.41 55.49
CA ALA J 186 -8.68 -11.83 55.56
C ALA J 186 -8.26 -12.37 56.92
N ILE J 187 -8.96 -13.40 57.37
CA ILE J 187 -8.50 -14.18 58.52
C ILE J 187 -7.99 -15.52 58.03
N SER J 188 -6.74 -15.84 58.34
CA SER J 188 -6.21 -17.16 58.06
C SER J 188 -6.54 -18.05 59.24
N ALA J 189 -7.65 -18.78 59.14
CA ALA J 189 -8.15 -19.56 60.26
C ALA J 189 -7.46 -20.92 60.35
N GLY J 190 -7.25 -21.39 61.58
CA GLY J 190 -6.76 -22.73 61.82
C GLY J 190 -7.84 -23.73 61.48
N PRO J 191 -7.50 -25.03 61.52
CA PRO J 191 -8.47 -26.08 61.16
C PRO J 191 -9.67 -26.12 62.11
N ILE J 192 -10.86 -26.20 61.52
CA ILE J 192 -12.10 -26.27 62.29
C ILE J 192 -13.03 -27.29 61.66
N LYS J 193 -13.57 -28.19 62.47
CA LYS J 193 -14.43 -29.25 61.97
C LYS J 193 -15.76 -28.72 61.42
N THR J 194 -15.78 -28.44 60.12
CA THR J 194 -16.98 -27.99 59.41
C THR J 194 -17.28 -29.01 58.32
N LEU J 195 -18.39 -28.83 57.61
CA LEU J 195 -18.75 -29.77 56.54
C LEU J 195 -17.69 -29.82 55.43
N ALA J 196 -17.34 -28.65 54.92
CA ALA J 196 -16.34 -28.49 53.88
C ALA J 196 -15.07 -29.21 54.33
N ALA J 197 -14.79 -29.12 55.64
CA ALA J 197 -13.61 -29.77 56.21
C ALA J 197 -13.62 -31.28 55.99
N SER J 198 -14.82 -31.85 55.86
CA SER J 198 -14.97 -33.31 55.68
C SER J 198 -14.38 -33.80 54.36
N GLY J 199 -14.29 -32.91 53.38
CA GLY J 199 -13.80 -33.28 52.06
C GLY J 199 -12.29 -33.31 51.96
N ILE J 200 -11.61 -32.77 52.97
CA ILE J 200 -10.16 -32.81 53.01
C ILE J 200 -9.71 -34.11 53.64
N LYS J 201 -8.95 -34.90 52.88
CA LYS J 201 -8.50 -36.22 53.33
C LYS J 201 -7.68 -36.11 54.61
N SER J 202 -7.96 -37.01 55.56
CA SER J 202 -7.26 -37.04 56.84
C SER J 202 -7.27 -35.68 57.53
N PHE J 203 -8.46 -35.08 57.63
CA PHE J 203 -8.60 -33.80 58.31
C PHE J 203 -8.36 -33.99 59.80
N GLY J 204 -8.69 -35.19 60.30
CA GLY J 204 -8.50 -35.52 61.69
C GLY J 204 -7.04 -35.47 62.11
N LYS J 205 -6.15 -35.90 61.22
CA LYS J 205 -4.71 -35.85 61.48
C LYS J 205 -4.26 -34.41 61.66
N ILE J 206 -4.84 -33.52 60.86
CA ILE J 206 -4.50 -32.10 60.91
C ILE J 206 -4.94 -31.46 62.22
N LEU J 207 -6.15 -31.78 62.67
CA LEU J 207 -6.66 -31.28 63.94
C LEU J 207 -5.79 -31.71 65.11
N ASP J 208 -5.45 -33.00 65.16
CA ASP J 208 -4.62 -33.54 66.22
C ASP J 208 -3.25 -32.87 66.25
N PHE J 209 -2.67 -32.66 65.07
CA PHE J 209 -1.33 -32.11 64.94
C PHE J 209 -1.27 -30.66 65.43
N VAL J 210 -2.27 -29.87 65.04
CA VAL J 210 -2.32 -28.47 65.44
C VAL J 210 -2.54 -28.34 66.95
N GLU J 211 -3.44 -29.16 67.49
CA GLU J 211 -3.70 -29.19 68.91
C GLU J 211 -2.44 -29.53 69.70
N SER J 212 -1.62 -30.39 69.10
CA SER J 212 -0.39 -30.85 69.75
C SER J 212 0.76 -29.87 69.62
N ASN J 213 0.83 -29.14 68.50
CA ASN J 213 2.02 -28.35 68.19
C ASN J 213 1.84 -26.84 68.24
N SER J 214 0.60 -26.35 68.16
CA SER J 214 0.35 -24.92 68.26
C SER J 214 0.83 -24.42 69.62
N PRO J 215 1.32 -23.16 69.67
CA PRO J 215 1.81 -22.57 70.92
C PRO J 215 0.77 -22.64 72.05
N LEU J 216 -0.50 -22.45 71.73
CA LEU J 216 -1.56 -22.53 72.73
C LEU J 216 -2.03 -23.96 73.00
N LYS J 217 -1.46 -24.92 72.27
CA LYS J 217 -1.77 -26.34 72.45
C LYS J 217 -3.26 -26.62 72.42
N ARG J 218 -3.95 -25.97 71.49
CA ARG J 218 -5.40 -26.12 71.37
C ARG J 218 -5.88 -25.65 70.01
N ASN J 219 -6.94 -26.26 69.51
CA ASN J 219 -7.54 -25.81 68.26
C ASN J 219 -8.40 -24.57 68.49
N VAL J 220 -8.73 -23.88 67.40
CA VAL J 220 -9.55 -22.69 67.50
C VAL J 220 -11.03 -22.99 67.29
N THR J 221 -11.88 -22.04 67.66
CA THR J 221 -13.32 -22.22 67.54
C THR J 221 -13.90 -21.18 66.60
N ILE J 222 -15.10 -21.42 66.11
CA ILE J 222 -15.77 -20.43 65.26
C ILE J 222 -16.13 -19.20 66.08
N GLU J 223 -16.10 -19.33 67.41
CA GLU J 223 -16.32 -18.19 68.30
C GLU J 223 -15.09 -17.29 68.31
N GLN J 224 -13.91 -17.90 68.35
CA GLN J 224 -12.66 -17.17 68.33
C GLN J 224 -12.42 -16.53 66.97
N VAL J 225 -12.76 -17.26 65.90
CA VAL J 225 -12.70 -16.72 64.56
C VAL J 225 -13.78 -15.66 64.39
N GLY J 226 -14.95 -15.94 64.98
CA GLY J 226 -16.07 -15.01 64.96
C GLY J 226 -15.73 -13.67 65.58
N ASN J 227 -15.12 -13.69 66.75
CA ASN J 227 -14.71 -12.46 67.43
C ASN J 227 -13.69 -11.66 66.64
N ALA J 228 -12.65 -12.33 66.16
CA ALA J 228 -11.63 -11.68 65.35
C ALA J 228 -12.27 -11.03 64.12
N GLY J 229 -13.18 -11.75 63.48
CA GLY J 229 -13.89 -11.24 62.32
C GLY J 229 -14.71 -10.02 62.66
N ALA J 230 -15.41 -10.08 63.78
CA ALA J 230 -16.21 -8.96 64.25
C ALA J 230 -15.33 -7.73 64.47
N PHE J 231 -14.17 -7.95 65.07
CA PHE J 231 -13.19 -6.88 65.28
C PHE J 231 -12.80 -6.21 63.96
N LEU J 232 -12.39 -7.01 62.98
CA LEU J 232 -11.94 -6.49 61.71
C LEU J 232 -13.05 -5.73 60.97
N LEU J 233 -14.30 -6.12 61.23
CA LEU J 233 -15.44 -5.46 60.59
C LEU J 233 -15.82 -4.17 61.30
N SER J 234 -15.26 -3.95 62.49
CA SER J 234 -15.65 -2.81 63.31
C SER J 234 -14.69 -1.63 63.16
N ASP J 235 -15.10 -0.47 63.66
CA ASP J 235 -14.27 0.73 63.60
C ASP J 235 -13.06 0.61 64.52
N LEU J 236 -13.09 -0.37 65.41
CA LEU J 236 -11.96 -0.68 66.27
C LEU J 236 -10.73 -1.01 65.43
N ALA J 237 -10.99 -1.46 64.19
CA ALA J 237 -9.92 -1.87 63.28
C ALA J 237 -9.80 -0.91 62.10
N SER J 238 -10.12 0.36 62.31
CA SER J 238 -10.10 1.35 61.23
C SER J 238 -8.69 1.59 60.69
N GLY J 239 -7.69 1.18 61.46
CA GLY J 239 -6.30 1.29 61.04
C GLY J 239 -5.77 0.06 60.34
N VAL J 240 -6.61 -0.95 60.22
CA VAL J 240 -6.19 -2.24 59.67
C VAL J 240 -6.82 -2.54 58.31
N THR J 241 -5.99 -2.76 57.31
CA THR J 241 -6.46 -3.16 55.99
C THR J 241 -5.37 -3.91 55.23
N ALA J 242 -5.77 -4.70 54.23
CA ALA J 242 -4.85 -5.51 53.45
C ALA J 242 -4.09 -6.49 54.33
N GLU J 243 -4.72 -6.89 55.43
CA GLU J 243 -4.08 -7.76 56.40
C GLU J 243 -4.63 -9.18 56.33
N VAL J 244 -3.73 -10.16 56.39
CA VAL J 244 -4.12 -11.55 56.58
C VAL J 244 -3.80 -11.95 58.01
N MET J 245 -4.84 -11.96 58.85
CA MET J 245 -4.67 -12.20 60.28
C MET J 245 -4.82 -13.68 60.62
N HIS J 246 -3.78 -14.25 61.23
CA HIS J 246 -3.83 -15.64 61.65
C HIS J 246 -4.64 -15.81 62.92
N VAL J 247 -5.70 -16.61 62.83
CA VAL J 247 -6.43 -17.04 64.02
C VAL J 247 -6.35 -18.55 64.08
N ASP J 248 -5.27 -19.05 64.67
CA ASP J 248 -4.92 -20.47 64.58
C ASP J 248 -4.13 -20.94 65.79
N SER J 249 -4.33 -20.26 66.91
CA SER J 249 -3.60 -20.58 68.14
C SER J 249 -2.09 -20.43 67.95
N GLY J 250 -1.69 -19.68 66.92
CA GLY J 250 -0.29 -19.39 66.68
C GLY J 250 0.44 -20.46 65.88
N PHE J 251 -0.30 -21.43 65.38
CA PHE J 251 0.30 -22.57 64.68
C PHE J 251 1.24 -22.18 63.54
N ASN J 252 0.86 -21.16 62.76
CA ASN J 252 1.67 -20.75 61.62
C ASN J 252 3.08 -20.33 61.98
N ALA J 253 3.28 -19.87 63.22
CA ALA J 253 4.55 -19.28 63.61
C ALA J 253 5.57 -20.31 64.12
N VAL J 254 5.18 -21.57 64.16
CA VAL J 254 6.09 -22.62 64.65
C VAL J 254 6.41 -23.65 63.58
N VAL J 255 7.39 -24.50 63.87
CA VAL J 255 7.64 -25.71 63.10
C VAL J 255 7.26 -26.92 63.93
N GLY J 256 6.22 -27.63 63.49
CA GLY J 256 5.72 -28.78 64.22
C GLY J 256 6.53 -30.04 64.00
N GLY K 2 -17.06 -3.13 78.95
CA GLY K 2 -16.24 -3.38 77.78
C GLY K 2 -15.66 -4.78 77.78
N PHE K 3 -14.97 -5.13 76.70
CA PHE K 3 -14.43 -6.48 76.55
C PHE K 3 -13.13 -6.67 77.33
N LEU K 4 -12.80 -5.70 78.19
CA LEU K 4 -11.65 -5.83 79.08
C LEU K 4 -12.03 -5.67 80.55
N ASP K 5 -13.33 -5.72 80.83
CA ASP K 5 -13.83 -5.62 82.21
C ASP K 5 -13.06 -6.53 83.15
N GLY K 6 -12.46 -5.96 84.17
CA GLY K 6 -11.83 -6.73 85.23
C GLY K 6 -10.42 -7.20 84.95
N LYS K 7 -9.88 -6.81 83.80
CA LYS K 7 -8.52 -7.18 83.44
C LYS K 7 -7.54 -6.18 84.03
N ARG K 8 -6.49 -6.72 84.65
CA ARG K 8 -5.42 -5.90 85.22
C ARG K 8 -4.24 -5.83 84.27
N ILE K 9 -3.94 -4.63 83.80
CA ILE K 9 -2.94 -4.46 82.74
C ILE K 9 -1.86 -3.46 83.14
N LEU K 10 -0.60 -3.88 82.99
CA LEU K 10 0.54 -3.00 83.24
C LEU K 10 1.05 -2.42 81.93
N LEU K 11 1.15 -1.09 81.86
CA LEU K 11 1.63 -0.44 80.65
C LEU K 11 2.96 0.27 80.85
N THR K 12 3.90 -0.04 79.97
CA THR K 12 5.18 0.66 79.92
C THR K 12 5.16 1.69 78.80
N GLY K 13 6.12 2.61 78.83
CA GLY K 13 6.35 3.50 77.70
C GLY K 13 5.45 4.72 77.61
N LEU K 14 4.57 4.90 78.59
CA LEU K 14 3.71 6.09 78.59
C LEU K 14 4.52 7.31 79.04
N LEU K 15 4.86 8.16 78.07
CA LEU K 15 5.73 9.29 78.33
C LEU K 15 4.99 10.63 78.15
N SER K 16 4.17 10.71 77.10
CA SER K 16 3.36 11.89 76.85
C SER K 16 1.98 11.47 76.35
N ASN K 17 1.08 12.44 76.22
CA ASN K 17 -0.26 12.15 75.74
C ASN K 17 -0.29 11.83 74.24
N ARG K 18 0.88 11.79 73.61
CA ARG K 18 0.92 11.40 72.20
C ARG K 18 1.57 10.03 72.07
N SER K 19 2.03 9.49 73.20
CA SER K 19 2.66 8.17 73.21
C SER K 19 1.70 7.10 72.75
N ILE K 20 2.23 6.07 72.10
CA ILE K 20 1.43 4.92 71.71
C ILE K 20 0.85 4.26 72.95
N ALA K 21 1.66 4.17 74.00
CA ALA K 21 1.23 3.60 75.26
C ALA K 21 0.03 4.37 75.83
N TYR K 22 0.01 5.67 75.58
CA TYR K 22 -1.10 6.51 76.02
C TYR K 22 -2.39 6.11 75.30
N GLY K 23 -2.27 5.89 74.00
CA GLY K 23 -3.41 5.46 73.20
C GLY K 23 -3.96 4.12 73.63
N ILE K 24 -3.07 3.17 73.87
CA ILE K 24 -3.46 1.85 74.33
C ILE K 24 -4.12 1.92 75.70
N ALA K 25 -3.58 2.75 76.57
CA ALA K 25 -4.12 2.95 77.92
C ALA K 25 -5.55 3.47 77.86
N LYS K 26 -5.78 4.49 77.05
CA LYS K 26 -7.12 5.08 76.90
C LYS K 26 -8.13 4.04 76.42
N ALA K 27 -7.74 3.23 75.45
CA ALA K 27 -8.62 2.21 74.89
C ALA K 27 -8.92 1.10 75.92
N CYS K 28 -7.92 0.72 76.69
CA CYS K 28 -8.07 -0.33 77.69
C CYS K 28 -8.98 0.11 78.84
N LYS K 29 -8.78 1.33 79.31
CA LYS K 29 -9.61 1.90 80.37
C LYS K 29 -11.06 1.95 79.90
N ARG K 30 -11.26 2.46 78.69
CA ARG K 30 -12.59 2.53 78.08
C ARG K 30 -13.29 1.18 78.07
N GLU K 31 -12.51 0.12 77.82
CA GLU K 31 -13.06 -1.23 77.74
C GLU K 31 -13.08 -1.91 79.10
N GLY K 32 -12.71 -1.19 80.15
CA GLY K 32 -12.94 -1.64 81.51
C GLY K 32 -11.80 -2.28 82.26
N ALA K 33 -10.57 -2.00 81.86
CA ALA K 33 -9.41 -2.59 82.53
C ALA K 33 -8.95 -1.76 83.73
N GLU K 34 -8.24 -2.40 84.66
CA GLU K 34 -7.52 -1.69 85.71
C GLU K 34 -6.07 -1.55 85.29
N LEU K 35 -5.55 -0.32 85.34
CA LEU K 35 -4.23 -0.08 84.79
C LEU K 35 -3.16 0.19 85.85
N ALA K 36 -1.92 -0.17 85.49
CA ALA K 36 -0.75 0.18 86.29
C ALA K 36 0.33 0.66 85.33
N PHE K 37 1.18 1.57 85.78
CA PHE K 37 2.12 2.21 84.87
C PHE K 37 3.55 2.19 85.38
N THR K 38 4.49 2.25 84.45
CA THR K 38 5.90 2.37 84.79
C THR K 38 6.46 3.66 84.22
N TYR K 39 7.53 4.15 84.83
CA TYR K 39 8.21 5.35 84.35
C TYR K 39 9.72 5.17 84.46
N VAL K 40 10.47 5.98 83.73
CA VAL K 40 11.93 5.90 83.76
C VAL K 40 12.50 7.17 84.38
N GLY K 41 13.33 7.00 85.40
CA GLY K 41 14.00 8.12 86.02
C GLY K 41 13.18 8.76 87.14
N ASP K 42 13.85 9.03 88.26
CA ASP K 42 13.24 9.64 89.43
C ASP K 42 12.35 10.83 89.11
N ARG K 43 12.70 11.56 88.05
CA ARG K 43 12.05 12.83 87.73
C ARG K 43 10.63 12.68 87.19
N PHE K 44 10.44 11.80 86.21
CA PHE K 44 9.15 11.65 85.54
C PHE K 44 8.04 11.10 86.43
N LYS K 45 8.34 10.82 87.69
CA LYS K 45 7.36 10.23 88.60
C LYS K 45 6.10 11.09 88.71
N ASP K 46 6.27 12.42 88.76
CA ASP K 46 5.15 13.34 88.85
C ASP K 46 4.26 13.26 87.61
N ARG K 47 4.88 13.39 86.44
CA ARG K 47 4.14 13.40 85.18
C ARG K 47 3.35 12.11 84.96
N ILE K 48 3.95 10.98 85.34
CA ILE K 48 3.31 9.68 85.12
C ILE K 48 2.22 9.42 86.14
N THR K 49 2.36 10.00 87.33
CA THR K 49 1.34 9.85 88.37
C THR K 49 0.07 10.59 87.99
N GLU K 50 0.23 11.75 87.36
CA GLU K 50 -0.91 12.50 86.83
C GLU K 50 -1.65 11.67 85.79
N PHE K 51 -0.89 11.10 84.85
CA PHE K 51 -1.44 10.23 83.82
C PHE K 51 -2.17 9.03 84.42
N ALA K 52 -1.55 8.37 85.39
CA ALA K 52 -2.15 7.23 86.06
C ALA K 52 -3.47 7.62 86.70
N ALA K 53 -3.47 8.73 87.44
CA ALA K 53 -4.67 9.27 88.05
C ALA K 53 -5.72 9.56 86.98
N GLU K 54 -5.25 10.03 85.83
CA GLU K 54 -6.12 10.34 84.70
C GLU K 54 -6.87 9.10 84.23
N PHE K 55 -6.29 7.93 84.48
CA PHE K 55 -6.91 6.67 84.11
C PHE K 55 -7.45 5.91 85.32
N GLY K 56 -7.52 6.59 86.47
CA GLY K 56 -8.12 6.00 87.66
C GLY K 56 -7.21 5.02 88.38
N SER K 57 -5.90 5.26 88.28
CA SER K 57 -4.92 4.38 88.90
C SER K 57 -3.99 5.12 89.85
N GLU K 58 -3.56 4.42 90.90
CA GLU K 58 -2.57 4.96 91.83
C GLU K 58 -1.27 4.16 91.74
N LEU K 59 -1.24 3.23 90.79
CA LEU K 59 -0.13 2.30 90.66
C LEU K 59 0.89 2.73 89.62
N VAL K 60 1.96 3.37 90.08
CA VAL K 60 3.08 3.70 89.22
C VAL K 60 4.37 3.17 89.82
N PHE K 61 5.23 2.58 88.98
CA PHE K 61 6.47 1.98 89.45
C PHE K 61 7.62 2.37 88.54
N PRO K 62 8.78 2.67 89.14
CA PRO K 62 9.97 2.99 88.35
C PRO K 62 10.51 1.73 87.69
N CYS K 63 10.89 1.81 86.41
CA CYS K 63 11.49 0.67 85.75
C CYS K 63 12.31 1.05 84.53
N ASP K 64 13.62 1.18 84.73
CA ASP K 64 14.55 1.32 83.63
C ASP K 64 14.96 -0.09 83.21
N VAL K 65 14.49 -0.53 82.05
CA VAL K 65 14.68 -1.91 81.63
C VAL K 65 16.15 -2.27 81.42
N ALA K 66 17.03 -1.28 81.52
CA ALA K 66 18.46 -1.53 81.44
C ALA K 66 18.96 -2.18 82.73
N ASP K 67 18.19 -2.03 83.79
CA ASP K 67 18.60 -2.50 85.11
C ASP K 67 17.77 -3.72 85.53
N ASP K 68 18.45 -4.86 85.67
CA ASP K 68 17.80 -6.09 86.12
C ASP K 68 17.10 -5.88 87.46
N ALA K 69 17.73 -5.08 88.32
CA ALA K 69 17.19 -4.77 89.64
C ALA K 69 15.79 -4.16 89.56
N GLN K 70 15.66 -3.10 88.78
CA GLN K 70 14.39 -2.38 88.67
C GLN K 70 13.30 -3.27 88.08
N ILE K 71 13.71 -4.21 87.21
CA ILE K 71 12.77 -5.13 86.59
C ILE K 71 12.21 -6.12 87.60
N ASP K 72 13.09 -6.70 88.41
CA ASP K 72 12.66 -7.63 89.45
C ASP K 72 11.84 -6.92 90.51
N ALA K 73 12.24 -5.70 90.85
CA ALA K 73 11.57 -4.91 91.86
C ALA K 73 10.18 -4.47 91.39
N LEU K 74 10.05 -4.27 90.08
CA LEU K 74 8.79 -3.85 89.48
C LEU K 74 7.64 -4.80 89.83
N PHE K 75 7.87 -6.09 89.62
CA PHE K 75 6.83 -7.09 89.81
C PHE K 75 6.70 -7.55 91.26
N ALA K 76 7.77 -7.35 92.04
CA ALA K 76 7.68 -7.57 93.47
C ALA K 76 6.74 -6.53 94.07
N SER K 77 6.88 -5.29 93.61
CA SER K 77 6.05 -4.18 94.06
C SER K 77 4.61 -4.31 93.57
N LEU K 78 4.44 -4.68 92.29
CA LEU K 78 3.12 -4.87 91.72
C LEU K 78 2.37 -5.98 92.45
N LYS K 79 3.12 -6.97 92.91
CA LYS K 79 2.54 -8.12 93.60
C LYS K 79 1.88 -7.73 94.93
N THR K 80 2.29 -6.61 95.50
CA THR K 80 1.70 -6.15 96.76
C THR K 80 0.35 -5.48 96.53
N HIS K 81 0.06 -5.17 95.27
CA HIS K 81 -1.23 -4.57 94.90
C HIS K 81 -2.07 -5.57 94.13
N TRP K 82 -1.43 -6.29 93.21
CA TRP K 82 -2.07 -7.31 92.41
C TRP K 82 -1.41 -8.67 92.65
N ASP K 83 -2.21 -9.71 92.83
CA ASP K 83 -1.66 -11.07 92.94
C ASP K 83 -1.78 -11.77 91.60
N SER K 84 -2.34 -11.08 90.62
CA SER K 84 -2.59 -11.66 89.31
C SER K 84 -2.49 -10.59 88.21
N LEU K 85 -1.62 -10.83 87.23
CA LEU K 85 -1.45 -9.89 86.12
C LEU K 85 -2.05 -10.46 84.85
N ASP K 86 -2.94 -9.70 84.22
CA ASP K 86 -3.68 -10.18 83.06
C ASP K 86 -3.09 -9.69 81.74
N GLY K 87 -2.39 -8.56 81.80
CA GLY K 87 -1.86 -7.94 80.60
C GLY K 87 -0.57 -7.17 80.82
N LEU K 88 0.31 -7.23 79.83
CA LEU K 88 1.57 -6.50 79.86
C LEU K 88 1.81 -5.82 78.53
N VAL K 89 1.96 -4.50 78.57
CA VAL K 89 2.18 -3.73 77.34
C VAL K 89 3.61 -3.22 77.28
N HIS K 90 4.38 -3.78 76.35
CA HIS K 90 5.75 -3.37 76.13
C HIS K 90 5.79 -2.33 75.02
N SER K 91 5.89 -1.07 75.42
CA SER K 91 5.93 0.03 74.46
C SER K 91 7.21 0.81 74.70
N ILE K 92 8.33 0.12 74.53
CA ILE K 92 9.64 0.65 74.88
C ILE K 92 10.63 0.49 73.73
N GLY K 93 11.44 1.52 73.51
CA GLY K 93 12.47 1.48 72.49
C GLY K 93 13.52 2.55 72.69
N PHE K 94 14.76 2.22 72.35
CA PHE K 94 15.84 3.20 72.40
C PHE K 94 17.09 2.76 71.65
N ALA K 95 17.72 3.73 71.01
CA ALA K 95 19.03 3.56 70.39
C ALA K 95 19.74 4.91 70.40
N PRO K 96 21.08 4.90 70.52
CA PRO K 96 21.85 6.14 70.37
C PRO K 96 21.47 6.82 69.06
N ARG K 97 21.34 8.15 69.08
CA ARG K 97 20.72 8.86 67.97
C ARG K 97 21.49 8.77 66.66
N GLU K 98 22.81 8.60 66.72
CA GLU K 98 23.59 8.48 65.50
C GLU K 98 23.38 7.10 64.88
N ALA K 99 22.81 6.19 65.65
CA ALA K 99 22.54 4.84 65.17
C ALA K 99 21.27 4.78 64.33
N ILE K 100 20.51 5.88 64.34
CA ILE K 100 19.30 5.97 63.54
C ILE K 100 19.29 7.25 62.70
N ALA K 101 20.48 7.66 62.26
CA ALA K 101 20.62 8.84 61.42
C ALA K 101 21.56 8.59 60.26
N GLY K 102 21.17 9.03 59.08
CA GLY K 102 21.99 8.85 57.89
C GLY K 102 22.27 7.39 57.56
N ASP K 103 23.54 7.08 57.32
CA ASP K 103 23.93 5.77 56.83
C ASP K 103 23.98 4.74 57.94
N PHE K 104 23.53 3.52 57.63
CA PHE K 104 23.52 2.42 58.59
C PHE K 104 24.89 2.15 59.21
N LEU K 105 25.92 2.06 58.36
CA LEU K 105 27.26 1.76 58.82
C LEU K 105 27.90 2.89 59.61
N ASP K 106 27.62 4.14 59.21
CA ASP K 106 28.17 5.29 59.92
C ASP K 106 27.79 5.28 61.39
N GLY K 107 26.55 4.89 61.67
CA GLY K 107 26.05 4.89 63.04
C GLY K 107 26.27 3.58 63.76
N LEU K 108 26.90 2.62 63.10
CA LEU K 108 27.11 1.30 63.69
C LEU K 108 28.37 1.22 64.55
N THR K 109 28.17 0.93 65.83
CA THR K 109 29.26 0.62 66.75
C THR K 109 28.79 -0.51 67.66
N ARG K 110 29.72 -1.29 68.18
CA ARG K 110 29.34 -2.40 69.05
C ARG K 110 28.47 -1.92 70.22
N GLU K 111 28.77 -0.75 70.74
CA GLU K 111 28.02 -0.21 71.86
C GLU K 111 26.62 0.23 71.46
N ASN K 112 26.52 0.98 70.36
CA ASN K 112 25.21 1.38 69.84
C ASN K 112 24.34 0.17 69.55
N PHE K 113 24.94 -0.87 68.99
CA PHE K 113 24.23 -2.11 68.71
C PHE K 113 23.70 -2.74 69.99
N ARG K 114 24.59 -2.88 70.98
CA ARG K 114 24.23 -3.52 72.25
C ARG K 114 23.08 -2.80 72.94
N ILE K 115 23.19 -1.48 73.02
CA ILE K 115 22.17 -0.67 73.68
C ILE K 115 20.80 -0.80 73.01
N ALA K 116 20.77 -0.65 71.68
CA ALA K 116 19.53 -0.73 70.91
C ALA K 116 18.81 -2.06 71.13
N HIS K 117 19.56 -3.16 71.07
CA HIS K 117 18.99 -4.49 71.26
C HIS K 117 18.66 -4.75 72.72
N ASP K 118 19.48 -4.22 73.62
CA ASP K 118 19.26 -4.35 75.05
C ASP K 118 17.91 -3.75 75.46
N ILE K 119 17.66 -2.52 75.03
CA ILE K 119 16.48 -1.78 75.46
C ILE K 119 15.24 -2.10 74.61
N SER K 120 15.44 -2.32 73.32
CA SER K 120 14.31 -2.47 72.40
C SER K 120 13.87 -3.91 72.19
N ALA K 121 14.79 -4.86 72.36
CA ALA K 121 14.49 -6.26 72.08
C ALA K 121 14.48 -7.12 73.35
N TYR K 122 15.64 -7.19 74.01
CA TYR K 122 15.78 -8.03 75.20
C TYR K 122 14.75 -7.72 76.28
N SER K 123 14.46 -6.44 76.46
CA SER K 123 13.60 -5.98 77.54
C SER K 123 12.23 -6.65 77.53
N PHE K 124 11.74 -7.00 76.35
CA PHE K 124 10.41 -7.60 76.25
C PHE K 124 10.34 -8.98 76.91
N PRO K 125 11.12 -9.95 76.40
CA PRO K 125 11.10 -11.28 77.03
C PRO K 125 11.64 -11.22 78.46
N ALA K 126 12.46 -10.22 78.75
CA ALA K 126 12.98 -10.01 80.10
C ALA K 126 11.86 -9.71 81.08
N LEU K 127 11.05 -8.71 80.73
CA LEU K 127 9.88 -8.37 81.54
C LEU K 127 8.92 -9.54 81.64
N ALA K 128 8.77 -10.27 80.54
CA ALA K 128 7.91 -11.45 80.49
C ALA K 128 8.35 -12.48 81.53
N LYS K 129 9.64 -12.80 81.52
CA LYS K 129 10.19 -13.77 82.47
C LYS K 129 9.96 -13.33 83.91
N ALA K 130 10.12 -12.04 84.16
CA ALA K 130 10.00 -11.49 85.51
C ALA K 130 8.55 -11.50 86.00
N ALA K 131 7.61 -11.40 85.08
CA ALA K 131 6.19 -11.33 85.43
C ALA K 131 5.54 -12.71 85.48
N LEU K 132 6.22 -13.70 84.89
CA LEU K 132 5.68 -15.04 84.74
C LEU K 132 4.99 -15.60 85.99
N PRO K 133 5.66 -15.50 87.16
CA PRO K 133 5.10 -16.03 88.41
C PRO K 133 3.71 -15.49 88.77
N MET K 134 3.42 -14.24 88.42
CA MET K 134 2.13 -13.64 88.78
C MET K 134 1.20 -13.45 87.58
N LEU K 135 1.52 -14.10 86.47
CA LEU K 135 0.69 -14.03 85.26
C LEU K 135 -0.52 -14.97 85.35
N SER K 136 -1.69 -14.46 84.98
CA SER K 136 -2.88 -15.31 84.91
C SER K 136 -2.74 -16.32 83.76
N ASP K 137 -3.61 -17.31 83.73
CA ASP K 137 -3.52 -18.36 82.73
C ASP K 137 -4.00 -17.92 81.36
N ASP K 138 -4.78 -16.84 81.32
CA ASP K 138 -5.27 -16.31 80.05
C ASP K 138 -4.65 -14.94 79.79
N ALA K 139 -3.48 -14.71 80.38
CA ALA K 139 -2.77 -13.44 80.22
C ALA K 139 -2.37 -13.18 78.76
N SER K 140 -2.19 -11.91 78.44
CA SER K 140 -1.81 -11.50 77.09
C SER K 140 -0.68 -10.48 77.14
N LEU K 141 0.40 -10.75 76.42
CA LEU K 141 1.52 -9.82 76.34
C LEU K 141 1.60 -9.17 74.95
N LEU K 142 1.83 -7.87 74.94
CA LEU K 142 1.82 -7.09 73.70
C LEU K 142 3.04 -6.19 73.59
N THR K 143 3.65 -6.16 72.40
CA THR K 143 4.77 -5.27 72.15
C THR K 143 4.55 -4.51 70.85
N LEU K 144 5.37 -3.49 70.63
CA LEU K 144 5.24 -2.64 69.47
C LEU K 144 6.43 -2.79 68.54
N SER K 145 6.16 -3.05 67.26
CA SER K 145 7.22 -3.17 66.27
C SER K 145 6.97 -2.24 65.10
N TYR K 146 7.83 -2.33 64.09
CA TYR K 146 7.75 -1.45 62.95
C TYR K 146 8.21 -2.15 61.67
N LEU K 147 7.67 -1.69 60.54
CA LEU K 147 7.95 -2.28 59.24
C LEU K 147 9.46 -2.38 58.95
N GLY K 148 10.24 -1.52 59.61
CA GLY K 148 11.68 -1.49 59.43
C GLY K 148 12.38 -2.78 59.81
N ALA K 149 11.69 -3.64 60.55
CA ALA K 149 12.24 -4.94 60.94
C ALA K 149 12.26 -5.89 59.74
N GLU K 150 11.27 -5.73 58.86
CA GLU K 150 11.08 -6.65 57.74
C GLU K 150 11.63 -6.10 56.45
N ARG K 151 11.66 -4.77 56.32
CA ARG K 151 12.26 -4.14 55.14
C ARG K 151 13.14 -2.95 55.54
N ALA K 152 14.13 -2.66 54.71
CA ALA K 152 15.08 -1.58 55.02
C ALA K 152 14.43 -0.24 54.82
N ILE K 153 14.31 0.52 55.90
CA ILE K 153 13.72 1.84 55.84
C ILE K 153 14.79 2.88 56.18
N PRO K 154 14.88 3.94 55.36
CA PRO K 154 15.90 4.99 55.51
C PRO K 154 15.96 5.53 56.93
N ASN K 155 17.16 5.55 57.50
CA ASN K 155 17.42 6.10 58.83
C ASN K 155 17.05 5.17 59.98
N TYR K 156 16.18 4.19 59.74
CA TYR K 156 15.78 3.31 60.84
C TYR K 156 16.94 2.46 61.30
N ASN K 157 17.77 2.06 60.35
CA ASN K 157 19.08 1.43 60.60
C ASN K 157 19.11 0.40 61.74
N THR K 158 19.94 0.66 62.75
CA THR K 158 20.16 -0.29 63.84
C THR K 158 18.86 -0.68 64.54
N MET K 159 17.90 0.25 64.57
CA MET K 159 16.61 -0.02 65.19
C MET K 159 15.89 -1.15 64.47
N GLY K 160 16.10 -1.24 63.16
CA GLY K 160 15.52 -2.28 62.34
C GLY K 160 15.94 -3.68 62.78
N LEU K 161 17.24 -3.84 63.06
CA LEU K 161 17.78 -5.10 63.53
C LEU K 161 17.15 -5.50 64.86
N ALA K 162 17.09 -4.54 65.78
CA ALA K 162 16.53 -4.77 67.11
C ALA K 162 15.06 -5.19 67.03
N LYS K 163 14.30 -4.50 66.19
CA LYS K 163 12.90 -4.82 65.98
C LYS K 163 12.73 -6.22 65.40
N ALA K 164 13.65 -6.61 64.53
CA ALA K 164 13.63 -7.95 63.95
C ALA K 164 13.78 -9.00 65.04
N ALA K 165 14.71 -8.76 65.96
CA ALA K 165 14.91 -9.65 67.09
C ALA K 165 13.68 -9.65 67.98
N LEU K 166 13.11 -8.46 68.19
CA LEU K 166 11.91 -8.30 69.00
C LEU K 166 10.77 -9.16 68.48
N GLU K 167 10.55 -9.14 67.18
CA GLU K 167 9.51 -9.94 66.56
C GLU K 167 9.78 -11.42 66.68
N ALA K 168 11.06 -11.79 66.64
CA ALA K 168 11.45 -13.19 66.83
C ALA K 168 11.14 -13.64 68.25
N SER K 169 11.31 -12.73 69.21
CA SER K 169 11.06 -13.02 70.61
C SER K 169 9.58 -13.24 70.85
N VAL K 170 8.76 -12.51 70.09
CA VAL K 170 7.31 -12.69 70.14
C VAL K 170 6.93 -14.15 69.89
N ARG K 171 7.55 -14.75 68.88
CA ARG K 171 7.27 -16.14 68.54
C ARG K 171 7.79 -17.11 69.58
N TYR K 172 9.05 -16.97 69.97
CA TYR K 172 9.62 -17.86 70.97
C TYR K 172 8.96 -17.70 72.34
N LEU K 173 8.58 -16.47 72.68
CA LEU K 173 7.80 -16.23 73.89
C LEU K 173 6.47 -16.95 73.83
N ALA K 174 5.81 -16.85 72.68
CA ALA K 174 4.50 -17.48 72.46
C ALA K 174 4.55 -18.98 72.72
N VAL K 175 5.65 -19.61 72.31
CA VAL K 175 5.82 -21.05 72.50
C VAL K 175 6.05 -21.37 73.97
N SER K 176 6.89 -20.58 74.62
CA SER K 176 7.26 -20.80 76.02
C SER K 176 6.08 -20.61 76.98
N LEU K 177 5.33 -19.53 76.77
CA LEU K 177 4.23 -19.18 77.66
C LEU K 177 2.89 -19.76 77.19
N GLY K 178 2.89 -20.34 76.01
CA GLY K 178 1.66 -20.84 75.40
C GLY K 178 1.05 -22.00 76.14
N ALA K 179 1.89 -22.91 76.65
CA ALA K 179 1.43 -24.07 77.41
C ALA K 179 0.54 -23.63 78.57
N LYS K 180 1.00 -22.63 79.31
CA LYS K 180 0.26 -22.08 80.44
C LYS K 180 -1.06 -21.44 79.98
N GLY K 181 -1.09 -20.98 78.73
CA GLY K 181 -2.27 -20.37 78.17
C GLY K 181 -2.08 -18.88 77.89
N VAL K 182 -0.86 -18.40 78.08
CA VAL K 182 -0.56 -16.99 77.85
C VAL K 182 -0.33 -16.72 76.37
N ARG K 183 -0.86 -15.60 75.89
CA ARG K 183 -0.70 -15.23 74.50
C ARG K 183 0.29 -14.07 74.36
N VAL K 184 1.09 -14.10 73.31
CA VAL K 184 2.09 -13.06 73.06
C VAL K 184 1.97 -12.53 71.65
N ASN K 185 1.79 -11.22 71.51
CA ASN K 185 1.64 -10.62 70.20
C ASN K 185 2.34 -9.28 70.07
N ALA K 186 2.49 -8.82 68.84
CA ALA K 186 3.03 -7.51 68.56
C ALA K 186 2.14 -6.79 67.57
N ILE K 187 2.11 -5.47 67.67
CA ILE K 187 1.49 -4.64 66.65
C ILE K 187 2.58 -3.89 65.88
N SER K 188 2.59 -4.09 64.55
CA SER K 188 3.49 -3.32 63.70
C SER K 188 2.76 -2.03 63.32
N ALA K 189 3.04 -0.97 64.08
CA ALA K 189 2.33 0.28 63.90
C ALA K 189 2.94 1.13 62.80
N GLY K 190 2.10 1.84 62.07
CA GLY K 190 2.56 2.80 61.08
C GLY K 190 3.17 4.01 61.77
N PRO K 191 3.77 4.91 60.99
CA PRO K 191 4.43 6.09 61.59
C PRO K 191 3.43 6.98 62.35
N ILE K 192 3.82 7.37 63.56
CA ILE K 192 2.99 8.25 64.38
C ILE K 192 3.87 9.31 65.02
N LYS K 193 3.46 10.56 64.91
CA LYS K 193 4.26 11.66 65.43
C LYS K 193 4.33 11.60 66.96
N THR K 194 5.36 10.92 67.45
CA THR K 194 5.59 10.81 68.89
C THR K 194 6.94 11.44 69.25
N LEU K 195 7.23 11.46 70.53
CA LEU K 195 8.49 12.01 71.02
C LEU K 195 9.70 11.26 70.45
N ALA K 196 9.70 9.94 70.59
CA ALA K 196 10.78 9.11 70.07
C ALA K 196 10.94 9.31 68.56
N ALA K 197 9.82 9.49 67.86
CA ALA K 197 9.82 9.66 66.41
C ALA K 197 10.67 10.86 65.96
N SER K 198 10.83 11.83 66.85
CA SER K 198 11.57 13.05 66.54
C SER K 198 13.03 12.77 66.27
N GLY K 199 13.52 11.65 66.82
CA GLY K 199 14.93 11.30 66.68
C GLY K 199 15.24 10.61 65.36
N ILE K 200 14.20 10.22 64.63
CA ILE K 200 14.38 9.62 63.32
C ILE K 200 14.45 10.70 62.25
N LYS K 201 15.59 10.75 61.55
CA LYS K 201 15.83 11.79 60.56
C LYS K 201 14.78 11.78 59.45
N SER K 202 14.29 12.97 59.10
CA SER K 202 13.27 13.13 58.07
C SER K 202 12.06 12.23 58.31
N PHE K 203 11.55 12.27 59.54
CA PHE K 203 10.36 11.49 59.88
C PHE K 203 9.15 12.03 59.15
N GLY K 204 9.16 13.34 58.88
CA GLY K 204 8.09 14.00 58.17
C GLY K 204 7.91 13.46 56.76
N LYS K 205 9.02 13.13 56.12
CA LYS K 205 8.98 12.54 54.78
C LYS K 205 8.26 11.20 54.82
N ILE K 206 8.49 10.45 55.90
CA ILE K 206 7.86 9.15 56.07
C ILE K 206 6.36 9.26 56.28
N LEU K 207 5.95 10.23 57.08
CA LEU K 207 4.52 10.49 57.30
C LEU K 207 3.82 10.86 55.99
N ASP K 208 4.42 11.78 55.25
CA ASP K 208 3.85 12.23 53.98
C ASP K 208 3.73 11.07 53.01
N PHE K 209 4.76 10.24 52.95
CA PHE K 209 4.80 9.13 52.01
C PHE K 209 3.73 8.09 52.32
N VAL K 210 3.59 7.77 53.60
CA VAL K 210 2.60 6.79 54.04
C VAL K 210 1.18 7.30 53.81
N GLU K 211 0.95 8.58 54.13
CA GLU K 211 -0.35 9.20 53.89
C GLU K 211 -0.70 9.17 52.40
N SER K 212 0.31 9.30 51.54
CA SER K 212 0.11 9.33 50.10
C SER K 212 -0.05 7.95 49.48
N ASN K 213 0.64 6.95 50.03
CA ASN K 213 0.74 5.66 49.37
C ASN K 213 0.01 4.49 50.05
N SER K 214 -0.35 4.65 51.32
CA SER K 214 -1.12 3.62 52.01
C SER K 214 -2.46 3.42 51.31
N PRO K 215 -2.97 2.19 51.33
CA PRO K 215 -4.27 1.91 50.69
C PRO K 215 -5.38 2.83 51.19
N LEU K 216 -5.41 3.12 52.50
CA LEU K 216 -6.43 4.00 53.06
C LEU K 216 -6.12 5.48 52.90
N LYS K 217 -4.96 5.78 52.31
CA LYS K 217 -4.56 7.16 52.03
C LYS K 217 -4.62 8.04 53.29
N ARG K 218 -4.17 7.50 54.41
CA ARG K 218 -4.19 8.22 55.67
C ARG K 218 -3.25 7.58 56.69
N ASN K 219 -2.68 8.40 57.56
CA ASN K 219 -1.85 7.87 58.63
C ASN K 219 -2.71 7.30 59.75
N VAL K 220 -2.11 6.50 60.62
CA VAL K 220 -2.85 5.91 61.74
C VAL K 220 -2.70 6.76 62.99
N THR K 221 -3.56 6.51 63.97
CA THR K 221 -3.57 7.26 65.23
C THR K 221 -3.28 6.32 66.40
N ILE K 222 -2.90 6.88 67.54
CA ILE K 222 -2.70 6.06 68.73
C ILE K 222 -4.03 5.49 69.21
N GLU K 223 -5.13 6.05 68.73
CA GLU K 223 -6.46 5.51 69.03
C GLU K 223 -6.70 4.22 68.25
N GLN K 224 -6.30 4.22 66.98
CA GLN K 224 -6.43 3.03 66.15
C GLN K 224 -5.48 1.92 66.59
N VAL K 225 -4.26 2.29 66.94
CA VAL K 225 -3.31 1.33 67.49
C VAL K 225 -3.77 0.89 68.87
N GLY K 226 -4.31 1.86 69.62
CA GLY K 226 -4.86 1.58 70.95
C GLY K 226 -5.97 0.55 70.93
N ASN K 227 -6.93 0.71 70.01
CA ASN K 227 -8.02 -0.23 69.87
C ASN K 227 -7.55 -1.63 69.49
N ALA K 228 -6.67 -1.69 68.49
CA ALA K 228 -6.09 -2.96 68.06
C ALA K 228 -5.41 -3.66 69.22
N GLY K 229 -4.66 -2.89 70.01
CA GLY K 229 -3.98 -3.39 71.18
C GLY K 229 -4.94 -3.93 72.23
N ALA K 230 -6.00 -3.18 72.49
CA ALA K 230 -7.02 -3.60 73.46
C ALA K 230 -7.63 -4.93 73.05
N PHE K 231 -7.90 -5.07 71.76
CA PHE K 231 -8.41 -6.33 71.21
C PHE K 231 -7.47 -7.49 71.50
N LEU K 232 -6.20 -7.33 71.17
CA LEU K 232 -5.20 -8.39 71.34
C LEU K 232 -5.00 -8.77 72.80
N LEU K 233 -5.24 -7.81 73.70
CA LEU K 233 -5.10 -8.05 75.13
C LEU K 233 -6.34 -8.71 75.71
N SER K 234 -7.41 -8.75 74.92
CA SER K 234 -8.69 -9.26 75.41
C SER K 234 -8.93 -10.70 75.01
N ASP K 235 -9.95 -11.31 75.62
CA ASP K 235 -10.33 -12.68 75.33
C ASP K 235 -10.93 -12.81 73.94
N LEU K 236 -11.30 -11.67 73.36
CA LEU K 236 -11.80 -11.63 71.99
C LEU K 236 -10.74 -12.18 71.05
N ALA K 237 -9.49 -12.11 71.49
CA ALA K 237 -8.35 -12.56 70.69
C ALA K 237 -7.68 -13.79 71.28
N SER K 238 -8.46 -14.63 71.96
CA SER K 238 -7.93 -15.81 72.62
C SER K 238 -7.39 -16.82 71.61
N GLY K 239 -7.75 -16.66 70.34
CA GLY K 239 -7.26 -17.52 69.29
C GLY K 239 -6.01 -16.99 68.60
N VAL K 240 -5.55 -15.82 69.02
CA VAL K 240 -4.43 -15.16 68.37
C VAL K 240 -3.19 -15.10 69.26
N THR K 241 -2.09 -15.67 68.77
CA THR K 241 -0.82 -15.58 69.47
C THR K 241 0.34 -15.74 68.47
N ALA K 242 1.51 -15.24 68.83
CA ALA K 242 2.68 -15.26 67.96
C ALA K 242 2.44 -14.50 66.66
N GLU K 243 1.56 -13.50 66.74
CA GLU K 243 1.17 -12.72 65.56
C GLU K 243 1.78 -11.33 65.55
N VAL K 244 2.27 -10.89 64.40
CA VAL K 244 2.64 -9.50 64.21
C VAL K 244 1.60 -8.82 63.33
N MET K 245 0.70 -8.07 63.98
CA MET K 245 -0.42 -7.45 63.29
C MET K 245 -0.10 -6.03 62.84
N HIS K 246 -0.22 -5.79 61.55
CA HIS K 246 0.03 -4.45 61.00
C HIS K 246 -1.14 -3.52 61.24
N VAL K 247 -0.87 -2.42 61.93
CA VAL K 247 -1.84 -1.33 62.05
C VAL K 247 -1.20 -0.09 61.43
N ASP K 248 -1.34 0.04 60.12
CA ASP K 248 -0.57 1.01 59.36
C ASP K 248 -1.32 1.44 58.11
N SER K 249 -2.65 1.33 58.16
CA SER K 249 -3.51 1.66 57.03
C SER K 249 -3.16 0.82 55.81
N GLY K 250 -2.52 -0.32 56.05
CA GLY K 250 -2.21 -1.28 55.00
C GLY K 250 -0.94 -1.00 54.22
N PHE K 251 -0.18 0.00 54.65
CA PHE K 251 1.01 0.44 53.94
C PHE K 251 1.99 -0.69 53.63
N ASN K 252 2.16 -1.61 54.57
CA ASN K 252 3.10 -2.71 54.40
C ASN K 252 2.79 -3.57 53.17
N ALA K 253 1.52 -3.58 52.77
CA ALA K 253 1.06 -4.49 51.72
C ALA K 253 1.21 -3.93 50.32
N VAL K 254 1.69 -2.69 50.21
CA VAL K 254 1.83 -2.07 48.89
C VAL K 254 3.29 -1.74 48.56
N VAL K 255 3.53 -1.38 47.31
CA VAL K 255 4.79 -0.76 46.91
C VAL K 255 4.55 0.70 46.57
N GLY K 256 5.08 1.59 47.39
CA GLY K 256 4.87 3.02 47.21
C GLY K 256 5.77 3.64 46.17
N GLY L 2 36.75 -21.37 36.48
CA GLY L 2 35.47 -21.33 37.16
C GLY L 2 34.89 -19.92 37.19
N PHE L 3 33.68 -19.78 37.70
CA PHE L 3 33.02 -18.48 37.71
C PHE L 3 33.48 -17.59 38.87
N LEU L 4 34.56 -17.99 39.54
CA LEU L 4 35.17 -17.15 40.57
C LEU L 4 36.64 -16.84 40.29
N ASP L 5 37.09 -17.11 39.06
CA ASP L 5 38.46 -16.82 38.65
C ASP L 5 38.90 -15.40 39.00
N GLY L 6 39.97 -15.29 39.79
CA GLY L 6 40.56 -14.01 40.10
C GLY L 6 39.91 -13.29 41.27
N LYS L 7 38.92 -13.93 41.90
CA LYS L 7 38.26 -13.33 43.05
C LYS L 7 39.00 -13.67 44.33
N ARG L 8 39.24 -12.65 45.15
CA ARG L 8 39.88 -12.82 46.45
C ARG L 8 38.86 -12.83 47.56
N ILE L 9 38.76 -13.95 48.27
CA ILE L 9 37.69 -14.14 49.24
C ILE L 9 38.23 -14.51 50.62
N LEU L 10 37.76 -13.78 51.63
CA LEU L 10 38.10 -14.05 53.01
C LEU L 10 37.00 -14.87 53.68
N LEU L 11 37.36 -15.99 54.28
CA LEU L 11 36.38 -16.84 54.95
C LEU L 11 36.61 -16.91 56.45
N THR L 12 35.54 -16.65 57.19
CA THR L 12 35.53 -16.86 58.63
C THR L 12 34.82 -18.17 58.91
N GLY L 13 34.96 -18.66 60.14
CA GLY L 13 34.16 -19.78 60.58
C GLY L 13 34.62 -21.16 60.19
N LEU L 14 35.76 -21.27 59.50
CA LEU L 14 36.30 -22.57 59.17
C LEU L 14 36.97 -23.18 60.40
N LEU L 15 36.31 -24.14 61.02
CA LEU L 15 36.78 -24.73 62.27
C LEU L 15 37.17 -26.20 62.09
N SER L 16 36.35 -26.94 61.34
CA SER L 16 36.65 -28.33 61.04
C SER L 16 36.28 -28.64 59.60
N ASN L 17 36.64 -29.83 59.14
CA ASN L 17 36.31 -30.24 57.79
C ASN L 17 34.81 -30.54 57.65
N ARG L 18 34.06 -30.32 58.72
CA ARG L 18 32.62 -30.48 58.71
C ARG L 18 31.92 -29.12 58.80
N SER L 19 32.70 -28.06 58.98
CA SER L 19 32.16 -26.70 59.03
C SER L 19 31.53 -26.28 57.71
N ILE L 20 30.49 -25.45 57.78
CA ILE L 20 29.87 -24.89 56.58
C ILE L 20 30.87 -24.04 55.79
N ALA L 21 31.68 -23.26 56.51
CA ALA L 21 32.70 -22.42 55.90
C ALA L 21 33.65 -23.26 55.07
N TYR L 22 33.91 -24.48 55.54
CA TYR L 22 34.77 -25.40 54.82
C TYR L 22 34.14 -25.79 53.49
N GLY L 23 32.84 -26.05 53.50
CA GLY L 23 32.12 -26.39 52.29
C GLY L 23 32.17 -25.26 51.28
N ILE L 24 31.95 -24.04 51.78
CA ILE L 24 32.02 -22.86 50.93
C ILE L 24 33.42 -22.66 50.38
N ALA L 25 34.42 -22.88 51.21
CA ALA L 25 35.82 -22.75 50.81
C ALA L 25 36.17 -23.69 49.67
N LYS L 26 35.79 -24.95 49.80
CA LYS L 26 36.06 -25.96 48.77
C LYS L 26 35.45 -25.57 47.43
N ALA L 27 34.19 -25.10 47.47
CA ALA L 27 33.49 -24.71 46.27
C ALA L 27 34.12 -23.49 45.63
N CYS L 28 34.57 -22.55 46.45
CA CYS L 28 35.17 -21.31 45.97
C CYS L 28 36.51 -21.59 45.30
N LYS L 29 37.32 -22.42 45.93
CA LYS L 29 38.62 -22.79 45.36
C LYS L 29 38.40 -23.46 44.02
N ARG L 30 37.47 -24.41 43.99
CA ARG L 30 37.12 -25.14 42.78
C ARG L 30 36.76 -24.20 41.64
N GLU L 31 36.07 -23.11 41.96
CA GLU L 31 35.66 -22.16 40.95
C GLU L 31 36.71 -21.08 40.70
N GLY L 32 37.86 -21.21 41.36
CA GLY L 32 39.03 -20.43 40.99
C GLY L 32 39.36 -19.19 41.81
N ALA L 33 38.86 -19.13 43.03
CA ALA L 33 39.12 -17.97 43.88
C ALA L 33 40.42 -18.11 44.68
N GLU L 34 40.97 -16.98 45.10
CA GLU L 34 42.06 -16.98 46.06
C GLU L 34 41.48 -16.78 47.45
N LEU L 35 41.84 -17.65 48.39
CA LEU L 35 41.20 -17.62 49.70
C LEU L 35 42.11 -17.12 50.81
N ALA L 36 41.48 -16.53 51.82
CA ALA L 36 42.14 -16.15 53.06
C ALA L 36 41.25 -16.57 54.22
N PHE L 37 41.84 -16.89 55.36
CA PHE L 37 41.06 -17.47 56.45
C PHE L 37 41.32 -16.78 57.78
N THR L 38 40.33 -16.88 58.66
CA THR L 38 40.47 -16.39 60.03
C THR L 38 40.30 -17.53 61.02
N TYR L 39 40.87 -17.37 62.20
CA TYR L 39 40.74 -18.35 63.26
C TYR L 39 40.55 -17.64 64.59
N VAL L 40 40.02 -18.35 65.58
CA VAL L 40 39.81 -17.77 66.90
C VAL L 40 40.72 -18.45 67.92
N GLY L 41 41.49 -17.65 68.64
CA GLY L 41 42.34 -18.18 69.69
C GLY L 41 43.72 -18.58 69.19
N ASP L 42 44.74 -18.20 69.94
CA ASP L 42 46.14 -18.49 69.62
C ASP L 42 46.36 -19.96 69.24
N ARG L 43 45.57 -20.85 69.82
CA ARG L 43 45.77 -22.29 69.68
C ARG L 43 45.44 -22.83 68.29
N PHE L 44 44.27 -22.47 67.78
CA PHE L 44 43.78 -23.02 66.50
C PHE L 44 44.60 -22.58 65.28
N LYS L 45 45.64 -21.78 65.49
CA LYS L 45 46.46 -21.28 64.38
C LYS L 45 47.03 -22.40 63.52
N ASP L 46 47.48 -23.48 64.17
CA ASP L 46 48.05 -24.61 63.45
C ASP L 46 47.02 -25.28 62.56
N ARG L 47 45.89 -25.63 63.14
CA ARG L 47 44.83 -26.35 62.43
C ARG L 47 44.30 -25.57 61.23
N ILE L 48 44.19 -24.25 61.38
CA ILE L 48 43.66 -23.42 60.31
C ILE L 48 44.70 -23.19 59.21
N THR L 49 45.97 -23.22 59.60
CA THR L 49 47.05 -23.05 58.63
C THR L 49 47.13 -24.27 57.71
N GLU L 50 46.90 -25.44 58.28
CA GLU L 50 46.81 -26.66 57.49
C GLU L 50 45.68 -26.57 56.49
N PHE L 51 44.51 -26.15 56.95
CA PHE L 51 43.35 -25.96 56.09
C PHE L 51 43.63 -24.95 54.98
N ALA L 52 44.23 -23.82 55.34
CA ALA L 52 44.58 -22.79 54.37
C ALA L 52 45.54 -23.34 53.31
N ALA L 53 46.59 -24.02 53.77
CA ALA L 53 47.54 -24.65 52.87
C ALA L 53 46.82 -25.64 51.95
N GLU L 54 45.82 -26.31 52.51
CA GLU L 54 45.01 -27.26 51.78
C GLU L 54 44.26 -26.63 50.62
N PHE L 55 43.98 -25.34 50.73
CA PHE L 55 43.29 -24.61 49.67
C PHE L 55 44.25 -23.69 48.93
N GLY L 56 45.54 -23.89 49.16
CA GLY L 56 46.56 -23.16 48.43
C GLY L 56 46.77 -21.74 48.94
N SER L 57 46.52 -21.54 50.24
CA SER L 57 46.65 -20.21 50.82
C SER L 57 47.62 -20.20 52.00
N GLU L 58 48.31 -19.08 52.17
CA GLU L 58 49.20 -18.89 53.30
C GLU L 58 48.66 -17.77 54.19
N LEU L 59 47.47 -17.30 53.86
CA LEU L 59 46.88 -16.15 54.53
C LEU L 59 45.89 -16.56 55.61
N VAL L 60 46.36 -16.58 56.85
CA VAL L 60 45.50 -16.81 58.01
C VAL L 60 45.69 -15.69 59.02
N PHE L 61 44.58 -15.20 59.57
CA PHE L 61 44.61 -14.09 60.52
C PHE L 61 43.72 -14.36 61.72
N PRO L 62 44.20 -14.00 62.92
CA PRO L 62 43.37 -14.16 64.12
C PRO L 62 42.26 -13.12 64.15
N CYS L 63 41.05 -13.52 64.48
CA CYS L 63 39.95 -12.57 64.61
C CYS L 63 38.81 -13.09 65.48
N ASP L 64 38.85 -12.71 66.76
CA ASP L 64 37.72 -12.93 67.65
C ASP L 64 36.81 -11.73 67.51
N VAL L 65 35.66 -11.91 66.87
CA VAL L 65 34.78 -10.80 66.53
C VAL L 65 34.24 -10.08 67.77
N ALA L 66 34.52 -10.61 68.94
CA ALA L 66 34.14 -9.95 70.19
C ALA L 66 35.04 -8.75 70.46
N ASP L 67 36.21 -8.75 69.83
CA ASP L 67 37.22 -7.72 70.05
C ASP L 67 37.33 -6.78 68.86
N ASP L 68 36.98 -5.52 69.07
CA ASP L 68 37.09 -4.50 68.03
C ASP L 68 38.51 -4.42 67.49
N ALA L 69 39.47 -4.59 68.38
CA ALA L 69 40.88 -4.54 68.03
C ALA L 69 41.24 -5.57 66.95
N GLN L 70 40.89 -6.82 67.20
CA GLN L 70 41.22 -7.90 66.27
C GLN L 70 40.54 -7.70 64.92
N ILE L 71 39.37 -7.07 64.94
CA ILE L 71 38.62 -6.80 63.71
C ILE L 71 39.32 -5.77 62.82
N ASP L 72 39.74 -4.67 63.42
CA ASP L 72 40.47 -3.63 62.69
C ASP L 72 41.81 -4.15 62.23
N ALA L 73 42.46 -4.94 63.08
CA ALA L 73 43.76 -5.50 62.79
C ALA L 73 43.67 -6.52 61.65
N LEU L 74 42.53 -7.21 61.58
CA LEU L 74 42.31 -8.21 60.55
C LEU L 74 42.49 -7.65 59.14
N PHE L 75 41.84 -6.53 58.87
CA PHE L 75 41.84 -5.95 57.53
C PHE L 75 43.07 -5.06 57.28
N ALA L 76 43.69 -4.59 58.36
CA ALA L 76 44.97 -3.91 58.24
C ALA L 76 46.01 -4.91 57.75
N SER L 77 45.97 -6.11 58.32
CA SER L 77 46.88 -7.18 57.96
C SER L 77 46.62 -7.72 56.55
N LEU L 78 45.35 -7.94 56.24
CA LEU L 78 44.96 -8.44 54.91
C LEU L 78 45.38 -7.46 53.83
N LYS L 79 45.34 -6.17 54.16
CA LYS L 79 45.67 -5.12 53.20
C LYS L 79 47.13 -5.17 52.76
N THR L 80 47.98 -5.80 53.56
CA THR L 80 49.40 -5.91 53.22
C THR L 80 49.63 -7.02 52.20
N HIS L 81 48.63 -7.87 52.01
CA HIS L 81 48.71 -8.95 51.04
C HIS L 81 47.78 -8.67 49.87
N TRP L 82 46.59 -8.17 50.18
CA TRP L 82 45.61 -7.78 49.18
C TRP L 82 45.28 -6.30 49.31
N ASP L 83 45.22 -5.59 48.20
CA ASP L 83 44.79 -4.19 48.24
C ASP L 83 43.32 -4.10 47.86
N SER L 84 42.72 -5.25 47.55
CA SER L 84 41.34 -5.32 47.10
C SER L 84 40.67 -6.62 47.53
N LEU L 85 39.55 -6.51 48.24
CA LEU L 85 38.80 -7.68 48.69
C LEU L 85 37.49 -7.84 47.91
N ASP L 86 37.28 -9.03 47.34
CA ASP L 86 36.15 -9.28 46.47
C ASP L 86 35.00 -10.01 47.17
N GLY L 87 35.33 -10.74 48.24
CA GLY L 87 34.34 -11.55 48.91
C GLY L 87 34.60 -11.72 50.39
N LEU L 88 33.50 -11.74 51.16
CA LEU L 88 33.57 -11.94 52.60
C LEU L 88 32.51 -12.95 53.04
N VAL L 89 32.97 -14.04 53.66
CA VAL L 89 32.04 -15.07 54.11
C VAL L 89 31.93 -15.06 55.63
N HIS L 90 30.76 -14.68 56.11
CA HIS L 90 30.47 -14.63 57.54
C HIS L 90 29.81 -15.92 57.97
N SER L 91 30.61 -16.82 58.55
CA SER L 91 30.12 -18.13 58.99
C SER L 91 30.40 -18.27 60.48
N ILE L 92 29.81 -17.37 61.26
CA ILE L 92 30.11 -17.24 62.67
C ILE L 92 28.83 -17.21 63.50
N GLY L 93 28.85 -17.91 64.62
CA GLY L 93 27.71 -17.92 65.52
C GLY L 93 28.10 -18.41 66.90
N PHE L 94 27.48 -17.84 67.93
CA PHE L 94 27.69 -18.32 69.28
C PHE L 94 26.65 -17.81 70.26
N ALA L 95 26.28 -18.68 71.19
CA ALA L 95 25.46 -18.31 72.34
C ALA L 95 25.82 -19.24 73.49
N PRO L 96 25.74 -18.72 74.73
CA PRO L 96 25.92 -19.59 75.90
C PRO L 96 24.98 -20.79 75.81
N ARG L 97 25.47 -21.97 76.18
CA ARG L 97 24.75 -23.20 75.86
C ARG L 97 23.38 -23.34 76.51
N GLU L 98 23.17 -22.74 77.68
CA GLU L 98 21.87 -22.84 78.32
C GLU L 98 20.84 -21.95 77.62
N ALA L 99 21.31 -21.03 76.79
CA ALA L 99 20.43 -20.13 76.04
C ALA L 99 19.86 -20.81 74.80
N ILE L 100 20.37 -22.00 74.47
CA ILE L 100 19.87 -22.76 73.35
C ILE L 100 19.53 -24.18 73.79
N ALA L 101 19.08 -24.31 75.03
CA ALA L 101 18.71 -25.60 75.58
C ALA L 101 17.39 -25.48 76.34
N GLY L 102 16.49 -26.45 76.13
CA GLY L 102 15.20 -26.45 76.78
C GLY L 102 14.37 -25.21 76.48
N ASP L 103 13.83 -24.62 77.55
CA ASP L 103 12.87 -23.53 77.41
C ASP L 103 13.55 -22.20 77.12
N PHE L 104 12.93 -21.41 76.25
CA PHE L 104 13.44 -20.09 75.86
C PHE L 104 13.69 -19.17 77.06
N LEU L 105 12.72 -19.06 77.96
CA LEU L 105 12.85 -18.17 79.12
C LEU L 105 13.87 -18.68 80.13
N ASP L 106 13.95 -19.99 80.31
CA ASP L 106 14.91 -20.58 81.25
C ASP L 106 16.33 -20.14 80.91
N GLY L 107 16.63 -20.07 79.62
CA GLY L 107 17.96 -19.73 79.16
C GLY L 107 18.17 -18.25 78.90
N LEU L 108 17.13 -17.45 79.16
CA LEU L 108 17.22 -16.01 78.89
C LEU L 108 17.82 -15.22 80.05
N THR L 109 18.94 -14.56 79.79
CA THR L 109 19.53 -13.60 80.71
C THR L 109 20.09 -12.46 79.87
N ARG L 110 20.19 -11.27 80.45
CA ARG L 110 20.69 -10.12 79.71
C ARG L 110 22.06 -10.39 79.10
N GLU L 111 22.88 -11.13 79.83
CA GLU L 111 24.22 -11.44 79.36
C GLU L 111 24.21 -12.43 78.19
N ASN L 112 23.43 -13.51 78.33
CA ASN L 112 23.28 -14.48 77.25
C ASN L 112 22.75 -13.82 75.98
N PHE L 113 21.77 -12.93 76.16
CA PHE L 113 21.20 -12.18 75.04
C PHE L 113 22.27 -11.34 74.36
N ARG L 114 23.01 -10.57 75.15
CA ARG L 114 24.03 -9.67 74.62
C ARG L 114 25.10 -10.43 73.84
N ILE L 115 25.59 -11.51 74.43
CA ILE L 115 26.64 -12.31 73.81
C ILE L 115 26.18 -12.90 72.48
N ALA L 116 25.00 -13.52 72.49
CA ALA L 116 24.44 -14.16 71.30
C ALA L 116 24.32 -13.15 70.14
N HIS L 117 23.79 -11.98 70.45
CA HIS L 117 23.62 -10.94 69.43
C HIS L 117 24.94 -10.28 69.06
N ASP L 118 25.83 -10.14 70.05
CA ASP L 118 27.15 -9.57 69.82
C ASP L 118 27.93 -10.37 68.77
N ILE L 119 28.00 -11.68 68.98
CA ILE L 119 28.81 -12.56 68.15
C ILE L 119 28.13 -13.02 66.86
N SER L 120 26.83 -13.27 66.92
CA SER L 120 26.12 -13.88 65.80
C SER L 120 25.50 -12.85 64.85
N ALA L 121 25.19 -11.66 65.35
CA ALA L 121 24.52 -10.64 64.56
C ALA L 121 25.41 -9.43 64.27
N TYR L 122 25.82 -8.73 65.33
CA TYR L 122 26.60 -7.52 65.17
C TYR L 122 27.88 -7.74 64.36
N SER L 123 28.52 -8.89 64.55
CA SER L 123 29.81 -9.16 63.94
C SER L 123 29.79 -9.05 62.41
N PHE L 124 28.65 -9.36 61.80
CA PHE L 124 28.56 -9.32 60.34
C PHE L 124 28.72 -7.90 59.80
N PRO L 125 27.80 -6.98 60.17
CA PRO L 125 27.96 -5.61 59.69
C PRO L 125 29.22 -4.94 60.24
N ALA L 126 29.71 -5.42 61.37
CA ALA L 126 30.94 -4.91 61.95
C ALA L 126 32.12 -5.21 61.02
N LEU L 127 32.24 -6.46 60.62
CA LEU L 127 33.25 -6.88 59.67
C LEU L 127 33.10 -6.14 58.34
N ALA L 128 31.86 -5.95 57.92
CA ALA L 128 31.56 -5.21 56.68
C ALA L 128 32.13 -3.79 56.74
N LYS L 129 31.81 -3.08 57.82
CA LYS L 129 32.27 -1.71 58.00
C LYS L 129 33.80 -1.63 57.99
N ALA L 130 34.44 -2.60 58.62
CA ALA L 130 35.91 -2.63 58.72
C ALA L 130 36.57 -2.94 57.38
N ALA L 131 35.87 -3.70 56.54
CA ALA L 131 36.41 -4.14 55.25
C ALA L 131 36.10 -3.14 54.14
N LEU L 132 35.14 -2.26 54.38
CA LEU L 132 34.64 -1.31 53.38
C LEU L 132 35.73 -0.59 52.57
N PRO L 133 36.74 -0.02 53.25
CA PRO L 133 37.80 0.73 52.56
C PRO L 133 38.52 -0.05 51.46
N MET L 134 38.67 -1.37 51.66
CA MET L 134 39.40 -2.18 50.69
C MET L 134 38.49 -3.11 49.87
N LEU L 135 37.19 -2.84 49.91
CA LEU L 135 36.23 -3.63 49.15
C LEU L 135 36.18 -3.20 47.70
N SER L 136 36.20 -4.17 46.78
CA SER L 136 36.03 -3.88 45.37
C SER L 136 34.61 -3.39 45.10
N ASP L 137 34.37 -2.83 43.91
CA ASP L 137 33.08 -2.26 43.59
C ASP L 137 32.03 -3.33 43.28
N ASP L 138 32.49 -4.54 42.95
CA ASP L 138 31.58 -5.63 42.68
C ASP L 138 31.73 -6.71 43.76
N ALA L 139 32.18 -6.29 44.94
CA ALA L 139 32.37 -7.20 46.05
C ALA L 139 31.06 -7.85 46.50
N SER L 140 31.17 -9.01 47.12
CA SER L 140 29.99 -9.74 47.60
C SER L 140 30.18 -10.24 49.02
N LEU L 141 29.25 -9.91 49.91
CA LEU L 141 29.31 -10.37 51.30
C LEU L 141 28.23 -11.41 51.57
N LEU L 142 28.61 -12.47 52.28
CA LEU L 142 27.71 -13.59 52.51
C LEU L 142 27.70 -14.02 53.97
N THR L 143 26.52 -14.26 54.51
CA THR L 143 26.38 -14.76 55.88
C THR L 143 25.45 -15.96 55.93
N LEU L 144 25.46 -16.67 57.05
CA LEU L 144 24.66 -17.87 57.21
C LEU L 144 23.58 -17.68 58.27
N SER L 145 22.35 -17.99 57.91
CA SER L 145 21.22 -17.88 58.84
C SER L 145 20.47 -19.20 58.92
N TYR L 146 19.36 -19.21 59.66
CA TYR L 146 18.60 -20.43 59.86
C TYR L 146 17.11 -20.14 59.99
N LEU L 147 16.29 -21.12 59.63
CA LEU L 147 14.84 -20.99 59.67
C LEU L 147 14.32 -20.53 61.02
N GLY L 148 15.10 -20.77 62.07
CA GLY L 148 14.74 -20.38 63.42
C GLY L 148 14.55 -18.89 63.61
N ALA L 149 15.06 -18.10 62.66
CA ALA L 149 14.89 -16.66 62.71
C ALA L 149 13.45 -16.27 62.34
N GLU L 150 12.84 -17.06 61.46
CA GLU L 150 11.53 -16.74 60.91
C GLU L 150 10.41 -17.51 61.60
N ARG L 151 10.73 -18.69 62.11
CA ARG L 151 9.75 -19.48 62.87
C ARG L 151 10.38 -20.07 64.14
N ALA L 152 9.54 -20.28 65.15
CA ALA L 152 10.00 -20.79 66.45
C ALA L 152 10.36 -22.27 66.35
N ILE L 153 11.63 -22.56 66.56
CA ILE L 153 12.11 -23.93 66.51
C ILE L 153 12.63 -24.35 67.88
N PRO L 154 12.21 -25.54 68.34
CA PRO L 154 12.56 -26.05 69.67
C PRO L 154 14.06 -25.95 69.95
N ASN L 155 14.39 -25.35 71.10
CA ASN L 155 15.77 -25.25 71.58
C ASN L 155 16.60 -24.15 70.92
N TYR L 156 16.19 -23.69 69.75
CA TYR L 156 16.97 -22.67 69.05
C TYR L 156 16.96 -21.37 69.83
N ASN L 157 15.83 -21.08 70.46
CA ASN L 157 15.67 -20.01 71.44
C ASN L 157 16.37 -18.69 71.11
N THR L 158 17.28 -18.27 71.99
CA THR L 158 17.94 -16.98 71.90
C THR L 158 18.65 -16.78 70.56
N MET L 159 19.15 -17.88 69.99
CA MET L 159 19.83 -17.83 68.71
C MET L 159 18.90 -17.38 67.60
N GLY L 160 17.62 -17.75 67.73
CA GLY L 160 16.61 -17.33 66.77
C GLY L 160 16.46 -15.83 66.68
N LEU L 161 16.47 -15.17 67.84
CA LEU L 161 16.39 -13.71 67.89
C LEU L 161 17.57 -13.10 67.16
N ALA L 162 18.76 -13.61 67.46
CA ALA L 162 19.99 -13.10 66.88
C ALA L 162 20.00 -13.27 65.36
N LYS L 163 19.58 -14.43 64.88
CA LYS L 163 19.51 -14.68 63.44
C LYS L 163 18.54 -13.74 62.73
N ALA L 164 17.44 -13.41 63.41
CA ALA L 164 16.48 -12.46 62.86
C ALA L 164 17.12 -11.10 62.66
N ALA L 165 17.89 -10.68 63.67
CA ALA L 165 18.61 -9.41 63.59
C ALA L 165 19.65 -9.48 62.47
N LEU L 166 20.33 -10.62 62.39
CA LEU L 166 21.32 -10.86 61.35
C LEU L 166 20.73 -10.70 59.95
N GLU L 167 19.55 -11.28 59.74
CA GLU L 167 18.90 -11.20 58.44
C GLU L 167 18.48 -9.76 58.13
N ALA L 168 18.11 -9.02 59.17
CA ALA L 168 17.77 -7.60 59.02
C ALA L 168 19.00 -6.78 58.64
N SER L 169 20.15 -7.15 59.18
CA SER L 169 21.39 -6.44 58.89
C SER L 169 21.80 -6.68 57.44
N VAL L 170 21.47 -7.86 56.92
CA VAL L 170 21.68 -8.16 55.52
C VAL L 170 21.02 -7.11 54.64
N ARG L 171 19.79 -6.77 54.98
CA ARG L 171 19.02 -5.80 54.21
C ARG L 171 19.57 -4.38 54.36
N TYR L 172 19.79 -3.94 55.59
CA TYR L 172 20.34 -2.61 55.82
C TYR L 172 21.76 -2.48 55.28
N LEU L 173 22.54 -3.54 55.36
CA LEU L 173 23.86 -3.56 54.72
C LEU L 173 23.74 -3.41 53.20
N ALA L 174 22.78 -4.13 52.62
CA ALA L 174 22.58 -4.12 51.17
C ALA L 174 22.31 -2.70 50.66
N VAL L 175 21.58 -1.93 51.45
CA VAL L 175 21.27 -0.54 51.09
C VAL L 175 22.50 0.35 51.24
N SER L 176 23.23 0.17 52.33
CA SER L 176 24.39 1.01 52.63
C SER L 176 25.53 0.81 51.63
N LEU L 177 25.81 -0.44 51.30
CA LEU L 177 26.93 -0.77 50.41
C LEU L 177 26.50 -0.88 48.95
N GLY L 178 25.20 -0.81 48.70
CA GLY L 178 24.67 -1.02 47.37
C GLY L 178 25.08 0.06 46.38
N ALA L 179 25.12 1.30 46.84
CA ALA L 179 25.53 2.44 46.02
C ALA L 179 26.88 2.17 45.37
N LYS L 180 27.83 1.72 46.20
CA LYS L 180 29.17 1.39 45.73
C LYS L 180 29.15 0.23 44.72
N GLY L 181 28.13 -0.63 44.84
CA GLY L 181 28.00 -1.76 43.96
C GLY L 181 28.20 -3.09 44.68
N VAL L 182 28.33 -3.02 46.00
CA VAL L 182 28.54 -4.20 46.80
C VAL L 182 27.23 -4.94 47.08
N ARG L 183 27.27 -6.26 46.99
CA ARG L 183 26.08 -7.07 47.25
C ARG L 183 26.20 -7.79 48.59
N VAL L 184 25.07 -7.89 49.30
CA VAL L 184 25.04 -8.54 50.59
C VAL L 184 23.91 -9.56 50.64
N ASN L 185 24.24 -10.81 50.95
CA ASN L 185 23.23 -11.86 51.00
C ASN L 185 23.47 -12.84 52.14
N ALA L 186 22.43 -13.64 52.41
CA ALA L 186 22.53 -14.70 53.39
C ALA L 186 21.99 -16.00 52.81
N ILE L 187 22.54 -17.12 53.26
CA ILE L 187 21.95 -18.41 52.96
C ILE L 187 21.32 -18.99 54.21
N SER L 188 20.02 -19.29 54.11
CA SER L 188 19.33 -19.97 55.19
C SER L 188 19.49 -21.47 55.00
N ALA L 189 20.49 -22.02 55.66
CA ALA L 189 20.86 -23.42 55.46
C ALA L 189 20.00 -24.36 56.31
N GLY L 190 19.69 -25.53 55.75
CA GLY L 190 19.04 -26.57 56.51
C GLY L 190 20.02 -27.12 57.53
N PRO L 191 19.53 -27.99 58.43
CA PRO L 191 20.38 -28.56 59.48
C PRO L 191 21.52 -29.41 58.93
N ILE L 192 22.72 -29.18 59.45
CA ILE L 192 23.90 -29.93 59.04
C ILE L 192 24.74 -30.30 60.27
N LYS L 193 25.12 -31.56 60.37
CA LYS L 193 25.87 -32.05 61.52
C LYS L 193 27.26 -31.44 61.60
N THR L 194 27.38 -30.32 62.30
CA THR L 194 28.66 -29.66 62.51
C THR L 194 28.96 -29.61 64.01
N LEU L 195 30.13 -29.09 64.40
CA LEU L 195 30.46 -28.98 65.83
C LEU L 195 29.45 -28.13 66.59
N ALA L 196 29.19 -26.92 66.09
CA ALA L 196 28.25 -26.01 66.73
C ALA L 196 26.87 -26.67 66.89
N ALA L 197 26.49 -27.47 65.89
CA ALA L 197 25.21 -28.16 65.89
C ALA L 197 25.07 -29.09 67.09
N SER L 198 26.19 -29.56 67.63
CA SER L 198 26.18 -30.49 68.74
C SER L 198 25.61 -29.86 70.02
N GLY L 199 25.68 -28.54 70.10
CA GLY L 199 25.23 -27.82 71.27
C GLY L 199 23.73 -27.60 71.30
N ILE L 200 23.08 -27.84 70.17
CA ILE L 200 21.63 -27.74 70.08
C ILE L 200 20.99 -29.04 70.53
N LYS L 201 20.18 -28.97 71.59
CA LYS L 201 19.57 -30.16 72.17
C LYS L 201 18.71 -30.91 71.16
N SER L 202 18.87 -32.23 71.13
CA SER L 202 18.12 -33.08 70.21
C SER L 202 18.26 -32.61 68.76
N PHE L 203 19.49 -32.37 68.34
CA PHE L 203 19.75 -31.96 66.97
C PHE L 203 19.43 -33.10 66.01
N GLY L 204 19.60 -34.31 66.50
CA GLY L 204 19.31 -35.51 65.72
C GLY L 204 17.85 -35.61 65.34
N LYS L 205 16.97 -35.20 66.24
CA LYS L 205 15.54 -35.20 65.96
C LYS L 205 15.22 -34.27 64.79
N ILE L 206 15.93 -33.15 64.75
CA ILE L 206 15.74 -32.17 63.69
C ILE L 206 16.20 -32.70 62.33
N LEU L 207 17.35 -33.38 62.32
CA LEU L 207 17.86 -34.00 61.09
C LEU L 207 16.91 -35.04 60.53
N ASP L 208 16.43 -35.93 61.40
CA ASP L 208 15.50 -36.98 60.99
C ASP L 208 14.22 -36.38 60.43
N PHE L 209 13.73 -35.34 61.08
CA PHE L 209 12.47 -34.71 60.71
C PHE L 209 12.56 -34.03 59.34
N VAL L 210 13.66 -33.33 59.11
CA VAL L 210 13.87 -32.64 57.84
C VAL L 210 14.04 -33.64 56.70
N GLU L 211 14.80 -34.70 56.95
CA GLU L 211 14.98 -35.76 55.97
C GLU L 211 13.65 -36.39 55.60
N SER L 212 12.76 -36.49 56.59
CA SER L 212 11.46 -37.13 56.39
C SER L 212 10.44 -36.21 55.72
N ASN L 213 10.51 -34.91 56.00
CA ASN L 213 9.44 -34.00 55.60
C ASN L 213 9.81 -32.98 54.52
N SER L 214 11.10 -32.77 54.28
CA SER L 214 11.50 -31.87 53.20
C SER L 214 11.01 -32.42 51.88
N PRO L 215 10.67 -31.53 50.93
CA PRO L 215 10.19 -31.95 49.61
C PRO L 215 11.15 -32.91 48.91
N LEU L 216 12.45 -32.66 49.05
CA LEU L 216 13.46 -33.54 48.44
C LEU L 216 13.76 -34.77 49.28
N LYS L 217 13.11 -34.87 50.44
CA LYS L 217 13.25 -36.04 51.32
C LYS L 217 14.72 -36.36 51.62
N ARG L 218 15.50 -35.32 51.86
CA ARG L 218 16.93 -35.49 52.13
C ARG L 218 17.51 -34.24 52.79
N ASN L 219 18.51 -34.43 53.63
CA ASN L 219 19.20 -33.31 54.24
C ASN L 219 20.20 -32.70 53.26
N VAL L 220 20.65 -31.49 53.55
CA VAL L 220 21.61 -30.83 52.67
C VAL L 220 23.04 -31.07 53.13
N THR L 221 23.99 -30.79 52.26
CA THR L 221 25.40 -30.99 52.55
C THR L 221 26.14 -29.66 52.50
N ILE L 222 27.34 -29.62 53.07
CA ILE L 222 28.13 -28.41 53.01
C ILE L 222 28.59 -28.14 51.57
N GLU L 223 28.49 -29.15 50.72
CA GLU L 223 28.80 -28.97 49.30
C GLU L 223 27.67 -28.20 48.60
N GLN L 224 26.44 -28.55 48.93
CA GLN L 224 25.28 -27.86 48.35
C GLN L 224 25.18 -26.43 48.82
N VAL L 225 25.43 -26.21 50.12
CA VAL L 225 25.48 -24.86 50.65
C VAL L 225 26.71 -24.14 50.11
N GLY L 226 27.81 -24.89 49.98
CA GLY L 226 29.04 -24.38 49.41
C GLY L 226 28.84 -23.84 48.01
N ASN L 227 28.18 -24.63 47.16
CA ASN L 227 27.89 -24.21 45.80
C ASN L 227 26.99 -22.98 45.75
N ALA L 228 25.92 -23.00 46.53
CA ALA L 228 25.01 -21.85 46.61
C ALA L 228 25.77 -20.60 47.03
N GLY L 229 26.65 -20.75 48.01
CA GLY L 229 27.46 -19.65 48.48
C GLY L 229 28.40 -19.11 47.41
N ALA L 230 29.03 -20.01 46.67
CA ALA L 230 29.94 -19.64 45.59
C ALA L 230 29.21 -18.81 44.54
N PHE L 231 28.00 -19.24 44.19
CA PHE L 231 27.16 -18.52 43.24
C PHE L 231 26.90 -17.08 43.69
N LEU L 232 26.42 -16.92 44.93
CA LEU L 232 26.10 -15.59 45.45
C LEU L 232 27.33 -14.69 45.51
N LEU L 233 28.50 -15.29 45.67
CA LEU L 233 29.75 -14.54 45.74
C LEU L 233 30.28 -14.19 44.35
N SER L 234 29.68 -14.78 43.32
CA SER L 234 30.17 -14.60 41.96
C SER L 234 29.36 -13.55 41.19
N ASP L 235 29.87 -13.15 40.04
CA ASP L 235 29.20 -12.19 39.18
C ASP L 235 27.94 -12.79 38.57
N LEU L 236 27.83 -14.12 38.63
CA LEU L 236 26.64 -14.81 38.17
C LEU L 236 25.41 -14.33 38.94
N ALA L 237 25.66 -13.81 40.15
CA ALA L 237 24.59 -13.34 41.01
C ALA L 237 24.64 -11.82 41.18
N SER L 238 25.12 -11.12 40.16
CA SER L 238 25.26 -9.66 40.23
C SER L 238 23.92 -8.95 40.33
N GLY L 239 22.84 -9.67 40.02
CA GLY L 239 21.50 -9.12 40.12
C GLY L 239 20.84 -9.41 41.46
N VAL L 240 21.54 -10.14 42.32
CA VAL L 240 20.98 -10.58 43.60
C VAL L 240 21.64 -9.89 44.79
N THR L 241 20.82 -9.22 45.60
CA THR L 241 21.29 -8.60 46.83
C THR L 241 20.15 -8.46 47.84
N ALA L 242 20.51 -8.38 49.12
CA ALA L 242 19.52 -8.29 50.19
C ALA L 242 18.62 -9.52 50.22
N GLU L 243 19.13 -10.65 49.74
CA GLU L 243 18.34 -11.86 49.63
C GLU L 243 18.71 -12.87 50.70
N VAL L 244 17.70 -13.50 51.29
CA VAL L 244 17.90 -14.65 52.15
C VAL L 244 17.50 -15.92 51.41
N MET L 245 18.49 -16.64 50.90
CA MET L 245 18.26 -17.81 50.05
C MET L 245 18.22 -19.10 50.86
N HIS L 246 17.11 -19.81 50.76
CA HIS L 246 16.97 -21.09 51.44
C HIS L 246 17.70 -22.21 50.71
N VAL L 247 18.65 -22.83 51.40
CA VAL L 247 19.28 -24.05 50.94
C VAL L 247 19.01 -25.13 51.98
N ASP L 248 17.86 -25.77 51.85
CA ASP L 248 17.35 -26.66 52.90
C ASP L 248 16.48 -27.76 52.33
N SER L 249 16.70 -28.10 51.06
CA SER L 249 15.90 -29.10 50.37
C SER L 249 14.43 -28.73 50.35
N GLY L 250 14.14 -27.44 50.53
CA GLY L 250 12.79 -26.92 50.43
C GLY L 250 11.96 -27.03 51.69
N PHE L 251 12.60 -27.43 52.79
CA PHE L 251 11.91 -27.68 54.05
C PHE L 251 11.08 -26.47 54.52
N ASN L 252 11.62 -25.28 54.38
CA ASN L 252 10.93 -24.08 54.85
C ASN L 252 9.55 -23.87 54.21
N ALA L 253 9.37 -24.42 53.01
CA ALA L 253 8.17 -24.15 52.23
C ALA L 253 7.01 -25.10 52.54
N VAL L 254 7.25 -26.06 53.43
CA VAL L 254 6.21 -27.02 53.79
C VAL L 254 5.82 -26.95 55.26
N VAL L 255 4.74 -27.66 55.60
CA VAL L 255 4.40 -27.92 57.00
C VAL L 255 4.62 -29.40 57.28
N GLY L 256 5.60 -29.71 58.13
CA GLY L 256 5.95 -31.08 58.42
C GLY L 256 5.04 -31.73 59.46
N GLY M 2 1.56 -15.63 -82.20
CA GLY M 2 2.18 -15.43 -80.91
C GLY M 2 2.74 -14.02 -80.76
N PHE M 3 3.25 -13.71 -79.57
CA PHE M 3 3.76 -12.37 -79.32
C PHE M 3 5.17 -12.15 -79.88
N LEU M 4 5.63 -13.07 -80.71
CA LEU M 4 6.90 -12.90 -81.42
C LEU M 4 6.78 -12.99 -82.94
N ASP M 5 5.54 -12.92 -83.43
CA ASP M 5 5.27 -12.94 -84.87
C ASP M 5 6.14 -11.95 -85.65
N GLY M 6 6.91 -12.48 -86.61
CA GLY M 6 7.69 -11.64 -87.50
C GLY M 6 9.05 -11.24 -86.94
N LYS M 7 9.37 -11.75 -85.76
CA LYS M 7 10.67 -11.45 -85.15
C LYS M 7 11.72 -12.47 -85.61
N ARG M 8 12.87 -11.94 -86.01
CA ARG M 8 14.00 -12.77 -86.42
C ARG M 8 15.03 -12.89 -85.31
N ILE M 9 15.25 -14.10 -84.82
CA ILE M 9 16.09 -14.29 -83.65
C ILE M 9 17.24 -15.27 -83.88
N LEU M 10 18.45 -14.85 -83.53
CA LEU M 10 19.63 -15.69 -83.60
C LEU M 10 19.94 -16.29 -82.22
N LEU M 11 20.05 -17.61 -82.16
CA LEU M 11 20.33 -18.30 -80.91
C LEU M 11 21.68 -19.00 -80.91
N THR M 12 22.48 -18.74 -79.88
CA THR M 12 23.71 -19.47 -79.66
C THR M 12 23.51 -20.53 -78.57
N GLY M 13 24.45 -21.46 -78.47
CA GLY M 13 24.50 -22.38 -77.35
C GLY M 13 23.60 -23.60 -77.43
N LEU M 14 22.88 -23.78 -78.55
CA LEU M 14 22.03 -24.95 -78.70
C LEU M 14 22.90 -26.16 -79.04
N LEU M 15 23.08 -27.04 -78.05
CA LEU M 15 23.98 -28.17 -78.20
C LEU M 15 23.22 -29.50 -78.17
N SER M 16 22.26 -29.61 -77.28
CA SER M 16 21.41 -30.80 -77.18
C SER M 16 19.96 -30.38 -76.90
N ASN M 17 19.05 -31.34 -76.95
CA ASN M 17 17.63 -31.06 -76.71
C ASN M 17 17.36 -30.77 -75.24
N ARG M 18 18.43 -30.76 -74.46
CA ARG M 18 18.37 -30.47 -73.04
C ARG M 18 19.00 -29.11 -72.71
N SER M 19 19.58 -28.48 -73.73
CA SER M 19 20.19 -27.16 -73.59
C SER M 19 19.15 -26.09 -73.27
N ILE M 20 19.56 -25.08 -72.51
CA ILE M 20 18.71 -23.94 -72.23
C ILE M 20 18.32 -23.22 -73.53
N ALA M 21 19.29 -23.10 -74.43
CA ALA M 21 19.06 -22.48 -75.73
C ALA M 21 17.95 -23.20 -76.50
N TYR M 22 17.88 -24.51 -76.34
CA TYR M 22 16.85 -25.31 -76.99
C TYR M 22 15.47 -24.95 -76.45
N GLY M 23 15.38 -24.79 -75.13
CA GLY M 23 14.14 -24.39 -74.50
C GLY M 23 13.65 -23.04 -74.97
N ILE M 24 14.57 -22.09 -75.07
CA ILE M 24 14.26 -20.75 -75.55
C ILE M 24 13.81 -20.79 -77.01
N ALA M 25 14.49 -21.60 -77.81
CA ALA M 25 14.15 -21.76 -79.22
C ALA M 25 12.74 -22.28 -79.42
N LYS M 26 12.38 -23.32 -78.68
CA LYS M 26 11.05 -23.92 -78.76
C LYS M 26 9.97 -22.89 -78.45
N ALA M 27 10.21 -22.11 -77.39
CA ALA M 27 9.25 -21.10 -76.95
C ALA M 27 9.13 -19.97 -77.98
N CYS M 28 10.25 -19.59 -78.58
CA CYS M 28 10.26 -18.51 -79.57
C CYS M 28 9.52 -18.91 -80.83
N LYS M 29 9.80 -20.11 -81.30
CA LYS M 29 9.13 -20.65 -82.49
C LYS M 29 7.63 -20.72 -82.26
N ARG M 30 7.24 -21.25 -81.10
CA ARG M 30 5.83 -21.34 -80.72
C ARG M 30 5.16 -19.98 -80.77
N GLU M 31 5.88 -18.94 -80.37
CA GLU M 31 5.32 -17.59 -80.36
C GLU M 31 5.53 -16.88 -81.70
N GLY M 32 6.08 -17.59 -82.68
CA GLY M 32 6.07 -17.12 -84.05
C GLY M 32 7.31 -16.44 -84.60
N ALA M 33 8.47 -16.70 -84.02
CA ALA M 33 9.70 -16.08 -84.49
C ALA M 33 10.37 -16.89 -85.62
N GLU M 34 11.20 -16.22 -86.40
CA GLU M 34 12.08 -16.90 -87.35
C GLU M 34 13.44 -17.08 -86.71
N LEU M 35 13.96 -18.30 -86.71
CA LEU M 35 15.18 -18.59 -85.97
C LEU M 35 16.39 -18.84 -86.86
N ALA M 36 17.55 -18.51 -86.30
CA ALA M 36 18.84 -18.84 -86.90
C ALA M 36 19.74 -19.35 -85.79
N PHE M 37 20.65 -20.26 -86.11
CA PHE M 37 21.44 -20.92 -85.08
C PHE M 37 22.93 -20.89 -85.35
N THR M 38 23.72 -20.97 -84.28
CA THR M 38 25.17 -21.09 -84.40
C THR M 38 25.64 -22.39 -83.76
N TYR M 39 26.79 -22.88 -84.23
CA TYR M 39 27.39 -24.09 -83.68
C TYR M 39 28.90 -23.91 -83.55
N VAL M 40 29.52 -24.75 -82.72
CA VAL M 40 30.96 -24.69 -82.53
C VAL M 40 31.63 -25.94 -83.07
N GLY M 41 32.62 -25.74 -83.94
CA GLY M 41 33.39 -26.85 -84.46
C GLY M 41 32.76 -27.43 -85.72
N ASP M 42 33.61 -27.69 -86.72
CA ASP M 42 33.20 -28.25 -87.99
C ASP M 42 32.27 -29.46 -87.85
N ARG M 43 32.46 -30.22 -86.77
CA ARG M 43 31.76 -31.49 -86.58
C ARG M 43 30.27 -31.35 -86.27
N PHE M 44 29.94 -30.50 -85.32
CA PHE M 44 28.56 -30.35 -84.84
C PHE M 44 27.60 -29.77 -85.88
N LYS M 45 28.09 -29.47 -87.08
CA LYS M 45 27.26 -28.86 -88.11
C LYS M 45 26.02 -29.71 -88.43
N ASP M 46 26.20 -31.02 -88.48
CA ASP M 46 25.09 -31.93 -88.77
C ASP M 46 24.00 -31.86 -87.70
N ARG M 47 24.42 -32.03 -86.45
CA ARG M 47 23.48 -32.05 -85.32
C ARG M 47 22.68 -30.75 -85.19
N ILE M 48 23.33 -29.62 -85.44
CA ILE M 48 22.66 -28.32 -85.31
C ILE M 48 21.75 -28.02 -86.49
N THR M 49 22.09 -28.58 -87.66
CA THR M 49 21.26 -28.40 -88.85
C THR M 49 19.95 -29.16 -88.69
N GLU M 50 20.02 -30.34 -88.08
CA GLU M 50 18.82 -31.11 -87.77
C GLU M 50 17.92 -30.30 -86.83
N PHE M 51 18.52 -29.76 -85.78
CA PHE M 51 17.80 -28.92 -84.83
C PHE M 51 17.17 -27.71 -85.50
N ALA M 52 17.95 -27.05 -86.36
CA ALA M 52 17.45 -25.88 -87.09
C ALA M 52 16.25 -26.26 -87.95
N ALA M 53 16.38 -27.35 -88.70
CA ALA M 53 15.29 -27.86 -89.52
C ALA M 53 14.08 -28.17 -88.64
N GLU M 54 14.36 -28.66 -87.43
CA GLU M 54 13.31 -28.99 -86.47
C GLU M 54 12.51 -27.75 -86.07
N PHE M 55 13.13 -26.58 -86.19
CA PHE M 55 12.45 -25.33 -85.88
C PHE M 55 12.11 -24.55 -87.14
N GLY M 56 12.23 -25.21 -88.28
CA GLY M 56 11.84 -24.62 -89.55
C GLY M 56 12.85 -23.64 -90.09
N SER M 57 14.13 -23.85 -89.78
CA SER M 57 15.18 -22.94 -90.22
C SER M 57 16.26 -23.66 -91.00
N GLU M 58 16.84 -22.97 -91.97
CA GLU M 58 17.97 -23.49 -92.74
C GLU M 58 19.22 -22.66 -92.43
N LEU M 59 19.10 -21.76 -91.48
CA LEU M 59 20.18 -20.83 -91.16
C LEU M 59 21.01 -21.28 -89.97
N VAL M 60 22.14 -21.91 -90.26
CA VAL M 60 23.11 -22.27 -89.23
C VAL M 60 24.48 -21.72 -89.62
N PHE M 61 25.18 -21.15 -88.65
CA PHE M 61 26.49 -20.55 -88.91
C PHE M 61 27.48 -20.95 -87.84
N PRO M 62 28.73 -21.26 -88.24
CA PRO M 62 29.77 -21.57 -87.26
C PRO M 62 30.21 -20.32 -86.51
N CYS M 63 30.38 -20.43 -85.20
CA CYS M 63 30.87 -19.30 -84.41
C CYS M 63 31.48 -19.73 -83.08
N ASP M 64 32.81 -19.87 -83.07
CA ASP M 64 33.55 -20.06 -81.84
C ASP M 64 33.89 -18.66 -81.33
N VAL M 65 33.23 -18.25 -80.24
CA VAL M 65 33.34 -16.88 -79.76
C VAL M 65 34.76 -16.52 -79.31
N ALA M 66 35.65 -17.51 -79.30
CA ALA M 66 37.05 -17.27 -79.00
C ALA M 66 37.76 -16.60 -80.17
N ASP M 67 37.16 -16.72 -81.36
CA ASP M 67 37.78 -16.22 -82.58
C ASP M 67 37.04 -14.99 -83.10
N ASP M 68 37.73 -13.84 -83.10
CA ASP M 68 37.16 -12.60 -83.63
C ASP M 68 36.71 -12.78 -85.07
N ALA M 69 37.47 -13.56 -85.84
CA ALA M 69 37.16 -13.83 -87.24
C ALA M 69 35.76 -14.42 -87.41
N GLN M 70 35.49 -15.51 -86.69
CA GLN M 70 34.22 -16.20 -86.79
C GLN M 70 33.05 -15.31 -86.36
N ILE M 71 33.31 -14.42 -85.42
CA ILE M 71 32.27 -13.51 -84.93
C ILE M 71 31.87 -12.49 -85.98
N ASP M 72 32.86 -11.87 -86.62
CA ASP M 72 32.60 -10.91 -87.69
C ASP M 72 31.96 -11.61 -88.88
N ALA M 73 32.42 -12.83 -89.17
CA ALA M 73 31.92 -13.62 -90.29
C ALA M 73 30.48 -14.05 -90.06
N LEU M 74 30.12 -14.29 -88.79
CA LEU M 74 28.78 -14.72 -88.43
C LEU M 74 27.70 -13.76 -88.92
N PHE M 75 27.88 -12.47 -88.64
CA PHE M 75 26.88 -11.47 -88.97
C PHE M 75 26.98 -10.98 -90.41
N ALA M 76 28.16 -11.14 -91.01
CA ALA M 76 28.31 -10.89 -92.44
C ALA M 76 27.48 -11.92 -93.21
N SER M 77 27.56 -13.17 -92.77
CA SER M 77 26.81 -14.25 -93.39
C SER M 77 25.31 -14.14 -93.13
N LEU M 78 24.95 -13.82 -91.88
CA LEU M 78 23.55 -13.65 -91.52
C LEU M 78 22.92 -12.51 -92.32
N LYS M 79 23.73 -11.50 -92.63
CA LYS M 79 23.26 -10.32 -93.35
C LYS M 79 22.83 -10.66 -94.79
N THR M 80 23.31 -11.76 -95.33
CA THR M 80 22.95 -12.18 -96.69
C THR M 80 21.58 -12.83 -96.71
N HIS M 81 21.08 -13.18 -95.53
CA HIS M 81 19.75 -13.78 -95.41
C HIS M 81 18.78 -12.81 -94.74
N TRP M 82 19.28 -12.13 -93.70
CA TRP M 82 18.50 -11.13 -92.97
C TRP M 82 19.20 -9.78 -93.07
N ASP M 83 18.45 -8.73 -93.32
CA ASP M 83 19.01 -7.38 -93.30
C ASP M 83 18.68 -6.71 -91.98
N SER M 84 17.95 -7.43 -91.13
CA SER M 84 17.48 -6.91 -89.86
C SER M 84 17.41 -8.01 -88.81
N LEU M 85 18.11 -7.81 -87.70
CA LEU M 85 18.10 -8.78 -86.60
C LEU M 85 17.31 -8.22 -85.42
N ASP M 86 16.33 -8.98 -84.96
CA ASP M 86 15.41 -8.53 -83.93
C ASP M 86 15.77 -9.08 -82.54
N GLY M 87 16.47 -10.21 -82.52
CA GLY M 87 16.79 -10.87 -81.27
C GLY M 87 18.09 -11.63 -81.30
N LEU M 88 18.80 -11.60 -80.18
CA LEU M 88 20.05 -12.33 -80.02
C LEU M 88 20.08 -13.05 -78.67
N VAL M 89 20.25 -14.36 -78.72
CA VAL M 89 20.27 -15.15 -77.49
C VAL M 89 21.68 -15.66 -77.20
N HIS M 90 22.28 -15.12 -76.15
CA HIS M 90 23.61 -15.53 -75.72
C HIS M 90 23.50 -16.60 -74.64
N SER M 91 23.65 -17.85 -75.05
CA SER M 91 23.57 -18.97 -74.13
C SER M 91 24.86 -19.75 -74.20
N ILE M 92 25.95 -19.08 -73.84
CA ILE M 92 27.29 -19.61 -74.00
C ILE M 92 28.07 -19.47 -72.71
N GLY M 93 28.82 -20.51 -72.37
CA GLY M 93 29.65 -20.48 -71.18
C GLY M 93 30.73 -21.55 -71.22
N PHE M 94 31.89 -21.24 -70.66
CA PHE M 94 32.95 -22.23 -70.55
C PHE M 94 34.06 -21.83 -69.58
N ALA M 95 34.58 -22.84 -68.89
CA ALA M 95 35.78 -22.69 -68.08
C ALA M 95 36.47 -24.05 -68.03
N PRO M 96 37.82 -24.05 -67.97
CA PRO M 96 38.55 -25.30 -67.74
C PRO M 96 38.00 -26.00 -66.51
N ARG M 97 37.88 -27.31 -66.57
CA ARG M 97 37.10 -28.04 -65.58
C ARG M 97 37.65 -27.98 -64.15
N GLU M 98 38.96 -27.82 -63.99
CA GLU M 98 39.52 -27.73 -62.64
C GLU M 98 39.21 -26.39 -61.99
N ALA M 99 38.80 -25.41 -62.81
CA ALA M 99 38.47 -24.08 -62.30
C ALA M 99 37.06 -24.03 -61.73
N ILE M 100 36.31 -25.10 -61.92
CA ILE M 100 34.96 -25.20 -61.36
C ILE M 100 34.82 -26.51 -60.58
N ALA M 101 35.94 -26.93 -59.97
CA ALA M 101 35.96 -28.15 -59.19
C ALA M 101 36.72 -27.93 -57.89
N GLY M 102 36.15 -28.44 -56.79
CA GLY M 102 36.77 -28.30 -55.49
C GLY M 102 36.98 -26.85 -55.07
N ASP M 103 38.18 -26.53 -54.62
CA ASP M 103 38.47 -25.23 -54.04
C ASP M 103 38.71 -24.16 -55.10
N PHE M 104 38.23 -22.95 -54.84
CA PHE M 104 38.36 -21.82 -55.74
C PHE M 104 39.81 -21.54 -56.12
N LEU M 105 40.70 -21.47 -55.13
CA LEU M 105 42.10 -21.14 -55.37
C LEU M 105 42.85 -22.26 -56.08
N ASP M 106 42.53 -23.51 -55.75
CA ASP M 106 43.18 -24.67 -56.36
C ASP M 106 43.02 -24.62 -57.88
N GLY M 107 41.85 -24.20 -58.34
CA GLY M 107 41.56 -24.16 -59.75
C GLY M 107 41.87 -22.82 -60.40
N LEU M 108 42.42 -21.89 -59.62
CA LEU M 108 42.72 -20.56 -60.14
C LEU M 108 44.10 -20.47 -60.80
N THR M 109 44.10 -20.14 -62.08
CA THR M 109 45.32 -19.82 -62.81
C THR M 109 44.99 -18.67 -63.74
N ARG M 110 45.99 -17.87 -64.10
CA ARG M 110 45.76 -16.71 -64.98
C ARG M 110 45.10 -17.15 -66.27
N GLU M 111 45.49 -18.33 -66.76
CA GLU M 111 44.95 -18.85 -68.01
C GLU M 111 43.50 -19.30 -67.83
N ASN M 112 43.23 -20.06 -66.78
CA ASN M 112 41.86 -20.46 -66.45
C ASN M 112 40.98 -19.24 -66.26
N PHE M 113 41.50 -18.22 -65.60
CA PHE M 113 40.77 -16.98 -65.42
C PHE M 113 40.44 -16.33 -66.77
N ARG M 114 41.46 -16.18 -67.60
CA ARG M 114 41.29 -15.52 -68.90
C ARG M 114 40.25 -16.21 -69.77
N ILE M 115 40.37 -17.53 -69.91
CA ILE M 115 39.47 -18.33 -70.74
C ILE M 115 38.00 -18.22 -70.30
N ALA M 116 37.74 -18.41 -69.01
CA ALA M 116 36.38 -18.34 -68.47
C ALA M 116 35.74 -16.98 -68.79
N HIS M 117 36.50 -15.91 -68.55
CA HIS M 117 36.02 -14.56 -68.82
C HIS M 117 36.05 -14.34 -70.32
N ASP M 118 36.97 -15.04 -70.99
CA ASP M 118 37.07 -15.03 -72.44
C ASP M 118 35.78 -15.45 -73.10
N ILE M 119 35.32 -16.63 -72.73
CA ILE M 119 34.17 -17.26 -73.38
C ILE M 119 32.82 -16.90 -72.76
N SER M 120 32.77 -16.72 -71.44
CA SER M 120 31.50 -16.58 -70.74
C SER M 120 31.03 -15.13 -70.56
N ALA M 121 31.98 -14.19 -70.53
CA ALA M 121 31.63 -12.80 -70.26
C ALA M 121 31.82 -11.90 -71.48
N TYR M 122 33.06 -11.80 -71.95
CA TYR M 122 33.39 -10.92 -73.07
C TYR M 122 32.55 -11.20 -74.31
N SER M 123 32.28 -12.48 -74.57
CA SER M 123 31.61 -12.89 -75.79
C SER M 123 30.25 -12.23 -75.98
N PHE M 124 29.55 -11.92 -74.89
CA PHE M 124 28.24 -11.31 -75.00
C PHE M 124 28.29 -9.91 -75.61
N PRO M 125 28.99 -8.97 -74.96
CA PRO M 125 29.09 -7.62 -75.54
C PRO M 125 29.82 -7.64 -76.89
N ALA M 126 30.68 -8.64 -77.09
CA ALA M 126 31.39 -8.81 -78.36
C ALA M 126 30.42 -9.09 -79.50
N LEU M 127 29.56 -10.07 -79.32
CA LEU M 127 28.52 -10.40 -80.29
C LEU M 127 27.60 -9.21 -80.52
N ALA M 128 27.27 -8.51 -79.45
CA ALA M 128 26.43 -7.32 -79.52
C ALA M 128 27.04 -6.26 -80.45
N LYS M 129 28.30 -5.95 -80.22
CA LYS M 129 29.01 -4.95 -81.03
C LYS M 129 29.03 -5.36 -82.52
N ALA M 130 29.23 -6.65 -82.77
CA ALA M 130 29.31 -7.16 -84.14
C ALA M 130 27.95 -7.14 -84.84
N ALA M 131 26.89 -7.27 -84.06
CA ALA M 131 25.54 -7.32 -84.61
C ALA M 131 24.90 -5.95 -84.75
N LEU M 132 25.47 -4.97 -84.05
CA LEU M 132 24.90 -3.62 -83.97
C LEU M 132 24.44 -3.04 -85.30
N PRO M 133 25.28 -3.12 -86.34
CA PRO M 133 24.93 -2.55 -87.65
C PRO M 133 23.62 -3.07 -88.23
N MET M 134 23.28 -4.33 -87.97
CA MET M 134 22.05 -4.92 -88.52
C MET M 134 20.96 -5.13 -87.47
N LEU M 135 21.11 -4.52 -86.31
CA LEU M 135 20.09 -4.62 -85.27
C LEU M 135 18.94 -3.67 -85.52
N SER M 136 17.71 -4.17 -85.37
CA SER M 136 16.53 -3.31 -85.48
C SER M 136 16.47 -2.36 -84.29
N ASP M 137 15.60 -1.37 -84.38
CA ASP M 137 15.51 -0.35 -83.33
C ASP M 137 14.79 -0.85 -82.09
N ASP M 138 14.03 -1.92 -82.21
CA ASP M 138 13.35 -2.50 -81.06
C ASP M 138 13.91 -3.89 -80.75
N ALA M 139 15.16 -4.11 -81.14
CA ALA M 139 15.84 -5.38 -80.91
C ALA M 139 16.00 -5.68 -79.43
N SER M 140 16.14 -6.96 -79.10
CA SER M 140 16.30 -7.39 -77.72
C SER M 140 17.43 -8.42 -77.59
N LEU M 141 18.36 -8.16 -76.68
CA LEU M 141 19.47 -9.08 -76.44
C LEU M 141 19.32 -9.76 -75.08
N LEU M 142 19.57 -11.07 -75.06
CA LEU M 142 19.37 -11.88 -73.86
C LEU M 142 20.57 -12.78 -73.59
N THR M 143 20.97 -12.84 -72.33
CA THR M 143 22.05 -13.74 -71.92
C THR M 143 21.63 -14.58 -70.70
N LEU M 144 22.40 -15.61 -70.40
CA LEU M 144 22.08 -16.49 -69.28
C LEU M 144 23.13 -16.39 -68.18
N SER M 145 22.68 -16.11 -66.96
CA SER M 145 23.56 -16.01 -65.81
C SER M 145 23.11 -16.94 -64.69
N TYR M 146 23.80 -16.88 -63.55
CA TYR M 146 23.51 -17.78 -62.45
C TYR M 146 23.74 -17.11 -61.11
N LEU M 147 23.03 -17.59 -60.09
CA LEU M 147 23.11 -17.03 -58.74
C LEU M 147 24.55 -16.96 -58.21
N GLY M 148 25.42 -17.81 -58.75
CA GLY M 148 26.81 -17.85 -58.35
C GLY M 148 27.55 -16.54 -58.60
N ALA M 149 26.97 -15.68 -59.42
CA ALA M 149 27.56 -14.38 -59.70
C ALA M 149 27.39 -13.46 -58.50
N GLU M 150 26.30 -13.64 -57.77
CA GLU M 150 25.93 -12.73 -56.69
C GLU M 150 26.28 -13.30 -55.31
N ARG M 151 26.28 -14.63 -55.20
CA ARG M 151 26.68 -15.28 -53.96
C ARG M 151 27.61 -16.46 -54.23
N ALA M 152 28.46 -16.78 -53.26
CA ALA M 152 29.44 -17.85 -53.41
C ALA M 152 28.78 -19.22 -53.35
N ILE M 153 28.84 -19.95 -54.45
CA ILE M 153 28.28 -21.28 -54.53
C ILE M 153 29.40 -22.30 -54.73
N PRO M 154 29.37 -23.38 -53.93
CA PRO M 154 30.41 -24.42 -53.95
C PRO M 154 30.70 -24.93 -55.36
N ASN M 155 31.97 -24.94 -55.72
CA ASN M 155 32.45 -25.47 -57.00
C ASN M 155 32.28 -24.52 -58.18
N TYR M 156 31.38 -23.55 -58.07
CA TYR M 156 31.15 -22.64 -59.19
C TYR M 156 32.38 -21.78 -59.43
N ASN M 157 33.05 -21.41 -58.34
CA ASN M 157 34.37 -20.77 -58.36
C ASN M 157 34.55 -19.71 -59.44
N THR M 158 35.52 -19.95 -60.33
CA THR M 158 35.92 -18.97 -61.34
C THR M 158 34.76 -18.55 -62.24
N MET M 159 33.82 -19.47 -62.47
CA MET M 159 32.66 -19.18 -63.29
C MET M 159 31.79 -18.09 -62.67
N GLY M 160 31.76 -18.06 -61.34
CA GLY M 160 31.03 -17.03 -60.61
C GLY M 160 31.53 -15.64 -60.94
N LEU M 161 32.85 -15.49 -60.99
CA LEU M 161 33.48 -14.22 -61.32
C LEU M 161 33.06 -13.77 -62.72
N ALA M 162 33.13 -14.68 -63.68
CA ALA M 162 32.79 -14.38 -65.06
C ALA M 162 31.34 -13.95 -65.20
N LYS M 163 30.44 -14.68 -64.53
CA LYS M 163 29.02 -14.35 -64.56
C LYS M 163 28.76 -12.97 -63.97
N ALA M 164 29.53 -12.62 -62.95
CA ALA M 164 29.41 -11.30 -62.33
C ALA M 164 29.76 -10.21 -63.35
N ALA M 165 30.82 -10.45 -64.10
CA ALA M 165 31.22 -9.54 -65.16
C ALA M 165 30.16 -9.51 -66.25
N LEU M 166 29.64 -10.68 -66.59
CA LEU M 166 28.58 -10.82 -67.58
C LEU M 166 27.36 -9.97 -67.23
N GLU M 167 26.95 -10.03 -65.97
CA GLU M 167 25.78 -9.26 -65.51
C GLU M 167 26.07 -7.75 -65.56
N ALA M 168 27.32 -7.39 -65.30
CA ALA M 168 27.73 -5.99 -65.39
C ALA M 168 27.67 -5.50 -66.84
N SER M 169 28.00 -6.37 -67.78
CA SER M 169 28.00 -6.03 -69.19
C SER M 169 26.56 -5.81 -69.69
N VAL M 170 25.63 -6.56 -69.12
CA VAL M 170 24.21 -6.37 -69.40
C VAL M 170 23.80 -4.91 -69.16
N ARG M 171 24.27 -4.36 -68.05
CA ARG M 171 23.93 -2.99 -67.69
C ARG M 171 24.60 -1.97 -68.61
N TYR M 172 25.92 -2.10 -68.81
CA TYR M 172 26.64 -1.17 -69.68
C TYR M 172 26.19 -1.28 -71.14
N LEU M 173 25.86 -2.49 -71.58
CA LEU M 173 25.28 -2.68 -72.91
C LEU M 173 23.94 -1.97 -73.01
N ALA M 174 23.12 -2.10 -71.96
CA ALA M 174 21.80 -1.50 -71.92
C ALA M 174 21.88 0.01 -72.11
N VAL M 175 22.93 0.62 -71.54
CA VAL M 175 23.13 2.05 -71.66
C VAL M 175 23.60 2.42 -73.06
N SER M 176 24.53 1.63 -73.60
CA SER M 176 25.11 1.90 -74.91
C SER M 176 24.10 1.74 -76.06
N LEU M 177 23.32 0.67 -76.01
CA LEU M 177 22.37 0.37 -77.08
C LEU M 177 20.99 0.94 -76.80
N GLY M 178 20.81 1.50 -75.61
CA GLY M 178 19.51 1.99 -75.19
C GLY M 178 19.00 3.17 -76.01
N ALA M 179 19.92 4.06 -76.38
CA ALA M 179 19.58 5.22 -77.20
C ALA M 179 18.88 4.80 -78.49
N LYS M 180 19.45 3.81 -79.17
CA LYS M 180 18.89 3.28 -80.40
C LYS M 180 17.52 2.64 -80.16
N GLY M 181 17.32 2.15 -78.94
CA GLY M 181 16.06 1.53 -78.57
C GLY M 181 16.18 0.05 -78.31
N VAL M 182 17.41 -0.45 -78.32
CA VAL M 182 17.66 -1.87 -78.09
C VAL M 182 17.68 -2.19 -76.60
N ARG M 183 17.08 -3.32 -76.24
CA ARG M 183 17.03 -3.75 -74.85
C ARG M 183 17.97 -4.91 -74.61
N VAL M 184 18.62 -4.92 -73.45
CA VAL M 184 19.56 -5.96 -73.10
C VAL M 184 19.21 -6.51 -71.72
N ASN M 185 19.02 -7.82 -71.65
CA ASN M 185 18.64 -8.46 -70.40
C ASN M 185 19.33 -9.80 -70.20
N ALA M 186 19.28 -10.29 -68.97
CA ALA M 186 19.78 -11.61 -68.64
C ALA M 186 18.73 -12.35 -67.83
N ILE M 187 18.71 -13.67 -67.96
CA ILE M 187 17.92 -14.50 -67.06
C ILE M 187 18.85 -15.26 -66.12
N SER M 188 18.64 -15.10 -64.83
CA SER M 188 19.37 -15.88 -63.84
C SER M 188 18.61 -17.18 -63.60
N ALA M 189 19.00 -18.23 -64.32
CA ALA M 189 18.28 -19.48 -64.26
C ALA M 189 18.74 -20.34 -63.09
N GLY M 190 17.79 -21.06 -62.49
CA GLY M 190 18.11 -22.04 -61.49
C GLY M 190 18.80 -23.23 -62.13
N PRO M 191 19.27 -24.18 -61.32
CA PRO M 191 20.00 -25.34 -61.85
C PRO M 191 19.15 -26.20 -62.78
N ILE M 192 19.71 -26.56 -63.93
CA ILE M 192 19.05 -27.42 -64.90
C ILE M 192 20.04 -28.46 -65.43
N LYS M 193 19.63 -29.72 -65.41
CA LYS M 193 20.50 -30.82 -65.83
C LYS M 193 20.81 -30.72 -67.31
N THR M 194 21.91 -30.03 -67.64
CA THR M 194 22.36 -29.90 -69.03
C THR M 194 23.73 -30.54 -69.20
N LEU M 195 24.27 -30.50 -70.42
CA LEU M 195 25.57 -31.10 -70.67
C LEU M 195 26.66 -30.49 -69.78
N ALA M 196 26.79 -29.16 -69.81
CA ALA M 196 27.79 -28.46 -68.98
C ALA M 196 27.57 -28.71 -67.50
N ALA M 197 26.30 -28.82 -67.10
CA ALA M 197 25.95 -29.00 -65.69
C ALA M 197 26.68 -30.22 -65.14
N SER M 198 27.02 -31.15 -66.03
CA SER M 198 27.73 -32.36 -65.67
C SER M 198 29.15 -32.05 -65.19
N GLY M 199 29.70 -30.92 -65.63
CA GLY M 199 31.06 -30.56 -65.28
C GLY M 199 31.21 -29.89 -63.92
N ILE M 200 30.08 -29.49 -63.34
CA ILE M 200 30.09 -28.92 -62.00
C ILE M 200 29.99 -30.03 -60.96
N LYS M 201 31.00 -30.11 -60.10
CA LYS M 201 31.07 -31.16 -59.10
C LYS M 201 29.85 -31.17 -58.21
N SER M 202 29.30 -32.37 -57.97
CA SER M 202 28.13 -32.53 -57.12
C SER M 202 26.98 -31.61 -57.55
N PHE M 203 26.67 -31.63 -58.84
CA PHE M 203 25.57 -30.83 -59.37
C PHE M 203 24.24 -31.36 -58.86
N GLY M 204 24.19 -32.68 -58.62
CA GLY M 204 23.00 -33.32 -58.09
C GLY M 204 22.62 -32.82 -56.72
N LYS M 205 23.62 -32.54 -55.88
CA LYS M 205 23.37 -32.00 -54.55
C LYS M 205 22.67 -30.65 -54.66
N ILE M 206 23.08 -29.87 -55.65
CA ILE M 206 22.50 -28.56 -55.88
C ILE M 206 21.04 -28.66 -56.33
N LEU M 207 20.76 -29.61 -57.23
CA LEU M 207 19.40 -29.85 -57.69
C LEU M 207 18.49 -30.26 -56.54
N ASP M 208 18.96 -31.21 -55.73
CA ASP M 208 18.19 -31.69 -54.60
C ASP M 208 17.91 -30.57 -53.61
N PHE M 209 18.92 -29.74 -53.38
CA PHE M 209 18.81 -28.66 -52.40
C PHE M 209 17.80 -27.61 -52.84
N VAL M 210 17.85 -27.25 -54.12
CA VAL M 210 16.95 -26.25 -54.68
C VAL M 210 15.51 -26.75 -54.70
N GLU M 211 15.33 -28.01 -55.10
CA GLU M 211 14.01 -28.63 -55.09
C GLU M 211 13.41 -28.64 -53.69
N SER M 212 14.28 -28.80 -52.68
CA SER M 212 13.83 -28.88 -51.30
C SER M 212 13.56 -27.52 -50.67
N ASN M 213 14.32 -26.51 -51.07
CA ASN M 213 14.29 -25.22 -50.38
C ASN M 213 13.68 -24.06 -51.14
N SER M 214 13.55 -24.18 -52.46
CA SER M 214 12.92 -23.12 -53.24
C SER M 214 11.48 -22.96 -52.77
N PRO M 215 10.96 -21.73 -52.82
CA PRO M 215 9.58 -21.48 -52.39
C PRO M 215 8.57 -22.37 -53.12
N LEU M 216 8.80 -22.63 -54.40
CA LEU M 216 7.91 -23.48 -55.18
C LEU M 216 8.21 -24.97 -55.00
N LYS M 217 9.24 -25.29 -54.23
CA LYS M 217 9.61 -26.67 -53.93
C LYS M 217 9.75 -27.54 -55.19
N ARG M 218 10.37 -26.97 -56.22
CA ARG M 218 10.54 -27.67 -57.48
C ARG M 218 11.62 -26.99 -58.30
N ASN M 219 12.34 -27.77 -59.12
CA ASN M 219 13.32 -27.20 -60.02
C ASN M 219 12.66 -26.60 -61.25
N VAL M 220 13.39 -25.77 -61.98
CA VAL M 220 12.86 -25.15 -63.18
C VAL M 220 13.20 -25.97 -64.40
N THR M 221 12.49 -25.69 -65.49
CA THR M 221 12.68 -26.40 -66.74
C THR M 221 13.15 -25.44 -67.82
N ILE M 222 13.70 -25.97 -68.91
CA ILE M 222 14.10 -25.13 -70.03
C ILE M 222 12.88 -24.50 -70.69
N GLU M 223 11.71 -25.06 -70.40
CA GLU M 223 10.46 -24.50 -70.90
C GLU M 223 10.10 -23.23 -70.13
N GLN M 224 10.28 -23.27 -68.82
CA GLN M 224 10.01 -22.12 -67.97
C GLN M 224 11.02 -21.00 -68.22
N VAL M 225 12.27 -21.37 -68.41
CA VAL M 225 13.31 -20.42 -68.79
C VAL M 225 13.06 -19.93 -70.20
N GLY M 226 12.64 -20.86 -71.06
CA GLY M 226 12.30 -20.54 -72.44
C GLY M 226 11.20 -19.50 -72.57
N ASN M 227 10.11 -19.69 -71.83
CA ASN M 227 9.01 -18.73 -71.84
C ASN M 227 9.44 -17.36 -71.35
N ALA M 228 10.15 -17.32 -70.22
CA ALA M 228 10.67 -16.08 -69.68
C ALA M 228 11.54 -15.38 -70.72
N GLY M 229 12.38 -16.14 -71.39
CA GLY M 229 13.25 -15.62 -72.44
C GLY M 229 12.46 -15.05 -73.61
N ALA M 230 11.44 -15.78 -74.06
CA ALA M 230 10.59 -15.34 -75.15
C ALA M 230 9.92 -14.00 -74.81
N PHE M 231 9.45 -13.89 -73.57
CA PHE M 231 8.86 -12.65 -73.10
C PHE M 231 9.82 -11.47 -73.21
N LEU M 232 11.02 -11.64 -72.66
CA LEU M 232 12.03 -10.57 -72.67
C LEU M 232 12.44 -10.18 -74.07
N LEU M 233 12.36 -11.13 -75.00
CA LEU M 233 12.73 -10.86 -76.39
C LEU M 233 11.60 -10.19 -77.15
N SER M 234 10.41 -10.16 -76.54
CA SER M 234 9.22 -9.66 -77.20
C SER M 234 8.93 -8.22 -76.82
N ASP M 235 8.02 -7.60 -77.57
CA ASP M 235 7.60 -6.22 -77.31
C ASP M 235 6.79 -6.12 -76.02
N LEU M 236 6.34 -7.27 -75.52
CA LEU M 236 5.64 -7.32 -74.24
C LEU M 236 6.52 -6.80 -73.11
N ALA M 237 7.83 -6.87 -73.33
CA ALA M 237 8.81 -6.44 -72.33
C ALA M 237 9.57 -5.19 -72.77
N SER M 238 8.90 -4.34 -73.56
CA SER M 238 9.55 -3.13 -74.09
C SER M 238 9.93 -2.14 -72.99
N GLY M 239 9.36 -2.33 -71.80
CA GLY M 239 9.66 -1.48 -70.67
C GLY M 239 10.79 -2.04 -69.81
N VAL M 240 11.30 -3.20 -70.19
CA VAL M 240 12.31 -3.89 -69.40
C VAL M 240 13.68 -3.94 -70.09
N THR M 241 14.69 -3.42 -69.41
CA THR M 241 16.07 -3.49 -69.89
C THR M 241 17.06 -3.38 -68.74
N ALA M 242 18.26 -3.89 -68.94
CA ALA M 242 19.29 -3.91 -67.90
C ALA M 242 18.84 -4.70 -66.68
N GLU M 243 17.97 -5.67 -66.91
CA GLU M 243 17.39 -6.46 -65.83
C GLU M 243 18.00 -7.85 -65.77
N VAL M 244 18.31 -8.31 -64.56
CA VAL M 244 18.66 -9.71 -64.33
C VAL M 244 17.49 -10.41 -63.65
N MET M 245 16.72 -11.15 -64.45
CA MET M 245 15.49 -11.77 -63.99
C MET M 245 15.73 -13.20 -63.50
N HIS M 246 15.39 -13.46 -62.25
CA HIS M 246 15.53 -14.79 -61.69
C HIS M 246 14.42 -15.71 -62.14
N VAL M 247 14.79 -16.79 -62.82
CA VAL M 247 13.87 -17.86 -63.13
C VAL M 247 14.40 -19.12 -62.45
N ASP M 248 14.03 -19.28 -61.18
CA ASP M 248 14.65 -20.27 -60.33
C ASP M 248 13.71 -20.75 -59.24
N SER M 249 12.40 -20.66 -59.50
CA SER M 249 11.38 -21.03 -58.54
C SER M 249 11.49 -20.22 -57.25
N GLY M 250 12.17 -19.07 -57.33
CA GLY M 250 12.28 -18.17 -56.20
C GLY M 250 13.41 -18.48 -55.24
N PHE M 251 14.26 -19.44 -55.60
CA PHE M 251 15.34 -19.89 -54.72
C PHE M 251 16.24 -18.77 -54.21
N ASN M 252 16.57 -17.81 -55.07
CA ASN M 252 17.47 -16.73 -54.69
C ASN M 252 16.96 -15.90 -53.50
N ALA M 253 15.64 -15.89 -53.31
CA ALA M 253 15.04 -15.01 -52.32
C ALA M 253 14.95 -15.63 -50.93
N VAL M 254 15.40 -16.88 -50.79
CA VAL M 254 15.35 -17.54 -49.50
C VAL M 254 16.74 -17.91 -48.97
N VAL M 255 16.78 -18.29 -47.71
CA VAL M 255 17.96 -18.92 -47.12
C VAL M 255 17.63 -20.39 -46.87
N GLY M 256 18.30 -21.27 -47.61
CA GLY M 256 18.02 -22.69 -47.52
C GLY M 256 18.70 -23.37 -46.34
N GLY N 2 47.83 1.28 -31.20
CA GLY N 2 46.67 1.28 -32.08
C GLY N 2 46.08 -0.11 -32.23
N PHE N 3 44.95 -0.21 -32.93
CA PHE N 3 44.29 -1.51 -33.07
C PHE N 3 44.93 -2.38 -34.14
N LEU N 4 46.11 -1.99 -34.62
CA LEU N 4 46.89 -2.81 -35.54
C LEU N 4 48.30 -3.13 -35.03
N ASP N 5 48.54 -2.87 -33.75
CA ASP N 5 49.82 -3.15 -33.11
C ASP N 5 50.32 -4.57 -33.38
N GLY N 6 51.50 -4.67 -33.97
CA GLY N 6 52.13 -5.97 -34.18
C GLY N 6 51.67 -6.66 -35.44
N LYS N 7 50.80 -5.99 -36.20
CA LYS N 7 50.33 -6.55 -37.46
C LYS N 7 51.28 -6.20 -38.60
N ARG N 8 51.64 -7.21 -39.39
CA ARG N 8 52.50 -7.03 -40.55
C ARG N 8 51.67 -7.01 -41.82
N ILE N 9 51.71 -5.88 -42.53
CA ILE N 9 50.82 -5.68 -43.67
C ILE N 9 51.58 -5.30 -44.94
N LEU N 10 51.28 -6.02 -46.02
CA LEU N 10 51.86 -5.73 -47.33
C LEU N 10 50.86 -4.90 -48.15
N LEU N 11 51.31 -3.74 -48.66
CA LEU N 11 50.45 -2.90 -49.47
C LEU N 11 50.93 -2.76 -50.91
N THR N 12 50.01 -2.99 -51.85
CA THR N 12 50.27 -2.74 -53.26
C THR N 12 49.61 -1.43 -53.67
N GLY N 13 50.00 -0.92 -54.83
CA GLY N 13 49.31 0.20 -55.44
C GLY N 13 49.70 1.59 -54.95
N LEU N 14 50.68 1.66 -54.06
CA LEU N 14 51.16 2.95 -53.60
C LEU N 14 52.04 3.58 -54.68
N LEU N 15 51.49 4.58 -55.37
CA LEU N 15 52.17 5.19 -56.50
C LEU N 15 52.53 6.65 -56.22
N SER N 16 51.59 7.37 -55.60
CA SER N 16 51.82 8.76 -55.20
C SER N 16 51.19 9.03 -53.84
N ASN N 17 51.46 10.19 -53.28
CA ASN N 17 50.91 10.53 -51.99
C ASN N 17 49.40 10.82 -52.04
N ARG N 18 48.79 10.67 -53.21
CA ARG N 18 47.35 10.85 -53.30
C ARG N 18 46.67 9.51 -53.55
N SER N 19 47.48 8.46 -53.72
CA SER N 19 46.98 7.11 -53.95
C SER N 19 46.14 6.63 -52.77
N ILE N 20 45.14 5.81 -53.07
CA ILE N 20 44.33 5.18 -52.03
C ILE N 20 45.21 4.33 -51.12
N ALA N 21 46.16 3.62 -51.72
CA ALA N 21 47.09 2.79 -50.97
C ALA N 21 47.88 3.61 -49.97
N TYR N 22 48.19 4.86 -50.33
CA TYR N 22 48.92 5.76 -49.45
C TYR N 22 48.08 6.11 -48.23
N GLY N 23 46.80 6.39 -48.45
CA GLY N 23 45.88 6.68 -47.36
C GLY N 23 45.76 5.52 -46.38
N ILE N 24 45.64 4.31 -46.93
CA ILE N 24 45.54 3.11 -46.11
C ILE N 24 46.83 2.88 -45.32
N ALA N 25 47.97 3.11 -45.98
CA ALA N 25 49.27 2.95 -45.34
C ALA N 25 49.43 3.87 -44.13
N LYS N 26 49.07 5.15 -44.30
CA LYS N 26 49.17 6.13 -43.23
C LYS N 26 48.32 5.72 -42.03
N ALA N 27 47.10 5.26 -42.30
CA ALA N 27 46.18 4.86 -41.24
C ALA N 27 46.67 3.60 -40.50
N CYS N 28 47.25 2.67 -41.25
CA CYS N 28 47.75 1.42 -40.67
C CYS N 28 48.97 1.68 -39.77
N LYS N 29 49.89 2.50 -40.26
CA LYS N 29 51.07 2.85 -39.50
C LYS N 29 50.65 3.53 -38.20
N ARG N 30 49.73 4.49 -38.33
CA ARG N 30 49.20 5.20 -37.18
C ARG N 30 48.61 4.24 -36.15
N GLU N 31 47.99 3.17 -36.62
CA GLU N 31 47.40 2.18 -35.73
C GLU N 31 48.38 1.08 -35.34
N GLY N 32 49.64 1.23 -35.76
CA GLY N 32 50.72 0.42 -35.22
C GLY N 32 51.18 -0.78 -36.01
N ALA N 33 50.93 -0.80 -37.32
CA ALA N 33 51.35 -1.93 -38.14
C ALA N 33 52.77 -1.78 -38.67
N GLU N 34 53.37 -2.92 -39.03
CA GLU N 34 54.62 -2.93 -39.78
C GLU N 34 54.27 -3.10 -41.26
N LEU N 35 54.81 -2.22 -42.11
CA LEU N 35 54.41 -2.21 -43.50
C LEU N 35 55.48 -2.72 -44.45
N ALA N 36 55.03 -3.28 -45.56
CA ALA N 36 55.89 -3.64 -46.68
C ALA N 36 55.19 -3.20 -47.96
N PHE N 37 55.97 -2.84 -48.98
CA PHE N 37 55.38 -2.25 -50.18
C PHE N 37 55.85 -2.92 -51.45
N THR N 38 55.02 -2.83 -52.49
CA THR N 38 55.39 -3.30 -53.82
C THR N 38 55.35 -2.13 -54.79
N TYR N 39 56.12 -2.25 -55.87
CA TYR N 39 56.16 -1.24 -56.91
C TYR N 39 56.20 -1.92 -58.26
N VAL N 40 55.85 -1.18 -59.32
CA VAL N 40 55.87 -1.72 -60.66
C VAL N 40 56.95 -1.04 -61.51
N GLY N 41 57.82 -1.85 -62.10
CA GLY N 41 58.83 -1.33 -62.98
C GLY N 41 60.10 -0.95 -62.24
N ASP N 42 61.24 -1.34 -62.82
CA ASP N 42 62.56 -1.06 -62.26
C ASP N 42 62.72 0.39 -61.79
N ARG N 43 62.01 1.29 -62.47
CA ARG N 43 62.17 2.72 -62.30
C ARG N 43 61.62 3.28 -60.99
N PHE N 44 60.37 2.93 -60.68
CA PHE N 44 59.69 3.47 -59.50
C PHE N 44 60.29 3.02 -58.17
N LYS N 45 61.35 2.20 -58.22
CA LYS N 45 61.97 1.68 -57.01
C LYS N 45 62.40 2.79 -56.06
N ASP N 46 62.96 3.87 -56.61
CA ASP N 46 63.40 4.99 -55.80
C ASP N 46 62.22 5.65 -55.10
N ARG N 47 61.20 6.00 -55.86
CA ARG N 47 60.03 6.69 -55.32
C ARG N 47 59.32 5.89 -54.23
N ILE N 48 59.25 4.57 -54.40
CA ILE N 48 58.55 3.72 -53.45
C ILE N 48 59.39 3.46 -52.20
N THR N 49 60.71 3.49 -52.36
CA THR N 49 61.61 3.30 -51.22
C THR N 49 61.54 4.50 -50.28
N GLU N 50 61.42 5.69 -50.86
CA GLU N 50 61.24 6.91 -50.07
C GLU N 50 59.95 6.83 -49.26
N PHE N 51 58.87 6.44 -49.92
CA PHE N 51 57.59 6.25 -49.29
C PHE N 51 57.66 5.21 -48.17
N ALA N 52 58.32 4.08 -48.47
CA ALA N 52 58.50 3.01 -47.49
C ALA N 52 59.25 3.53 -46.27
N ALA N 53 60.35 4.23 -46.51
CA ALA N 53 61.12 4.85 -45.43
C ALA N 53 60.24 5.82 -44.65
N GLU N 54 59.36 6.51 -45.37
CA GLU N 54 58.44 7.46 -44.76
C GLU N 54 57.50 6.80 -43.76
N PHE N 55 57.27 5.50 -43.93
CA PHE N 55 56.43 4.73 -43.02
C PHE N 55 57.26 3.80 -42.14
N GLY N 56 58.56 4.01 -42.12
CA GLY N 56 59.44 3.27 -41.24
C GLY N 56 59.74 1.87 -41.73
N SER N 57 59.74 1.69 -43.04
CA SER N 57 59.97 0.38 -43.64
C SER N 57 61.12 0.38 -44.65
N GLU N 58 61.82 -0.75 -44.72
CA GLU N 58 62.87 -0.96 -45.72
C GLU N 58 62.47 -2.07 -46.69
N LEU N 59 61.24 -2.55 -46.55
CA LEU N 59 60.79 -3.69 -47.33
C LEU N 59 59.99 -3.26 -48.55
N VAL N 60 60.66 -3.21 -49.69
CA VAL N 60 59.99 -2.94 -50.96
C VAL N 60 60.34 -4.04 -51.96
N PHE N 61 59.35 -4.51 -52.70
CA PHE N 61 59.55 -5.60 -53.65
C PHE N 61 58.87 -5.31 -54.97
N PRO N 62 59.54 -5.63 -56.09
CA PRO N 62 58.92 -5.46 -57.41
C PRO N 62 57.83 -6.51 -57.64
N CYS N 63 56.71 -6.08 -58.18
CA CYS N 63 55.65 -7.02 -58.50
C CYS N 63 54.70 -6.48 -59.56
N ASP N 64 54.95 -6.85 -60.81
CA ASP N 64 54.03 -6.61 -61.90
C ASP N 64 53.07 -7.80 -61.93
N VAL N 65 51.83 -7.59 -61.50
CA VAL N 65 50.88 -8.69 -61.33
C VAL N 65 50.52 -9.39 -62.65
N ALA N 66 51.01 -8.84 -63.76
CA ALA N 66 50.81 -9.47 -65.05
C ALA N 66 51.74 -10.68 -65.17
N ASP N 67 52.78 -10.69 -64.34
CA ASP N 67 53.81 -11.72 -64.40
C ASP N 67 53.72 -12.66 -63.21
N ASP N 68 53.41 -13.93 -63.50
CA ASP N 68 53.36 -14.96 -62.46
C ASP N 68 54.68 -15.04 -61.70
N ALA N 69 55.78 -14.86 -62.43
CA ALA N 69 57.12 -14.89 -61.86
C ALA N 69 57.30 -13.90 -60.72
N GLN N 70 56.98 -12.63 -60.99
CA GLN N 70 57.13 -11.57 -59.99
C GLN N 70 56.23 -11.81 -58.78
N ILE N 71 55.08 -12.43 -59.02
CA ILE N 71 54.12 -12.71 -57.96
C ILE N 71 54.65 -13.77 -57.00
N ASP N 72 55.18 -14.86 -57.54
CA ASP N 72 55.77 -15.91 -56.72
C ASP N 72 57.03 -15.42 -56.02
N ALA N 73 57.81 -14.61 -56.73
CA ALA N 73 59.05 -14.05 -56.19
C ALA N 73 58.78 -13.07 -55.06
N LEU N 74 57.66 -12.35 -55.17
CA LEU N 74 57.27 -11.37 -54.16
C LEU N 74 57.21 -11.97 -52.75
N PHE N 75 56.51 -13.10 -52.62
CA PHE N 75 56.28 -13.70 -51.31
C PHE N 75 57.44 -14.60 -50.87
N ALA N 76 58.22 -15.08 -51.82
CA ALA N 76 59.45 -15.78 -51.50
C ALA N 76 60.42 -14.81 -50.83
N SER N 77 60.48 -13.60 -51.39
CA SER N 77 61.34 -12.54 -50.87
C SER N 77 60.82 -12.01 -49.54
N LEU N 78 59.52 -11.78 -49.44
CA LEU N 78 58.91 -11.30 -48.20
C LEU N 78 59.14 -12.29 -47.07
N LYS N 79 59.16 -13.57 -47.41
CA LYS N 79 59.34 -14.64 -46.43
C LYS N 79 60.71 -14.61 -45.75
N THR N 80 61.68 -13.98 -46.38
CA THR N 80 63.02 -13.88 -45.81
C THR N 80 63.08 -12.80 -44.74
N HIS N 81 62.06 -11.94 -44.70
CA HIS N 81 61.97 -10.88 -43.71
C HIS N 81 60.87 -11.19 -42.71
N TRP N 82 59.74 -11.66 -43.23
CA TRP N 82 58.59 -12.04 -42.41
C TRP N 82 58.28 -13.52 -42.63
N ASP N 83 58.02 -14.26 -41.56
CA ASP N 83 57.59 -15.65 -41.71
C ASP N 83 56.07 -15.74 -41.56
N SER N 84 55.44 -14.59 -41.35
CA SER N 84 54.00 -14.53 -41.13
C SER N 84 53.42 -13.22 -41.67
N LEU N 85 52.43 -13.33 -42.56
CA LEU N 85 51.77 -12.16 -43.11
C LEU N 85 50.36 -11.99 -42.55
N ASP N 86 50.07 -10.82 -42.00
CA ASP N 86 48.81 -10.56 -41.30
C ASP N 86 47.81 -9.81 -42.17
N GLY N 87 48.31 -9.06 -43.14
CA GLY N 87 47.46 -8.24 -43.97
C GLY N 87 47.97 -8.06 -45.37
N LEU N 88 47.03 -8.01 -46.32
CA LEU N 88 47.36 -7.79 -47.72
C LEU N 88 46.39 -6.77 -48.32
N VAL N 89 46.93 -5.67 -48.84
CA VAL N 89 46.08 -4.65 -49.43
C VAL N 89 46.22 -4.63 -50.94
N HIS N 90 45.16 -5.03 -51.63
CA HIS N 90 45.12 -5.05 -53.08
C HIS N 90 44.51 -3.77 -53.61
N SER N 91 45.38 -2.85 -54.02
CA SER N 91 44.93 -1.57 -54.53
C SER N 91 45.51 -1.41 -55.94
N ILE N 92 45.12 -2.33 -56.82
CA ILE N 92 45.69 -2.43 -58.16
C ILE N 92 44.61 -2.50 -59.22
N GLY N 93 44.78 -1.74 -60.29
CA GLY N 93 43.81 -1.74 -61.37
C GLY N 93 44.38 -1.14 -62.64
N PHE N 94 43.95 -1.68 -63.77
CA PHE N 94 44.36 -1.14 -65.06
C PHE N 94 43.48 -1.63 -66.19
N ALA N 95 43.26 -0.74 -67.15
CA ALA N 95 42.62 -1.07 -68.42
C ALA N 95 43.16 -0.12 -69.47
N PRO N 96 43.31 -0.58 -70.72
CA PRO N 96 43.68 0.32 -71.81
C PRO N 96 42.74 1.51 -71.84
N ARG N 97 43.27 2.70 -72.10
CA ARG N 97 42.54 3.94 -71.88
C ARG N 97 41.29 4.10 -72.74
N GLU N 98 41.29 3.53 -73.95
CA GLU N 98 40.11 3.65 -74.81
C GLU N 98 38.98 2.76 -74.32
N ALA N 99 39.30 1.82 -73.43
CA ALA N 99 38.30 0.91 -72.88
C ALA N 99 37.54 1.57 -71.73
N ILE N 100 37.99 2.74 -71.31
CA ILE N 100 37.31 3.51 -70.27
C ILE N 100 37.05 4.94 -70.74
N ALA N 101 36.80 5.08 -72.04
CA ALA N 101 36.51 6.38 -72.62
C ALA N 101 35.34 6.28 -73.59
N GLY N 102 34.42 7.23 -73.51
CA GLY N 102 33.25 7.26 -74.38
C GLY N 102 32.37 6.03 -74.26
N ASP N 103 32.02 5.45 -75.41
CA ASP N 103 31.05 4.37 -75.47
C ASP N 103 31.66 3.03 -75.09
N PHE N 104 30.89 2.23 -74.36
CA PHE N 104 31.33 0.90 -73.91
C PHE N 104 31.79 0.00 -75.05
N LEU N 105 30.99 -0.09 -76.11
CA LEU N 105 31.30 -0.97 -77.22
C LEU N 105 32.49 -0.48 -78.06
N ASP N 106 32.61 0.85 -78.20
CA ASP N 106 33.72 1.42 -78.96
C ASP N 106 35.08 0.98 -78.40
N GLY N 107 35.18 0.92 -77.09
CA GLY N 107 36.44 0.57 -76.44
C GLY N 107 36.60 -0.91 -76.16
N LEU N 108 35.61 -1.70 -76.58
CA LEU N 108 35.64 -3.13 -76.32
C LEU N 108 36.41 -3.91 -77.39
N THR N 109 37.47 -4.57 -76.96
CA THR N 109 38.21 -5.51 -77.79
C THR N 109 38.59 -6.67 -76.88
N ARG N 110 38.77 -7.85 -77.46
CA ARG N 110 39.13 -9.03 -76.67
C ARG N 110 40.38 -8.78 -75.83
N GLU N 111 41.33 -8.03 -76.39
CA GLU N 111 42.58 -7.75 -75.68
C GLU N 111 42.38 -6.77 -74.52
N ASN N 112 41.64 -5.68 -74.76
CA ASN N 112 41.31 -4.73 -73.71
C ASN N 112 40.58 -5.41 -72.56
N PHE N 113 39.64 -6.29 -72.91
CA PHE N 113 38.90 -7.07 -71.92
C PHE N 113 39.84 -7.93 -71.08
N ARG N 114 40.69 -8.69 -71.76
CA ARG N 114 41.62 -9.60 -71.10
C ARG N 114 42.53 -8.86 -70.12
N ILE N 115 43.12 -7.77 -70.60
CA ILE N 115 44.03 -6.96 -69.79
C ILE N 115 43.36 -6.41 -68.55
N ALA N 116 42.19 -5.78 -68.74
CA ALA N 116 41.44 -5.18 -67.64
C ALA N 116 41.13 -6.20 -66.53
N HIS N 117 40.66 -7.38 -66.94
CA HIS N 117 40.32 -8.43 -65.98
C HIS N 117 41.55 -9.10 -65.40
N ASP N 118 42.59 -9.22 -66.21
CA ASP N 118 43.85 -9.81 -65.76
C ASP N 118 44.45 -9.01 -64.60
N ILE N 119 44.55 -7.70 -64.80
CA ILE N 119 45.22 -6.83 -63.84
C ILE N 119 44.34 -6.38 -62.68
N SER N 120 43.06 -6.14 -62.97
CA SER N 120 42.16 -5.55 -61.97
C SER N 120 41.40 -6.61 -61.18
N ALA N 121 41.20 -7.78 -61.76
CA ALA N 121 40.41 -8.81 -61.12
C ALA N 121 41.24 -10.03 -60.70
N TYR N 122 41.84 -10.70 -61.68
CA TYR N 122 42.59 -11.92 -61.42
C TYR N 122 43.70 -11.75 -60.39
N SER N 123 44.36 -10.59 -60.44
CA SER N 123 45.53 -10.33 -59.60
C SER N 123 45.23 -10.49 -58.10
N PHE N 124 44.01 -10.20 -57.70
CA PHE N 124 43.66 -10.27 -56.28
C PHE N 124 43.73 -11.69 -55.73
N PRO N 125 42.89 -12.59 -56.26
CA PRO N 125 42.97 -13.98 -55.78
C PRO N 125 44.31 -14.63 -56.11
N ALA N 126 44.97 -14.13 -57.14
CA ALA N 126 46.29 -14.61 -57.53
C ALA N 126 47.30 -14.33 -56.42
N LEU N 127 47.34 -13.08 -55.96
CA LEU N 127 48.19 -12.69 -54.85
C LEU N 127 47.85 -13.47 -53.58
N ALA N 128 46.55 -13.66 -53.35
CA ALA N 128 46.07 -14.41 -52.21
C ALA N 128 46.62 -15.84 -52.20
N LYS N 129 46.46 -16.53 -53.33
CA LYS N 129 46.93 -17.91 -53.46
C LYS N 129 48.42 -18.01 -53.20
N ALA N 130 49.17 -17.03 -53.70
CA ALA N 130 50.62 -17.01 -53.57
C ALA N 130 51.06 -16.72 -52.14
N ALA N 131 50.24 -15.97 -51.41
CA ALA N 131 50.56 -15.56 -50.06
C ALA N 131 50.08 -16.57 -49.01
N LEU N 132 49.17 -17.44 -49.42
CA LEU N 132 48.52 -18.40 -48.52
C LEU N 132 49.46 -19.14 -47.56
N PRO N 133 50.56 -19.70 -48.08
CA PRO N 133 51.49 -20.45 -47.25
C PRO N 133 52.04 -19.68 -46.04
N MET N 134 52.20 -18.37 -46.17
CA MET N 134 52.75 -17.57 -45.07
C MET N 134 51.71 -16.66 -44.40
N LEU N 135 50.43 -16.91 -44.67
CA LEU N 135 49.36 -16.13 -44.06
C LEU N 135 49.05 -16.60 -42.65
N SER N 136 48.91 -15.65 -41.74
CA SER N 136 48.51 -15.98 -40.37
C SER N 136 47.06 -16.46 -40.36
N ASP N 137 46.65 -17.05 -39.24
CA ASP N 137 45.31 -17.62 -39.15
C ASP N 137 44.23 -16.55 -38.98
N ASP N 138 44.64 -15.36 -38.54
CA ASP N 138 43.70 -14.26 -38.39
C ASP N 138 44.02 -13.16 -39.38
N ALA N 139 44.66 -13.54 -40.49
CA ALA N 139 45.04 -12.61 -41.54
C ALA N 139 43.81 -11.97 -42.18
N SER N 140 44.00 -10.79 -42.76
CA SER N 140 42.92 -10.05 -43.40
C SER N 140 43.35 -9.53 -44.76
N LEU N 141 42.58 -9.85 -45.80
CA LEU N 141 42.86 -9.37 -47.14
C LEU N 141 41.84 -8.32 -47.57
N LEU N 142 42.34 -7.25 -48.18
CA LEU N 142 41.49 -6.12 -48.56
C LEU N 142 41.74 -5.70 -50.00
N THR N 143 40.66 -5.43 -50.73
CA THR N 143 40.77 -4.92 -52.09
C THR N 143 39.89 -3.69 -52.28
N LEU N 144 40.10 -2.98 -53.38
CA LEU N 144 39.36 -1.76 -53.65
C LEU N 144 38.48 -1.92 -54.89
N SER N 145 37.20 -1.62 -54.74
CA SER N 145 36.26 -1.69 -55.85
C SER N 145 35.52 -0.37 -56.01
N TYR N 146 34.58 -0.33 -56.94
CA TYR N 146 33.84 0.90 -57.23
C TYR N 146 32.40 0.60 -57.64
N LEU N 147 31.53 1.57 -57.40
CA LEU N 147 30.09 1.45 -57.68
C LEU N 147 29.82 1.02 -59.12
N GLY N 148 30.78 1.28 -60.00
CA GLY N 148 30.65 0.93 -61.40
C GLY N 148 30.49 -0.57 -61.63
N ALA N 149 30.82 -1.36 -60.62
CA ALA N 149 30.64 -2.80 -60.67
C ALA N 149 29.18 -3.21 -60.57
N GLU N 150 28.40 -2.43 -59.81
CA GLU N 150 27.02 -2.77 -59.51
C GLU N 150 26.02 -2.01 -60.37
N ARG N 151 26.41 -0.81 -60.80
CA ARG N 151 25.57 -0.02 -61.69
C ARG N 151 26.40 0.60 -62.81
N ALA N 152 25.77 0.85 -63.96
CA ALA N 152 26.45 1.39 -65.12
C ALA N 152 26.80 2.86 -64.93
N ILE N 153 28.10 3.14 -64.91
CA ILE N 153 28.59 4.51 -64.76
C ILE N 153 29.33 4.96 -66.02
N PRO N 154 28.98 6.15 -66.53
CA PRO N 154 29.54 6.70 -67.77
C PRO N 154 31.06 6.62 -67.81
N ASN N 155 31.59 6.06 -68.89
CA ASN N 155 33.04 5.98 -69.14
C ASN N 155 33.73 4.84 -68.38
N TYR N 156 33.11 4.35 -67.31
CA TYR N 156 33.77 3.30 -66.53
C TYR N 156 33.86 2.01 -67.34
N ASN N 157 32.82 1.76 -68.14
CA ASN N 157 32.82 0.70 -69.16
C ASN N 157 33.46 -0.62 -68.73
N THR N 158 34.51 -1.03 -69.45
CA THR N 158 35.14 -2.33 -69.26
C THR N 158 35.61 -2.56 -67.82
N MET N 159 36.00 -1.47 -67.16
CA MET N 159 36.46 -1.54 -65.78
C MET N 159 35.34 -2.01 -64.85
N GLY N 160 34.11 -1.64 -65.20
CA GLY N 160 32.94 -2.06 -64.45
C GLY N 160 32.79 -3.57 -64.41
N LEU N 161 33.02 -4.20 -65.56
CA LEU N 161 32.96 -5.65 -65.66
C LEU N 161 34.00 -6.30 -64.75
N ALA N 162 35.23 -5.79 -64.81
CA ALA N 162 36.34 -6.31 -64.02
C ALA N 162 36.09 -6.18 -62.53
N LYS N 163 35.58 -5.03 -62.11
CA LYS N 163 35.27 -4.79 -60.71
C LYS N 163 34.19 -5.75 -60.19
N ALA N 164 33.22 -6.05 -61.06
CA ALA N 164 32.17 -6.99 -60.71
C ALA N 164 32.76 -8.37 -60.45
N ALA N 165 33.68 -8.79 -61.30
CA ALA N 165 34.38 -10.06 -61.13
C ALA N 165 35.21 -10.02 -59.86
N LEU N 166 35.87 -8.89 -59.64
CA LEU N 166 36.69 -8.68 -58.45
C LEU N 166 35.88 -8.87 -57.17
N GLU N 167 34.68 -8.28 -57.13
CA GLU N 167 33.82 -8.38 -55.97
C GLU N 167 33.34 -9.82 -55.78
N ALA N 168 33.14 -10.54 -56.88
CA ALA N 168 32.76 -11.94 -56.82
C ALA N 168 33.89 -12.77 -56.25
N SER N 169 35.13 -12.39 -56.56
CA SER N 169 36.30 -13.11 -56.07
C SER N 169 36.47 -12.91 -54.56
N VAL N 170 36.07 -11.73 -54.09
CA VAL N 170 36.05 -11.44 -52.66
C VAL N 170 35.26 -12.48 -51.91
N ARG N 171 34.09 -12.83 -52.45
CA ARG N 171 33.21 -13.80 -51.83
C ARG N 171 33.77 -15.22 -51.89
N TYR N 172 34.19 -15.65 -53.08
CA TYR N 172 34.76 -16.98 -53.24
C TYR N 172 36.07 -17.15 -52.48
N LEU N 173 36.88 -16.09 -52.43
CA LEU N 173 38.07 -16.10 -51.59
C LEU N 173 37.70 -16.26 -50.12
N ALA N 174 36.67 -15.53 -49.70
CA ALA N 174 36.21 -15.58 -48.32
C ALA N 174 35.84 -16.99 -47.91
N VAL N 175 35.26 -17.74 -48.84
CA VAL N 175 34.88 -19.12 -48.59
C VAL N 175 36.11 -20.04 -48.53
N SER N 176 37.02 -19.82 -49.47
CA SER N 176 38.20 -20.66 -49.59
C SER N 176 39.15 -20.50 -48.41
N LEU N 177 39.38 -19.26 -47.99
CA LEU N 177 40.34 -18.97 -46.92
C LEU N 177 39.70 -18.90 -45.54
N GLY N 178 38.37 -18.96 -45.49
CA GLY N 178 37.65 -18.79 -44.25
C GLY N 178 37.88 -19.87 -43.22
N ALA N 179 37.99 -21.11 -43.69
CA ALA N 179 38.25 -22.25 -42.81
C ALA N 179 39.48 -22.00 -41.95
N LYS N 180 40.55 -21.54 -42.60
CA LYS N 180 41.80 -21.22 -41.91
C LYS N 180 41.63 -20.07 -40.92
N GLY N 181 40.66 -19.19 -41.19
CA GLY N 181 40.40 -18.07 -40.32
C GLY N 181 40.72 -16.72 -40.94
N VAL N 182 41.09 -16.75 -42.22
CA VAL N 182 41.42 -15.53 -42.94
C VAL N 182 40.17 -14.83 -43.44
N ARG N 183 40.14 -13.50 -43.32
CA ARG N 183 39.00 -12.72 -43.77
C ARG N 183 39.34 -11.97 -45.06
N VAL N 184 38.37 -11.87 -45.96
CA VAL N 184 38.56 -11.19 -47.23
C VAL N 184 37.45 -10.18 -47.45
N ASN N 185 37.83 -8.91 -47.66
CA ASN N 185 36.85 -7.86 -47.85
C ASN N 185 37.26 -6.87 -48.92
N ALA N 186 36.31 -6.06 -49.34
CA ALA N 186 36.57 -4.97 -50.28
C ALA N 186 35.96 -3.68 -49.77
N ILE N 187 36.59 -2.57 -50.13
CA ILE N 187 35.98 -1.27 -49.91
C ILE N 187 35.54 -0.71 -51.23
N SER N 188 34.26 -0.39 -51.35
CA SER N 188 33.75 0.29 -52.53
C SER N 188 33.90 1.78 -52.27
N ALA N 189 35.01 2.34 -52.74
CA ALA N 189 35.34 3.73 -52.45
C ALA N 189 34.66 4.68 -53.43
N GLY N 190 34.25 5.84 -52.92
CA GLY N 190 33.75 6.90 -53.76
C GLY N 190 34.87 7.51 -54.58
N PRO N 191 34.54 8.41 -55.51
CA PRO N 191 35.56 9.02 -56.37
C PRO N 191 36.59 9.82 -55.59
N ILE N 192 37.87 9.60 -55.91
CA ILE N 192 38.97 10.32 -55.28
C ILE N 192 39.98 10.72 -56.36
N LYS N 193 40.36 12.00 -56.36
CA LYS N 193 41.27 12.51 -57.38
C LYS N 193 42.66 11.89 -57.24
N THR N 194 42.87 10.79 -57.95
CA THR N 194 44.16 10.11 -57.96
C THR N 194 44.77 10.06 -59.35
N LEU N 195 45.95 9.47 -59.45
CA LEU N 195 46.67 9.31 -60.71
C LEU N 195 45.84 8.56 -61.75
N ALA N 196 45.37 7.38 -61.38
CA ALA N 196 44.53 6.55 -62.24
C ALA N 196 43.25 7.27 -62.65
N ALA N 197 42.68 8.03 -61.71
CA ALA N 197 41.42 8.74 -61.92
C ALA N 197 41.46 9.68 -63.12
N SER N 198 42.65 10.14 -63.47
CA SER N 198 42.83 11.07 -64.58
C SER N 198 42.46 10.44 -65.92
N GLY N 199 42.53 9.12 -65.99
CA GLY N 199 42.25 8.41 -67.23
C GLY N 199 40.78 8.21 -67.51
N ILE N 200 39.95 8.46 -66.50
CA ILE N 200 38.50 8.37 -66.68
C ILE N 200 37.94 9.69 -67.20
N LYS N 201 37.33 9.66 -68.37
CA LYS N 201 36.82 10.86 -69.03
C LYS N 201 35.81 11.59 -68.16
N SER N 202 35.95 12.91 -68.09
CA SER N 202 35.07 13.76 -67.30
C SER N 202 34.95 13.27 -65.86
N PHE N 203 36.09 13.02 -65.23
CA PHE N 203 36.11 12.58 -63.84
C PHE N 203 35.64 13.71 -62.93
N GLY N 204 35.89 14.94 -63.36
CA GLY N 204 35.46 16.11 -62.61
C GLY N 204 33.95 16.22 -62.46
N LYS N 205 33.24 15.82 -63.51
CA LYS N 205 31.78 15.82 -63.47
C LYS N 205 31.29 14.86 -62.39
N ILE N 206 31.98 13.74 -62.26
CA ILE N 206 31.63 12.72 -61.27
C ILE N 206 31.85 13.23 -59.85
N LEU N 207 32.97 13.90 -59.63
CA LEU N 207 33.29 14.48 -58.32
C LEU N 207 32.24 15.51 -57.90
N ASP N 208 31.89 16.40 -58.81
CA ASP N 208 30.90 17.44 -58.55
C ASP N 208 29.55 16.82 -58.20
N PHE N 209 29.17 15.79 -58.95
CA PHE N 209 27.87 15.15 -58.80
C PHE N 209 27.74 14.46 -57.44
N VAL N 210 28.80 13.74 -57.05
CA VAL N 210 28.79 13.04 -55.76
C VAL N 210 28.78 14.02 -54.59
N GLU N 211 29.57 15.07 -54.70
CA GLU N 211 29.59 16.12 -53.68
C GLU N 211 28.21 16.76 -53.51
N SER N 212 27.49 16.87 -54.63
CA SER N 212 26.18 17.51 -54.63
C SER N 212 25.05 16.59 -54.16
N ASN N 213 25.17 15.30 -54.47
CA ASN N 213 24.05 14.38 -54.28
C ASN N 213 24.21 13.34 -53.17
N SER N 214 25.45 13.09 -52.74
CA SER N 214 25.67 12.17 -51.62
C SER N 214 24.99 12.71 -50.36
N PRO N 215 24.50 11.81 -49.49
CA PRO N 215 23.82 12.22 -48.25
C PRO N 215 24.64 13.18 -47.39
N LEU N 216 25.95 12.95 -47.32
CA LEU N 216 26.84 13.80 -46.53
C LEU N 216 27.28 15.05 -47.30
N LYS N 217 26.83 15.17 -48.54
CA LYS N 217 27.12 16.34 -49.37
C LYS N 217 28.62 16.66 -49.43
N ARG N 218 29.44 15.63 -49.55
CA ARG N 218 30.88 15.80 -49.60
C ARG N 218 31.56 14.57 -50.18
N ASN N 219 32.69 14.76 -50.85
CA ASN N 219 33.47 13.63 -51.34
C ASN N 219 34.27 13.02 -50.20
N VAL N 220 34.78 11.81 -50.43
CA VAL N 220 35.57 11.13 -49.42
C VAL N 220 37.06 11.37 -49.65
N THR N 221 37.85 11.08 -48.64
CA THR N 221 39.29 11.29 -48.69
C THR N 221 40.00 9.95 -48.54
N ILE N 222 41.28 9.89 -48.92
CA ILE N 222 42.04 8.66 -48.74
C ILE N 222 42.26 8.36 -47.25
N GLU N 223 42.02 9.36 -46.41
CA GLU N 223 42.09 9.17 -44.97
C GLU N 223 40.86 8.40 -44.47
N GLN N 224 39.69 8.76 -44.99
CA GLN N 224 38.45 8.08 -44.61
C GLN N 224 38.41 6.65 -45.15
N VAL N 225 38.90 6.46 -46.37
CA VAL N 225 39.02 5.11 -46.93
C VAL N 225 40.11 4.35 -46.18
N GLY N 226 41.18 5.07 -45.84
CA GLY N 226 42.28 4.52 -45.08
C GLY N 226 41.85 3.97 -43.73
N ASN N 227 41.07 4.76 -43.00
CA ASN N 227 40.57 4.34 -41.69
C ASN N 227 39.68 3.12 -41.77
N ALA N 228 38.74 3.13 -42.72
CA ALA N 228 37.86 1.99 -42.95
C ALA N 228 38.69 0.75 -43.27
N GLY N 229 39.70 0.92 -44.11
CA GLY N 229 40.60 -0.17 -44.45
C GLY N 229 41.36 -0.71 -43.25
N ALA N 230 41.86 0.21 -42.43
CA ALA N 230 42.58 -0.18 -41.23
C ALA N 230 41.69 -1.01 -40.33
N PHE N 231 40.43 -0.58 -40.21
CA PHE N 231 39.43 -1.30 -39.45
C PHE N 231 39.26 -2.74 -39.97
N LEU N 232 39.01 -2.87 -41.27
CA LEU N 232 38.79 -4.18 -41.88
C LEU N 232 40.00 -5.10 -41.75
N LEU N 233 41.19 -4.52 -41.69
CA LEU N 233 42.43 -5.29 -41.56
C LEU N 233 42.69 -5.68 -40.11
N SER N 234 41.94 -5.09 -39.19
CA SER N 234 42.17 -5.28 -37.76
C SER N 234 41.26 -6.35 -37.16
N ASP N 235 41.57 -6.76 -35.94
CA ASP N 235 40.77 -7.73 -35.21
C ASP N 235 39.43 -7.16 -34.81
N LEU N 236 39.31 -5.83 -34.88
CA LEU N 236 38.04 -5.15 -34.62
C LEU N 236 36.96 -5.63 -35.59
N ALA N 237 37.39 -6.13 -36.74
CA ALA N 237 36.46 -6.59 -37.78
C ALA N 237 36.53 -8.10 -37.95
N SER N 238 36.82 -8.82 -36.87
CA SER N 238 36.96 -10.26 -36.92
C SER N 238 35.63 -10.96 -37.25
N GLY N 239 34.53 -10.21 -37.13
CA GLY N 239 33.23 -10.73 -37.48
C GLY N 239 32.82 -10.42 -38.91
N VAL N 240 33.69 -9.71 -39.63
CA VAL N 240 33.38 -9.25 -40.99
C VAL N 240 34.24 -9.91 -42.07
N THR N 241 33.57 -10.55 -43.03
CA THR N 241 34.24 -11.13 -44.18
C THR N 241 33.27 -11.23 -45.36
N ALA N 242 33.81 -11.30 -46.57
CA ALA N 242 33.00 -11.38 -47.77
C ALA N 242 32.11 -10.14 -47.91
N GLU N 243 32.57 -9.03 -47.34
CA GLU N 243 31.78 -7.79 -47.34
C GLU N 243 32.34 -6.77 -48.33
N VAL N 244 31.45 -6.12 -49.07
CA VAL N 244 31.81 -4.95 -49.86
C VAL N 244 31.28 -3.71 -49.16
N MET N 245 32.18 -3.04 -48.45
CA MET N 245 31.82 -1.90 -47.63
C MET N 245 31.97 -0.62 -48.41
N HIS N 246 30.86 0.10 -48.51
CA HIS N 246 30.91 1.35 -49.21
C HIS N 246 31.46 2.50 -48.36
N VAL N 247 32.52 3.11 -48.84
CA VAL N 247 33.02 4.35 -48.26
C VAL N 247 32.93 5.46 -49.30
N ASP N 248 31.77 6.10 -49.37
CA ASP N 248 31.46 7.02 -50.46
C ASP N 248 30.48 8.08 -50.01
N SER N 249 30.48 8.36 -48.70
CA SER N 249 29.56 9.32 -48.12
C SER N 249 28.10 8.92 -48.36
N GLY N 250 27.89 7.64 -48.64
CA GLY N 250 26.54 7.10 -48.79
C GLY N 250 25.94 7.27 -50.18
N PHE N 251 26.75 7.72 -51.14
CA PHE N 251 26.27 8.06 -52.47
C PHE N 251 25.47 6.98 -53.16
N ASN N 252 25.92 5.74 -53.05
CA ASN N 252 25.21 4.65 -53.70
C ASN N 252 23.78 4.44 -53.27
N ALA N 253 23.50 4.88 -52.05
CA ALA N 253 22.25 4.54 -51.41
C ALA N 253 21.19 5.53 -51.81
N VAL N 254 21.55 6.48 -52.66
CA VAL N 254 20.62 7.48 -53.14
C VAL N 254 20.45 7.43 -54.65
N VAL N 255 19.44 8.14 -55.15
CA VAL N 255 19.31 8.43 -56.57
C VAL N 255 19.59 9.91 -56.79
N GLY N 256 20.69 10.22 -57.47
CA GLY N 256 21.06 11.60 -57.69
C GLY N 256 20.30 12.25 -58.84
N GLY O 2 40.71 5.71 -26.28
CA GLY O 2 40.12 5.00 -27.40
C GLY O 2 39.56 5.95 -28.44
N PHE O 3 39.08 5.40 -29.55
CA PHE O 3 38.58 6.22 -30.63
C PHE O 3 37.17 6.75 -30.37
N LEU O 4 36.70 6.61 -29.13
CA LEU O 4 35.43 7.19 -28.73
C LEU O 4 35.58 8.13 -27.52
N ASP O 5 36.82 8.49 -27.20
CA ASP O 5 37.08 9.42 -26.09
C ASP O 5 36.20 10.67 -26.16
N GLY O 6 35.42 10.90 -25.11
CA GLY O 6 34.62 12.10 -24.99
C GLY O 6 33.27 12.04 -25.66
N LYS O 7 32.93 10.89 -26.24
CA LYS O 7 31.63 10.72 -26.86
C LYS O 7 30.60 10.25 -25.82
N ARG O 8 29.45 10.91 -25.76
CA ARG O 8 28.37 10.45 -24.89
C ARG O 8 27.29 9.72 -25.69
N ILE O 9 27.09 8.45 -25.34
CA ILE O 9 26.24 7.56 -26.11
C ILE O 9 25.10 6.95 -25.29
N LEU O 10 23.89 7.03 -25.83
CA LEU O 10 22.72 6.43 -25.22
C LEU O 10 22.42 5.07 -25.84
N LEU O 11 22.31 4.03 -25.02
CA LEU O 11 22.03 2.69 -25.51
C LEU O 11 20.69 2.14 -25.05
N THR O 12 19.90 1.66 -26.00
CA THR O 12 18.66 0.96 -25.69
C THR O 12 18.87 -0.55 -25.79
N GLY O 13 17.94 -1.31 -25.26
CA GLY O 13 17.93 -2.75 -25.49
C GLY O 13 18.84 -3.59 -24.63
N LEU O 14 19.54 -2.98 -23.68
CA LEU O 14 20.38 -3.75 -22.79
C LEU O 14 19.50 -4.45 -21.74
N LEU O 15 19.34 -5.76 -21.91
CA LEU O 15 18.43 -6.54 -21.08
C LEU O 15 19.17 -7.57 -20.23
N SER O 16 20.16 -8.23 -20.83
CA SER O 16 20.99 -9.18 -20.10
C SER O 16 22.44 -9.06 -20.56
N ASN O 17 23.34 -9.75 -19.86
CA ASN O 17 24.75 -9.72 -20.23
C ASN O 17 24.98 -10.51 -21.52
N ARG O 18 23.90 -10.99 -22.11
CA ARG O 18 23.97 -11.71 -23.38
C ARG O 18 23.40 -10.86 -24.51
N SER O 19 22.84 -9.70 -24.16
CA SER O 19 22.26 -8.78 -25.14
C SER O 19 23.30 -8.21 -26.09
N ILE O 20 22.87 -7.94 -27.32
CA ILE O 20 23.73 -7.26 -28.29
C ILE O 20 24.12 -5.87 -27.79
N ALA O 21 23.15 -5.18 -27.18
CA ALA O 21 23.38 -3.85 -26.60
C ALA O 21 24.48 -3.89 -25.55
N TYR O 22 24.55 -5.00 -24.83
CA TYR O 22 25.58 -5.17 -23.81
C TYR O 22 26.97 -5.22 -24.44
N GLY O 23 27.07 -5.96 -25.54
CA GLY O 23 28.32 -6.06 -26.28
C GLY O 23 28.77 -4.71 -26.81
N ILE O 24 27.82 -3.97 -27.38
CA ILE O 24 28.09 -2.64 -27.90
C ILE O 24 28.52 -1.71 -26.77
N ALA O 25 27.83 -1.81 -25.63
CA ALA O 25 28.15 -1.01 -24.46
C ALA O 25 29.57 -1.24 -23.98
N LYS O 26 29.95 -2.51 -23.86
CA LYS O 26 31.29 -2.88 -23.41
C LYS O 26 32.37 -2.30 -24.32
N ALA O 27 32.16 -2.41 -25.63
CA ALA O 27 33.12 -1.92 -26.60
C ALA O 27 33.24 -0.40 -26.58
N CYS O 28 32.12 0.29 -26.41
CA CYS O 28 32.11 1.75 -26.38
C CYS O 28 32.81 2.27 -25.15
N LYS O 29 32.52 1.66 -24.00
CA LYS O 29 33.18 2.03 -22.75
C LYS O 29 34.69 1.83 -22.88
N ARG O 30 35.08 0.67 -23.41
CA ARG O 30 36.49 0.36 -23.63
C ARG O 30 37.18 1.42 -24.48
N GLU O 31 36.47 1.95 -25.46
CA GLU O 31 37.03 2.96 -26.34
C GLU O 31 36.84 4.38 -25.81
N GLY O 32 36.29 4.48 -24.60
CA GLY O 32 36.31 5.73 -23.87
C GLY O 32 35.07 6.59 -23.89
N ALA O 33 33.92 6.00 -24.16
CA ALA O 33 32.68 6.76 -24.22
C ALA O 33 32.02 6.90 -22.84
N GLU O 34 31.17 7.91 -22.70
CA GLU O 34 30.28 8.03 -21.54
C GLU O 34 28.93 7.47 -21.93
N LEU O 35 28.41 6.54 -21.13
CA LEU O 35 27.20 5.83 -21.51
C LEU O 35 25.96 6.21 -20.69
N ALA O 36 24.81 6.09 -21.33
CA ALA O 36 23.52 6.20 -20.68
C ALA O 36 22.64 5.06 -21.19
N PHE O 37 21.72 4.58 -20.37
CA PHE O 37 20.97 3.39 -20.72
C PHE O 37 19.46 3.58 -20.54
N THR O 38 18.68 2.81 -21.28
CA THR O 38 17.24 2.79 -21.10
C THR O 38 16.76 1.40 -20.71
N TYR O 39 15.63 1.34 -20.04
CA TYR O 39 15.05 0.07 -19.64
C TYR O 39 13.54 0.13 -19.85
N VAL O 40 12.91 -1.04 -19.92
CA VAL O 40 11.46 -1.10 -20.10
C VAL O 40 10.78 -1.69 -18.86
N GLY O 41 9.80 -0.97 -18.34
CA GLY O 41 9.03 -1.46 -17.23
C GLY O 41 9.64 -1.08 -15.89
N ASP O 42 8.80 -0.62 -14.97
CA ASP O 42 9.21 -0.21 -13.64
C ASP O 42 10.14 -1.20 -12.96
N ARG O 43 9.96 -2.49 -13.28
CA ARG O 43 10.65 -3.57 -12.59
C ARG O 43 12.14 -3.66 -12.93
N PHE O 44 12.48 -3.64 -14.20
CA PHE O 44 13.86 -3.83 -14.64
C PHE O 44 14.81 -2.71 -14.24
N LYS O 45 14.31 -1.69 -13.56
CA LYS O 45 15.14 -0.55 -13.17
C LYS O 45 16.36 -0.98 -12.38
N ASP O 46 16.18 -1.93 -11.47
CA ASP O 46 17.28 -2.43 -10.64
C ASP O 46 18.36 -3.09 -11.50
N ARG O 47 17.93 -4.03 -12.34
CA ARG O 47 18.87 -4.78 -13.16
C ARG O 47 19.67 -3.90 -14.10
N ILE O 48 19.02 -2.88 -14.64
CA ILE O 48 19.67 -1.99 -15.59
C ILE O 48 20.58 -0.98 -14.90
N THR O 49 20.25 -0.62 -13.66
CA THR O 49 21.09 0.30 -12.90
C THR O 49 22.40 -0.37 -12.53
N GLU O 50 22.34 -1.66 -12.21
CA GLU O 50 23.54 -2.45 -11.95
C GLU O 50 24.44 -2.45 -13.17
N PHE O 51 23.86 -2.73 -14.33
CA PHE O 51 24.58 -2.71 -15.59
C PHE O 51 25.22 -1.35 -15.88
N ALA O 52 24.44 -0.29 -15.68
CA ALA O 52 24.94 1.07 -15.88
C ALA O 52 26.14 1.34 -14.99
N ALA O 53 26.01 1.02 -13.70
CA ALA O 53 27.10 1.18 -12.75
C ALA O 53 28.32 0.38 -13.20
N GLU O 54 28.06 -0.79 -13.79
CA GLU O 54 29.11 -1.65 -14.29
C GLU O 54 29.91 -0.97 -15.41
N PHE O 55 29.28 -0.02 -16.09
CA PHE O 55 29.97 0.73 -17.14
C PHE O 55 30.28 2.16 -16.71
N GLY O 56 30.15 2.41 -15.40
CA GLY O 56 30.52 3.69 -14.83
C GLY O 56 29.50 4.78 -15.07
N SER O 57 28.23 4.39 -15.18
CA SER O 57 27.17 5.35 -15.45
C SER O 57 26.07 5.30 -14.39
N GLU O 58 25.47 6.46 -14.12
CA GLU O 58 24.35 6.56 -13.19
C GLU O 58 23.10 6.96 -13.96
N LEU O 59 23.23 7.04 -15.28
CA LEU O 59 22.16 7.55 -16.12
C LEU O 59 21.32 6.42 -16.73
N VAL O 60 20.19 6.14 -16.09
CA VAL O 60 19.22 5.20 -16.62
C VAL O 60 17.86 5.86 -16.68
N PHE O 61 17.15 5.64 -17.79
CA PHE O 61 15.85 6.25 -17.99
C PHE O 61 14.87 5.22 -18.54
N PRO O 62 13.63 5.23 -18.04
CA PRO O 62 12.61 4.32 -18.57
C PRO O 62 12.16 4.76 -19.96
N CYS O 63 12.02 3.80 -20.88
CA CYS O 63 11.52 4.13 -22.20
C CYS O 63 10.93 2.92 -22.94
N ASP O 64 9.61 2.79 -22.86
CA ASP O 64 8.88 1.84 -23.67
C ASP O 64 8.53 2.56 -24.98
N VAL O 65 9.18 2.17 -26.06
CA VAL O 65 9.04 2.91 -27.33
C VAL O 65 7.62 2.87 -27.90
N ALA O 66 6.73 2.12 -27.26
CA ALA O 66 5.33 2.09 -27.65
C ALA O 66 4.62 3.36 -27.22
N ASP O 67 5.19 4.05 -26.25
CA ASP O 67 4.57 5.25 -25.67
C ASP O 67 5.31 6.51 -26.09
N ASP O 68 4.62 7.37 -26.85
CA ASP O 68 5.18 8.66 -27.27
C ASP O 68 5.63 9.47 -26.06
N ALA O 69 4.87 9.39 -24.98
CA ALA O 69 5.18 10.12 -23.76
C ALA O 69 6.57 9.78 -23.24
N GLN O 70 6.83 8.49 -23.07
CA GLN O 70 8.11 8.03 -22.53
C GLN O 70 9.27 8.40 -23.44
N ILE O 71 9.02 8.47 -24.74
CA ILE O 71 10.06 8.83 -25.70
C ILE O 71 10.45 10.30 -25.57
N ASP O 72 9.46 11.19 -25.50
CA ASP O 72 9.72 12.61 -25.32
C ASP O 72 10.35 12.88 -23.95
N ALA O 73 9.88 12.14 -22.94
CA ALA O 73 10.38 12.30 -21.59
C ALA O 73 11.82 11.82 -21.47
N LEU O 74 12.18 10.82 -22.26
CA LEU O 74 13.52 10.26 -22.27
C LEU O 74 14.60 11.32 -22.52
N PHE O 75 14.42 12.10 -23.57
CA PHE O 75 15.43 13.08 -23.98
C PHE O 75 15.33 14.38 -23.21
N ALA O 76 14.15 14.65 -22.65
CA ALA O 76 14.00 15.77 -21.74
C ALA O 76 14.82 15.51 -20.49
N SER O 77 14.76 14.28 -20.00
CA SER O 77 15.51 13.87 -18.81
C SER O 77 17.00 13.80 -19.09
N LEU O 78 17.38 13.22 -20.23
CA LEU O 78 18.78 13.13 -20.61
C LEU O 78 19.40 14.52 -20.76
N LYS O 79 18.59 15.47 -21.21
CA LYS O 79 19.04 16.84 -21.43
C LYS O 79 19.46 17.54 -20.15
N THR O 80 18.97 17.06 -19.01
CA THR O 80 19.32 17.65 -17.72
C THR O 80 20.71 17.19 -17.27
N HIS O 81 21.22 16.15 -17.91
CA HIS O 81 22.54 15.62 -17.60
C HIS O 81 23.51 15.91 -18.75
N TRP O 82 23.02 15.73 -19.97
CA TRP O 82 23.81 16.01 -21.17
C TRP O 82 23.12 17.09 -21.99
N ASP O 83 23.89 18.06 -22.49
CA ASP O 83 23.32 19.06 -23.39
C ASP O 83 23.65 18.71 -24.83
N SER O 84 24.37 17.61 -25.01
CA SER O 84 24.83 17.18 -26.33
C SER O 84 24.91 15.66 -26.41
N LEU O 85 24.20 15.08 -27.37
CA LEU O 85 24.22 13.63 -27.57
C LEU O 85 25.01 13.26 -28.83
N ASP O 86 25.98 12.37 -28.66
CA ASP O 86 26.89 12.02 -29.73
C ASP O 86 26.52 10.71 -30.41
N GLY O 87 25.82 9.85 -29.68
CA GLY O 87 25.51 8.52 -30.20
C GLY O 87 24.21 7.95 -29.68
N LEU O 88 23.51 7.23 -30.55
CA LEU O 88 22.27 6.57 -30.18
C LEU O 88 22.28 5.14 -30.72
N VAL O 89 22.15 4.17 -29.83
CA VAL O 89 22.14 2.77 -30.24
C VAL O 89 20.74 2.19 -30.08
N HIS O 90 20.12 1.89 -31.23
CA HIS O 90 18.80 1.30 -31.26
C HIS O 90 18.92 -0.21 -31.36
N SER O 91 18.76 -0.89 -30.23
CA SER O 91 18.88 -2.34 -30.16
C SER O 91 17.57 -2.90 -29.61
N ILE O 92 16.49 -2.65 -30.35
CA ILE O 92 15.15 -2.95 -29.87
C ILE O 92 14.37 -3.72 -30.93
N GLY O 93 13.62 -4.72 -30.49
CA GLY O 93 12.78 -5.49 -31.39
C GLY O 93 11.71 -6.26 -30.65
N PHE O 94 10.55 -6.39 -31.28
CA PHE O 94 9.49 -7.20 -30.72
C PHE O 94 8.37 -7.51 -31.72
N ALA O 95 7.86 -8.72 -31.62
CA ALA O 95 6.66 -9.14 -32.34
C ALA O 95 5.97 -10.21 -31.49
N PRO O 96 4.63 -10.25 -31.55
CA PRO O 96 3.90 -11.34 -30.89
C PRO O 96 4.46 -12.70 -31.32
N ARG O 97 4.58 -13.62 -30.38
CA ARG O 97 5.36 -14.84 -30.63
C ARG O 97 4.82 -15.74 -31.74
N GLU O 98 3.52 -15.73 -31.97
CA GLU O 98 2.95 -16.56 -33.03
C GLU O 98 3.27 -15.97 -34.40
N ALA O 99 3.69 -14.70 -34.41
CA ALA O 99 4.03 -14.01 -35.65
C ALA O 99 5.44 -14.37 -36.11
N ILE O 100 6.18 -15.07 -35.25
CA ILE O 100 7.51 -15.53 -35.61
C ILE O 100 7.64 -17.02 -35.34
N ALA O 101 6.53 -17.73 -35.52
CA ALA O 101 6.49 -19.18 -35.33
C ALA O 101 5.74 -19.85 -36.45
N GLY O 102 6.30 -20.95 -36.96
CA GLY O 102 5.69 -21.70 -38.05
C GLY O 102 5.47 -20.88 -39.31
N ASP O 103 4.26 -20.96 -39.87
CA ASP O 103 3.99 -20.37 -41.17
C ASP O 103 3.71 -18.88 -41.09
N PHE O 104 4.23 -18.14 -42.08
CA PHE O 104 4.06 -16.70 -42.15
C PHE O 104 2.61 -16.26 -42.05
N LEU O 105 1.74 -16.88 -42.85
CA LEU O 105 0.34 -16.49 -42.88
C LEU O 105 -0.42 -16.89 -41.62
N ASP O 106 -0.08 -18.02 -41.02
CA ASP O 106 -0.73 -18.47 -39.79
C ASP O 106 -0.60 -17.42 -38.69
N GLY O 107 0.57 -16.79 -38.61
CA GLY O 107 0.85 -15.81 -37.58
C GLY O 107 0.52 -14.38 -37.97
N LEU O 108 -0.02 -14.19 -39.17
CA LEU O 108 -0.32 -12.85 -39.65
C LEU O 108 -1.69 -12.35 -39.21
N THR O 109 -1.70 -11.25 -38.48
CA THR O 109 -2.92 -10.53 -38.14
C THR O 109 -2.60 -9.05 -38.21
N ARG O 110 -3.61 -8.22 -38.46
CA ARG O 110 -3.38 -6.78 -38.55
C ARG O 110 -2.71 -6.26 -37.28
N GLU O 111 -3.09 -6.81 -36.14
CA GLU O 111 -2.55 -6.37 -34.86
C GLU O 111 -1.09 -6.81 -34.70
N ASN O 112 -0.81 -8.08 -35.00
CA ASN O 112 0.56 -8.58 -34.96
C ASN O 112 1.46 -7.77 -35.88
N PHE O 113 0.95 -7.45 -37.06
CA PHE O 113 1.69 -6.63 -38.02
C PHE O 113 2.00 -5.25 -37.44
N ARG O 114 0.98 -4.59 -36.91
CA ARG O 114 1.12 -3.24 -36.37
C ARG O 114 2.15 -3.20 -35.24
N ILE O 115 2.04 -4.15 -34.31
CA ILE O 115 2.94 -4.21 -33.17
C ILE O 115 4.39 -4.39 -33.57
N ALA O 116 4.65 -5.38 -34.42
CA ALA O 116 6.00 -5.68 -34.88
C ALA O 116 6.66 -4.48 -35.53
N HIS O 117 5.91 -3.80 -36.41
CA HIS O 117 6.43 -2.62 -37.10
C HIS O 117 6.50 -1.41 -36.19
N ASP O 118 5.56 -1.31 -35.25
CA ASP O 118 5.56 -0.23 -34.28
C ASP O 118 6.83 -0.25 -33.44
N ILE O 119 7.15 -1.41 -32.87
CA ILE O 119 8.26 -1.54 -31.94
C ILE O 119 9.61 -1.73 -32.61
N SER O 120 9.63 -2.45 -33.72
CA SER O 120 10.89 -2.84 -34.35
C SER O 120 11.37 -1.87 -35.42
N ALA O 121 10.43 -1.16 -36.05
CA ALA O 121 10.76 -0.27 -37.15
C ALA O 121 10.58 1.20 -36.80
N TYR O 122 9.34 1.60 -36.50
CA TYR O 122 9.02 2.98 -36.24
C TYR O 122 9.85 3.61 -35.12
N SER O 123 10.10 2.84 -34.07
CA SER O 123 10.76 3.35 -32.87
C SER O 123 12.12 3.99 -33.17
N PHE O 124 12.81 3.48 -34.20
CA PHE O 124 14.13 4.00 -34.53
C PHE O 124 14.08 5.45 -35.00
N PRO O 125 13.39 5.73 -36.11
CA PRO O 125 13.29 7.12 -36.57
C PRO O 125 12.53 7.99 -35.57
N ALA O 126 11.66 7.37 -34.77
CA ALA O 126 10.93 8.09 -33.74
C ALA O 126 11.89 8.64 -32.68
N LEU O 127 12.74 7.78 -32.16
CA LEU O 127 13.77 8.19 -31.20
C LEU O 127 14.70 9.24 -31.82
N ALA O 128 15.03 9.04 -33.09
CA ALA O 128 15.88 9.98 -33.83
C ALA O 128 15.26 11.38 -33.83
N LYS O 129 13.99 11.47 -34.22
CA LYS O 129 13.29 12.74 -34.27
C LYS O 129 13.26 13.41 -32.89
N ALA O 130 13.07 12.60 -31.86
CA ALA O 130 12.98 13.11 -30.49
C ALA O 130 14.34 13.59 -29.97
N ALA O 131 15.42 13.00 -30.48
CA ALA O 131 16.77 13.32 -30.02
C ALA O 131 17.41 14.46 -30.82
N LEU O 132 16.85 14.74 -31.99
CA LEU O 132 17.40 15.71 -32.93
C LEU O 132 17.84 17.03 -32.31
N PRO O 133 16.98 17.64 -31.47
CA PRO O 133 17.30 18.93 -30.86
C PRO O 133 18.63 18.95 -30.08
N MET O 134 18.99 17.82 -29.47
CA MET O 134 20.21 17.76 -28.68
C MET O 134 21.31 16.92 -29.32
N LEU O 135 21.16 16.60 -30.60
CA LEU O 135 22.19 15.84 -31.31
C LEU O 135 23.34 16.72 -31.75
N SER O 136 24.56 16.25 -31.53
CA SER O 136 25.75 16.94 -32.02
C SER O 136 25.79 16.88 -33.55
N ASP O 137 26.65 17.69 -34.15
CA ASP O 137 26.72 17.79 -35.60
C ASP O 137 27.44 16.60 -36.23
N ASP O 138 28.22 15.88 -35.43
CA ASP O 138 28.91 14.69 -35.93
C ASP O 138 28.35 13.45 -35.24
N ALA O 139 27.10 13.53 -34.80
CA ALA O 139 26.43 12.42 -34.13
C ALA O 139 26.29 11.22 -35.05
N SER O 140 26.17 10.04 -34.45
CA SER O 140 26.03 8.80 -35.20
C SER O 140 24.92 7.95 -34.59
N LEU O 141 23.97 7.55 -35.43
CA LEU O 141 22.88 6.70 -34.97
C LEU O 141 23.03 5.29 -35.52
N LEU O 142 22.79 4.30 -34.66
CA LEU O 142 23.02 2.91 -35.03
C LEU O 142 21.82 2.03 -34.65
N THR O 143 21.43 1.16 -35.57
CA THR O 143 20.37 0.19 -35.29
C THR O 143 20.79 -1.22 -35.68
N LEU O 144 20.03 -2.20 -35.23
CA LEU O 144 20.36 -3.61 -35.48
C LEU O 144 19.30 -4.26 -36.36
N SER O 145 19.75 -4.87 -37.45
CA SER O 145 18.85 -5.55 -38.37
C SER O 145 19.32 -6.99 -38.60
N TYR O 146 18.63 -7.68 -39.49
CA TYR O 146 18.93 -9.09 -39.74
C TYR O 146 18.68 -9.47 -41.19
N LEU O 147 19.39 -10.49 -41.65
CA LEU O 147 19.30 -10.98 -43.02
C LEU O 147 17.86 -11.28 -43.43
N GLY O 148 17.01 -11.55 -42.45
CA GLY O 148 15.61 -11.85 -42.70
C GLY O 148 14.86 -10.73 -43.39
N ALA O 149 15.43 -9.53 -43.37
CA ALA O 149 14.82 -8.39 -44.06
C ALA O 149 15.00 -8.50 -45.57
N GLU O 150 16.11 -9.09 -46.00
CA GLU O 150 16.46 -9.13 -47.41
C GLU O 150 16.13 -10.48 -48.04
N ARG O 151 16.14 -11.53 -47.24
CA ARG O 151 15.75 -12.85 -47.72
C ARG O 151 14.84 -13.55 -46.73
N ALA O 152 13.99 -14.44 -47.25
CA ALA O 152 13.02 -15.14 -46.41
C ALA O 152 13.69 -16.19 -45.56
N ILE O 153 13.63 -16.01 -44.24
CA ILE O 153 14.21 -16.96 -43.30
C ILE O 153 13.10 -17.59 -42.49
N PRO O 154 13.13 -18.94 -42.39
CA PRO O 154 12.09 -19.72 -41.70
C PRO O 154 11.79 -19.18 -40.30
N ASN O 155 10.51 -18.97 -40.01
CA ASN O 155 10.05 -18.52 -38.70
C ASN O 155 10.23 -17.02 -38.46
N TYR O 156 11.12 -16.36 -39.19
CA TYR O 156 11.34 -14.93 -38.96
C TYR O 156 10.10 -14.15 -39.38
N ASN O 157 9.44 -14.61 -40.44
CA ASN O 157 8.12 -14.12 -40.84
C ASN O 157 7.92 -12.61 -40.75
N THR O 158 6.94 -12.20 -39.94
CA THR O 158 6.56 -10.79 -39.83
C THR O 158 7.72 -9.90 -39.42
N MET O 159 8.65 -10.45 -38.65
CA MET O 159 9.82 -9.70 -38.20
C MET O 159 10.66 -9.26 -39.40
N GLY O 160 10.67 -10.09 -40.44
CA GLY O 160 11.38 -9.78 -41.66
C GLY O 160 10.87 -8.51 -42.32
N LEU O 161 9.55 -8.37 -42.37
CA LEU O 161 8.93 -7.17 -42.94
C LEU O 161 9.34 -5.91 -42.17
N ALA O 162 9.27 -5.99 -40.85
CA ALA O 162 9.60 -4.86 -40.00
C ALA O 162 11.06 -4.43 -40.17
N LYS O 163 11.95 -5.41 -40.21
CA LYS O 163 13.37 -5.14 -40.41
C LYS O 163 13.62 -4.49 -41.76
N ALA O 164 12.87 -4.90 -42.78
CA ALA O 164 12.98 -4.32 -44.10
C ALA O 164 12.62 -2.84 -44.06
N ALA O 165 11.55 -2.53 -43.33
CA ALA O 165 11.14 -1.14 -43.12
C ALA O 165 12.19 -0.40 -42.32
N LEU O 166 12.72 -1.05 -41.29
CA LEU O 166 13.77 -0.48 -40.46
C LEU O 166 14.99 -0.06 -41.28
N GLU O 167 15.42 -0.93 -42.18
CA GLU O 167 16.58 -0.64 -43.02
C GLU O 167 16.29 0.51 -43.98
N ALA O 168 15.03 0.60 -44.43
CA ALA O 168 14.62 1.70 -45.29
C ALA O 168 14.65 3.02 -44.51
N SER O 169 14.32 2.95 -43.23
CA SER O 169 14.32 4.15 -42.38
C SER O 169 15.75 4.64 -42.17
N VAL O 170 16.68 3.69 -42.12
CA VAL O 170 18.11 4.00 -42.04
C VAL O 170 18.52 4.94 -43.17
N ARG O 171 18.06 4.63 -44.39
CA ARG O 171 18.40 5.43 -45.55
C ARG O 171 17.72 6.80 -45.53
N TYR O 172 16.41 6.83 -45.31
CA TYR O 172 15.68 8.11 -45.27
C TYR O 172 16.11 8.98 -44.09
N LEU O 173 16.44 8.36 -42.97
CA LEU O 173 17.02 9.10 -41.85
C LEU O 173 18.35 9.71 -42.26
N ALA O 174 19.17 8.93 -42.97
CA ALA O 174 20.49 9.36 -43.41
C ALA O 174 20.42 10.63 -44.26
N VAL O 175 19.39 10.71 -45.10
CA VAL O 175 19.19 11.88 -45.94
C VAL O 175 18.72 13.07 -45.11
N SER O 176 17.77 12.80 -44.20
CA SER O 176 17.17 13.84 -43.38
C SER O 176 18.16 14.49 -42.42
N LEU O 177 18.96 13.65 -41.76
CA LEU O 177 19.89 14.13 -40.75
C LEU O 177 21.27 14.40 -41.35
N GLY O 178 21.45 14.04 -42.62
CA GLY O 178 22.75 14.14 -43.27
C GLY O 178 23.24 15.57 -43.42
N ALA O 179 22.33 16.49 -43.73
CA ALA O 179 22.66 17.91 -43.86
C ALA O 179 23.37 18.44 -42.61
N LYS O 180 22.80 18.14 -41.45
CA LYS O 180 23.36 18.57 -40.17
C LYS O 180 24.74 17.94 -39.94
N GLY O 181 24.96 16.78 -40.54
CA GLY O 181 26.22 16.08 -40.41
C GLY O 181 26.08 14.78 -39.62
N VAL O 182 24.84 14.42 -39.31
CA VAL O 182 24.58 13.20 -38.54
C VAL O 182 24.62 11.98 -39.45
N ARG O 183 25.22 10.90 -38.96
CA ARG O 183 25.31 9.67 -39.73
C ARG O 183 24.37 8.63 -39.15
N VAL O 184 23.75 7.86 -40.03
CA VAL O 184 22.80 6.82 -39.61
C VAL O 184 23.14 5.49 -40.29
N ASN O 185 23.34 4.46 -39.47
CA ASN O 185 23.70 3.15 -39.99
C ASN O 185 23.01 2.00 -39.26
N ALA O 186 23.06 0.83 -39.87
CA ALA O 186 22.57 -0.39 -39.23
C ALA O 186 23.63 -1.48 -39.33
N ILE O 187 23.65 -2.35 -38.35
CA ILE O 187 24.45 -3.57 -38.45
C ILE O 187 23.52 -4.76 -38.63
N SER O 188 23.73 -5.49 -39.72
CA SER O 188 23.01 -6.73 -39.94
C SER O 188 23.79 -7.84 -39.27
N ALA O 189 23.41 -8.16 -38.03
CA ALA O 189 24.16 -9.12 -37.24
C ALA O 189 23.72 -10.56 -37.54
N GLY O 190 24.68 -11.47 -37.51
CA GLY O 190 24.40 -12.89 -37.62
C GLY O 190 23.71 -13.37 -36.35
N PRO O 191 23.26 -14.64 -36.34
CA PRO O 191 22.54 -15.18 -35.19
C PRO O 191 23.38 -15.22 -33.92
N ILE O 192 22.79 -14.76 -32.82
CA ILE O 192 23.45 -14.76 -31.52
C ILE O 192 22.45 -15.21 -30.44
N LYS O 193 22.85 -16.17 -29.61
CA LYS O 193 21.96 -16.70 -28.59
C LYS O 193 21.66 -15.65 -27.52
N THR O 194 20.58 -14.91 -27.72
CA THR O 194 20.15 -13.90 -26.75
C THR O 194 18.77 -14.25 -26.22
N LEU O 195 18.24 -13.43 -25.30
CA LEU O 195 16.91 -13.67 -24.74
C LEU O 195 15.86 -13.71 -25.85
N ALA O 196 15.83 -12.66 -26.67
CA ALA O 196 14.87 -12.55 -27.77
C ALA O 196 14.99 -13.70 -28.76
N ALA O 197 16.22 -14.15 -29.01
CA ALA O 197 16.47 -15.22 -29.97
C ALA O 197 15.72 -16.50 -29.63
N SER O 198 15.41 -16.67 -28.33
CA SER O 198 14.71 -17.85 -27.85
C SER O 198 13.29 -17.98 -28.38
N GLY O 199 12.71 -16.85 -28.76
CA GLY O 199 11.34 -16.82 -29.23
C GLY O 199 11.22 -17.24 -30.68
N ILE O 200 12.36 -17.32 -31.36
CA ILE O 200 12.39 -17.78 -32.74
C ILE O 200 12.49 -19.31 -32.77
N LYS O 201 11.48 -19.95 -33.36
CA LYS O 201 11.41 -21.40 -33.40
C LYS O 201 12.62 -22.00 -34.10
N SER O 202 13.18 -23.05 -33.50
CA SER O 202 14.35 -23.73 -34.03
C SER O 202 15.50 -22.77 -34.33
N PHE O 203 15.80 -21.92 -33.34
CA PHE O 203 16.89 -20.97 -33.47
C PHE O 203 18.23 -21.70 -33.49
N GLY O 204 18.27 -22.84 -32.80
CA GLY O 204 19.46 -23.67 -32.75
C GLY O 204 19.86 -24.20 -34.12
N LYS O 205 18.87 -24.54 -34.93
CA LYS O 205 19.12 -25.01 -36.28
C LYS O 205 19.82 -23.92 -37.08
N ILE O 206 19.41 -22.67 -36.84
CA ILE O 206 19.99 -21.53 -37.52
C ILE O 206 21.44 -21.30 -37.11
N LEU O 207 21.73 -21.43 -35.83
CA LEU O 207 23.10 -21.30 -35.32
C LEU O 207 24.03 -22.35 -35.92
N ASP O 208 23.59 -23.60 -35.91
CA ASP O 208 24.38 -24.70 -36.44
C ASP O 208 24.66 -24.49 -37.92
N PHE O 209 23.65 -24.04 -38.66
CA PHE O 209 23.75 -23.87 -40.10
C PHE O 209 24.73 -22.76 -40.45
N VAL O 210 24.65 -21.66 -39.72
CA VAL O 210 25.55 -20.52 -39.95
C VAL O 210 26.99 -20.88 -39.60
N GLU O 211 27.18 -21.58 -38.48
CA GLU O 211 28.49 -22.04 -38.07
C GLU O 211 29.11 -22.95 -39.14
N SER O 212 28.25 -23.74 -39.77
CA SER O 212 28.70 -24.70 -40.77
C SER O 212 28.94 -24.10 -42.16
N ASN O 213 28.15 -23.09 -42.52
CA ASN O 213 28.16 -22.60 -43.90
C ASN O 213 28.76 -21.21 -44.11
N SER O 214 28.89 -20.42 -43.04
CA SER O 214 29.53 -19.11 -43.15
C SER O 214 30.96 -19.31 -43.63
N PRO O 215 31.49 -18.34 -44.38
CA PRO O 215 32.88 -18.42 -44.87
C PRO O 215 33.87 -18.65 -43.73
N LEU O 216 33.65 -17.99 -42.60
CA LEU O 216 34.53 -18.11 -41.44
C LEU O 216 34.24 -19.34 -40.58
N LYS O 217 33.22 -20.11 -40.96
CA LYS O 217 32.88 -21.35 -40.27
C LYS O 217 32.74 -21.16 -38.77
N ARG O 218 32.11 -20.04 -38.38
CA ARG O 218 31.94 -19.74 -36.97
C ARG O 218 30.86 -18.68 -36.79
N ASN O 219 30.15 -18.75 -35.67
CA ASN O 219 29.15 -17.73 -35.35
C ASN O 219 29.82 -16.48 -34.83
N VAL O 220 29.09 -15.37 -34.82
CA VAL O 220 29.65 -14.12 -34.32
C VAL O 220 29.31 -13.92 -32.85
N THR O 221 30.01 -12.99 -32.22
CA THR O 221 29.82 -12.71 -30.80
C THR O 221 29.33 -11.28 -30.63
N ILE O 222 28.77 -10.98 -29.46
CA ILE O 222 28.34 -9.61 -29.18
C ILE O 222 29.55 -8.69 -29.06
N GLU O 223 30.73 -9.28 -28.92
CA GLU O 223 31.97 -8.52 -28.91
C GLU O 223 32.33 -8.06 -30.32
N GLN O 224 32.15 -8.95 -31.29
CA GLN O 224 32.42 -8.63 -32.69
C GLN O 224 31.41 -7.62 -33.22
N VAL O 225 30.15 -7.78 -32.85
CA VAL O 225 29.12 -6.82 -33.21
C VAL O 225 29.37 -5.51 -32.47
N GLY O 226 29.77 -5.62 -31.21
CA GLY O 226 30.11 -4.47 -30.39
C GLY O 226 31.19 -3.59 -30.99
N ASN O 227 32.28 -4.22 -31.42
CA ASN O 227 33.38 -3.50 -32.04
C ASN O 227 32.95 -2.79 -33.33
N ALA O 228 32.25 -3.52 -34.19
CA ALA O 228 31.73 -2.95 -35.42
C ALA O 228 30.84 -1.73 -35.13
N GLY O 229 29.98 -1.89 -34.11
CA GLY O 229 29.11 -0.81 -33.69
C GLY O 229 29.89 0.38 -33.17
N ALA O 230 30.91 0.12 -32.36
CA ALA O 230 31.76 1.17 -31.83
C ALA O 230 32.43 1.95 -32.95
N PHE O 231 32.91 1.22 -33.95
CA PHE O 231 33.50 1.82 -35.14
C PHE O 231 32.54 2.78 -35.83
N LEU O 232 31.33 2.30 -36.12
CA LEU O 232 30.33 3.11 -36.81
C LEU O 232 29.91 4.34 -36.02
N LEU O 233 29.99 4.25 -34.69
CA LEU O 233 29.61 5.36 -33.83
C LEU O 233 30.74 6.38 -33.70
N SER O 234 31.92 6.01 -34.19
CA SER O 234 33.11 6.85 -34.02
C SER O 234 33.39 7.67 -35.27
N ASP O 235 34.30 8.64 -35.11
CA ASP O 235 34.72 9.50 -36.21
C ASP O 235 35.53 8.72 -37.25
N LEU O 236 35.99 7.53 -36.86
CA LEU O 236 36.71 6.65 -37.78
C LEU O 236 35.84 6.29 -38.98
N ALA O 237 34.53 6.38 -38.80
CA ALA O 237 33.57 6.02 -39.85
C ALA O 237 32.80 7.25 -40.35
N SER O 238 33.44 8.41 -40.30
CA SER O 238 32.79 9.66 -40.69
C SER O 238 32.42 9.69 -42.17
N GLY O 239 33.00 8.76 -42.94
CA GLY O 239 32.69 8.65 -44.35
C GLY O 239 31.58 7.66 -44.64
N VAL O 240 31.05 7.04 -43.59
CA VAL O 240 30.03 6.00 -43.72
C VAL O 240 28.66 6.41 -43.18
N THR O 241 27.64 6.35 -44.05
CA THR O 241 26.26 6.60 -43.63
C THR O 241 25.29 5.90 -44.58
N ALA O 242 24.08 5.65 -44.10
CA ALA O 242 23.07 4.94 -44.88
C ALA O 242 23.53 3.54 -45.27
N GLU O 243 24.39 2.97 -44.42
CA GLU O 243 24.97 1.66 -44.70
C GLU O 243 24.35 0.57 -43.82
N VAL O 244 24.07 -0.58 -44.43
CA VAL O 244 23.74 -1.78 -43.67
C VAL O 244 24.93 -2.72 -43.71
N MET O 245 25.70 -2.72 -42.62
CA MET O 245 26.94 -3.47 -42.54
C MET O 245 26.71 -4.86 -41.94
N HIS O 246 27.07 -5.89 -42.70
CA HIS O 246 26.92 -7.25 -42.23
C HIS O 246 28.06 -7.66 -41.29
N VAL O 247 27.68 -8.03 -40.08
CA VAL O 247 28.60 -8.65 -39.13
C VAL O 247 28.07 -10.05 -38.84
N ASP O 248 28.43 -11.01 -39.69
CA ASP O 248 27.81 -12.32 -39.68
C ASP O 248 28.74 -13.40 -40.17
N SER O 249 30.05 -13.15 -40.04
CA SER O 249 31.04 -14.09 -40.54
C SER O 249 30.89 -14.32 -42.03
N GLY O 250 30.21 -13.39 -42.71
CA GLY O 250 30.10 -13.45 -44.16
C GLY O 250 28.98 -14.34 -44.66
N PHE O 251 28.16 -14.85 -43.74
CA PHE O 251 27.10 -15.80 -44.07
C PHE O 251 26.20 -15.32 -45.21
N ASN O 252 25.90 -14.02 -45.19
CA ASN O 252 25.03 -13.42 -46.17
C ASN O 252 25.48 -13.58 -47.61
N ALA O 253 26.78 -13.70 -47.80
CA ALA O 253 27.38 -13.67 -49.13
C ALA O 253 27.45 -15.04 -49.78
N VAL O 254 27.01 -16.08 -49.08
CA VAL O 254 27.07 -17.43 -49.63
C VAL O 254 25.70 -18.06 -49.81
N VAL O 255 25.66 -19.19 -50.51
CA VAL O 255 24.50 -20.05 -50.52
C VAL O 255 24.82 -21.32 -49.73
N GLY O 256 24.17 -21.48 -48.58
CA GLY O 256 24.44 -22.62 -47.72
C GLY O 256 23.73 -23.88 -48.16
N GLY P 2 -5.27 -15.74 -75.94
CA GLY P 2 -4.12 -15.19 -75.26
C GLY P 2 -3.57 -16.14 -74.21
N PHE P 3 -2.44 -15.76 -73.61
CA PHE P 3 -1.81 -16.63 -72.62
C PHE P 3 -2.46 -16.54 -71.24
N LEU P 4 -3.62 -15.91 -71.17
CA LEU P 4 -4.39 -15.88 -69.92
C LEU P 4 -5.80 -16.45 -70.10
N ASP P 5 -6.04 -17.12 -71.22
CA ASP P 5 -7.34 -17.76 -71.49
C ASP P 5 -7.80 -18.62 -70.32
N GLY P 6 -8.98 -18.30 -69.80
CA GLY P 6 -9.61 -19.10 -68.75
C GLY P 6 -9.17 -18.76 -67.35
N LYS P 7 -8.33 -17.75 -67.21
CA LYS P 7 -7.87 -17.30 -65.91
C LYS P 7 -8.82 -16.26 -65.31
N ARG P 8 -9.17 -16.45 -64.04
CA ARG P 8 -10.02 -15.51 -63.31
C ARG P 8 -9.19 -14.62 -62.40
N ILE P 9 -9.21 -13.31 -62.67
CA ILE P 9 -8.33 -12.39 -61.97
C ILE P 9 -9.07 -11.24 -61.30
N LEU P 10 -8.79 -11.03 -60.02
CA LEU P 10 -9.35 -9.92 -59.26
C LEU P 10 -8.35 -8.75 -59.19
N LEU P 11 -8.79 -7.57 -59.61
CA LEU P 11 -7.92 -6.39 -59.58
C LEU P 11 -8.40 -5.32 -58.61
N THR P 12 -7.48 -4.88 -57.76
CA THR P 12 -7.71 -3.73 -56.89
C THR P 12 -7.05 -2.50 -57.47
N GLY P 13 -7.41 -1.33 -56.95
CA GLY P 13 -6.69 -0.11 -57.26
C GLY P 13 -7.05 0.58 -58.56
N LEU P 14 -8.03 0.06 -59.29
CA LEU P 14 -8.48 0.70 -60.52
C LEU P 14 -9.35 1.90 -60.16
N LEU P 15 -8.81 3.09 -60.32
CA LEU P 15 -9.47 4.32 -59.92
C LEU P 15 -9.82 5.22 -61.10
N SER P 16 -8.89 5.34 -62.04
CA SER P 16 -9.11 6.12 -63.25
C SER P 16 -8.49 5.38 -64.44
N ASN P 17 -8.73 5.87 -65.65
CA ASN P 17 -8.21 5.21 -66.85
C ASN P 17 -6.70 5.35 -67.08
N ARG P 18 -6.01 6.01 -66.14
CA ARG P 18 -4.57 6.13 -66.12
C ARG P 18 -3.94 5.34 -64.99
N SER P 19 -4.78 4.73 -64.16
CA SER P 19 -4.30 3.92 -63.05
C SER P 19 -3.47 2.76 -63.59
N ILE P 20 -2.46 2.35 -62.82
CA ILE P 20 -1.68 1.18 -63.16
C ILE P 20 -2.57 -0.06 -63.25
N ALA P 21 -3.51 -0.18 -62.31
CA ALA P 21 -4.45 -1.29 -62.31
C ALA P 21 -5.25 -1.36 -63.60
N TYR P 22 -5.55 -0.19 -64.16
CA TYR P 22 -6.28 -0.11 -65.43
C TYR P 22 -5.43 -0.67 -66.57
N GLY P 23 -4.14 -0.34 -66.57
CA GLY P 23 -3.22 -0.84 -67.57
C GLY P 23 -3.12 -2.35 -67.50
N ILE P 24 -3.00 -2.89 -66.29
CA ILE P 24 -2.93 -4.33 -66.09
C ILE P 24 -4.22 -5.02 -66.52
N ALA P 25 -5.36 -4.39 -66.19
CA ALA P 25 -6.67 -4.93 -66.55
C ALA P 25 -6.83 -5.07 -68.07
N LYS P 26 -6.46 -4.01 -68.80
CA LYS P 26 -6.55 -4.01 -70.26
C LYS P 26 -5.72 -5.14 -70.87
N ALA P 27 -4.50 -5.31 -70.37
CA ALA P 27 -3.61 -6.34 -70.87
C ALA P 27 -4.12 -7.74 -70.56
N CYS P 28 -4.69 -7.91 -69.38
CA CYS P 28 -5.22 -9.20 -68.95
C CYS P 28 -6.42 -9.61 -69.77
N LYS P 29 -7.33 -8.65 -69.99
CA LYS P 29 -8.51 -8.90 -70.81
C LYS P 29 -8.09 -9.29 -72.21
N ARG P 30 -7.15 -8.52 -72.77
CA ARG P 30 -6.62 -8.81 -74.11
C ARG P 30 -6.08 -10.23 -74.23
N GLU P 31 -5.46 -10.72 -73.17
CA GLU P 31 -4.89 -12.07 -73.18
C GLU P 31 -5.89 -13.13 -72.74
N GLY P 32 -7.13 -12.73 -72.51
CA GLY P 32 -8.22 -13.69 -72.35
C GLY P 32 -8.68 -14.03 -70.94
N ALA P 33 -8.41 -13.14 -69.99
CA ALA P 33 -8.82 -13.39 -68.60
C ALA P 33 -10.25 -12.91 -68.32
N GLU P 34 -10.86 -13.47 -67.29
CA GLU P 34 -12.11 -12.95 -66.74
C GLU P 34 -11.77 -12.08 -65.55
N LEU P 35 -12.27 -10.85 -65.53
CA LEU P 35 -11.85 -9.90 -64.50
C LEU P 35 -12.94 -9.61 -63.47
N ALA P 36 -12.49 -9.30 -62.26
CA ALA P 36 -13.36 -8.80 -61.20
C ALA P 36 -12.65 -7.62 -60.55
N PHE P 37 -13.41 -6.68 -60.03
CA PHE P 37 -12.81 -5.43 -59.54
C PHE P 37 -13.27 -5.05 -58.15
N THR P 38 -12.43 -4.28 -57.46
CA THR P 38 -12.78 -3.73 -56.17
C THR P 38 -12.75 -2.20 -56.24
N TYR P 39 -13.52 -1.57 -55.37
CA TYR P 39 -13.56 -0.13 -55.28
C TYR P 39 -13.60 0.28 -53.81
N VAL P 40 -13.24 1.51 -53.52
CA VAL P 40 -13.27 2.01 -52.15
C VAL P 40 -14.32 3.11 -52.00
N GLY P 41 -15.20 2.94 -51.03
CA GLY P 41 -16.21 3.95 -50.74
C GLY P 41 -17.48 3.77 -51.55
N ASP P 42 -18.62 3.89 -50.87
CA ASP P 42 -19.94 3.75 -51.46
C ASP P 42 -20.09 4.52 -52.78
N ARG P 43 -19.40 5.65 -52.88
CA ARG P 43 -19.57 6.57 -54.00
C ARG P 43 -19.00 6.05 -55.33
N PHE P 44 -17.76 5.58 -55.31
CA PHE P 44 -17.08 5.16 -56.54
C PHE P 44 -17.67 3.93 -57.21
N LYS P 45 -18.74 3.37 -56.64
CA LYS P 45 -19.33 2.15 -57.19
C LYS P 45 -19.74 2.31 -58.65
N ASP P 46 -20.31 3.47 -59.00
CA ASP P 46 -20.71 3.72 -60.38
C ASP P 46 -19.52 3.73 -61.32
N ARG P 47 -18.51 4.53 -61.00
CA ARG P 47 -17.34 4.68 -61.85
C ARG P 47 -16.65 3.35 -62.11
N ILE P 48 -16.60 2.51 -61.08
CA ILE P 48 -15.92 1.23 -61.21
C ILE P 48 -16.76 0.19 -61.95
N THR P 49 -18.09 0.32 -61.85
CA THR P 49 -18.98 -0.58 -62.56
C THR P 49 -18.91 -0.34 -64.06
N GLU P 50 -18.78 0.93 -64.44
CA GLU P 50 -18.58 1.31 -65.83
C GLU P 50 -17.30 0.69 -66.36
N PHE P 51 -16.22 0.84 -65.60
CA PHE P 51 -14.93 0.26 -65.94
C PHE P 51 -15.03 -1.25 -66.06
N ALA P 52 -15.70 -1.89 -65.09
CA ALA P 52 -15.90 -3.33 -65.11
C ALA P 52 -16.63 -3.76 -66.37
N ALA P 53 -17.73 -3.08 -66.67
CA ALA P 53 -18.50 -3.34 -67.89
C ALA P 53 -17.63 -3.15 -69.12
N GLU P 54 -16.73 -2.18 -69.06
CA GLU P 54 -15.81 -1.89 -70.15
C GLU P 54 -14.88 -3.06 -70.45
N PHE P 55 -14.66 -3.90 -69.43
CA PHE P 55 -13.83 -5.09 -69.59
C PHE P 55 -14.67 -6.36 -69.61
N GLY P 56 -15.98 -6.19 -69.76
CA GLY P 56 -16.88 -7.31 -69.90
C GLY P 56 -17.19 -7.99 -68.58
N SER P 57 -17.14 -7.24 -67.49
CA SER P 57 -17.38 -7.80 -66.16
C SER P 57 -18.53 -7.12 -65.43
N GLU P 58 -19.25 -7.89 -64.62
CA GLU P 58 -20.31 -7.36 -63.78
C GLU P 58 -19.92 -7.51 -62.32
N LEU P 59 -18.70 -7.96 -62.08
CA LEU P 59 -18.25 -8.29 -60.75
C LEU P 59 -17.44 -7.16 -60.11
N VAL P 60 -18.12 -6.35 -59.30
CA VAL P 60 -17.45 -5.31 -58.52
C VAL P 60 -17.82 -5.46 -57.05
N PHE P 61 -16.82 -5.31 -56.19
CA PHE P 61 -17.03 -5.46 -54.76
C PHE P 61 -16.33 -4.35 -54.00
N PRO P 62 -16.99 -3.80 -52.98
CA PRO P 62 -16.35 -2.77 -52.15
C PRO P 62 -15.26 -3.38 -51.28
N CYS P 63 -14.11 -2.72 -51.18
CA CYS P 63 -13.05 -3.23 -50.32
C CYS P 63 -12.07 -2.16 -49.87
N ASP P 64 -12.32 -1.62 -48.69
CA ASP P 64 -11.38 -0.74 -48.00
C ASP P 64 -10.48 -1.64 -47.16
N VAL P 65 -9.23 -1.80 -47.59
CA VAL P 65 -8.31 -2.75 -46.95
C VAL P 65 -7.98 -2.39 -45.51
N ALA P 66 -8.43 -1.23 -45.05
CA ALA P 66 -8.27 -0.82 -43.66
C ALA P 66 -9.22 -1.61 -42.76
N ASP P 67 -10.26 -2.16 -43.37
CA ASP P 67 -11.30 -2.86 -42.63
C ASP P 67 -11.21 -4.37 -42.84
N ASP P 68 -10.90 -5.10 -41.78
CA ASP P 68 -10.87 -6.56 -41.84
C ASP P 68 -12.21 -7.09 -42.35
N ALA P 69 -13.27 -6.38 -41.96
CA ALA P 69 -14.63 -6.73 -42.34
C ALA P 69 -14.81 -6.84 -43.84
N GLN P 70 -14.47 -5.76 -44.52
CA GLN P 70 -14.63 -5.68 -45.96
C GLN P 70 -13.75 -6.69 -46.68
N ILE P 71 -12.59 -6.99 -46.10
CA ILE P 71 -11.67 -7.94 -46.72
C ILE P 71 -12.23 -9.35 -46.71
N ASP P 72 -12.75 -9.78 -45.57
CA ASP P 72 -13.36 -11.09 -45.44
C ASP P 72 -14.61 -11.20 -46.30
N ALA P 73 -15.39 -10.13 -46.33
CA ALA P 73 -16.63 -10.09 -47.10
C ALA P 73 -16.36 -10.13 -48.60
N LEU P 74 -15.23 -9.54 -49.00
CA LEU P 74 -14.83 -9.48 -50.40
C LEU P 74 -14.78 -10.87 -51.04
N PHE P 75 -14.10 -11.79 -50.38
CA PHE P 75 -13.91 -13.13 -50.93
C PHE P 75 -15.08 -14.05 -50.64
N ALA P 76 -15.87 -13.72 -49.62
CA ALA P 76 -17.12 -14.42 -49.38
C ALA P 76 -18.07 -14.13 -50.55
N SER P 77 -18.10 -12.87 -50.97
CA SER P 77 -18.93 -12.44 -52.08
C SER P 77 -18.43 -12.98 -53.43
N LEU P 78 -17.12 -12.90 -53.64
CA LEU P 78 -16.52 -13.40 -54.87
C LEU P 78 -16.76 -14.91 -55.02
N LYS P 79 -16.81 -15.60 -53.88
CA LYS P 79 -17.00 -17.05 -53.88
C LYS P 79 -18.36 -17.47 -54.43
N THR P 80 -19.33 -16.56 -54.40
CA THR P 80 -20.66 -16.87 -54.91
C THR P 80 -20.71 -16.80 -56.44
N HIS P 81 -19.68 -16.21 -57.04
CA HIS P 81 -19.59 -16.11 -58.49
C HIS P 81 -18.48 -17.03 -59.01
N TRP P 82 -17.36 -17.03 -58.29
CA TRP P 82 -16.21 -17.86 -58.63
C TRP P 82 -15.92 -18.81 -57.47
N ASP P 83 -15.66 -20.07 -57.78
CA ASP P 83 -15.25 -21.03 -56.76
C ASP P 83 -13.74 -21.18 -56.78
N SER P 84 -13.09 -20.46 -57.69
CA SER P 84 -11.65 -20.57 -57.91
C SER P 84 -11.06 -19.23 -58.36
N LEU P 85 -10.06 -18.75 -57.62
CA LEU P 85 -9.38 -17.51 -58.00
C LEU P 85 -7.99 -17.82 -58.53
N ASP P 86 -7.69 -17.32 -59.74
CA ASP P 86 -6.44 -17.64 -60.40
C ASP P 86 -5.40 -16.52 -60.27
N GLY P 87 -5.88 -15.30 -60.05
CA GLY P 87 -4.99 -14.16 -60.01
C GLY P 87 -5.48 -13.06 -59.08
N LEU P 88 -4.54 -12.40 -58.42
CA LEU P 88 -4.86 -11.29 -57.54
C LEU P 88 -3.91 -10.14 -57.79
N VAL P 89 -4.44 -8.98 -58.15
CA VAL P 89 -3.60 -7.82 -58.42
C VAL P 89 -3.74 -6.77 -57.32
N HIS P 90 -2.66 -6.60 -56.56
CA HIS P 90 -2.63 -5.63 -55.47
C HIS P 90 -2.02 -4.33 -55.98
N SER P 91 -2.87 -3.36 -56.29
CA SER P 91 -2.43 -2.07 -56.80
C SER P 91 -2.95 -0.99 -55.87
N ILE P 92 -2.50 -1.05 -54.62
CA ILE P 92 -3.02 -0.22 -53.56
C ILE P 92 -1.88 0.45 -52.79
N GLY P 93 -2.08 1.73 -52.47
CA GLY P 93 -1.10 2.48 -51.70
C GLY P 93 -1.71 3.73 -51.10
N PHE P 94 -1.27 4.08 -49.90
CA PHE P 94 -1.69 5.33 -49.28
C PHE P 94 -0.82 5.75 -48.10
N ALA P 95 -0.61 7.05 -47.99
CA ALA P 95 0.02 7.65 -46.83
C ALA P 95 -0.50 9.07 -46.67
N PRO P 96 -0.62 9.54 -45.42
CA PRO P 96 -0.96 10.95 -45.23
C PRO P 96 0.00 11.84 -46.02
N ARG P 97 -0.52 12.88 -46.64
CA ARG P 97 0.23 13.62 -47.65
C ARG P 97 1.49 14.31 -47.11
N GLU P 98 1.47 14.70 -45.84
CA GLU P 98 2.64 15.35 -45.27
C GLU P 98 3.77 14.34 -45.03
N ALA P 99 3.41 13.05 -45.05
CA ALA P 99 4.38 11.99 -44.85
C ALA P 99 5.15 11.70 -46.14
N ILE P 100 4.71 12.32 -47.23
CA ILE P 100 5.40 12.19 -48.51
C ILE P 100 5.67 13.56 -49.11
N ALA P 101 5.91 14.54 -48.23
CA ALA P 101 6.20 15.89 -48.66
C ALA P 101 7.37 16.46 -47.88
N GLY P 102 8.29 17.10 -48.59
CA GLY P 102 9.47 17.69 -47.96
C GLY P 102 10.34 16.68 -47.23
N ASP P 103 10.70 17.01 -46.00
CA ASP P 103 11.68 16.24 -45.24
C ASP P 103 11.06 14.99 -44.59
N PHE P 104 11.82 13.90 -44.59
CA PHE P 104 11.37 12.63 -44.03
C PHE P 104 10.89 12.73 -42.58
N LEU P 105 11.70 13.37 -41.73
CA LEU P 105 11.38 13.48 -40.31
C LEU P 105 10.21 14.43 -40.01
N ASP P 106 10.09 15.50 -40.78
CA ASP P 106 9.00 16.46 -40.59
C ASP P 106 7.65 15.77 -40.71
N GLY P 107 7.54 14.84 -41.66
CA GLY P 107 6.29 14.16 -41.92
C GLY P 107 6.12 12.87 -41.15
N LEU P 108 7.09 12.55 -40.30
CA LEU P 108 7.05 11.31 -39.55
C LEU P 108 6.27 11.47 -38.24
N THR P 109 5.19 10.69 -38.12
CA THR P 109 4.44 10.57 -36.87
C THR P 109 4.05 9.11 -36.75
N ARG P 110 3.86 8.64 -35.52
CA ARG P 110 3.49 7.23 -35.31
C ARG P 110 2.24 6.86 -36.10
N GLU P 111 1.30 7.79 -36.18
CA GLU P 111 0.06 7.55 -36.90
C GLU P 111 0.27 7.48 -38.40
N ASN P 112 1.01 8.44 -38.96
CA ASN P 112 1.35 8.43 -40.38
C ASN P 112 2.08 7.14 -40.76
N PHE P 113 3.00 6.72 -39.89
CA PHE P 113 3.73 5.47 -40.08
C PHE P 113 2.77 4.28 -40.13
N ARG P 114 1.90 4.18 -39.13
CA ARG P 114 0.97 3.06 -39.03
C ARG P 114 0.06 3.00 -40.26
N ILE P 115 -0.52 4.13 -40.63
CA ILE P 115 -1.43 4.20 -41.78
C ILE P 115 -0.74 3.77 -43.07
N ALA P 116 0.43 4.34 -43.34
CA ALA P 116 1.18 4.04 -44.55
C ALA P 116 1.46 2.56 -44.69
N HIS P 117 1.93 1.93 -43.61
CA HIS P 117 2.25 0.51 -43.62
C HIS P 117 0.99 -0.36 -43.59
N ASP P 118 -0.05 0.12 -42.91
CA ASP P 118 -1.31 -0.59 -42.84
C ASP P 118 -1.91 -0.79 -44.24
N ILE P 119 -2.00 0.30 -44.99
CA ILE P 119 -2.67 0.29 -46.29
C ILE P 119 -1.78 -0.16 -47.44
N SER P 120 -0.50 0.18 -47.37
CA SER P 120 0.41 -0.07 -48.49
C SER P 120 1.16 -1.40 -48.37
N ALA P 121 1.35 -1.87 -47.14
CA ALA P 121 2.14 -3.08 -46.91
C ALA P 121 1.30 -4.25 -46.41
N TYR P 122 0.71 -4.08 -45.23
CA TYR P 122 -0.05 -5.17 -44.60
C TYR P 122 -1.16 -5.70 -45.50
N SER P 123 -1.80 -4.80 -46.24
CA SER P 123 -2.99 -5.15 -47.03
C SER P 123 -2.74 -6.26 -48.04
N PHE P 124 -1.51 -6.35 -48.55
CA PHE P 124 -1.19 -7.36 -49.56
C PHE P 124 -1.27 -8.78 -48.99
N PRO P 125 -0.45 -9.10 -47.99
CA PRO P 125 -0.53 -10.44 -47.39
C PRO P 125 -1.86 -10.69 -46.71
N ALA P 126 -2.53 -9.62 -46.28
CA ALA P 126 -3.85 -9.73 -45.68
C ALA P 126 -4.85 -10.27 -46.69
N LEU P 127 -4.89 -9.64 -47.86
CA LEU P 127 -5.74 -10.09 -48.95
C LEU P 127 -5.39 -11.51 -49.36
N ALA P 128 -4.09 -11.81 -49.38
CA ALA P 128 -3.61 -13.15 -49.72
C ALA P 128 -4.18 -14.19 -48.76
N LYS P 129 -4.04 -13.93 -47.46
CA LYS P 129 -4.53 -14.84 -46.44
C LYS P 129 -6.03 -15.08 -46.58
N ALA P 130 -6.77 -14.02 -46.90
CA ALA P 130 -8.21 -14.08 -47.03
C ALA P 130 -8.65 -14.84 -48.28
N ALA P 131 -7.81 -14.81 -49.31
CA ALA P 131 -8.14 -15.43 -50.59
C ALA P 131 -7.70 -16.89 -50.66
N LEU P 132 -6.81 -17.28 -49.77
CA LEU P 132 -6.18 -18.59 -49.77
C LEU P 132 -7.14 -19.76 -50.02
N PRO P 133 -8.25 -19.80 -49.27
CA PRO P 133 -9.21 -20.92 -49.39
C PRO P 133 -9.73 -21.15 -50.81
N MET P 134 -9.89 -20.09 -51.59
CA MET P 134 -10.42 -20.22 -52.95
C MET P 134 -9.36 -19.99 -54.03
N LEU P 135 -8.10 -20.03 -53.64
CA LEU P 135 -7.01 -19.87 -54.60
C LEU P 135 -6.73 -21.18 -55.34
N SER P 136 -6.57 -21.11 -56.65
CA SER P 136 -6.19 -22.28 -57.43
C SER P 136 -4.74 -22.67 -57.12
N ASP P 137 -4.34 -23.85 -57.56
CA ASP P 137 -3.01 -24.36 -57.25
C ASP P 137 -1.91 -23.69 -58.07
N ASP P 138 -2.29 -23.08 -59.18
CA ASP P 138 -1.33 -22.37 -60.02
C ASP P 138 -1.63 -20.87 -60.00
N ALA P 139 -2.25 -20.42 -58.92
CA ALA P 139 -2.59 -19.01 -58.77
C ALA P 139 -1.36 -18.12 -58.76
N SER P 140 -1.55 -16.86 -59.13
CA SER P 140 -0.46 -15.89 -59.17
C SER P 140 -0.90 -14.59 -58.52
N LEU P 141 -0.13 -14.13 -57.54
CA LEU P 141 -0.41 -12.86 -56.85
C LEU P 141 0.60 -11.80 -57.25
N LEU P 142 0.12 -10.59 -57.52
CA LEU P 142 0.97 -9.52 -58.01
C LEU P 142 0.74 -8.22 -57.25
N THR P 143 1.83 -7.55 -56.89
CA THR P 143 1.72 -6.24 -56.24
C THR P 143 2.64 -5.23 -56.92
N LEU P 144 2.44 -3.95 -56.59
CA LEU P 144 3.22 -2.88 -57.20
C LEU P 144 4.10 -2.18 -56.19
N SER P 145 5.40 -2.08 -56.48
CA SER P 145 6.33 -1.40 -55.61
C SER P 145 7.11 -0.35 -56.38
N TYR P 146 8.06 0.31 -55.70
CA TYR P 146 8.80 1.41 -56.31
C TYR P 146 10.24 1.45 -55.83
N LEU P 147 11.11 2.00 -56.67
CA LEU P 147 12.54 2.08 -56.37
C LEU P 147 12.83 2.72 -55.01
N GLY P 148 11.87 3.52 -54.53
CA GLY P 148 12.01 4.19 -53.25
C GLY P 148 12.15 3.24 -52.07
N ALA P 149 11.81 1.97 -52.27
CA ALA P 149 11.95 0.97 -51.23
C ALA P 149 13.42 0.60 -51.03
N GLU P 150 14.19 0.66 -52.11
CA GLU P 150 15.57 0.20 -52.12
C GLU P 150 16.57 1.34 -52.01
N ARG P 151 16.20 2.52 -52.51
CA ARG P 151 17.05 3.69 -52.38
C ARG P 151 16.25 4.93 -51.97
N ALA P 152 16.91 5.86 -51.31
CA ALA P 152 16.26 7.06 -50.80
C ALA P 152 15.92 8.02 -51.93
N ILE P 153 14.63 8.24 -52.15
CA ILE P 153 14.16 9.14 -53.18
C ILE P 153 13.43 10.32 -52.54
N PRO P 154 13.78 11.55 -52.96
CA PRO P 154 13.22 12.78 -52.39
C PRO P 154 11.70 12.76 -52.30
N ASN P 155 11.17 13.07 -51.12
CA ASN P 155 9.73 13.18 -50.89
C ASN P 155 9.00 11.85 -50.70
N TYR P 156 9.59 10.75 -51.17
CA TYR P 156 8.91 9.47 -51.07
C TYR P 156 8.80 9.06 -49.60
N ASN P 157 9.84 9.41 -48.83
CA ASN P 157 9.82 9.31 -47.38
C ASN P 157 9.17 8.05 -46.80
N THR P 158 8.13 8.26 -46.00
CA THR P 158 7.47 7.18 -45.27
C THR P 158 6.98 6.06 -46.20
N MET P 159 6.61 6.42 -47.43
CA MET P 159 6.15 5.45 -48.40
C MET P 159 7.24 4.44 -48.75
N GLY P 160 8.49 4.91 -48.73
CA GLY P 160 9.64 4.04 -49.00
C GLY P 160 9.75 2.90 -48.01
N LEU P 161 9.54 3.20 -46.73
CA LEU P 161 9.58 2.19 -45.68
C LEU P 161 8.52 1.13 -45.92
N ALA P 162 7.31 1.59 -46.22
CA ALA P 162 6.18 0.70 -46.45
C ALA P 162 6.43 -0.23 -47.64
N LYS P 163 6.95 0.33 -48.73
CA LYS P 163 7.27 -0.45 -49.92
C LYS P 163 8.33 -1.50 -49.63
N ALA P 164 9.30 -1.15 -48.78
CA ALA P 164 10.33 -2.08 -48.38
C ALA P 164 9.73 -3.28 -47.67
N ALA P 165 8.78 -3.00 -46.77
CA ALA P 165 8.06 -4.06 -46.07
C ALA P 165 7.22 -4.87 -47.05
N LEU P 166 6.58 -4.17 -47.99
CA LEU P 166 5.78 -4.81 -49.02
C LEU P 166 6.60 -5.82 -49.83
N GLU P 167 7.80 -5.41 -50.25
CA GLU P 167 8.67 -6.30 -51.02
C GLU P 167 9.13 -7.48 -50.19
N ALA P 168 9.32 -7.26 -48.89
CA ALA P 168 9.68 -8.35 -47.97
C ALA P 168 8.54 -9.35 -47.83
N SER P 169 7.31 -8.84 -47.85
CA SER P 169 6.13 -9.69 -47.74
C SER P 169 5.97 -10.55 -48.98
N VAL P 170 6.38 -10.02 -50.12
CA VAL P 170 6.38 -10.77 -51.37
C VAL P 170 7.17 -12.07 -51.19
N ARG P 171 8.33 -11.96 -50.54
CA ARG P 171 9.20 -13.10 -50.32
C ARG P 171 8.61 -14.09 -49.31
N TYR P 172 8.19 -13.60 -48.15
CA TYR P 172 7.61 -14.49 -47.14
C TYR P 172 6.31 -15.11 -47.61
N LEU P 173 5.52 -14.34 -48.38
CA LEU P 173 4.33 -14.90 -49.02
C LEU P 173 4.70 -16.01 -49.98
N ALA P 174 5.73 -15.78 -50.78
CA ALA P 174 6.18 -16.75 -51.78
C ALA P 174 6.52 -18.08 -51.14
N VAL P 175 7.10 -18.03 -49.94
CA VAL P 175 7.46 -19.23 -49.20
C VAL P 175 6.24 -19.94 -48.63
N SER P 176 5.33 -19.16 -48.05
CA SER P 176 4.14 -19.71 -47.40
C SER P 176 3.20 -20.36 -48.41
N LEU P 177 2.97 -19.68 -49.53
CA LEU P 177 2.03 -20.15 -50.54
C LEU P 177 2.70 -21.00 -51.62
N GLY P 178 4.02 -21.09 -51.57
CA GLY P 178 4.77 -21.78 -52.60
C GLY P 178 4.51 -23.27 -52.62
N ALA P 179 4.37 -23.86 -51.44
CA ALA P 179 4.07 -25.29 -51.32
C ALA P 179 2.84 -25.68 -52.12
N LYS P 180 1.77 -24.90 -51.97
CA LYS P 180 0.53 -25.13 -52.69
C LYS P 180 0.73 -24.97 -54.19
N GLY P 181 1.70 -24.15 -54.57
CA GLY P 181 2.01 -23.92 -55.97
C GLY P 181 1.70 -22.50 -56.41
N VAL P 182 1.35 -21.65 -55.45
CA VAL P 182 1.02 -20.26 -55.74
C VAL P 182 2.28 -19.42 -55.88
N ARG P 183 2.29 -18.53 -56.86
CA ARG P 183 3.44 -17.66 -57.07
C ARG P 183 3.12 -16.24 -56.63
N VAL P 184 4.10 -15.57 -56.03
CA VAL P 184 3.92 -14.21 -55.55
C VAL P 184 5.04 -13.32 -56.06
N ASN P 185 4.66 -12.24 -56.73
CA ASN P 185 5.64 -11.33 -57.29
C ASN P 185 5.23 -9.88 -57.18
N ALA P 186 6.19 -9.00 -57.41
CA ALA P 186 5.92 -7.56 -57.46
C ALA P 186 6.54 -6.95 -58.72
N ILE P 187 5.92 -5.90 -59.22
CA ILE P 187 6.55 -5.09 -60.26
C ILE P 187 7.00 -3.77 -59.67
N SER P 188 8.29 -3.49 -59.78
CA SER P 188 8.82 -2.18 -59.40
C SER P 188 8.71 -1.27 -60.61
N ALA P 189 7.63 -0.51 -60.68
CA ALA P 189 7.34 0.30 -61.85
C ALA P 189 8.05 1.65 -61.80
N GLY P 190 8.47 2.14 -62.96
CA GLY P 190 8.99 3.50 -63.07
C GLY P 190 7.87 4.50 -62.86
N PRO P 191 8.21 5.79 -62.80
CA PRO P 191 7.21 6.84 -62.56
C PRO P 191 6.16 6.93 -63.67
N ILE P 192 4.89 7.00 -63.26
CA ILE P 192 3.77 7.12 -64.19
C ILE P 192 2.77 8.14 -63.68
N LYS P 193 2.40 9.08 -64.54
CA LYS P 193 1.49 10.15 -64.14
C LYS P 193 0.10 9.61 -63.83
N THR P 194 -0.12 9.28 -62.56
CA THR P 194 -1.43 8.85 -62.10
C THR P 194 -1.91 9.82 -61.05
N LEU P 195 -3.13 9.65 -60.57
CA LEU P 195 -3.67 10.50 -59.51
C LEU P 195 -2.87 10.45 -58.21
N ALA P 196 -2.58 9.24 -57.72
CA ALA P 196 -1.80 9.10 -56.50
C ALA P 196 -0.47 9.83 -56.67
N ALA P 197 0.07 9.78 -57.87
CA ALA P 197 1.35 10.43 -58.20
C ALA P 197 1.33 11.93 -57.94
N SER P 198 0.14 12.53 -58.01
CA SER P 198 -0.03 13.97 -57.83
C SER P 198 0.33 14.42 -56.42
N GLY P 199 0.24 13.50 -55.46
CA GLY P 199 0.49 13.82 -54.07
C GLY P 199 1.97 13.84 -53.71
N ILE P 200 2.79 13.34 -54.62
CA ILE P 200 4.24 13.35 -54.43
C ILE P 200 4.80 14.68 -54.94
N LYS P 201 5.43 15.43 -54.03
CA LYS P 201 5.93 16.75 -54.36
C LYS P 201 6.96 16.70 -55.49
N SER P 202 6.82 17.63 -56.45
CA SER P 202 7.73 17.72 -57.59
C SER P 202 7.84 16.37 -58.31
N PHE P 203 6.69 15.77 -58.61
CA PHE P 203 6.66 14.50 -59.34
C PHE P 203 7.14 14.71 -60.76
N GLY P 204 6.91 15.91 -61.28
CA GLY P 204 7.33 16.27 -62.63
C GLY P 204 8.84 16.23 -62.79
N LYS P 205 9.55 16.64 -61.75
CA LYS P 205 11.01 16.61 -61.76
C LYS P 205 11.50 15.17 -61.93
N ILE P 206 10.80 14.26 -61.26
CA ILE P 206 11.14 12.84 -61.32
C ILE P 206 10.91 12.26 -62.71
N LEU P 207 9.79 12.62 -63.33
CA LEU P 207 9.48 12.16 -64.69
C LEU P 207 10.54 12.63 -65.68
N ASP P 208 10.89 13.91 -65.61
CA ASP P 208 11.88 14.48 -66.51
C ASP P 208 13.23 13.79 -66.33
N PHE P 209 13.60 13.53 -65.08
CA PHE P 209 14.90 12.95 -64.76
C PHE P 209 15.02 11.53 -65.28
N VAL P 210 13.97 10.73 -65.11
CA VAL P 210 13.95 9.35 -65.57
C VAL P 210 13.99 9.27 -67.09
N GLU P 211 13.20 10.12 -67.74
CA GLU P 211 13.18 10.21 -69.20
C GLU P 211 14.55 10.55 -69.75
N SER P 212 15.28 11.38 -69.00
CA SER P 212 16.60 11.84 -69.43
C SER P 212 17.70 10.82 -69.15
N ASN P 213 17.58 10.08 -68.06
CA ASN P 213 18.69 9.24 -67.59
C ASN P 213 18.49 7.74 -67.73
N SER P 214 17.24 7.28 -67.88
CA SER P 214 17.01 5.85 -68.08
C SER P 214 17.70 5.40 -69.37
N PRO P 215 18.18 4.15 -69.40
CA PRO P 215 18.87 3.61 -70.58
C PRO P 215 18.05 3.75 -71.86
N LEU P 216 16.75 3.54 -71.76
CA LEU P 216 15.86 3.65 -72.91
C LEU P 216 15.44 5.10 -73.20
N LYS P 217 15.88 6.02 -72.35
CA LYS P 217 15.62 7.45 -72.53
C LYS P 217 14.13 7.74 -72.72
N ARG P 218 13.29 7.08 -71.93
CA ARG P 218 11.85 7.25 -72.05
C ARG P 218 11.15 6.73 -70.80
N ASN P 219 10.02 7.34 -70.45
CA ASN P 219 9.22 6.86 -69.33
C ASN P 219 8.41 5.64 -69.73
N VAL P 220 7.91 4.91 -68.74
CA VAL P 220 7.11 3.72 -69.02
C VAL P 220 5.62 4.06 -69.02
N THR P 221 4.82 3.16 -69.57
CA THR P 221 3.38 3.37 -69.66
C THR P 221 2.65 2.28 -68.89
N ILE P 222 1.38 2.52 -68.57
CA ILE P 222 0.59 1.51 -67.89
C ILE P 222 0.36 0.30 -68.79
N GLU P 223 0.63 0.48 -70.08
CA GLU P 223 0.56 -0.63 -71.03
C GLU P 223 1.77 -1.55 -70.86
N GLN P 224 2.95 -0.95 -70.69
CA GLN P 224 4.17 -1.73 -70.48
C GLN P 224 4.17 -2.43 -69.14
N VAL P 225 3.69 -1.75 -68.10
CA VAL P 225 3.53 -2.36 -66.79
C VAL P 225 2.41 -3.40 -66.85
N GLY P 226 1.36 -3.08 -67.59
CA GLY P 226 0.25 -3.99 -67.80
C GLY P 226 0.67 -5.30 -68.42
N ASN P 227 1.45 -5.24 -69.49
CA ASN P 227 1.96 -6.45 -70.15
C ASN P 227 2.83 -7.27 -69.22
N ALA P 228 3.75 -6.61 -68.53
CA ALA P 228 4.61 -7.26 -67.55
C ALA P 228 3.77 -7.97 -66.48
N GLY P 229 2.73 -7.27 -66.00
CA GLY P 229 1.84 -7.84 -65.00
C GLY P 229 1.12 -9.07 -65.51
N ALA P 230 0.61 -9.00 -66.73
CA ALA P 230 -0.08 -10.12 -67.35
C ALA P 230 0.83 -11.35 -67.45
N PHE P 231 2.07 -11.12 -67.85
CA PHE P 231 3.06 -12.21 -67.92
C PHE P 231 3.21 -12.91 -66.58
N LEU P 232 3.47 -12.12 -65.54
CA LEU P 232 3.70 -12.67 -64.20
C LEU P 232 2.47 -13.40 -63.69
N LEU P 233 1.30 -13.00 -64.16
CA LEU P 233 0.06 -13.63 -63.74
C LEU P 233 -0.22 -14.90 -64.53
N SER P 234 0.55 -15.11 -65.60
CA SER P 234 0.29 -16.24 -66.50
C SER P 234 1.21 -17.42 -66.23
N ASP P 235 0.89 -18.55 -66.84
CA ASP P 235 1.68 -19.77 -66.72
C ASP P 235 3.02 -19.62 -67.44
N LEU P 236 3.13 -18.60 -68.28
CA LEU P 236 4.39 -18.30 -68.96
C LEU P 236 5.49 -18.01 -67.93
N ALA P 237 5.07 -17.59 -66.74
CA ALA P 237 6.00 -17.23 -65.68
C ALA P 237 5.93 -18.20 -64.49
N SER P 238 5.61 -19.46 -64.78
CA SER P 238 5.45 -20.46 -63.73
C SER P 238 6.75 -20.77 -62.99
N GLY P 239 7.87 -20.36 -63.57
CA GLY P 239 9.17 -20.55 -62.93
C GLY P 239 9.58 -19.35 -62.11
N VAL P 240 8.74 -18.32 -62.09
CA VAL P 240 9.07 -17.06 -61.44
C VAL P 240 8.20 -16.81 -60.20
N THR P 241 8.86 -16.64 -59.06
CA THR P 241 8.17 -16.29 -57.82
C THR P 241 9.15 -15.58 -56.89
N ALA P 242 8.60 -14.81 -55.95
CA ALA P 242 9.41 -14.04 -55.01
C ALA P 242 10.32 -13.04 -55.73
N GLU P 243 9.87 -12.59 -56.89
CA GLU P 243 10.66 -11.68 -57.72
C GLU P 243 10.13 -10.25 -57.68
N VAL P 244 11.04 -9.29 -57.56
CA VAL P 244 10.69 -7.90 -57.77
C VAL P 244 11.22 -7.46 -59.13
N MET P 245 10.32 -7.41 -60.11
CA MET P 245 10.70 -7.14 -61.49
C MET P 245 10.60 -5.65 -61.80
N HIS P 246 11.72 -5.07 -62.22
CA HIS P 246 11.75 -3.66 -62.58
C HIS P 246 11.19 -3.41 -63.98
N VAL P 247 10.13 -2.61 -64.05
CA VAL P 247 9.63 -2.10 -65.32
C VAL P 247 9.72 -0.58 -65.28
N ASP P 248 10.88 -0.07 -65.66
CA ASP P 248 11.20 1.34 -65.45
C ASP P 248 12.18 1.83 -66.51
N SER P 249 12.17 1.17 -67.67
CA SER P 249 13.08 1.48 -68.74
C SER P 249 14.54 1.32 -68.31
N GLY P 250 14.75 0.59 -67.22
CA GLY P 250 16.11 0.30 -66.76
C GLY P 250 16.73 1.37 -65.88
N PHE P 251 15.96 2.36 -65.46
CA PHE P 251 16.46 3.50 -64.71
C PHE P 251 17.28 3.21 -63.44
N ASN P 252 16.82 2.28 -62.61
CA ASN P 252 17.53 1.93 -61.38
C ASN P 252 18.92 1.41 -61.57
N ALA P 253 19.15 0.85 -62.75
CA ALA P 253 20.39 0.12 -62.96
C ALA P 253 21.50 1.07 -63.36
N VAL P 254 21.14 2.36 -63.41
CA VAL P 254 22.09 3.40 -63.75
C VAL P 254 22.23 4.38 -62.59
N VAL P 255 23.25 5.23 -62.69
CA VAL P 255 23.37 6.39 -61.84
C VAL P 255 23.13 7.64 -62.67
N GLY P 256 22.02 8.34 -62.39
CA GLY P 256 21.66 9.51 -63.16
C GLY P 256 22.41 10.76 -62.74
C1 TCL Q . -11.51 24.27 1.30
C2 TCL Q . -12.81 24.23 1.82
C6 TCL Q . -11.29 23.91 -0.03
C5 TCL Q . -12.36 23.51 -0.81
C4 TCL Q . -13.65 23.49 -0.30
C3 TCL Q . -13.87 23.85 1.02
C11 TCL Q . -11.00 19.35 -3.09
C10 TCL Q . -10.94 20.35 -4.03
C9 TCL Q . -11.33 21.62 -3.70
C8 TCL Q . -11.79 21.93 -2.43
C12 TCL Q . -11.46 19.64 -1.81
C13 TCL Q . -11.85 20.92 -1.47
O7 TCL Q . -12.15 23.23 -2.15
CL14 TCL Q . -13.11 24.67 3.45
CL15 TCL Q . -10.51 17.75 -3.51
CL16 TCL Q . -11.26 22.85 -4.93
O17 TCL Q . -10.02 23.92 -0.55
PA NAD R . -15.33 24.75 -7.78
O1A NAD R . -16.52 25.42 -8.34
O2A NAD R . -15.46 23.23 -7.55
O5B NAD R . -14.04 24.83 -8.75
C5B NAD R . -12.85 24.02 -8.65
C4B NAD R . -12.32 24.01 -10.06
O4B NAD R . -11.13 23.17 -10.17
C3B NAD R . -13.31 23.49 -11.10
O3B NAD R . -13.67 24.52 -12.01
C2B NAD R . -12.54 22.36 -11.81
O2B NAD R . -12.79 22.32 -13.20
C1B NAD R . -11.11 22.77 -11.52
N9A NAD R . -10.11 21.71 -11.73
C8A NAD R . -10.00 20.51 -11.09
N7A NAD R . -9.10 19.71 -11.62
C5A NAD R . -8.60 20.45 -12.68
C6A NAD R . -7.63 20.17 -13.68
N6A NAD R . -7.03 18.98 -13.80
N1A NAD R . -7.36 21.13 -14.57
C2A NAD R . -8.00 22.29 -14.50
N3A NAD R . -8.94 22.67 -13.63
C4A NAD R . -9.19 21.70 -12.74
O3 NAD R . -14.73 25.25 -6.45
PN NAD R . -14.09 26.25 -5.38
O1N NAD R . -14.39 25.76 -4.02
O2N NAD R . -14.51 27.63 -5.75
O5D NAD R . -12.54 26.05 -5.63
C5D NAD R . -11.71 27.12 -6.14
C4D NAD R . -10.42 27.20 -5.34
O4D NAD R . -10.71 27.73 -4.02
C3D NAD R . -9.72 25.87 -5.08
O3D NAD R . -8.31 25.99 -5.17
C2D NAD R . -10.16 25.55 -3.65
O2D NAD R . -9.19 24.79 -2.93
C1D NAD R . -10.09 26.97 -3.06
N1N NAD R . -10.88 27.13 -1.76
C2N NAD R . -12.22 26.79 -1.73
C3N NAD R . -12.95 26.98 -0.56
C7N NAD R . -14.41 26.62 -0.51
O7N NAD R . -15.04 26.73 0.56
N7N NAD R . -15.00 26.18 -1.63
C4N NAD R . -12.30 27.50 0.55
C5N NAD R . -10.95 27.80 0.49
C6N NAD R . -10.26 27.62 -0.67
HOA2 NAD R . -15.15 22.60 -8.24
H51A NAD R . -13.11 23.01 -8.37
H52A NAD R . -12.18 24.46 -7.91
H4B NAD R . -11.99 25.01 -10.31
H3B NAD R . -14.22 23.12 -10.64
HO3A NAD R . -14.19 24.11 -12.76
H2B NAD R . -12.80 21.34 -11.49
HO2A NAD R . -12.68 23.22 -13.60
H1B NAD R . -10.78 23.61 -12.10
H8A NAD R . -10.59 20.23 -10.22
H61A NAD R . -7.25 18.22 -13.16
H62A NAD R . -6.35 18.81 -14.52
H2A NAD R . -7.72 23.03 -15.24
H51N NAD R . -11.50 26.89 -7.19
H52N NAD R . -12.20 28.09 -6.10
H4D NAD R . -9.77 27.95 -5.76
H3D NAD R . -9.95 25.09 -5.81
HO3N NAD R . -8.10 26.82 -5.68
H2D NAD R . -11.15 25.12 -3.59
HO2N NAD R . -8.81 24.12 -3.55
H1D NAD R . -9.08 27.35 -2.88
H2N NAD R . -12.69 26.39 -2.62
H71N NAD R . -14.46 26.10 -2.49
H72N NAD R . -15.97 25.92 -1.67
H4N NAD R . -12.86 27.65 1.48
H5N NAD R . -10.46 28.21 1.37
H6N NAD R . -9.19 27.86 -0.72
C1 TCL S . 18.82 23.42 3.26
C2 TCL S . 20.12 23.91 3.28
C6 TCL S . 18.57 22.14 2.81
C5 TCL S . 19.62 21.33 2.35
C4 TCL S . 20.91 21.83 2.37
C3 TCL S . 21.16 23.11 2.84
C11 TCL S . 18.92 19.24 -2.12
C10 TCL S . 18.67 18.26 -1.18
C9 TCL S . 18.83 18.55 0.16
C8 TCL S . 19.23 19.81 0.59
C12 TCL S . 19.32 20.50 -1.71
C13 TCL S . 19.48 20.80 -0.35
O7 TCL S . 19.37 20.04 1.94
CL14 TCL S . 20.40 25.51 3.86
CL15 TCL S . 18.73 18.88 -3.79
CL16 TCL S . 18.52 17.28 1.28
O17 TCL S . 17.28 21.67 2.80
PA NAD T . 23.16 14.93 3.48
O1A NAD T . 24.44 14.52 4.11
O2A NAD T . 23.25 15.33 2.00
O5B NAD T . 22.10 13.75 3.42
C5B NAD T . 20.84 13.85 2.72
C4B NAD T . 20.36 12.44 2.63
O4B NAD T . 19.20 12.33 1.75
C3B NAD T . 21.40 11.46 2.09
O3B NAD T . 21.72 10.48 3.07
C2B NAD T . 20.73 10.84 0.86
O2B NAD T . 21.03 9.46 0.69
C1B NAD T . 19.27 11.03 1.21
N9A NAD T . 18.35 10.90 0.09
C8A NAD T . 18.25 11.69 -1.03
N7A NAD T . 17.42 11.23 -1.93
C5A NAD T . 16.93 10.06 -1.37
C6A NAD T . 16.04 9.07 -1.84
N6A NAD T . 15.47 9.10 -3.04
N1A NAD T . 15.77 8.03 -1.02
C2A NAD T . 16.37 7.98 0.17
N3A NAD T . 17.25 8.83 0.71
C4A NAD T . 17.49 9.85 -0.12
O3 NAD T . 22.31 16.07 4.10
PN NAD T . 21.47 16.86 5.19
O1N NAD T . 21.84 18.29 5.12
O2N NAD T . 21.65 16.15 6.48
O5D NAD T . 19.96 16.69 4.69
C5D NAD T . 18.96 16.05 5.52
C4D NAD T . 17.69 16.87 5.57
O4D NAD T . 17.93 18.12 6.25
C3D NAD T . 17.13 17.26 4.21
O3D NAD T . 15.70 17.25 4.18
C2D NAD T . 17.65 18.68 4.04
O2D NAD T . 16.82 19.50 3.23
C1D NAD T . 17.42 19.16 5.50
N1N NAD T . 18.19 20.44 5.92
C2N NAD T . 19.55 20.58 5.66
C3N NAD T . 20.22 21.72 6.06
C7N NAD T . 21.69 21.87 5.81
O7N NAD T . 22.22 23.00 5.92
N7N NAD T . 22.39 20.79 5.50
C4N NAD T . 19.50 22.72 6.70
C5N NAD T . 18.15 22.57 6.95
C6N NAD T . 17.51 21.42 6.55
HOA2 NAD T . 23.04 14.65 1.30
H51A NAD T . 21.01 14.23 1.71
H52A NAD T . 20.17 14.53 3.25
H4B NAD T . 20.01 12.13 3.61
H3B NAD T . 22.33 11.96 1.83
HO3A NAD T . 20.98 9.82 3.10
H2B NAD T . 21.02 11.27 -0.10
HO2A NAD T . 20.33 9.02 0.14
H1B NAD T . 18.91 10.33 1.97
H8A NAD T . 18.80 12.63 -1.16
H61A NAD T . 15.68 9.85 -3.69
H62A NAD T . 14.83 8.38 -3.35
H2A NAD T . 16.11 7.11 0.78
H51N NAD T . 18.78 15.07 5.10
H52N NAD T . 19.31 15.90 6.54
H4D NAD T . 16.95 16.39 6.22
H3D NAD T . 17.39 16.58 3.40
HO3N NAD T . 15.38 16.49 4.75
H2D NAD T . 18.70 18.71 3.75
HO2N NAD T . 17.38 19.87 2.50
H1D NAD T . 16.38 19.32 5.78
H2N NAD T . 20.07 19.77 5.15
H71N NAD T . 21.93 19.88 5.42
H72N NAD T . 23.39 20.80 5.31
H4N NAD T . 20.02 23.63 7.03
H5N NAD T . 17.60 23.36 7.46
H6N NAD T . 16.44 21.30 6.74
C1 TCL U . 8.12 52.04 11.89
C2 TCL U . 8.92 52.59 10.89
C6 TCL U . 7.39 52.88 12.72
C5 TCL U . 7.48 54.26 12.58
C4 TCL U . 8.28 54.80 11.58
C3 TCL U . 9.00 53.97 10.75
C11 TCL U . 8.33 56.23 17.01
C10 TCL U . 7.04 56.59 16.67
C9 TCL U . 6.52 56.20 15.44
C8 TCL U . 7.28 55.45 14.56
C12 TCL U . 9.10 55.48 16.14
C13 TCL U . 8.58 55.09 14.91
O7 TCL U . 6.72 55.09 13.36
CL14 TCL U . 9.84 51.57 9.85
CL15 TCL U . 8.98 56.72 18.53
CL16 TCL U . 4.91 56.66 15.03
O17 TCL U . 6.59 52.34 13.71
PA NAD V . 4.08 60.61 11.23
O1A NAD V . 3.92 61.66 10.19
O2A NAD V . 5.42 60.63 11.94
O5B NAD V . 3.03 60.75 12.45
C5B NAD V . 3.17 60.20 13.77
C4B NAD V . 1.85 60.52 14.41
O4B NAD V . 1.85 60.22 15.82
C3B NAD V . 1.45 61.99 14.32
O3B NAD V . 0.63 62.18 13.18
C2B NAD V . 0.68 62.25 15.63
O2B NAD V . -0.67 62.66 15.38
C1B NAD V . 0.71 60.89 16.32
N9A NAD V . 0.78 60.96 17.78
C8A NAD V . 1.89 60.90 18.57
N7A NAD V . 1.63 60.96 19.85
C5A NAD V . 0.25 61.06 19.91
C6A NAD V . -0.66 61.15 20.98
N6A NAD V . -0.30 61.16 22.27
N1A NAD V . -1.97 61.23 20.68
C2A NAD V . -2.35 61.22 19.40
N3A NAD V . -1.58 61.13 18.31
C4A NAD V . -0.29 61.06 18.64
O3 NAD V . 4.06 59.11 10.85
PN NAD V . 3.68 57.73 10.15
O1N NAD V . 4.90 57.14 9.56
O2N NAD V . 2.49 57.93 9.29
O5D NAD V . 3.29 56.84 11.42
C5D NAD V . 1.92 56.52 11.72
C4D NAD V . 1.85 55.06 12.10
O4D NAD V . 2.51 54.26 11.09
C3D NAD V . 2.53 54.69 13.41
O3D NAD V . 1.73 53.79 14.16
C2D NAD V . 3.83 54.06 12.92
O2D NAD V . 4.30 53.06 13.82
C1D NAD V . 3.28 53.30 11.69
N1N NAD V . 4.34 52.80 10.70
C2N NAD V . 5.18 53.66 9.98
C3N NAD V . 6.09 53.15 9.08
C7N NAD V . 7.02 54.05 8.31
O7N NAD V . 7.98 53.55 7.68
N7N NAD V . 6.80 55.36 8.32
C4N NAD V . 6.16 51.77 8.89
C5N NAD V . 5.33 50.94 9.62
C6N NAD V . 4.43 51.47 10.52
HOA2 NAD V . 6.11 59.97 11.68
H51A NAD V . 3.95 60.74 14.32
H52A NAD V . 3.41 59.14 13.72
H4B NAD V . 1.08 59.88 13.97
H3B NAD V . 2.33 62.65 14.22
HO3A NAD V . -0.27 61.83 13.40
H2B NAD V . 1.07 63.07 16.23
HO2A NAD V . -0.68 63.38 14.70
H1B NAD V . -0.16 60.27 16.10
H8A NAD V . 2.91 60.82 18.18
H61A NAD V . 0.69 61.09 22.52
H62A NAD V . -0.98 61.22 23.02
H2A NAD V . -3.42 61.29 19.24
H51N NAD V . 1.62 57.17 12.55
H52N NAD V . 1.24 56.71 10.89
H4D NAD V . 0.82 54.71 12.04
H3D NAD V . 2.66 55.54 14.10
HO3N NAD V . 1.28 54.29 14.89
H2D NAD V . 4.58 54.79 12.66
HO2N NAD V . 3.55 52.41 13.96
H1D NAD V . 2.65 52.44 11.94
H2N NAD V . 5.09 54.74 10.15
H71N NAD V . 6.01 55.73 8.85
H72N NAD V . 7.38 56.03 7.84
H4N NAD V . 6.86 51.36 8.17
H5N NAD V . 5.39 49.86 9.47
H6N NAD V . 3.79 50.81 11.09
C1 TCL W . -3.00 31.00 30.61
C2 TCL W . -3.81 30.02 31.17
C6 TCL W . -2.34 31.88 31.46
C5 TCL W . -2.49 31.79 32.83
C4 TCL W . -3.30 30.79 33.38
C3 TCL W . -3.97 29.91 32.53
C11 TCL W . -3.76 35.84 35.36
C10 TCL W . -2.48 35.49 35.78
C9 TCL W . -1.85 34.42 35.20
C8 TCL W . -2.47 33.67 34.21
C12 TCL W . -4.39 35.11 34.38
C13 TCL W . -3.76 34.02 33.79
O7 TCL W . -1.78 32.62 33.66
CL14 TCL W . -4.65 28.92 30.12
CL15 TCL W . -4.56 37.19 36.09
CL16 TCL W . -0.25 33.99 35.72
O17 TCL W . -1.54 32.85 30.91
PA NAD X . 0.81 30.44 39.36
O1A NAD X . 0.99 29.35 40.35
O2A NAD X . -0.42 31.33 39.58
O5B NAD X . 1.99 31.52 39.37
C5B NAD X . 1.89 32.86 38.82
C4B NAD X . 2.95 33.63 39.55
O4B NAD X . 2.87 35.03 39.24
C3B NAD X . 2.80 33.59 41.07
O3B NAD X . 3.50 32.47 41.61
C2B NAD X . 3.43 34.91 41.53
O2B NAD X . 4.66 34.72 42.22
C1B NAD X . 3.66 35.67 40.21
N9A NAD X . 3.32 37.08 40.28
C8A NAD X . 2.07 37.65 40.30
N7A NAD X . 2.07 38.95 40.49
C5A NAD X . 3.43 39.25 40.62
C6A NAD X . 4.11 40.47 40.86
N6A NAD X . 3.50 41.63 41.09
N1A NAD X . 5.46 40.41 40.91
C2A NAD X . 6.07 39.24 40.74
N3A NAD X . 5.54 38.04 40.51
C4A NAD X . 4.20 38.12 40.46
O3 NAD X . 0.70 30.11 37.85
PN NAD X . 1.02 29.44 36.44
O1N NAD X . -0.24 28.86 35.91
O2N NAD X . 2.19 28.56 36.60
O5D NAD X . 1.43 30.71 35.55
C5D NAD X . 2.81 31.13 35.45
C4D NAD X . 3.11 31.74 34.11
O4D NAD X . 2.73 30.81 33.06
C3D NAD X . 2.37 33.03 33.78
O3D NAD X . 3.14 33.91 32.97
C2D NAD X . 1.16 32.51 33.01
O2D NAD X . 0.67 33.46 32.08
C1D NAD X . 1.86 31.42 32.17
N1N NAD X . 0.93 30.30 31.66
C2N NAD X . 0.08 29.62 32.51
C3N NAD X . -0.70 28.58 32.02
C7N NAD X . -1.60 27.79 32.93
O7N NAD X . -2.57 27.18 32.44
N7N NAD X . -1.32 27.76 34.23
C4N NAD X . -0.61 28.26 30.67
C5N NAD X . 0.23 28.96 29.84
C6N NAD X . 1.01 29.99 30.35
HOA2 NAD X . -0.36 32.08 40.22
H51A NAD X . 0.91 33.28 39.07
H52A NAD X . 2.02 32.82 37.74
H4B NAD X . 3.93 33.29 39.23
H3B NAD X . 1.77 33.50 41.38
HO3A NAD X . 4.32 32.33 41.06
H2B NAD X . 2.84 35.47 42.25
HO2A NAD X . 5.33 35.40 41.92
H1B NAD X . 4.70 35.64 39.87
H8A NAD X . 1.15 37.08 40.16
H61A NAD X . 2.48 41.69 41.08
H62A NAD X . 4.03 42.47 41.26
H2A NAD X . 7.17 39.29 40.78
H51N NAD X . 2.97 31.86 36.26
H52N NAD X . 3.51 30.32 35.63
H4D NAD X . 4.18 31.83 33.97
H3D NAD X . 2.12 33.64 34.65
HO3N NAD X . 4.11 33.71 33.12
H2D NAD X . 0.39 32.10 33.66
HO2N NAD X . -0.32 33.33 32.02
H1D NAD X . 2.42 31.78 31.32
H2N NAD X . 0.03 29.91 33.56
H71N NAD X . -0.51 28.27 34.58
H72N NAD X . -1.88 27.25 34.90
H4N NAD X . -1.23 27.46 30.27
H5N NAD X . 0.29 28.71 28.78
H6N NAD X . 1.69 30.53 29.69
C1 TCL Y . -35.19 -31.77 -6.53
C2 TCL Y . -36.46 -32.27 -6.69
C6 TCL Y . -34.14 -32.63 -6.26
C5 TCL Y . -34.36 -33.99 -6.13
C4 TCL Y . -35.64 -34.50 -6.32
C3 TCL Y . -36.70 -33.64 -6.59
C11 TCL Y . -32.30 -35.32 -1.91
C10 TCL Y . -31.47 -35.82 -2.90
C9 TCL Y . -31.81 -35.66 -4.23
C8 TCL Y . -32.98 -35.00 -4.59
C12 TCL Y . -33.48 -34.68 -2.26
C13 TCL Y . -33.82 -34.51 -3.60
O7 TCL Y . -33.31 -34.86 -5.92
CL14 TCL Y . -37.78 -31.22 -7.07
CL15 TCL Y . -31.87 -35.54 -0.25
CL16 TCL Y . -30.75 -36.29 -5.44
O17 TCL Y . -32.88 -32.12 -6.08
PA NAD Z . -32.47 -40.65 -8.05
O1A NAD Z . -32.92 -41.83 -8.81
O2A NAD Z . -32.87 -40.66 -6.57
O5B NAD Z . -30.88 -40.54 -7.98
C5B NAD Z . -30.11 -39.92 -6.93
C4B NAD Z . -28.74 -40.47 -7.18
O4B NAD Z . -27.79 -39.92 -6.23
C3B NAD Z . -28.67 -41.99 -7.03
O3B NAD Z . -28.18 -42.59 -8.22
C2B NAD Z . -27.71 -42.20 -5.85
O2B NAD Z . -26.92 -43.37 -5.98
C1B NAD Z . -26.86 -40.95 -5.97
N9A NAD Z . -26.10 -40.63 -4.76
C8A NAD Z . -26.57 -40.23 -3.54
N7A NAD Z . -25.64 -40.11 -2.62
C5A NAD Z . -24.47 -40.46 -3.29
C6A NAD Z . -23.13 -40.56 -2.87
N6A NAD Z . -22.73 -40.34 -1.62
N1A NAD Z . -22.21 -40.92 -3.79
C2A NAD Z . -22.61 -41.18 -5.04
N3A NAD Z . -23.85 -41.13 -5.54
C4A NAD Z . -24.74 -40.77 -4.61
O3 NAD Z . -32.85 -39.23 -8.52
PN NAD Z . -33.04 -38.00 -9.53
O1N NAD Z . -33.73 -36.90 -8.83
O2N NAD Z . -33.60 -38.52 -10.80
O5D NAD Z . -31.52 -37.57 -9.82
C5D NAD Z . -30.75 -36.91 -8.81
C4D NAD Z . -30.17 -35.62 -9.34
O4D NAD Z . -31.21 -34.84 -9.96
C3D NAD Z . -29.61 -34.72 -8.26
O3D NAD Z . -28.60 -33.86 -8.77
C2D NAD Z . -30.85 -33.93 -7.86
O2D NAD Z . -30.58 -32.69 -7.22
C1D NAD Z . -31.29 -33.61 -9.33
N1N NAD Z . -32.70 -33.05 -9.53
C2N NAD Z . -33.85 -33.83 -9.37
C3N NAD Z . -35.09 -33.30 -9.69
C7N NAD Z . -36.36 -34.12 -9.61
O7N NAD Z . -37.46 -33.56 -9.70
N7N NAD Z . -36.23 -35.44 -9.42
C4N NAD Z . -35.17 -31.99 -10.13
C5N NAD Z . -34.01 -31.24 -10.26
C6N NAD Z . -32.79 -31.78 -9.96
HOA2 NAD Z . -32.46 -41.32 -5.96
H51A NAD Z . -30.45 -40.26 -5.96
H52A NAD Z . -30.19 -38.83 -6.99
H4B NAD Z . -28.41 -40.15 -8.16
H3B NAD Z . -29.64 -42.42 -6.83
HO3A NAD Z . -27.21 -42.37 -8.31
H2B NAD Z . -28.18 -42.34 -4.89
HO2A NAD Z . -27.09 -43.80 -6.87
H1B NAD Z . -26.14 -40.98 -6.78
H8A NAD Z . -27.61 -40.02 -3.34
H61A NAD Z . -23.39 -40.09 -0.90
H62A NAD Z . -21.74 -40.43 -1.35
H2A NAD Z . -21.81 -41.47 -5.72
H51N NAD Z . -31.42 -36.73 -7.98
H52N NAD Z . -29.93 -37.53 -8.43
H4D NAD Z . -29.47 -35.81 -10.16
H3D NAD Z . -29.11 -35.24 -7.44
HO3N NAD Z . -27.80 -34.40 -9.01
H2D NAD Z . -31.58 -34.54 -7.33
HO2N NAD Z . -31.30 -32.53 -6.57
H1D NAD Z . -30.63 -32.91 -9.84
H2N NAD Z . -33.76 -34.85 -9.00
H71N NAD Z . -35.32 -35.87 -9.34
H72N NAD Z . -37.04 -36.06 -9.35
H4N NAD Z . -36.13 -31.56 -10.38
H5N NAD Z . -34.08 -30.20 -10.61
H6N NAD Z . -31.89 -31.18 -10.06
C1 TCL AA . -14.97 -10.08 -1.54
C2 TCL AA . -13.93 -9.24 -1.88
C6 TCL AA . -14.96 -10.75 -0.33
C5 TCL AA . -13.89 -10.60 0.55
C4 TCL AA . -12.85 -9.73 0.21
C3 TCL AA . -12.87 -9.06 -1.01
C11 TCL AA . -11.42 -14.45 2.44
C10 TCL AA . -12.15 -13.91 3.49
C9 TCL AA . -12.99 -12.83 3.25
C8 TCL AA . -13.08 -12.28 1.97
C12 TCL AA . -11.51 -13.92 1.17
C13 TCL AA . -12.35 -12.84 0.93
O7 TCL AA . -13.92 -11.21 1.79
CL14 TCL AA . -13.96 -8.41 -3.39
CL15 TCL AA . -10.39 -15.81 2.76
CL16 TCL AA . -13.88 -12.16 4.57
O17 TCL AA . -16.00 -11.60 -0.03
PA NAD BA . -12.32 -8.33 7.64
O1A NAD BA . -12.28 -7.47 8.85
O2A NAD BA . -10.97 -8.73 7.01
O5B NAD BA . -13.04 -9.74 7.90
C5B NAD BA . -12.43 -10.95 8.39
C4B NAD BA . -13.30 -11.41 9.53
O4B NAD BA . -13.48 -12.83 9.48
C3B NAD BA . -12.75 -11.07 10.92
O3B NAD BA . -13.55 -10.07 11.51
C2B NAD BA . -12.89 -12.40 11.69
O2B NAD BA . -13.49 -12.22 12.98
C1B NAD BA . -13.79 -13.23 10.79
N9A NAD BA . -13.58 -14.67 10.89
C8A NAD BA . -12.73 -15.44 10.14
N7A NAD BA . -12.69 -16.70 10.50
C5A NAD BA . -13.57 -16.76 11.56
C6A NAD BA . -13.98 -17.83 12.40
N6A NAD BA . -13.50 -19.07 12.31
N1A NAD BA . -14.90 -17.56 13.36
C2A NAD BA . -15.35 -16.30 13.49
N3A NAD BA . -15.03 -15.22 12.76
C4A NAD BA . -14.13 -15.53 11.82
O3 NAD BA . -13.15 -7.90 6.41
PN NAD BA . -14.43 -7.57 5.51
O1N NAD BA . -13.98 -7.34 4.12
O2N NAD BA . -15.19 -6.51 6.21
O5D NAD BA . -15.23 -8.95 5.53
C5D NAD BA . -16.58 -9.00 6.07
C4D NAD BA . -17.53 -9.67 5.10
O4D NAD BA . -17.59 -8.89 3.88
C3D NAD BA . -17.15 -11.07 4.65
O3D NAD BA . -18.28 -11.92 4.58
C2D NAD BA . -16.56 -10.82 3.26
O2D NAD BA . -16.74 -11.95 2.41
C1D NAD BA . -17.56 -9.73 2.79
N1N NAD BA . -17.19 -8.85 1.56
C2N NAD BA . -16.05 -8.05 1.53
C3N NAD BA . -15.85 -7.18 0.46
C7N NAD BA . -14.70 -6.21 0.41
O7N NAD BA . -14.89 -5.06 -0.02
N7N NAD BA . -13.51 -6.62 0.82
C4N NAD BA . -16.80 -7.15 -0.55
C5N NAD BA . -17.90 -7.98 -0.51
C6N NAD BA . -18.08 -8.83 0.55
HOA2 NAD BA . -10.68 -9.68 7.06
H51A NAD BA . -11.43 -10.73 8.77
H52A NAD BA . -12.35 -11.68 7.57
H4B NAD BA . -14.28 -10.96 9.38
H3B NAD BA . -11.72 -10.72 10.88
HO3A NAD BA . -14.48 -10.19 11.22
H2B NAD BA . -11.95 -12.89 11.94
HO2A NAD BA . -14.12 -11.45 12.95
H1B NAD BA . -14.86 -13.08 10.96
H8A NAD BA . -12.15 -15.05 9.30
H61A NAD BA . -12.79 -19.30 11.62
H62A NAD BA . -13.81 -19.81 12.94
H2A NAD BA . -16.07 -16.16 14.28
H51N NAD BA . -16.52 -9.55 7.00
H52N NAD BA . -16.97 -8.02 6.31
H4D NAD BA . -18.55 -9.60 5.47
H3D NAD BA . -16.48 -11.60 5.33
HO3N NAD BA . -18.95 -11.62 5.26
H2D NAD BA . -15.54 -10.46 3.29
HO2N NAD BA . -16.48 -11.67 1.50
H1D NAD BA . -18.56 -10.10 2.59
H2N NAD BA . -15.32 -8.11 2.34
H71N NAD BA . -13.39 -7.58 1.17
H72N NAD BA . -12.69 -6.03 0.82
H4N NAD BA . -16.66 -6.47 -1.40
H5N NAD BA . -18.63 -7.96 -1.33
H6N NAD BA . -18.96 -9.48 0.59
C1 TCL CA . -48.69 -3.34 -10.43
C2 TCL CA . -49.70 -3.69 -9.55
C6 TCL CA . -48.74 -2.13 -11.11
C5 TCL CA . -49.80 -1.26 -10.89
C4 TCL CA . -50.80 -1.60 -9.99
C3 TCL CA . -50.75 -2.82 -9.32
C11 TCL CA . -52.01 0.17 -15.05
C10 TCL CA . -51.23 1.25 -14.64
C9 TCL CA . -50.51 1.17 -13.46
C8 TCL CA . -50.55 0.01 -12.69
C12 TCL CA . -52.05 -0.98 -14.29
C13 TCL CA . -51.32 -1.07 -13.10
O7 TCL CA . -49.82 -0.03 -11.52
CL14 TCL CA . -49.62 -5.21 -8.73
CL15 TCL CA . -52.90 0.27 -16.52
CL16 TCL CA . -49.56 2.52 -12.97
O17 TCL CA . -47.74 -1.81 -11.99
PA NAD DA . -51.85 5.45 -8.75
O1A NAD DA . -52.48 6.13 -7.58
O2A NAD DA . -52.82 5.01 -9.85
O5B NAD DA . -50.86 6.42 -9.57
C5B NAD DA . -50.40 6.19 -10.92
C4B NAD DA . -50.14 7.56 -11.48
O4B NAD DA . -49.77 7.49 -12.88
C3B NAD DA . -51.32 8.52 -11.39
O3B NAD DA . -51.02 9.60 -10.53
C2B NAD DA . -51.52 8.99 -12.83
O2B NAD DA . -51.86 10.37 -12.93
C1B NAD DA . -50.15 8.74 -13.42
N9A NAD DA . -50.11 8.71 -14.87
C8A NAD DA . -50.78 7.88 -15.73
N7A NAD DA . -50.70 8.23 -16.99
C5A NAD DA . -49.89 9.36 -16.96
C6A NAD DA . -49.45 10.24 -17.97
N6A NAD DA . -49.83 10.14 -19.26
N1A NAD DA . -48.66 11.27 -17.61
C2A NAD DA . -48.35 11.41 -16.32
N3A NAD DA . -48.72 10.67 -15.27
C4A NAD DA . -49.50 9.65 -15.67
O3 NAD DA . -50.93 4.23 -8.53
PN NAD DA . -49.65 3.45 -7.98
O1N NAD DA . -49.99 2.03 -7.80
O2N NAD DA . -49.11 4.23 -6.85
O5D NAD DA . -48.64 3.54 -9.22
C5D NAD DA . -47.31 4.08 -9.04
C4D NAD DA . -46.32 3.21 -9.76
O4D NAD DA . -46.09 2.01 -8.99
C3D NAD DA . -46.78 2.73 -11.13
O3D NAD DA . -45.72 2.82 -12.10
C2D NAD DA . -47.18 1.28 -10.87
O2D NAD DA . -46.90 0.41 -11.96
C1D NAD DA . -46.14 0.90 -9.78
N1N NAD DA . -46.57 -0.29 -8.89
C2N NAD DA . -47.82 -0.28 -8.26
C3N NAD DA . -48.18 -1.32 -7.43
C7N NAD DA . -49.52 -1.34 -6.75
O7N NAD DA . -49.88 -2.36 -6.15
N7N NAD DA . -50.28 -0.24 -6.83
C4N NAD DA . -47.29 -2.37 -7.25
C5N NAD DA . -46.07 -2.36 -7.89
C6N NAD DA . -45.72 -1.31 -8.70
HOA2 NAD DA . -53.28 5.70 -10.39
H51A NAD DA . -51.19 5.73 -11.51
H52A NAD DA . -49.53 5.53 -10.90
H4B NAD DA . -49.27 7.97 -10.96
H3B NAD DA . -52.21 8.02 -10.99
HO3A NAD DA . -50.47 9.27 -9.78
H2B NAD DA . -52.34 8.50 -13.37
HO2A NAD DA . -51.70 10.69 -13.85
H1B NAD DA . -49.40 9.48 -13.12
H8A NAD DA . -51.35 7.01 -15.40
H61A NAD DA . -50.47 9.42 -19.55
H62A NAD DA . -49.48 10.80 -19.95
H2A NAD DA . -47.70 12.26 -16.10
H51N NAD DA . -47.32 5.10 -9.44
H52N NAD DA . -47.03 4.16 -7.99
H4D NAD DA . -45.34 3.68 -9.78
H3D NAD DA . -47.55 3.34 -11.58
HO3N NAD DA . -45.94 3.54 -12.74
H2D NAD DA . -48.20 1.19 -10.50
HO2N NAD DA . -47.75 -0.03 -12.21
H1D NAD DA . -45.15 0.67 -10.16
H2N NAD DA . -48.48 0.56 -8.43
H71N NAD DA . -49.95 0.57 -7.33
H72N NAD DA . -51.20 -0.18 -6.38
H4N NAD DA . -47.57 -3.20 -6.60
H5N NAD DA . -45.37 -3.19 -7.74
H6N NAD DA . -44.75 -1.32 -9.20
C1 TCL EA . -26.43 -6.98 -30.76
C2 TCL EA . -25.17 -7.08 -31.33
C6 TCL EA . -27.55 -6.75 -31.56
C5 TCL EA . -27.39 -6.60 -32.93
C4 TCL EA . -26.13 -6.72 -33.50
C3 TCL EA . -25.01 -6.95 -32.70
C11 TCL EA . -29.55 -2.60 -34.91
C10 TCL EA . -30.19 -3.70 -35.45
C9 TCL EA . -29.82 -4.98 -35.06
C8 TCL EA . -28.82 -5.15 -34.10
C12 TCL EA . -28.55 -2.77 -33.97
C13 TCL EA . -28.19 -4.05 -33.56
O7 TCL EA . -28.49 -6.44 -33.75
CL14 TCL EA . -23.79 -7.37 -30.33
CL15 TCL EA . -30.01 -1.01 -35.44
CL16 TCL EA . -30.64 -6.32 -35.75
O17 TCL EA . -28.79 -6.65 -30.98
PA NAD FA . -28.85 -8.88 -39.93
O1A NAD FA . -28.04 -9.41 -41.05
O2A NAD FA . -28.53 -7.44 -39.54
O5B NAD FA . -30.42 -8.77 -40.27
C5B NAD FA . -31.35 -7.95 -39.54
C4B NAD FA . -32.67 -8.14 -40.23
O4B NAD FA . -33.67 -7.25 -39.68
C3B NAD FA . -32.63 -7.87 -41.74
O3B NAD FA . -32.83 -9.08 -42.47
C2B NAD FA . -33.77 -6.87 -41.97
O2B NAD FA . -34.53 -7.19 -43.14
C1B NAD FA . -34.61 -7.02 -40.71
N9A NAD FA . -35.41 -5.85 -40.39
C8A NAD FA . -34.96 -4.58 -40.10
N7A NAD FA . -35.93 -3.70 -39.96
C5A NAD FA . -37.08 -4.44 -40.17
C6A NAD FA . -38.44 -4.08 -40.20
N6A NAD FA . -38.88 -2.82 -40.04
N1A NAD FA . -39.34 -5.05 -40.44
C2A NAD FA . -38.91 -6.30 -40.64
N3A NAD FA . -37.64 -6.75 -40.65
C4A NAD FA . -36.78 -5.76 -40.42
O3 NAD FA . -28.80 -9.51 -38.52
PN NAD FA . -28.38 -10.38 -37.24
O1N NAD FA . -27.71 -9.49 -36.26
O2N NAD FA . -27.68 -11.60 -37.71
O5D NAD FA . -29.80 -10.80 -36.66
C5D NAD FA . -30.73 -9.78 -36.24
C4D NAD FA . -31.33 -10.18 -34.91
O4D NAD FA . -30.29 -10.70 -34.05
C3D NAD FA . -31.97 -9.03 -34.12
O3D NAD FA . -33.12 -9.48 -33.41
C2D NAD FA . -30.84 -8.64 -33.16
O2D NAD FA . -31.32 -8.12 -31.94
C1D NAD FA . -30.29 -10.06 -32.85
N1N NAD FA . -28.86 -10.10 -32.26
C2N NAD FA . -27.70 -10.02 -33.04
C3N NAD FA . -26.45 -10.12 -32.44
C7N NAD FA . -25.17 -10.05 -33.23
O7N NAD FA . -24.09 -10.30 -32.66
N7N NAD FA . -25.24 -9.72 -34.52
C4N NAD FA . -26.38 -10.28 -31.07
C5N NAD FA . -27.54 -10.34 -30.30
C6N NAD FA . -28.77 -10.25 -30.92
HOA2 NAD FA . -29.07 -7.00 -38.84
H51A NAD FA . -31.07 -6.90 -39.64
H52A NAD FA . -31.35 -8.22 -38.49
H4B NAD FA . -33.01 -9.15 -40.02
H3B NAD FA . -31.67 -7.47 -42.04
HO3A NAD FA . -33.11 -8.84 -43.39
H2B NAD FA . -33.46 -5.85 -42.17
HO2A NAD FA . -34.02 -6.94 -43.96
H1B NAD FA . -35.30 -7.86 -40.74
H8A NAD FA . -33.90 -4.33 -39.98
H61A NAD FA . -38.22 -2.06 -39.89
H62A NAD FA . -39.87 -2.60 -40.06
H2A NAD FA . -39.69 -7.04 -40.81
H51N NAD FA . -30.17 -8.85 -36.17
H52N NAD FA . -31.54 -9.61 -36.95
H4D NAD FA . -31.99 -11.03 -35.03
H3D NAD FA . -32.35 -8.22 -34.74
HO3N NAD FA . -32.98 -10.41 -33.15
H2D NAD FA . -30.10 -8.01 -33.65
HO2N NAD FA . -30.68 -8.39 -31.23
H1D NAD FA . -30.91 -10.62 -32.15
H2N NAD FA . -27.81 -9.89 -34.12
H71N NAD FA . -26.13 -9.52 -34.95
H72N NAD FA . -24.42 -9.66 -35.11
H4N NAD FA . -25.42 -10.37 -30.58
H5N NAD FA . -27.47 -10.46 -29.23
H6N NAD FA . -29.67 -10.28 -30.31
C1 TCL GA . 5.94 -7.99 35.27
C2 TCL GA . 6.62 -6.94 34.69
C6 TCL GA . 5.34 -8.96 34.48
C5 TCL GA . 5.40 -8.85 33.09
C4 TCL GA . 6.11 -7.80 32.50
C3 TCL GA . 6.70 -6.84 33.31
C11 TCL GA . 1.25 -9.29 30.37
C10 TCL GA . 1.98 -10.45 30.20
C9 TCL GA . 3.18 -10.61 30.85
C8 TCL GA . 3.66 -9.62 31.69
C12 TCL GA . 1.72 -8.29 31.21
C13 TCL GA . 2.94 -8.45 31.88
O7 TCL GA . 4.87 -9.87 32.32
CL14 TCL GA . 7.37 -5.76 35.70
CL15 TCL GA . -0.25 -9.09 29.53
CL16 TCL GA . 4.09 -12.06 30.62
O17 TCL GA . 4.67 -10.00 35.07
PA NAD HA . 7.76 -11.53 26.70
O1A NAD HA . 8.83 -11.27 25.70
O2A NAD HA . 6.47 -10.72 26.51
O5B NAD HA . 7.19 -13.05 26.68
C5B NAD HA . 5.93 -13.52 27.17
C4B NAD HA . 5.69 -14.81 26.45
O4B NAD HA . 4.43 -15.41 26.85
C3B NAD HA . 5.65 -14.68 24.93
O3B NAD HA . 6.62 -15.53 24.34
C2B NAD HA . 4.23 -15.14 24.57
O2B NAD HA . 4.14 -15.80 23.31
C1B NAD HA . 3.95 -16.10 25.71
N9A NAD HA . 2.57 -16.49 25.88
C8A NAD HA . 1.49 -15.70 26.18
N7A NAD HA . 0.34 -16.34 26.18
C5A NAD HA . 0.68 -17.63 25.83
C6A NAD HA . -0.08 -18.80 25.64
N6A NAD HA . -1.41 -18.84 25.72
N1A NAD HA . 0.58 -19.94 25.31
C2A NAD HA . 1.91 -19.89 25.19
N3A NAD HA . 2.73 -18.85 25.34
C4A NAD HA . 2.06 -17.74 25.66
O3 NAD HA . 8.08 -11.29 28.19
PN NAD HA . 8.87 -11.40 29.58
O1N NAD HA . 8.85 -10.07 30.24
O2N NAD HA . 10.17 -12.05 29.31
O5D NAD HA . 7.92 -12.36 30.42
C5D NAD HA . 8.36 -13.68 30.78
C4D NAD HA . 7.90 -14.00 32.18
O4D NAD HA . 8.55 -13.11 33.12
C3D NAD HA . 6.40 -13.80 32.41
O3D NAD HA . 5.85 -14.85 33.18
C2D NAD HA . 6.35 -12.45 33.14
O2D NAD HA . 5.28 -12.38 34.07
C1D NAD HA . 7.64 -12.56 33.99
N1N NAD HA . 8.27 -11.23 34.47
C2N NAD HA . 8.61 -10.21 33.58
C3N NAD HA . 9.27 -9.09 34.04
C7N NAD HA . 9.65 -7.96 33.11
O7N NAD HA . 10.27 -6.98 33.56
N7N NAD HA . 9.29 -8.06 31.83
C4N NAD HA . 9.59 -9.00 35.39
C5N NAD HA . 9.22 -10.02 36.26
C6N NAD HA . 8.56 -11.13 35.78
HOA2 NAD HA . 5.76 -11.08 25.94
H51A NAD HA . 5.14 -12.82 26.89
H52A NAD HA . 5.96 -13.60 28.26
H4B NAD HA . 6.45 -15.52 26.77
H3B NAD HA . 5.85 -13.67 24.60
HO3A NAD HA . 7.42 -15.57 24.94
H2B NAD HA . 3.50 -14.33 24.47
HO2A NAD HA . 4.86 -16.49 23.24
H1B NAD HA . 4.51 -17.03 25.63
H8A NAD HA . 1.57 -14.64 26.43
H61A NAD HA . -1.94 -18.00 25.93
H62A NAD HA . -1.93 -19.70 25.56
H2A NAD HA . 2.36 -20.84 24.92
H51N NAD HA . 7.94 -14.37 30.05
H52N NAD HA . 9.44 -13.80 30.74
H4D NAD HA . 8.24 -14.98 32.49
H3D NAD HA . 5.80 -13.84 31.49
HO3N NAD HA . 4.98 -14.55 33.56
H2D NAD HA . 6.37 -11.61 32.46
HO2N NAD HA . 4.47 -12.73 33.62
H1D NAD HA . 7.55 -13.20 34.86
H2N NAD HA . 8.34 -10.32 32.53
H71N NAD HA . 8.78 -8.88 31.50
H72N NAD HA . 9.51 -7.34 31.14
H4N NAD HA . 10.13 -8.13 35.77
H5N NAD HA . 9.46 -9.93 37.32
H6N NAD HA . 8.26 -11.92 36.47
C1 TCL IA . -9.31 -25.27 55.29
C2 TCL IA . -9.48 -26.25 56.25
C6 TCL IA . -10.36 -24.92 54.46
C5 TCL IA . -11.58 -25.55 54.59
C4 TCL IA . -11.76 -26.53 55.56
C3 TCL IA . -10.71 -26.88 56.39
C11 TCL IA . -13.22 -27.34 50.33
C10 TCL IA . -14.06 -26.28 50.64
C9 TCL IA . -13.86 -25.56 51.80
C8 TCL IA . -12.81 -25.90 52.66
C12 TCL IA . -12.18 -27.68 51.17
C13 TCL IA . -11.98 -26.96 52.34
O7 TCL IA . -12.64 -25.17 53.81
CL14 TCL IA . -8.18 -26.69 57.29
CL15 TCL IA . -13.49 -28.23 48.87
CL16 TCL IA . -14.91 -24.24 52.19
O17 TCL IA . -10.19 -23.93 53.51
PA NAD JA . -18.73 -24.51 55.15
O1A NAD JA . -19.99 -23.81 55.52
O2A NAD JA . -18.82 -26.04 55.19
O5B NAD JA . -18.28 -24.26 53.61
C5B NAD JA . -19.21 -24.36 52.52
C4B NAD JA . -19.84 -23.01 52.35
O4B NAD JA . -19.51 -22.48 51.04
C3B NAD JA . -21.37 -22.99 52.44
O3B NAD JA . -21.83 -21.86 53.17
C2B NAD JA . -21.81 -22.92 50.98
O2B NAD JA . -23.06 -22.26 50.84
C1B NAD JA . -20.69 -22.09 50.37
N9A NAD JA . -20.50 -22.28 48.94
C8A NAD JA . -19.86 -23.31 48.31
N7A NAD JA . -19.85 -23.21 47.00
C5A NAD JA . -20.51 -22.02 46.76
C6A NAD JA . -20.84 -21.35 45.56
N6A NAD JA . -20.52 -21.79 44.34
N1A NAD JA . -21.52 -20.18 45.67
C2A NAD JA . -21.85 -19.74 46.88
N3A NAD JA . -21.60 -20.29 48.07
C4A NAD JA . -20.93 -21.44 47.94
O3 NAD JA . -17.42 -24.25 55.94
PN NAD JA . -16.16 -23.49 56.54
O1N NAD JA . -15.17 -24.47 57.00
O2N NAD JA . -16.66 -22.47 57.48
O5D NAD JA . -15.57 -22.79 55.22
C5D NAD JA . -15.90 -21.42 54.87
C4D NAD JA . -14.63 -20.68 54.53
O4D NAD JA . -13.66 -20.88 55.57
C3D NAD JA . -13.94 -21.12 53.25
O3D NAD JA . -13.38 -20.01 52.54
C2D NAD JA . -12.85 -22.05 53.77
O2D NAD JA . -11.71 -22.10 52.92
C1D NAD JA . -12.44 -21.24 55.03
N1N NAD JA . -11.58 -22.01 56.07
C2N NAD JA . -12.09 -23.09 56.83
C3N NAD JA . -11.27 -23.73 57.75
C7N NAD JA . -11.75 -24.90 58.57
O7N NAD JA . -10.93 -25.56 59.22
N7N NAD JA . -13.05 -25.19 58.55
C4N NAD JA . -9.97 -23.28 57.90
C5N NAD JA . -9.49 -22.23 57.15
C6N NAD JA . -10.32 -21.61 56.22
HOA2 NAD JA . -19.01 -26.53 54.35
H51A NAD JA . -19.99 -25.07 52.78
H52A NAD JA . -18.67 -24.72 51.64
H4B NAD JA . -19.40 -22.33 53.07
H3B NAD JA . -21.75 -23.88 52.95
HO3A NAD JA . -21.51 -21.94 54.11
H2B NAD JA . -21.98 -23.88 50.49
HO2A NAD JA . -23.48 -22.50 49.98
H1B NAD JA . -20.82 -21.02 50.52
H8A NAD JA . -19.41 -24.14 48.84
H61A NAD JA . -20.00 -22.66 44.24
H62A NAD JA . -20.77 -21.27 43.51
H2A NAD JA . -22.40 -18.80 46.88
H51N NAD JA . -16.59 -21.47 54.03
H52N NAD JA . -16.42 -20.90 55.68
H4D NAD JA . -14.81 -19.60 54.58
H3D NAD JA . -14.61 -21.56 52.51
HO3N NAD JA . -13.91 -19.20 52.75
H2D NAD JA . -13.24 -23.04 54.03
HO2N NAD JA . -12.04 -22.06 51.98
H1D NAD JA . -11.88 -20.33 54.80
H2N NAD JA . -13.13 -23.40 56.68
H71N NAD JA . -13.70 -24.62 58.01
H72N NAD JA . -13.45 -25.96 59.08
H4N NAD JA . -9.32 -23.77 58.63
H5N NAD JA . -8.46 -21.89 57.27
H6N NAD JA . -9.93 -20.79 55.63
C1 TCL KA . 9.25 3.68 64.44
C2 TCL KA . 8.82 4.87 63.87
C6 TCL KA . 9.68 3.66 65.76
C5 TCL KA . 9.69 4.82 66.51
C4 TCL KA . 9.26 6.01 65.94
C3 TCL KA . 8.82 6.04 64.62
C11 TCL KA . 14.14 5.08 68.60
C10 TCL KA . 13.26 4.71 69.61
C9 TCL KA . 11.90 4.62 69.34
C8 TCL KA . 11.42 4.91 68.06
C12 TCL KA . 13.66 5.37 67.34
C13 TCL KA . 12.30 5.28 67.07
O7 TCL KA . 10.06 4.80 67.83
CL14 TCL KA . 8.27 4.91 62.23
CL15 TCL KA . 15.83 5.19 68.94
CL16 TCL KA . 10.81 4.15 70.59
O17 TCL KA . 10.10 2.46 66.31
PA NAD LA . 7.59 7.56 73.03
O1A NAD LA . 6.58 8.07 73.99
O2A NAD LA . 8.39 8.64 72.32
O5B NAD LA . 8.81 6.74 73.70
C5B NAD LA . 8.81 5.32 73.95
C4B NAD LA . 9.04 5.07 75.42
O4B NAD LA . 10.25 4.31 75.62
C3B NAD LA . 9.13 6.28 76.35
O3B NAD LA . 8.01 6.32 77.23
C2B NAD LA . 10.44 6.06 77.13
O2B NAD LA . 10.35 6.39 78.51
C1B NAD LA . 10.64 4.56 76.95
N9A NAD LA . 12.00 4.09 77.18
C8A NAD LA . 13.15 4.46 76.54
N7A NAD LA . 14.24 3.93 77.05
C5A NAD LA . 13.77 3.16 78.09
C6A NAD LA . 14.42 2.34 79.04
N6A NAD LA . 15.76 2.20 79.11
N1A NAD LA . 13.66 1.70 79.95
C2A NAD LA . 12.33 1.85 79.91
N3A NAD LA . 11.61 2.60 79.06
C4A NAD LA . 12.39 3.22 78.18
O3 NAD LA . 7.14 6.72 71.80
PN NAD LA . 6.31 5.75 70.83
O1N NAD LA . 6.55 6.17 69.43
O2N NAD LA . 4.92 5.68 71.34
O5D NAD LA . 7.04 4.36 71.06
C5D NAD LA . 6.35 3.22 71.59
C4D NAD LA . 6.78 2.00 70.83
O4D NAD LA . 6.22 2.03 69.49
C3D NAD LA . 8.29 1.85 70.62
O3D NAD LA . 8.69 0.50 70.78
C2D NAD LA . 8.47 2.30 69.17
O2D NAD LA . 9.55 1.65 68.53
C1D NAD LA . 7.17 1.70 68.57
N1N NAD LA . 6.71 2.27 67.22
C2N NAD LA . 6.52 3.63 67.03
C3N NAD LA . 6.01 4.10 65.83
C7N NAD LA . 5.77 5.57 65.61
O7N NAD LA . 5.65 6.01 64.45
N7N NAD LA . 5.67 6.35 66.68
C4N NAD LA . 5.72 3.19 64.82
C5N NAD LA . 5.93 1.83 65.03
C6N NAD LA . 6.43 1.38 66.23
HOA2 NAD LA . 9.36 8.70 72.49
H51A NAD LA . 9.65 4.88 73.41
H52A NAD LA . 7.89 4.89 73.57
H4B NAD LA . 8.23 4.41 75.75
H3B NAD LA . 9.15 7.22 75.79
HO3A NAD LA . 8.11 7.11 77.82
H2B NAD LA . 11.29 6.65 76.79
HO2A NAD LA . 9.40 6.38 78.81
H1B NAD LA . 10.01 3.96 77.61
H8A NAD LA . 13.17 5.15 75.69
H61A NAD LA . 16.36 2.68 78.45
H62A NAD LA . 16.19 1.60 79.80
H2A NAD LA . 11.79 1.31 80.66
H51N NAD LA . 6.61 3.15 72.65
H52N NAD LA . 5.27 3.31 71.54
H4D NAD LA . 6.32 1.10 71.25
H3D NAD LA . 8.89 2.38 71.35
HO3N NAD LA . 9.42 0.31 70.13
H2D NAD LA . 8.50 3.40 69.07
HO2N NAD LA . 10.06 2.35 68.02
H1D NAD LA . 7.21 0.61 68.45
H2N NAD LA . 6.77 4.32 67.84
H71N NAD LA . 5.77 5.96 67.62
H72N NAD LA . 5.50 7.35 66.62
H4N NAD LA . 5.32 3.54 63.87
H5N NAD LA . 5.71 1.13 64.23
H6N NAD LA . 6.60 0.32 66.38
C1 TCL MA . 21.65 -23.83 63.31
C2 TCL MA . 21.69 -25.23 63.27
C6 TCL MA . 22.75 -23.12 63.75
C5 TCL MA . 23.91 -23.80 64.14
C4 TCL MA . 23.95 -25.18 64.09
C3 TCL MA . 22.84 -25.89 63.67
C11 TCL MA . 25.36 -22.01 68.52
C10 TCL MA . 26.24 -21.51 67.59
C9 TCL MA . 26.10 -21.88 66.26
C8 TCL MA . 25.11 -22.75 65.85
C12 TCL MA . 24.35 -22.89 68.13
C13 TCL MA . 24.22 -23.26 66.79
O7 TCL MA . 25.03 -23.09 64.52
CL14 TCL MA . 20.31 -26.10 62.74
CL15 TCL MA . 25.53 -21.55 70.18
CL16 TCL MA . 27.23 -21.24 65.12
O17 TCL MA . 22.69 -21.75 63.77
PA NAD NA . 31.07 -24.64 63.14
O1A NAD NA . 32.05 -25.62 62.63
O2A NAD NA . 30.73 -24.75 64.62
O5B NAD NA . 31.58 -23.13 63.02
C5B NAD NA . 31.16 -22.02 63.85
C4B NAD NA . 32.29 -21.04 63.76
O4B NAD NA . 32.01 -19.88 64.59
C3B NAD NA . 33.63 -21.61 64.23
O3B NAD NA . 34.55 -21.71 63.16
C2B NAD NA . 34.11 -20.59 65.28
O2B NAD NA . 35.51 -20.29 65.17
C1B NAD NA . 33.27 -19.37 64.97
N9A NAD NA . 33.10 -18.48 66.12
C8A NAD NA . 32.43 -18.74 67.28
N7A NAD NA . 32.58 -17.81 68.19
C5A NAD NA . 33.39 -16.86 67.58
C6A NAD NA . 33.92 -15.64 68.03
N6A NAD NA . 33.77 -15.17 69.27
N1A NAD NA . 34.68 -14.93 67.16
C2A NAD NA . 34.90 -15.43 65.94
N3A NAD NA . 34.46 -16.59 65.41
C4A NAD NA . 33.70 -17.26 66.30
O3 NAD NA . 29.66 -24.55 62.49
PN NAD NA . 28.54 -24.25 61.39
O1N NAD NA . 27.34 -25.06 61.70
O2N NAD NA . 29.17 -24.39 60.05
O5D NAD NA . 28.18 -22.72 61.68
C5D NAD NA . 28.49 -21.68 60.72
C4D NAD NA . 27.33 -20.72 60.63
O4D NAD NA . 26.22 -21.37 59.97
C3D NAD NA . 26.78 -20.23 61.96
O3D NAD NA . 26.43 -18.85 61.91
C2D NAD NA . 25.56 -21.13 62.16
O2D NAD NA . 24.53 -20.48 62.89
C1D NAD NA . 25.06 -21.20 60.70
N1N NAD NA . 24.14 -22.41 60.41
C2N NAD NA . 24.53 -23.71 60.70
C3N NAD NA . 23.69 -24.77 60.42
C7N NAD NA . 24.09 -26.18 60.73
O7N NAD NA . 23.25 -27.09 60.58
N7N NAD NA . 25.32 -26.41 61.16
C4N NAD NA . 22.45 -24.50 59.84
C5N NAD NA . 22.08 -23.20 59.56
C6N NAD NA . 22.93 -22.16 59.85
HOA2 NAD NA . 31.35 -24.37 65.29
H51A NAD NA . 31.06 -22.35 64.88
H52A NAD NA . 30.19 -21.64 63.50
H4B NAD NA . 32.35 -20.67 62.73
H3B NAD NA . 33.51 -22.60 64.66
HO3A NAD NA . 34.48 -20.87 62.62
H2B NAD NA . 34.03 -20.93 66.32
HO2A NAD NA . 35.84 -20.59 64.29
H1B NAD NA . 33.66 -18.75 64.16
H8A NAD NA . 31.83 -19.63 67.44
H61A NAD NA . 33.24 -15.69 69.95
H62A NAD NA . 34.16 -14.29 69.55
H2A NAD NA . 35.51 -14.81 65.29
H51N NAD NA . 29.40 -21.19 61.07
H52N NAD NA . 28.70 -22.07 59.73
H4D NAD NA . 27.57 -19.91 59.93
H3D NAD NA . 27.52 -20.27 62.77
HO3N NAD NA . 25.77 -18.73 61.18
H2D NAD NA . 25.83 -22.10 62.56
HO2N NAD NA . 24.39 -19.59 62.48
H1D NAD NA . 24.55 -20.31 60.36
H2N NAD NA . 25.51 -23.87 61.15
H71N NAD NA . 25.98 -25.64 61.27
H72N NAD NA . 25.66 -27.33 61.38
H4N NAD NA . 21.77 -25.32 59.61
H5N NAD NA . 21.11 -23.00 59.12
H6N NAD NA . 22.64 -21.14 59.62
C1 TCL OA . 25.14 -22.75 -63.97
C2 TCL OA . 24.98 -24.03 -63.47
C6 TCL OA . 25.83 -22.56 -65.16
C5 TCL OA . 26.37 -23.65 -65.84
C4 TCL OA . 26.19 -24.94 -65.33
C3 TCL OA . 25.50 -25.12 -64.14
C11 TCL OA . 30.81 -25.05 -67.67
C10 TCL OA . 30.11 -24.46 -68.71
C9 TCL OA . 28.86 -23.92 -68.48
C8 TCL OA . 28.28 -23.96 -67.21
C12 TCL OA . 30.24 -25.10 -66.41
C13 TCL OA . 28.99 -24.55 -66.18
O7 TCL OA . 27.01 -23.42 -67.04
CL14 TCL OA . 24.11 -24.28 -62.00
CL15 TCL OA . 32.36 -25.72 -67.96
CL16 TCL OA . 28.05 -23.19 -69.82
O17 TCL OA . 25.96 -21.29 -65.65
PA NAD PA . 25.27 -26.85 -71.97
O1A NAD PA . 25.30 -28.24 -71.47
O2A NAD PA . 26.20 -25.91 -71.21
O5B NAD PA . 25.75 -26.73 -73.53
C5B NAD PA . 27.15 -26.57 -73.89
C4B NAD PA . 27.48 -25.10 -73.80
O4B NAD PA . 28.86 -24.90 -74.17
C3B NAD PA . 26.65 -24.20 -74.71
O3B NAD PA . 25.90 -23.28 -73.91
C2B NAD PA . 27.69 -23.50 -75.60
O2B NAD PA . 27.34 -22.15 -75.84
C1B NAD PA . 28.93 -23.61 -74.75
N9A NAD PA . 30.21 -23.50 -75.45
C8A NAD PA . 31.32 -24.27 -75.24
N7A NAD PA . 32.38 -23.88 -75.91
C5A NAD PA . 31.93 -22.77 -76.62
C6A NAD PA . 32.57 -21.89 -77.50
N6A NAD PA . 33.87 -21.94 -77.80
N1A NAD PA . 31.82 -20.90 -78.05
C2A NAD PA . 30.54 -20.80 -77.71
N3A NAD PA . 29.83 -21.56 -76.87
C4A NAD PA . 30.59 -22.54 -76.35
O3 NAD PA . 24.04 -25.95 -71.72
PN NAD PA . 23.07 -24.96 -70.91
O1N NAD PA . 22.90 -25.50 -69.55
O2N NAD PA . 21.86 -24.72 -71.74
O5D NAD PA . 23.96 -23.64 -70.81
C5D NAD PA . 23.60 -22.46 -71.57
C4D NAD PA . 24.09 -21.19 -70.94
O4D NAD PA . 23.26 -20.84 -69.82
C3D NAD PA . 25.51 -21.21 -70.39
O3D NAD PA . 26.15 -19.95 -70.55
C2D NAD PA . 25.28 -21.51 -68.91
O2D NAD PA . 26.28 -20.95 -68.06
C1D NAD PA . 24.02 -20.62 -68.69
N1N NAD PA . 23.17 -21.00 -67.49
C2N NAD PA . 22.98 -22.34 -67.18
C3N NAD PA . 22.21 -22.70 -66.09
C7N NAD PA . 22.05 -24.15 -65.75
O7N NAD PA . 20.94 -24.57 -65.36
N7N NAD PA . 23.11 -24.93 -65.90
C4N NAD PA . 21.63 -21.70 -65.33
C5N NAD PA . 21.82 -20.37 -65.65
C6N NAD PA . 22.58 -20.03 -66.74
HOA2 NAD PA . 27.19 -26.03 -71.31
H51A NAD PA . 27.29 -26.88 -74.92
H52A NAD PA . 27.75 -27.20 -73.24
H4B NAD PA . 27.40 -24.80 -72.76
H3B NAD PA . 25.93 -24.78 -75.29
HO3A NAD PA . 25.74 -22.47 -74.45
H2B NAD PA . 27.79 -23.91 -76.60
HO2A NAD PA . 28.11 -21.55 -75.60
H1B NAD PA . 28.97 -22.88 -73.94
H8A NAD PA . 31.34 -25.14 -74.58
H61A NAD PA . 34.46 -22.65 -77.37
H62A NAD PA . 34.30 -21.29 -78.45
H2A NAD PA . 30.00 -19.99 -78.20
H51N NAD PA . 24.02 -22.60 -72.56
H52N NAD PA . 22.51 -22.38 -71.70
H4D NAD PA . 23.92 -20.35 -71.63
H3D NAD PA . 26.18 -21.90 -70.90
HO3N NAD PA . 25.51 -19.23 -70.29
H2D NAD PA . 25.08 -22.56 -68.72
HO2N NAD PA . 26.57 -21.66 -67.44
H1D NAD PA . 24.23 -19.55 -68.61
H2N NAD PA . 23.46 -23.09 -67.81
H71N NAD PA . 23.98 -24.55 -66.23
H72N NAD PA . 23.08 -25.92 -65.69
H4N NAD PA . 21.02 -21.97 -64.46
H5N NAD PA . 21.35 -19.59 -65.05
H6N NAD PA . 22.72 -18.98 -67.01
C1 TCL QA . 37.22 4.55 -59.76
C2 TCL QA . 37.23 5.93 -59.90
C6 TCL QA . 38.34 3.81 -60.09
C5 TCL QA . 39.49 4.43 -60.57
C4 TCL QA . 39.51 5.82 -60.68
C3 TCL QA . 38.38 6.56 -60.36
C11 TCL QA . 41.83 2.69 -64.67
C10 TCL QA . 42.51 2.22 -63.55
C9 TCL QA . 42.07 2.57 -62.29
C8 TCL QA . 40.97 3.40 -62.11
C12 TCL QA . 40.73 3.52 -64.50
C13 TCL QA . 40.29 3.88 -63.22
O7 TCL QA . 40.63 3.69 -60.80
CL14 TCL QA . 35.82 6.84 -59.49
CL15 TCL QA . 42.39 2.23 -66.23
CL16 TCL QA . 42.94 1.99 -60.92
O17 TCL QA . 38.32 2.44 -59.97
PA NAD RA . 46.75 4.52 -58.41
O1A NAD RA . 48.02 4.50 -57.65
O2A NAD RA . 46.70 5.52 -59.57
O5B NAD RA . 46.43 3.12 -59.15
C5B NAD RA . 47.26 2.56 -60.20
C4B NAD RA . 48.04 1.43 -59.59
O4B NAD RA . 47.91 0.24 -60.38
C3B NAD RA . 49.56 1.64 -59.50
O3B NAD RA . 49.89 2.37 -58.33
C2B NAD RA . 50.11 0.21 -59.46
O2B NAD RA . 50.48 -0.19 -58.15
C1B NAD RA . 48.93 -0.65 -59.98
N9A NAD RA . 49.27 -1.51 -61.10
C8A NAD RA . 48.91 -1.35 -62.41
N7A NAD RA . 49.40 -2.26 -63.22
C5A NAD RA . 50.13 -3.08 -62.37
C6A NAD RA . 50.90 -4.24 -62.60
N6A NAD RA . 51.07 -4.79 -63.81
N1A NAD RA . 51.48 -4.83 -61.54
C2A NAD RA . 51.32 -4.28 -60.33
N3A NAD RA . 50.62 -3.19 -59.99
C4A NAD RA . 50.05 -2.63 -61.07
O3 NAD RA . 45.41 4.85 -57.69
PN NAD RA . 44.09 4.53 -56.83
O1N NAD RA . 42.98 5.40 -57.24
O2N NAD RA . 44.49 4.48 -55.40
O5D NAD RA . 43.79 3.06 -57.38
C5D NAD RA . 44.08 1.89 -56.59
C4D NAD RA . 42.83 1.05 -56.59
O4D NAD RA . 41.72 1.83 -56.10
C3D NAD RA . 42.44 0.58 -57.99
O3D NAD RA . 42.42 -0.82 -58.06
C2D NAD RA . 41.02 1.14 -58.18
O2D NAD RA . 40.17 0.08 -58.55
C1D NAD RA . 40.59 1.43 -56.73
N1N NAD RA . 39.57 2.55 -56.62
C2N NAD RA . 39.91 3.88 -56.83
C3N NAD RA . 38.95 4.87 -56.68
C7N NAD RA . 39.29 6.32 -56.87
O7N NAD RA . 38.38 7.14 -57.08
N7N NAD RA . 40.58 6.69 -56.77
C4N NAD RA . 37.66 4.50 -56.32
C5N NAD RA . 37.34 3.17 -56.12
C6N NAD RA . 38.31 2.20 -56.27
HOA2 NAD RA . 47.34 5.40 -60.34
H51A NAD RA . 47.97 3.30 -60.53
H52A NAD RA . 46.63 2.25 -61.04
H4B NAD RA . 47.62 1.21 -58.60
H3B NAD RA . 49.92 2.20 -60.36
HO3A NAD RA . 50.15 1.72 -57.63
H2B NAD RA . 51.03 0.05 -60.02
HO2A NAD RA . 50.14 -1.10 -57.95
H1B NAD RA . 48.52 -1.32 -59.22
H8A NAD RA . 48.28 -0.54 -62.77
H61A NAD RA . 50.66 -4.35 -64.63
H62A NAD RA . 51.63 -5.62 -63.93
H2A NAD RA . 51.82 -4.81 -59.52
H51N NAD RA . 44.91 1.37 -57.06
H52N NAD RA . 44.36 2.11 -55.57
H4D NAD RA . 42.90 0.24 -55.87
H3D NAD RA . 43.14 0.87 -58.76
HO3N NAD RA . 43.29 -1.13 -58.42
H2D NAD RA . 40.98 2.01 -58.82
HO2N NAD RA . 40.52 -0.75 -58.13
H1D NAD RA . 40.17 0.57 -56.20
H2N NAD RA . 40.93 4.12 -57.12
H71N NAD RA . 41.29 5.99 -56.58
H72N NAD RA . 40.89 7.65 -56.88
H4N NAD RA . 36.90 5.28 -56.20
H5N NAD RA . 36.33 2.89 -55.85
H6N NAD RA . 38.05 1.16 -56.11
C1 TCL SA . 17.14 -12.15 -35.55
C2 TCL SA . 17.80 -13.26 -35.02
C6 TCL SA . 16.51 -11.25 -34.69
C5 TCL SA . 16.54 -11.46 -33.33
C4 TCL SA . 17.22 -12.56 -32.80
C3 TCL SA . 17.83 -13.46 -33.65
C11 TCL SA . 11.96 -10.99 -31.56
C10 TCL SA . 12.70 -9.97 -30.97
C9 TCL SA . 14.04 -9.83 -31.29
C8 TCL SA . 14.65 -10.71 -32.18
C12 TCL SA . 12.56 -11.85 -32.45
C13 TCL SA . 13.91 -11.72 -32.76
O7 TCL SA . 15.99 -10.54 -32.46
CL14 TCL SA . 18.58 -14.39 -36.07
CL15 TCL SA . 10.28 -11.18 -31.18
CL16 TCL SA . 14.93 -8.56 -30.52
O17 TCL SA . 15.84 -10.17 -35.23
PA NAD TA . 17.85 -9.11 -26.31
O1A NAD TA . 18.84 -9.34 -25.24
O2A NAD TA . 16.53 -9.89 -26.19
O5B NAD TA . 17.33 -7.60 -26.38
C5B NAD TA . 16.21 -7.14 -27.17
C4B NAD TA . 15.72 -5.93 -26.42
O4B NAD TA . 14.55 -5.36 -27.04
C3B NAD TA . 15.34 -6.23 -24.97
O3B NAD TA . 16.20 -5.55 -24.06
C2B NAD TA . 13.90 -5.72 -24.86
O2B NAD TA . 13.62 -5.12 -23.60
C1B NAD TA . 13.88 -4.71 -25.98
N9A NAD TA . 12.55 -4.28 -26.37
C8A NAD TA . 11.45 -5.05 -26.63
N7A NAD TA . 10.33 -4.37 -26.68
C5A NAD TA . 10.72 -3.07 -26.45
C6A NAD TA . 9.99 -1.87 -26.32
N6A NAD TA . 8.66 -1.81 -26.26
N1A NAD TA . 10.69 -0.72 -26.12
C2A NAD TA . 12.02 -0.80 -26.03
N3A NAD TA . 12.81 -1.87 -26.09
C4A NAD TA . 12.08 -2.98 -26.30
O3 NAD TA . 18.26 -9.31 -27.79
PN NAD TA . 19.07 -9.05 -29.13
O1N NAD TA . 19.13 -10.30 -29.91
O2N NAD TA . 20.34 -8.38 -28.75
O5D NAD TA . 18.12 -8.00 -29.90
C5D NAD TA . 18.51 -6.62 -30.08
C4D NAD TA . 18.34 -6.21 -31.52
O4D NAD TA . 19.16 -7.05 -32.36
C3D NAD TA . 16.93 -6.32 -32.08
O3D NAD TA . 16.61 -5.20 -32.91
C2D NAD TA . 17.01 -7.62 -32.88
O2D NAD TA . 16.12 -7.65 -34.00
C1D NAD TA . 18.43 -7.42 -33.46
N1N NAD TA . 19.12 -8.68 -34.03
C2N NAD TA . 19.42 -9.78 -33.22
C3N NAD TA . 20.13 -10.85 -33.74
C7N NAD TA . 20.50 -12.03 -32.88
O7N NAD TA . 20.96 -13.05 -33.40
N7N NAD TA . 20.32 -11.91 -31.55
C4N NAD TA . 20.54 -10.80 -35.07
C5N NAD TA . 20.21 -9.71 -35.86
C6N NAD TA . 19.50 -8.66 -35.32
HOA2 NAD TA . 15.76 -9.47 -25.72
H51A NAD TA . 15.42 -7.89 -27.17
H52A NAD TA . 16.53 -6.94 -28.19
H4B NAD TA . 16.50 -5.17 -26.47
H3B NAD TA . 15.42 -7.30 -24.75
HO3A NAD TA . 17.05 -5.36 -24.53
H2B NAD TA . 13.13 -6.49 -24.94
HO2A NAD TA . 13.98 -4.19 -23.60
H1B NAD TA . 14.43 -3.80 -25.75
H8A NAD TA . 11.49 -6.12 -26.79
H61A NAD TA . 8.10 -2.65 -26.32
H62A NAD TA . 8.16 -0.92 -26.16
H2A NAD TA . 12.52 0.16 -25.88
H51N NAD TA . 17.87 -6.03 -29.42
H52N NAD TA . 19.53 -6.43 -29.77
H4D NAD TA . 18.78 -5.22 -31.67
H3D NAD TA . 16.14 -6.30 -31.32
HO3N NAD TA . 16.87 -4.37 -32.42
H2D NAD TA . 16.95 -8.51 -32.25
HO2N NAD TA . 15.93 -8.60 -34.20
H1D NAD TA . 18.51 -6.65 -34.23
H2N NAD TA . 19.06 -9.78 -32.19
H71N NAD TA . 19.95 -11.06 -31.16
H72N NAD TA . 20.55 -12.66 -30.91
H4N NAD TA . 21.11 -11.63 -35.48
H5N NAD TA . 20.52 -9.69 -36.90
H6N NAD TA . 19.25 -7.80 -35.95
C1 TCL UA . 5.00 6.06 -56.08
C2 TCL UA . 5.04 6.80 -57.25
C6 TCL UA . 3.79 5.85 -55.41
C5 TCL UA . 2.62 6.40 -55.94
C4 TCL UA . 2.66 7.13 -57.12
C3 TCL UA . 3.88 7.34 -57.77
C11 TCL UA . 0.40 7.77 -51.68
C10 TCL UA . -0.27 6.67 -52.18
C9 TCL UA . 0.10 6.15 -53.41
C8 TCL UA . 1.12 6.73 -54.15
C12 TCL UA . 1.43 8.35 -52.42
C13 TCL UA . 1.80 7.84 -53.66
O7 TCL UA . 1.39 6.14 -55.37
CL14 TCL UA . 6.54 7.05 -58.07
CL15 TCL UA . -0.04 8.41 -50.15
CL16 TCL UA . -0.73 4.77 -54.03
O17 TCL UA . 3.75 5.12 -54.25
PA NAD VA . -3.51 4.80 -58.69
O1A NAD VA . -4.75 4.77 -59.51
O2A NAD VA . -3.46 5.86 -57.59
O5B NAD VA . -3.22 3.41 -57.91
C5B NAD VA . -3.21 3.23 -56.47
C4B NAD VA . -4.64 2.99 -56.11
O4B NAD VA . -4.73 2.50 -54.75
C3B NAD VA . -5.53 4.23 -56.10
O3B NAD VA . -6.09 4.49 -57.39
C2B NAD VA . -6.64 3.87 -55.11
O2B NAD VA . -7.86 3.55 -55.77
C1B NAD VA . -6.08 2.64 -54.37
N9A NAD VA . -6.15 2.76 -52.91
C8A NAD VA . -5.66 3.78 -52.15
N7A NAD VA . -5.96 3.69 -50.88
C5A NAD VA . -6.69 2.52 -50.80
C6A NAD VA . -7.34 1.87 -49.74
N6A NAD VA . -7.39 2.35 -48.49
N1A NAD VA . -7.99 0.70 -50.00
C2A NAD VA . -7.98 0.24 -51.25
N3A NAD VA . -7.43 0.78 -52.35
C4A NAD VA . -6.81 1.91 -52.05
O3 NAD VA . -2.11 4.95 -59.32
PN NAD VA . -0.59 4.56 -59.58
O1N NAD VA . 0.26 5.74 -59.31
O2N NAD VA . -0.49 3.87 -60.89
O5D NAD VA . -0.35 3.53 -58.38
C5D NAD VA . -0.53 2.09 -58.51
C4D NAD VA . 0.32 1.45 -57.44
O4D NAD VA . 1.65 1.26 -57.95
C3D NAD VA . 0.47 2.26 -56.16
O3D NAD VA . 0.23 1.46 -55.01
C2D NAD VA . 1.91 2.78 -56.22
O2D NAD VA . 2.57 2.63 -54.97
C1D NAD VA . 2.61 1.76 -57.15
N1N NAD VA . 3.67 2.33 -58.11
C2N NAD VA . 3.56 3.59 -58.72
C3N NAD VA . 4.53 4.01 -59.60
C7N NAD VA . 4.49 5.36 -60.28
O7N NAD VA . 5.52 5.89 -60.63
N7N NAD VA . 3.30 5.92 -60.45
C4N NAD VA . 5.62 3.17 -59.85
C5N NAD VA . 5.71 1.94 -59.22
C6N NAD VA . 4.73 1.54 -58.35
HOA2 NAD VA . -4.31 6.30 -57.30
H51A NAD VA . -2.89 4.16 -56.00
H52A NAD VA . -2.53 2.43 -56.21
H4B NAD VA . -5.05 2.21 -56.75
H3B NAD VA . -4.98 5.12 -55.79
HO3A NAD VA . -6.72 3.76 -57.60
H2B NAD VA . -6.95 4.67 -54.44
HO2A NAD VA . -8.37 2.88 -55.24
H1B NAD VA . -6.60 1.72 -54.61
H8A NAD VA . -5.07 4.60 -52.55
H61A NAD VA . -6.95 3.24 -48.27
H62A NAD VA . -7.86 1.85 -47.75
H2A NAD VA . -8.50 -0.71 -51.39
H51N NAD VA . -1.58 1.89 -58.38
H52N NAD VA . -0.23 1.72 -59.48
H4D NAD VA . -0.02 0.43 -57.26
H3D NAD VA . -0.28 3.05 -56.05
HO3N NAD VA . -0.19 2.03 -54.30
H2D NAD VA . 1.96 3.80 -56.62
HO2N NAD VA . 3.49 2.96 -55.08
H1D NAD VA . 3.09 0.93 -56.63
H2N NAD VA . 2.69 4.20 -58.50
H71N NAD VA . 2.45 5.45 -60.14
H72N NAD VA . 3.18 6.82 -60.91
H4N NAD VA . 6.39 3.49 -60.55
H5N NAD VA . 6.57 1.30 -59.42
H6N NAD VA . 4.81 0.57 -57.86
#